data_6O4G
#
_entry.id   6O4G
#
_cell.length_a   155.300
_cell.length_b   160.030
_cell.length_c   158.260
_cell.angle_alpha   90.000
_cell.angle_beta   95.140
_cell.angle_gamma   90.000
#
_symmetry.space_group_name_H-M   'C 1 2 1'
#
loop_
_entity.id
_entity.type
_entity.pdbx_description
1 polymer 'Alpha-aminoadipic semialdehyde dehydrogenase'
2 non-polymer '2-AMINOHEXANEDIOIC ACID'
3 water water
#
_entity_poly.entity_id   1
_entity_poly.type   'polypeptide(L)'
_entity_poly.pdbx_seq_one_letter_code
;GHMSTLLINQPQYAWLKELGLREENEGVYNGSWGGRGEVITTYCPANNEPIARVRQASVADYEETVKKAREAWKIWADIP
APKRGEIVRQIGDALREKIQVLGSLVSLEMGKILVEGVGEVQEYVDICDYAVGLSRMIGGPILPSERSGHALIEQWNPVG
LVGIITAFNFSVAVYGWNNAIAMICGNVCLWKGAPTTSLISVAVTKIIAKVLEDNKLPGAICSLTCGGADIGTAMAKDER
VNLLSFTGSTQVGKQVGLMVQERFGRSLLELGGNNAIIAFEDADLSLVVPSALFAAVGTAGQRCTTARRLFIHESIHDEV
VNRLKKAYAQIRVGNPWDPNVLYGPLHTKQAVSMFLGAVEEAKKEGGTVVYGGKVMDRPGNYVEPTIVTGLGHDASIAHT
ETFAPILYVFKFKNEEEVFAWNNEVKQGLSSSIFTKDLGRIFRWLGPKGSDCGIVNVNIPTSGAEIGGAFGGEKHTGGGR
ESGSDAWKQYMRRSTCTINYSKDLPLAQGIKFQ
;
_entity_poly.pdbx_strand_id   A,B,C,D,E,F,G,H
#
# COMPACT_ATOMS: atom_id res chain seq x y z
N THR A 5 15.74 39.65 21.07
CA THR A 5 16.23 39.01 19.84
C THR A 5 15.08 38.60 18.88
N LEU A 6 13.93 38.22 19.43
CA LEU A 6 12.77 37.91 18.60
C LEU A 6 12.26 39.17 17.90
N LEU A 7 11.97 39.06 16.61
CA LEU A 7 11.46 40.20 15.86
C LEU A 7 10.26 40.84 16.55
N ILE A 8 9.39 40.00 17.14
CA ILE A 8 8.19 40.57 17.76
C ILE A 8 8.53 41.42 18.97
N ASN A 9 9.73 41.29 19.51
CA ASN A 9 10.17 42.14 20.61
C ASN A 9 10.80 43.45 20.16
N GLN A 10 11.04 43.66 18.87
CA GLN A 10 11.65 44.86 18.32
C GLN A 10 10.58 45.90 18.01
N PRO A 11 10.90 47.18 18.24
CA PRO A 11 9.87 48.21 18.09
C PRO A 11 9.38 48.39 16.66
N GLN A 12 10.18 48.04 15.67
CA GLN A 12 9.77 48.17 14.28
C GLN A 12 8.78 47.09 13.85
N TYR A 13 8.63 46.01 14.60
CA TYR A 13 7.62 44.99 14.31
C TYR A 13 6.49 45.01 15.32
N ALA A 14 6.35 46.11 16.08
CA ALA A 14 5.26 46.19 17.04
C ALA A 14 3.92 45.92 16.38
N TRP A 15 3.82 46.15 15.06
CA TRP A 15 2.57 45.90 14.34
C TRP A 15 2.11 44.46 14.48
N LEU A 16 3.03 43.53 14.75
CA LEU A 16 2.60 42.13 14.91
C LEU A 16 1.64 41.99 16.07
N LYS A 17 1.71 42.90 17.06
CA LYS A 17 0.80 42.80 18.20
C LYS A 17 -0.62 43.22 17.83
N GLU A 18 -0.78 43.92 16.69
CA GLU A 18 -2.11 44.22 16.18
C GLU A 18 -2.89 42.96 15.81
N LEU A 19 -2.20 41.84 15.65
CA LEU A 19 -2.81 40.55 15.42
C LEU A 19 -2.99 39.76 16.71
N GLY A 20 -2.56 40.34 17.83
CA GLY A 20 -2.59 39.64 19.09
C GLY A 20 -1.48 38.63 19.26
N LEU A 21 -0.49 38.62 18.38
CA LEU A 21 0.67 37.77 18.59
C LEU A 21 1.52 38.31 19.73
N ARG A 22 2.03 37.40 20.54
CA ARG A 22 2.99 37.78 21.55
C ARG A 22 4.24 36.92 21.37
N GLU A 23 5.14 37.03 22.35
CA GLU A 23 6.37 36.25 22.44
C GLU A 23 6.18 34.78 22.09
N GLU A 24 5.34 34.11 22.87
CA GLU A 24 5.02 32.71 22.72
C GLU A 24 3.51 32.61 22.64
N ASN A 25 3.01 31.97 21.59
CA ASN A 25 1.59 31.94 21.29
C ASN A 25 1.05 30.52 21.40
N GLU A 26 -0.20 30.41 21.86
CA GLU A 26 -0.89 29.12 21.88
C GLU A 26 -1.16 28.67 20.45
N GLY A 27 -0.70 27.48 20.09
CA GLY A 27 -0.98 26.96 18.77
C GLY A 27 -2.21 26.08 18.64
N VAL A 28 -2.97 25.87 19.71
CA VAL A 28 -4.17 25.03 19.66
C VAL A 28 -5.37 25.87 20.08
N TYR A 29 -6.39 25.90 19.22
CA TYR A 29 -7.64 26.53 19.58
C TYR A 29 -8.77 25.56 19.31
N ASN A 30 -9.65 25.40 20.31
CA ASN A 30 -10.86 24.59 20.17
C ASN A 30 -12.01 25.15 20.98
N GLY A 31 -12.10 26.48 21.08
CA GLY A 31 -12.89 27.17 22.06
C GLY A 31 -12.04 27.71 23.19
N SER A 32 -10.96 27.00 23.53
CA SER A 32 -9.93 27.45 24.43
C SER A 32 -8.59 27.39 23.71
N TRP A 33 -7.64 28.14 24.22
CA TRP A 33 -6.28 28.20 23.66
C TRP A 33 -5.35 27.37 24.52
N GLY A 34 -4.36 26.77 23.87
CA GLY A 34 -3.52 25.80 24.54
C GLY A 34 -2.46 25.24 23.63
N GLY A 35 -1.95 24.08 24.02
CA GLY A 35 -0.85 23.48 23.30
C GLY A 35 0.20 22.91 24.23
N ARG A 36 0.21 21.58 24.39
CA ARG A 36 1.16 20.90 25.26
C ARG A 36 2.27 20.20 24.48
N GLY A 37 2.33 20.41 23.15
CA GLY A 37 3.37 19.83 22.33
C GLY A 37 4.63 20.68 22.33
N GLU A 38 5.50 20.41 21.35
CA GLU A 38 6.78 21.10 21.28
C GLU A 38 6.62 22.56 20.85
N VAL A 39 7.39 23.45 21.48
CA VAL A 39 7.37 24.87 21.15
C VAL A 39 8.25 25.10 19.92
N ILE A 40 7.69 25.73 18.89
CA ILE A 40 8.39 25.96 17.62
C ILE A 40 8.62 27.47 17.45
N THR A 41 9.76 27.82 16.89
CA THR A 41 10.08 29.21 16.57
C THR A 41 10.09 29.35 15.06
N THR A 42 9.27 30.25 14.52
CA THR A 42 9.32 30.51 13.10
C THR A 42 10.25 31.67 12.79
N TYR A 43 10.80 31.65 11.58
CA TYR A 43 11.89 32.53 11.20
C TYR A 43 11.48 33.32 9.96
N CYS A 44 12.01 34.53 9.86
CA CYS A 44 11.78 35.34 8.67
C CYS A 44 12.70 34.87 7.54
N PRO A 45 12.17 34.36 6.43
CA PRO A 45 13.03 33.79 5.39
C PRO A 45 13.84 34.82 4.62
N ALA A 46 13.57 36.12 4.83
CA ALA A 46 14.35 37.15 4.17
C ALA A 46 15.63 37.47 4.92
N ASN A 47 15.69 37.18 6.24
CA ASN A 47 16.90 37.47 7.01
C ASN A 47 17.22 36.44 8.09
N ASN A 48 16.54 35.29 8.14
CA ASN A 48 16.87 34.19 9.04
C ASN A 48 16.67 34.54 10.51
N GLU A 49 15.95 35.67 10.82
CA GLU A 49 15.75 36.03 12.22
C GLU A 49 14.50 35.36 12.78
N PRO A 50 14.50 35.02 14.05
CA PRO A 50 13.30 34.44 14.67
C PRO A 50 12.24 35.50 14.92
N ILE A 51 10.99 35.14 14.67
CA ILE A 51 9.88 36.08 14.79
C ILE A 51 9.22 35.92 16.16
N ALA A 52 8.74 34.72 16.46
CA ALA A 52 8.00 34.44 17.69
C ALA A 52 7.85 32.92 17.81
N ARG A 53 7.30 32.50 18.95
CA ARG A 53 7.16 31.09 19.27
C ARG A 53 5.69 30.67 19.30
N VAL A 54 5.46 29.40 18.97
CA VAL A 54 4.12 28.81 18.93
C VAL A 54 4.17 27.47 19.65
N ARG A 55 3.25 27.26 20.58
CA ARG A 55 3.16 25.99 21.27
C ARG A 55 2.31 25.04 20.43
N GLN A 56 2.91 23.92 20.01
CA GLN A 56 2.24 23.00 19.10
C GLN A 56 1.33 22.03 19.85
N ALA A 57 0.49 21.33 19.09
CA ALA A 57 -0.45 20.37 19.67
C ALA A 57 0.28 19.09 20.06
N SER A 58 0.02 18.62 21.28
CA SER A 58 0.37 17.25 21.59
C SER A 58 -0.71 16.33 21.01
N VAL A 59 -0.53 15.03 21.25
CA VAL A 59 -1.55 14.07 20.83
C VAL A 59 -2.80 14.20 21.68
N ALA A 60 -2.65 14.48 22.98
CA ALA A 60 -3.83 14.75 23.81
C ALA A 60 -4.56 16.01 23.35
N ASP A 61 -3.82 17.05 22.91
CA ASP A 61 -4.48 18.26 22.39
C ASP A 61 -5.24 17.99 21.11
N TYR A 62 -4.67 17.16 20.23
CA TYR A 62 -5.38 16.80 19.01
C TYR A 62 -6.66 16.06 19.34
N GLU A 63 -6.55 15.05 20.20
CA GLU A 63 -7.70 14.23 20.56
C GLU A 63 -8.84 15.07 21.13
N GLU A 64 -8.53 15.94 22.08
CA GLU A 64 -9.58 16.74 22.72
C GLU A 64 -10.21 17.72 21.72
N THR A 65 -9.42 18.20 20.77
CA THR A 65 -9.94 19.14 19.79
C THR A 65 -10.92 18.45 18.83
N VAL A 66 -10.56 17.26 18.33
CA VAL A 66 -11.50 16.51 17.49
C VAL A 66 -12.83 16.32 18.21
N LYS A 67 -12.76 15.89 19.49
CA LYS A 67 -13.99 15.66 20.26
C LYS A 67 -14.78 16.94 20.43
N LYS A 68 -14.11 18.05 20.74
CA LYS A 68 -14.85 19.29 20.91
C LYS A 68 -15.41 19.78 19.58
N ALA A 69 -14.65 19.62 18.49
CA ALA A 69 -15.16 19.97 17.17
C ALA A 69 -16.43 19.19 16.85
N ARG A 70 -16.43 17.88 17.13
CA ARG A 70 -17.60 17.07 16.84
C ARG A 70 -18.75 17.44 17.77
N GLU A 71 -18.45 17.75 19.03
CA GLU A 71 -19.49 18.28 19.91
C GLU A 71 -20.09 19.57 19.36
N ALA A 72 -19.27 20.40 18.72
CA ALA A 72 -19.76 21.69 18.27
C ALA A 72 -20.56 21.58 16.98
N TRP A 73 -20.23 20.62 16.12
CA TRP A 73 -20.99 20.43 14.90
C TRP A 73 -22.48 20.21 15.18
N LYS A 74 -22.79 19.56 16.31
CA LYS A 74 -24.20 19.29 16.63
C LYS A 74 -24.97 20.59 16.74
N ILE A 75 -24.37 21.61 17.36
CA ILE A 75 -24.98 22.94 17.39
C ILE A 75 -24.94 23.57 16.01
N TRP A 76 -23.77 23.58 15.39
CA TRP A 76 -23.55 24.31 14.14
C TRP A 76 -24.42 23.78 13.01
N ALA A 77 -24.63 22.45 12.94
CA ALA A 77 -25.40 21.87 11.86
C ALA A 77 -26.87 22.26 11.92
N ASP A 78 -27.36 22.67 13.09
CA ASP A 78 -28.72 23.12 13.29
C ASP A 78 -28.92 24.59 12.98
N ILE A 79 -27.85 25.32 12.69
CA ILE A 79 -28.00 26.71 12.30
C ILE A 79 -28.38 26.73 10.83
N PRO A 80 -29.50 27.35 10.47
CA PRO A 80 -29.84 27.51 9.06
C PRO A 80 -28.69 28.10 8.26
N ALA A 81 -28.49 27.54 7.06
CA ALA A 81 -27.38 27.95 6.20
C ALA A 81 -27.24 29.45 6.06
N PRO A 82 -28.29 30.23 5.79
CA PRO A 82 -28.06 31.67 5.60
C PRO A 82 -27.62 32.37 6.86
N LYS A 83 -27.98 31.85 8.03
CA LYS A 83 -27.43 32.38 9.27
C LYS A 83 -25.98 31.95 9.47
N ARG A 84 -25.62 30.76 8.99
CA ARG A 84 -24.21 30.38 8.94
C ARG A 84 -23.47 31.30 7.98
N GLY A 85 -24.12 31.64 6.87
CA GLY A 85 -23.55 32.61 5.95
C GLY A 85 -23.29 33.94 6.62
N GLU A 86 -24.15 34.34 7.55
CA GLU A 86 -23.95 35.62 8.23
C GLU A 86 -22.67 35.60 9.05
N ILE A 87 -22.36 34.45 9.67
CA ILE A 87 -21.12 34.28 10.40
C ILE A 87 -19.93 34.46 9.46
N VAL A 88 -19.98 33.79 8.31
CA VAL A 88 -18.92 33.94 7.30
C VAL A 88 -18.84 35.38 6.81
N ARG A 89 -19.97 36.08 6.75
CA ARG A 89 -19.90 37.50 6.38
C ARG A 89 -19.11 38.29 7.40
N GLN A 90 -19.26 37.95 8.68
CA GLN A 90 -18.54 38.67 9.72
C GLN A 90 -17.06 38.29 9.72
N ILE A 91 -16.74 37.03 9.38
CA ILE A 91 -15.34 36.65 9.21
C ILE A 91 -14.70 37.51 8.12
N GLY A 92 -15.38 37.63 6.97
CA GLY A 92 -14.85 38.48 5.92
C GLY A 92 -14.57 39.91 6.37
N ASP A 93 -15.50 40.49 7.14
CA ASP A 93 -15.30 41.83 7.70
C ASP A 93 -14.07 41.88 8.61
N ALA A 94 -13.95 40.89 9.50
CA ALA A 94 -12.83 40.89 10.43
C ALA A 94 -11.50 40.80 9.69
N LEU A 95 -11.44 39.95 8.67
CA LEU A 95 -10.25 39.86 7.82
C LEU A 95 -9.97 41.19 7.13
N ARG A 96 -11.01 41.79 6.55
CA ARG A 96 -10.88 43.08 5.88
C ARG A 96 -10.26 44.12 6.80
N GLU A 97 -10.71 44.16 8.06
CA GLU A 97 -10.21 45.17 8.98
C GLU A 97 -8.72 45.04 9.21
N LYS A 98 -8.18 43.83 9.10
CA LYS A 98 -6.76 43.59 9.39
C LYS A 98 -5.99 43.15 8.16
N ILE A 99 -6.47 43.51 6.97
CA ILE A 99 -5.88 42.95 5.75
C ILE A 99 -4.44 43.39 5.57
N GLN A 100 -4.10 44.61 6.00
CA GLN A 100 -2.75 45.12 5.82
C GLN A 100 -1.77 44.53 6.83
N VAL A 101 -2.16 44.43 8.11
CA VAL A 101 -1.24 43.82 9.06
C VAL A 101 -1.15 42.30 8.85
N LEU A 102 -2.25 41.66 8.43
CA LEU A 102 -2.20 40.20 8.20
C LEU A 102 -1.38 39.87 6.95
N GLY A 103 -1.55 40.64 5.88
CA GLY A 103 -0.69 40.46 4.72
C GLY A 103 0.76 40.79 5.01
N SER A 104 0.99 41.76 5.90
CA SER A 104 2.35 42.04 6.36
C SER A 104 2.97 40.83 7.03
N LEU A 105 2.21 40.14 7.89
CA LEU A 105 2.72 38.92 8.52
C LEU A 105 3.02 37.87 7.47
N VAL A 106 2.20 37.77 6.42
CA VAL A 106 2.43 36.78 5.37
C VAL A 106 3.76 37.06 4.69
N SER A 107 4.04 38.35 4.40
CA SER A 107 5.32 38.70 3.83
C SER A 107 6.47 38.39 4.77
N LEU A 108 6.25 38.58 6.08
CA LEU A 108 7.31 38.40 7.07
C LEU A 108 7.63 36.92 7.31
N GLU A 109 6.59 36.11 7.59
CA GLU A 109 6.83 34.72 7.98
C GLU A 109 6.95 33.79 6.79
N MET A 110 6.26 34.08 5.69
CA MET A 110 6.27 33.20 4.53
C MET A 110 7.19 33.70 3.43
N GLY A 111 7.21 35.01 3.15
CA GLY A 111 8.25 35.55 2.30
C GLY A 111 7.81 36.07 0.94
N LYS A 112 6.55 35.96 0.57
CA LYS A 112 6.13 36.58 -0.67
C LYS A 112 6.01 38.08 -0.49
N ILE A 113 6.05 38.83 -1.61
CA ILE A 113 6.04 40.29 -1.54
C ILE A 113 4.68 40.80 -1.05
N LEU A 114 4.66 42.07 -0.64
CA LEU A 114 3.55 42.57 0.16
C LEU A 114 2.27 42.61 -0.64
N VAL A 115 2.34 43.00 -1.92
CA VAL A 115 1.13 43.02 -2.74
C VAL A 115 0.52 41.63 -2.80
N GLU A 116 1.35 40.60 -2.90
CA GLU A 116 0.85 39.22 -2.96
C GLU A 116 0.33 38.76 -1.61
N GLY A 117 0.91 39.26 -0.51
CA GLY A 117 0.45 38.86 0.81
C GLY A 117 -0.88 39.49 1.18
N VAL A 118 -1.08 40.75 0.81
CA VAL A 118 -2.39 41.38 1.00
C VAL A 118 -3.39 40.79 0.02
N GLY A 119 -2.92 40.45 -1.19
CA GLY A 119 -3.78 39.79 -2.15
C GLY A 119 -4.25 38.43 -1.68
N GLU A 120 -3.44 37.75 -0.87
CA GLU A 120 -3.84 36.44 -0.37
C GLU A 120 -4.95 36.57 0.66
N VAL A 121 -4.87 37.60 1.51
CA VAL A 121 -5.96 37.89 2.42
C VAL A 121 -7.22 38.29 1.66
N GLN A 122 -7.07 38.99 0.54
CA GLN A 122 -8.23 39.41 -0.24
C GLN A 122 -8.98 38.22 -0.82
N GLU A 123 -8.27 37.15 -1.20
CA GLU A 123 -8.95 35.94 -1.66
C GLU A 123 -9.85 35.40 -0.57
N TYR A 124 -9.29 35.25 0.63
CA TYR A 124 -10.11 34.84 1.76
C TYR A 124 -11.29 35.77 1.95
N VAL A 125 -11.06 37.09 1.88
CA VAL A 125 -12.17 38.03 1.99
C VAL A 125 -13.19 37.79 0.88
N ASP A 126 -12.70 37.62 -0.34
CA ASP A 126 -13.60 37.45 -1.48
C ASP A 126 -14.39 36.14 -1.40
N ILE A 127 -13.75 35.06 -0.94
CA ILE A 127 -14.50 33.81 -0.90
C ILE A 127 -15.50 33.84 0.24
N CYS A 128 -15.24 34.63 1.29
CA CYS A 128 -16.28 34.88 2.27
C CYS A 128 -17.47 35.59 1.65
N ASP A 129 -17.23 36.68 0.94
CA ASP A 129 -18.35 37.43 0.35
C ASP A 129 -19.14 36.56 -0.62
N TYR A 130 -18.44 35.65 -1.30
CA TYR A 130 -19.08 34.70 -2.21
C TYR A 130 -19.91 33.67 -1.45
N ALA A 131 -19.39 33.13 -0.36
CA ALA A 131 -20.10 32.13 0.41
C ALA A 131 -21.35 32.68 1.08
N VAL A 132 -21.41 33.99 1.32
CA VAL A 132 -22.60 34.57 1.94
C VAL A 132 -23.83 34.32 1.08
N GLY A 133 -23.77 34.70 -0.20
CA GLY A 133 -24.87 34.42 -1.09
C GLY A 133 -25.06 32.93 -1.34
N LEU A 134 -23.95 32.19 -1.44
CA LEU A 134 -24.06 30.76 -1.71
C LEU A 134 -24.78 30.04 -0.58
N SER A 135 -24.75 30.62 0.62
CA SER A 135 -25.42 30.02 1.77
C SER A 135 -26.94 30.09 1.65
N ARG A 136 -27.46 30.91 0.74
CA ARG A 136 -28.87 30.93 0.40
C ARG A 136 -29.17 30.14 -0.87
N MET A 137 -28.18 29.40 -1.39
CA MET A 137 -28.32 28.74 -2.67
C MET A 137 -28.02 27.25 -2.63
N ILE A 138 -27.24 26.77 -1.68
CA ILE A 138 -26.82 25.38 -1.71
C ILE A 138 -28.04 24.47 -1.57
N GLY A 139 -28.09 23.45 -2.40
CA GLY A 139 -29.16 22.47 -2.36
C GLY A 139 -29.18 21.73 -3.68
N GLY A 140 -30.23 20.90 -3.84
CA GLY A 140 -30.39 20.11 -5.02
C GLY A 140 -31.75 20.36 -5.64
N PRO A 141 -32.02 19.78 -6.80
CA PRO A 141 -33.33 19.98 -7.41
C PRO A 141 -34.36 19.06 -6.76
N ILE A 142 -35.61 19.52 -6.80
CA ILE A 142 -36.75 18.62 -6.67
C ILE A 142 -37.07 18.10 -8.06
N LEU A 143 -37.19 16.79 -8.18
CA LEU A 143 -37.26 16.15 -9.50
C LEU A 143 -38.63 15.51 -9.71
N PRO A 144 -39.09 15.42 -10.97
CA PRO A 144 -40.38 14.77 -11.20
C PRO A 144 -40.28 13.25 -11.09
N SER A 145 -40.93 12.68 -10.07
CA SER A 145 -40.99 11.23 -9.95
C SER A 145 -41.82 10.62 -11.09
N GLU A 146 -41.44 9.43 -11.50
CA GLU A 146 -42.28 8.68 -12.42
C GLU A 146 -43.47 8.08 -11.71
N ARG A 147 -43.46 8.08 -10.39
CA ARG A 147 -44.52 7.46 -9.59
C ARG A 147 -45.52 8.52 -9.15
N SER A 148 -46.80 8.22 -9.38
CA SER A 148 -47.87 9.09 -8.89
C SER A 148 -47.79 9.22 -7.37
N GLY A 149 -48.14 10.41 -6.86
CA GLY A 149 -48.21 10.63 -5.44
C GLY A 149 -46.90 10.44 -4.71
N HIS A 150 -45.77 10.53 -5.41
CA HIS A 150 -44.45 10.47 -4.81
C HIS A 150 -43.69 11.76 -5.13
N ALA A 151 -42.88 12.20 -4.18
CA ALA A 151 -41.93 13.29 -4.42
C ALA A 151 -40.51 12.75 -4.44
N LEU A 152 -39.69 13.36 -5.28
CA LEU A 152 -38.30 12.99 -5.50
C LEU A 152 -37.43 14.22 -5.29
N ILE A 153 -36.57 14.18 -4.28
CA ILE A 153 -35.87 15.35 -3.79
C ILE A 153 -34.41 15.00 -3.61
N GLU A 154 -33.52 15.86 -4.11
CA GLU A 154 -32.09 15.72 -3.85
C GLU A 154 -31.69 16.67 -2.72
N GLN A 155 -31.23 16.09 -1.61
CA GLN A 155 -30.88 16.82 -0.41
C GLN A 155 -29.36 16.84 -0.21
N TRP A 156 -28.86 17.94 0.31
CA TRP A 156 -27.45 18.04 0.65
C TRP A 156 -27.33 18.38 2.13
N ASN A 157 -26.40 17.72 2.79
CA ASN A 157 -26.22 17.85 4.21
C ASN A 157 -24.73 17.90 4.47
N PRO A 158 -24.30 18.52 5.57
CA PRO A 158 -22.86 18.62 5.84
C PRO A 158 -22.27 17.25 6.09
N VAL A 159 -20.97 17.11 5.81
CA VAL A 159 -20.34 15.82 6.05
C VAL A 159 -19.88 15.69 7.50
N GLY A 160 -19.78 16.81 8.23
CA GLY A 160 -19.39 16.76 9.63
C GLY A 160 -18.15 17.58 9.92
N LEU A 161 -17.02 16.89 10.15
CA LEU A 161 -15.76 17.54 10.47
C LEU A 161 -14.88 17.52 9.23
N VAL A 162 -14.50 18.71 8.77
CA VAL A 162 -13.63 18.92 7.63
C VAL A 162 -12.24 19.25 8.19
N GLY A 163 -11.31 18.31 8.01
CA GLY A 163 -9.92 18.61 8.27
C GLY A 163 -9.31 19.32 7.08
N ILE A 164 -8.54 20.36 7.34
CA ILE A 164 -7.88 21.11 6.30
C ILE A 164 -6.39 21.13 6.63
N ILE A 165 -5.59 20.57 5.73
CA ILE A 165 -4.15 20.58 5.86
C ILE A 165 -3.60 21.47 4.76
N THR A 166 -2.85 22.50 5.14
CA THR A 166 -2.36 23.46 4.17
C THR A 166 -0.84 23.44 4.11
N ALA A 167 -0.30 23.91 2.98
CA ALA A 167 1.14 24.03 2.80
C ALA A 167 1.59 25.45 3.16
N PHE A 168 2.89 25.70 3.00
CA PHE A 168 3.44 27.00 3.39
C PHE A 168 3.07 28.09 2.40
N ASN A 169 2.85 27.74 1.13
CA ASN A 169 2.90 28.74 0.07
C ASN A 169 1.63 29.56 -0.05
N PHE A 170 0.49 29.04 0.38
CA PHE A 170 -0.72 29.85 0.47
C PHE A 170 -1.34 29.59 1.83
N SER A 171 -0.59 30.02 2.85
CA SER A 171 -0.93 29.78 4.25
C SER A 171 -2.24 30.43 4.68
N VAL A 172 -2.85 31.28 3.84
CA VAL A 172 -4.11 31.94 4.15
C VAL A 172 -5.19 31.58 3.13
N ALA A 173 -4.91 31.81 1.84
CA ALA A 173 -5.96 31.70 0.83
C ALA A 173 -6.50 30.27 0.75
N VAL A 174 -5.64 29.27 0.82
CA VAL A 174 -6.15 27.90 0.67
C VAL A 174 -7.06 27.56 1.83
N TYR A 175 -6.66 27.95 3.04
CA TYR A 175 -7.53 27.71 4.20
C TYR A 175 -8.86 28.44 4.02
N GLY A 176 -8.80 29.67 3.51
CA GLY A 176 -9.97 30.48 3.30
C GLY A 176 -11.03 29.84 2.41
N TRP A 177 -10.64 29.45 1.18
CA TRP A 177 -11.55 28.72 0.30
C TRP A 177 -12.21 27.57 1.05
N ASN A 178 -11.39 26.73 1.69
CA ASN A 178 -11.91 25.59 2.40
C ASN A 178 -12.83 26.01 3.53
N ASN A 179 -12.40 26.97 4.36
CA ASN A 179 -13.14 27.28 5.58
C ASN A 179 -14.48 27.95 5.28
N ALA A 180 -14.48 28.91 4.35
CA ALA A 180 -15.72 29.62 4.06
C ALA A 180 -16.75 28.69 3.44
N ILE A 181 -16.32 27.81 2.54
CA ILE A 181 -17.25 26.88 1.90
C ILE A 181 -17.70 25.81 2.90
N ALA A 182 -16.76 25.19 3.60
CA ALA A 182 -17.13 24.18 4.59
C ALA A 182 -18.12 24.74 5.60
N MET A 183 -17.96 26.01 6.01
CA MET A 183 -18.81 26.53 7.07
C MET A 183 -20.22 26.86 6.59
N ILE A 184 -20.39 27.48 5.42
CA ILE A 184 -21.77 27.70 4.97
C ILE A 184 -22.44 26.36 4.72
N CYS A 185 -21.69 25.33 4.35
CA CYS A 185 -22.22 23.99 4.14
C CYS A 185 -22.47 23.23 5.44
N GLY A 186 -22.32 23.87 6.61
CA GLY A 186 -22.66 23.24 7.87
C GLY A 186 -21.61 22.38 8.50
N ASN A 187 -20.37 22.45 8.03
CA ASN A 187 -19.32 21.65 8.65
C ASN A 187 -18.61 22.44 9.74
N VAL A 188 -17.93 21.70 10.61
CA VAL A 188 -16.90 22.25 11.47
C VAL A 188 -15.55 22.00 10.79
N CYS A 189 -14.54 22.77 11.19
CA CYS A 189 -13.23 22.69 10.55
C CYS A 189 -12.14 22.48 11.58
N LEU A 190 -11.13 21.72 11.17
CA LEU A 190 -9.92 21.55 11.94
C LEU A 190 -8.75 21.85 11.03
N TRP A 191 -7.88 22.76 11.46
CA TRP A 191 -6.80 23.27 10.63
C TRP A 191 -5.46 22.83 11.19
N LYS A 192 -4.65 22.18 10.35
CA LYS A 192 -3.23 21.96 10.62
C LYS A 192 -2.43 22.55 9.46
N GLY A 193 -1.77 23.69 9.70
CA GLY A 193 -1.01 24.36 8.68
C GLY A 193 0.44 23.91 8.66
N ALA A 194 1.20 24.47 7.72
CA ALA A 194 2.63 24.19 7.70
C ALA A 194 3.30 24.77 8.95
N PRO A 195 4.19 24.02 9.59
CA PRO A 195 4.82 24.54 10.81
C PRO A 195 5.63 25.81 10.60
N THR A 196 6.21 26.02 9.41
CA THR A 196 6.95 27.25 9.17
C THR A 196 6.05 28.47 8.96
N THR A 197 4.72 28.30 8.92
CA THR A 197 3.76 29.40 8.85
C THR A 197 2.79 29.37 10.03
N SER A 198 3.27 28.94 11.20
CA SER A 198 2.42 28.79 12.38
C SER A 198 1.83 30.11 12.83
N LEU A 199 2.65 31.18 12.91
CA LEU A 199 2.10 32.46 13.35
C LEU A 199 0.94 32.90 12.46
N ILE A 200 1.09 32.75 11.14
CA ILE A 200 -0.01 33.06 10.20
C ILE A 200 -1.27 32.31 10.60
N SER A 201 -1.13 31.00 10.85
CA SER A 201 -2.28 30.18 11.23
C SER A 201 -2.93 30.69 12.50
N VAL A 202 -2.11 30.98 13.52
CA VAL A 202 -2.63 31.50 14.78
C VAL A 202 -3.32 32.85 14.59
N ALA A 203 -2.67 33.77 13.86
CA ALA A 203 -3.25 35.10 13.66
C ALA A 203 -4.60 35.01 12.95
N VAL A 204 -4.71 34.14 11.94
CA VAL A 204 -6.00 33.93 11.27
C VAL A 204 -7.00 33.31 12.24
N THR A 205 -6.58 32.25 12.95
CA THR A 205 -7.47 31.61 13.92
C THR A 205 -7.98 32.59 14.98
N LYS A 206 -7.11 33.49 15.47
CA LYS A 206 -7.54 34.50 16.44
C LYS A 206 -8.64 35.37 15.87
N ILE A 207 -8.51 35.77 14.60
CA ILE A 207 -9.53 36.58 13.95
C ILE A 207 -10.86 35.85 13.94
N ILE A 208 -10.86 34.57 13.56
CA ILE A 208 -12.10 33.83 13.44
C ILE A 208 -12.66 33.52 14.82
N ALA A 209 -11.77 33.21 15.77
CA ALA A 209 -12.20 32.85 17.11
C ALA A 209 -13.00 33.98 17.75
N LYS A 210 -12.55 35.22 17.58
CA LYS A 210 -13.30 36.36 18.12
C LYS A 210 -14.68 36.46 17.50
N VAL A 211 -14.81 36.15 16.19
CA VAL A 211 -16.12 36.25 15.56
C VAL A 211 -17.05 35.16 16.10
N LEU A 212 -16.54 33.94 16.24
CA LEU A 212 -17.36 32.89 16.84
C LEU A 212 -17.76 33.28 18.25
N GLU A 213 -16.79 33.73 19.05
CA GLU A 213 -17.06 34.05 20.45
C GLU A 213 -17.99 35.25 20.59
N ASP A 214 -17.82 36.28 19.74
CA ASP A 214 -18.75 37.40 19.73
C ASP A 214 -20.17 36.96 19.41
N ASN A 215 -20.35 35.88 18.65
CA ASN A 215 -21.69 35.36 18.35
C ASN A 215 -22.11 34.24 19.28
N LYS A 216 -21.35 33.99 20.35
CA LYS A 216 -21.66 32.97 21.35
C LYS A 216 -21.83 31.59 20.73
N LEU A 217 -21.04 31.32 19.75
CA LEU A 217 -20.89 30.04 19.11
C LEU A 217 -19.66 29.33 19.67
N PRO A 218 -19.72 27.99 19.71
CA PRO A 218 -18.55 27.24 20.17
C PRO A 218 -17.36 27.43 19.24
N GLY A 219 -16.21 27.77 19.83
CA GLY A 219 -15.05 28.11 19.04
C GLY A 219 -14.55 26.96 18.19
N ALA A 220 -14.79 25.72 18.63
CA ALA A 220 -14.27 24.55 17.94
C ALA A 220 -14.86 24.37 16.54
N ILE A 221 -15.91 25.11 16.21
CA ILE A 221 -16.38 25.20 14.82
C ILE A 221 -15.22 25.49 13.87
N CYS A 222 -14.27 26.31 14.31
CA CYS A 222 -13.05 26.59 13.53
C CYS A 222 -11.87 26.33 14.44
N SER A 223 -11.55 25.05 14.63
CA SER A 223 -10.46 24.63 15.51
C SER A 223 -9.13 24.69 14.78
N LEU A 224 -8.06 24.74 15.59
CA LEU A 224 -6.68 24.80 15.09
C LEU A 224 -5.83 23.83 15.89
N THR A 225 -5.05 22.98 15.22
CA THR A 225 -4.04 22.17 15.91
C THR A 225 -2.72 22.33 15.16
N CYS A 226 -1.94 23.33 15.55
CA CYS A 226 -0.63 23.49 14.95
C CYS A 226 0.22 22.26 15.21
N GLY A 227 0.88 21.78 14.17
CA GLY A 227 1.75 20.63 14.31
C GLY A 227 2.34 20.22 12.97
N GLY A 228 3.18 19.20 13.03
CA GLY A 228 3.84 18.64 11.87
C GLY A 228 3.17 17.38 11.36
N ALA A 229 3.97 16.51 10.76
CA ALA A 229 3.44 15.38 10.00
C ALA A 229 2.68 14.36 10.86
N ASP A 230 2.96 14.27 12.15
CA ASP A 230 2.23 13.29 12.95
C ASP A 230 0.78 13.73 13.16
N ILE A 231 0.53 15.03 13.34
CA ILE A 231 -0.83 15.51 13.44
C ILE A 231 -1.53 15.35 12.09
N GLY A 232 -0.81 15.59 11.00
CA GLY A 232 -1.38 15.38 9.68
C GLY A 232 -1.72 13.92 9.42
N THR A 233 -0.81 13.02 9.76
CA THR A 233 -1.08 11.58 9.59
C THR A 233 -2.28 11.17 10.43
N ALA A 234 -2.31 11.59 11.70
CA ALA A 234 -3.44 11.28 12.55
C ALA A 234 -4.75 11.72 11.92
N MET A 235 -4.77 12.90 11.30
CA MET A 235 -6.00 13.37 10.67
C MET A 235 -6.39 12.46 9.52
N ALA A 236 -5.41 12.04 8.72
CA ALA A 236 -5.71 11.17 7.58
C ALA A 236 -6.27 9.84 8.04
N LYS A 237 -5.84 9.36 9.20
CA LYS A 237 -6.21 8.05 9.70
C LYS A 237 -7.46 8.08 10.58
N ASP A 238 -8.03 9.25 10.82
CA ASP A 238 -9.01 9.46 11.88
C ASP A 238 -10.40 9.41 11.28
N GLU A 239 -11.20 8.45 11.73
CA GLU A 239 -12.54 8.25 11.20
C GLU A 239 -13.47 9.40 11.53
N ARG A 240 -13.18 10.16 12.60
CA ARG A 240 -14.00 11.32 12.94
C ARG A 240 -13.76 12.51 12.02
N VAL A 241 -12.75 12.45 11.17
CA VAL A 241 -12.51 13.50 10.17
C VAL A 241 -13.20 13.03 8.89
N ASN A 242 -14.36 13.61 8.60
CA ASN A 242 -15.20 13.07 7.53
C ASN A 242 -14.66 13.43 6.15
N LEU A 243 -14.07 14.60 6.01
CA LEU A 243 -13.45 15.02 4.76
C LEU A 243 -12.10 15.60 5.11
N LEU A 244 -11.05 15.19 4.40
CA LEU A 244 -9.72 15.75 4.62
C LEU A 244 -9.28 16.47 3.35
N SER A 245 -9.23 17.80 3.44
CA SER A 245 -8.76 18.64 2.35
C SER A 245 -7.27 18.85 2.56
N PHE A 246 -6.46 18.20 1.73
CA PHE A 246 -5.00 18.29 1.81
C PHE A 246 -4.46 19.04 0.61
N THR A 247 -3.70 20.10 0.88
CA THR A 247 -2.88 20.82 -0.10
C THR A 247 -1.43 20.63 0.28
N GLY A 248 -0.61 20.19 -0.66
CA GLY A 248 0.76 19.83 -0.35
C GLY A 248 1.39 19.08 -1.49
N SER A 249 2.51 18.43 -1.19
CA SER A 249 3.25 17.68 -2.20
C SER A 249 2.45 16.48 -2.70
N THR A 250 2.64 16.15 -3.97
CA THR A 250 2.06 14.94 -4.55
C THR A 250 2.47 13.71 -3.74
N GLN A 251 3.72 13.66 -3.29
CA GLN A 251 4.23 12.52 -2.53
C GLN A 251 3.45 12.32 -1.24
N VAL A 252 3.39 13.36 -0.39
CA VAL A 252 2.66 13.22 0.86
C VAL A 252 1.16 13.06 0.59
N GLY A 253 0.63 13.77 -0.41
CA GLY A 253 -0.79 13.65 -0.72
C GLY A 253 -1.22 12.26 -1.14
N LYS A 254 -0.37 11.54 -1.87
CA LYS A 254 -0.70 10.16 -2.26
C LYS A 254 -0.92 9.30 -1.03
N GLN A 255 -0.06 9.47 0.00
CA GLN A 255 -0.25 8.72 1.23
C GLN A 255 -1.50 9.18 1.96
N VAL A 256 -1.76 10.48 1.98
CA VAL A 256 -2.99 10.98 2.58
C VAL A 256 -4.19 10.36 1.88
N GLY A 257 -4.15 10.34 0.55
CA GLY A 257 -5.22 9.73 -0.21
C GLY A 257 -5.43 8.27 0.14
N LEU A 258 -4.35 7.53 0.31
CA LEU A 258 -4.48 6.10 0.60
C LEU A 258 -4.99 5.86 2.01
N MET A 259 -4.58 6.69 2.97
CA MET A 259 -5.06 6.47 4.34
C MET A 259 -6.54 6.81 4.46
N VAL A 260 -6.97 7.88 3.79
CA VAL A 260 -8.39 8.23 3.82
C VAL A 260 -9.21 7.16 3.12
N GLN A 261 -8.72 6.64 1.99
CA GLN A 261 -9.45 5.60 1.26
C GLN A 261 -9.51 4.30 2.06
N GLU A 262 -8.43 3.98 2.78
CA GLU A 262 -8.42 2.78 3.62
C GLU A 262 -9.58 2.76 4.63
N ARG A 263 -9.94 3.92 5.17
CA ARG A 263 -11.02 4.01 6.16
C ARG A 263 -12.33 4.49 5.53
N PHE A 264 -12.45 4.43 4.21
CA PHE A 264 -13.62 4.93 3.50
C PHE A 264 -13.97 6.35 3.93
N GLY A 265 -12.94 7.18 4.07
CA GLY A 265 -13.13 8.60 4.27
C GLY A 265 -13.34 9.30 2.95
N ARG A 266 -13.37 10.64 3.01
CA ARG A 266 -13.39 11.50 1.83
C ARG A 266 -12.14 12.36 1.81
N SER A 267 -11.50 12.48 0.65
CA SER A 267 -10.33 13.32 0.52
C SER A 267 -10.56 14.32 -0.61
N LEU A 268 -9.97 15.49 -0.44
CA LEU A 268 -9.94 16.56 -1.44
C LEU A 268 -8.46 16.92 -1.61
N LEU A 269 -7.88 16.57 -2.74
CA LEU A 269 -6.43 16.59 -2.88
C LEU A 269 -6.04 17.65 -3.91
N GLU A 270 -5.21 18.58 -3.49
CA GLU A 270 -4.65 19.64 -4.33
C GLU A 270 -3.13 19.46 -4.30
N LEU A 271 -2.57 18.75 -5.27
CA LEU A 271 -1.17 18.33 -5.18
C LEU A 271 -0.32 19.11 -6.18
N GLY A 272 0.77 18.51 -6.64
CA GLY A 272 1.77 19.25 -7.38
C GLY A 272 1.31 19.63 -8.78
N GLY A 273 1.92 20.70 -9.29
CA GLY A 273 1.71 21.13 -10.65
C GLY A 273 3.03 21.14 -11.38
N ASN A 274 3.00 20.99 -12.71
CA ASN A 274 4.18 21.10 -13.53
C ASN A 274 3.80 21.93 -14.74
N ASN A 275 3.44 23.19 -14.50
CA ASN A 275 2.54 23.88 -15.40
C ASN A 275 3.27 24.45 -16.61
N ALA A 276 2.65 24.27 -17.77
CA ALA A 276 3.25 24.64 -19.04
C ALA A 276 2.59 25.90 -19.60
N ILE A 277 3.43 26.77 -20.19
CA ILE A 277 3.00 27.84 -21.06
C ILE A 277 3.43 27.45 -22.47
N ILE A 278 2.54 27.62 -23.44
CA ILE A 278 2.86 27.35 -24.84
C ILE A 278 2.63 28.64 -25.63
N ALA A 279 3.64 29.05 -26.39
CA ALA A 279 3.56 30.24 -27.23
C ALA A 279 3.66 29.81 -28.69
N PHE A 280 2.56 29.98 -29.43
CA PHE A 280 2.52 29.64 -30.84
C PHE A 280 3.07 30.78 -31.69
N GLU A 281 3.23 30.50 -32.99
CA GLU A 281 3.91 31.45 -33.86
C GLU A 281 3.16 32.77 -33.96
N ASP A 282 1.82 32.73 -33.91
CA ASP A 282 1.02 33.94 -34.00
C ASP A 282 0.79 34.60 -32.64
N ALA A 283 1.55 34.21 -31.62
CA ALA A 283 1.34 34.77 -30.29
C ALA A 283 1.75 36.24 -30.24
N ASP A 284 0.99 37.02 -29.48
CA ASP A 284 1.38 38.39 -29.16
C ASP A 284 2.51 38.36 -28.15
N LEU A 285 3.73 38.65 -28.61
CA LEU A 285 4.90 38.57 -27.74
C LEU A 285 4.90 39.65 -26.66
N SER A 286 4.22 40.77 -26.88
CA SER A 286 4.01 41.71 -25.80
C SER A 286 3.18 41.08 -24.66
N LEU A 287 2.37 40.06 -24.95
CA LEU A 287 1.69 39.35 -23.88
C LEU A 287 2.52 38.18 -23.35
N VAL A 288 3.22 37.48 -24.23
CA VAL A 288 3.93 36.26 -23.83
C VAL A 288 5.01 36.56 -22.80
N VAL A 289 5.95 37.45 -23.14
CA VAL A 289 7.13 37.70 -22.30
C VAL A 289 6.74 38.11 -20.88
N PRO A 290 5.94 39.16 -20.65
CA PRO A 290 5.64 39.51 -19.27
C PRO A 290 4.78 38.47 -18.58
N SER A 291 3.83 37.85 -19.29
CA SER A 291 3.05 36.78 -18.68
C SER A 291 3.97 35.67 -18.19
N ALA A 292 4.90 35.24 -19.03
CA ALA A 292 5.81 34.19 -18.64
C ALA A 292 6.67 34.63 -17.46
N LEU A 293 7.10 35.88 -17.44
CA LEU A 293 7.92 36.34 -16.33
C LEU A 293 7.15 36.26 -15.01
N PHE A 294 6.00 36.92 -14.95
CA PHE A 294 5.19 36.87 -13.73
C PHE A 294 4.90 35.45 -13.32
N ALA A 295 4.46 34.62 -14.27
CA ALA A 295 4.06 33.26 -13.93
C ALA A 295 5.25 32.44 -13.40
N ALA A 296 6.43 32.66 -13.97
CA ALA A 296 7.63 31.95 -13.56
C ALA A 296 8.17 32.45 -12.21
N VAL A 297 8.38 33.75 -12.07
CA VAL A 297 9.13 34.26 -10.92
C VAL A 297 8.23 34.75 -9.79
N GLY A 298 6.96 35.05 -10.07
CA GLY A 298 6.03 35.43 -9.03
C GLY A 298 6.11 34.48 -7.84
N THR A 299 6.09 35.05 -6.64
CA THR A 299 6.22 34.27 -5.41
C THR A 299 7.50 33.45 -5.40
N ALA A 300 8.55 33.95 -6.06
CA ALA A 300 9.81 33.22 -6.20
C ALA A 300 9.59 31.80 -6.72
N GLY A 301 8.66 31.65 -7.66
CA GLY A 301 8.41 30.37 -8.30
C GLY A 301 7.83 29.31 -7.37
N GLN A 302 7.14 29.73 -6.31
CA GLN A 302 6.67 28.80 -5.29
C GLN A 302 5.15 28.72 -5.23
N ARG A 303 4.46 28.92 -6.35
CA ARG A 303 3.04 28.62 -6.39
C ARG A 303 2.86 27.23 -6.96
N CYS A 304 1.75 26.59 -6.57
CA CYS A 304 1.44 25.33 -7.22
C CYS A 304 1.21 25.55 -8.71
N THR A 305 0.72 26.75 -9.08
CA THR A 305 0.45 27.12 -10.47
C THR A 305 1.60 27.84 -11.17
N THR A 306 2.79 27.85 -10.58
CA THR A 306 3.93 28.52 -11.20
C THR A 306 4.22 27.93 -12.58
N ALA A 307 4.49 28.81 -13.55
CA ALA A 307 4.93 28.33 -14.86
C ALA A 307 6.30 27.67 -14.72
N ARG A 308 6.37 26.36 -15.01
CA ARG A 308 7.63 25.64 -14.90
C ARG A 308 8.13 25.08 -16.23
N ARG A 309 7.31 25.06 -17.27
CA ARG A 309 7.74 24.63 -18.59
C ARG A 309 7.27 25.68 -19.58
N LEU A 310 8.15 26.08 -20.50
CA LEU A 310 7.84 27.09 -21.52
C LEU A 310 8.13 26.50 -22.89
N PHE A 311 7.07 26.16 -23.63
CA PHE A 311 7.16 25.64 -24.99
C PHE A 311 6.97 26.80 -25.98
N ILE A 312 7.95 26.99 -26.85
CA ILE A 312 7.96 28.11 -27.78
C ILE A 312 8.12 27.58 -29.19
N HIS A 313 7.32 28.12 -30.12
CA HIS A 313 7.44 27.67 -31.50
C HIS A 313 8.85 27.94 -32.03
N GLU A 314 9.30 27.06 -32.92
CA GLU A 314 10.65 27.15 -33.47
C GLU A 314 10.96 28.54 -33.99
N SER A 315 10.01 29.15 -34.70
CA SER A 315 10.28 30.42 -35.35
C SER A 315 10.54 31.56 -34.38
N ILE A 316 10.12 31.45 -33.11
CA ILE A 316 10.19 32.60 -32.20
C ILE A 316 10.93 32.22 -30.92
N HIS A 317 11.47 31.01 -30.87
CA HIS A 317 12.15 30.54 -29.67
C HIS A 317 13.21 31.53 -29.20
N ASP A 318 14.22 31.76 -30.04
CA ASP A 318 15.35 32.60 -29.66
C ASP A 318 14.90 33.99 -29.23
N GLU A 319 13.97 34.58 -29.97
CA GLU A 319 13.52 35.94 -29.64
C GLU A 319 12.85 35.98 -28.27
N VAL A 320 12.00 35.00 -27.97
CA VAL A 320 11.34 34.97 -26.67
C VAL A 320 12.38 34.77 -25.57
N VAL A 321 13.34 33.86 -25.79
CA VAL A 321 14.31 33.56 -24.74
C VAL A 321 15.18 34.79 -24.46
N ASN A 322 15.67 35.44 -25.51
CA ASN A 322 16.42 36.68 -25.35
C ASN A 322 15.61 37.73 -24.60
N ARG A 323 14.39 38.02 -25.08
CA ARG A 323 13.56 39.02 -24.41
C ARG A 323 13.29 38.60 -22.97
N LEU A 324 13.08 37.31 -22.73
CA LEU A 324 12.88 36.84 -21.36
C LEU A 324 14.12 37.12 -20.52
N LYS A 325 15.31 36.98 -21.11
CA LYS A 325 16.54 37.22 -20.36
C LYS A 325 16.70 38.70 -20.06
N LYS A 326 16.38 39.55 -21.03
CA LYS A 326 16.38 40.99 -20.80
C LYS A 326 15.48 41.36 -19.64
N ALA A 327 14.32 40.71 -19.52
CA ALA A 327 13.37 41.10 -18.50
C ALA A 327 13.77 40.54 -17.12
N TYR A 328 14.32 39.33 -17.08
CA TYR A 328 14.81 38.79 -15.82
C TYR A 328 15.84 39.71 -15.18
N ALA A 329 16.73 40.30 -15.98
CA ALA A 329 17.80 41.14 -15.45
C ALA A 329 17.29 42.43 -14.80
N GLN A 330 16.01 42.76 -14.94
CA GLN A 330 15.41 43.94 -14.32
C GLN A 330 14.54 43.62 -13.12
N ILE A 331 14.36 42.33 -12.80
CA ILE A 331 13.62 41.95 -11.61
C ILE A 331 14.30 42.54 -10.38
N ARG A 332 13.56 43.29 -9.58
CA ARG A 332 14.09 43.96 -8.40
C ARG A 332 13.96 43.06 -7.18
N VAL A 333 15.10 42.76 -6.56
CA VAL A 333 15.21 41.80 -5.46
C VAL A 333 15.42 42.57 -4.16
N GLY A 334 14.69 42.19 -3.12
CA GLY A 334 14.88 42.77 -1.80
C GLY A 334 13.94 42.16 -0.79
N ASN A 335 13.84 42.82 0.37
CA ASN A 335 12.96 42.30 1.41
C ASN A 335 11.52 42.35 0.90
N PRO A 336 10.74 41.31 1.13
CA PRO A 336 9.45 41.20 0.43
C PRO A 336 8.46 42.28 0.81
N TRP A 337 8.65 42.93 1.96
CA TRP A 337 7.77 44.00 2.41
C TRP A 337 8.21 45.40 1.96
N ASP A 338 9.38 45.55 1.20
CA ASP A 338 9.79 46.91 0.81
C ASP A 338 9.13 47.31 -0.51
N PRO A 339 8.90 48.61 -0.72
CA PRO A 339 8.29 49.04 -1.98
C PRO A 339 9.16 48.68 -3.18
N ASN A 340 8.50 48.57 -4.33
CA ASN A 340 9.18 48.32 -5.60
C ASN A 340 9.85 46.95 -5.63
N VAL A 341 9.81 46.19 -4.54
CA VAL A 341 10.37 44.84 -4.59
C VAL A 341 9.40 43.94 -5.34
N LEU A 342 9.95 43.14 -6.26
CA LEU A 342 9.19 42.24 -7.09
C LEU A 342 9.49 40.78 -6.76
N TYR A 343 10.56 40.52 -6.02
CA TYR A 343 11.10 39.17 -5.90
C TYR A 343 11.82 39.04 -4.57
N GLY A 344 11.37 38.10 -3.74
CA GLY A 344 11.90 37.88 -2.42
C GLY A 344 12.57 36.53 -2.30
N PRO A 345 12.67 36.03 -1.08
CA PRO A 345 13.43 34.81 -0.81
C PRO A 345 12.59 33.55 -1.00
N LEU A 346 13.28 32.41 -1.04
CA LEU A 346 12.59 31.14 -0.90
C LEU A 346 12.15 30.97 0.54
N HIS A 347 11.24 30.02 0.77
CA HIS A 347 10.61 29.96 2.08
C HIS A 347 11.49 29.30 3.13
N THR A 348 12.34 28.35 2.73
CA THR A 348 13.19 27.62 3.66
C THR A 348 14.59 27.49 3.08
N LYS A 349 15.54 27.10 3.93
CA LYS A 349 16.87 26.86 3.41
C LYS A 349 16.92 25.54 2.66
N GLN A 350 16.09 24.57 3.06
CA GLN A 350 15.97 23.33 2.30
C GLN A 350 15.54 23.60 0.88
N ALA A 351 14.64 24.58 0.68
CA ALA A 351 14.19 24.92 -0.66
C ALA A 351 15.35 25.43 -1.52
N VAL A 352 16.28 26.15 -0.90
CA VAL A 352 17.51 26.57 -1.60
C VAL A 352 18.32 25.35 -2.02
N SER A 353 18.45 24.37 -1.12
CA SER A 353 19.19 23.15 -1.47
C SER A 353 18.51 22.41 -2.61
N MET A 354 17.18 22.31 -2.57
CA MET A 354 16.46 21.66 -3.66
C MET A 354 16.63 22.44 -4.97
N PHE A 355 16.61 23.76 -4.87
CA PHE A 355 16.89 24.59 -6.05
C PHE A 355 18.25 24.24 -6.65
N LEU A 356 19.28 24.13 -5.80
CA LEU A 356 20.64 23.93 -6.32
C LEU A 356 20.77 22.60 -7.02
N GLY A 357 20.22 21.53 -6.43
CA GLY A 357 20.31 20.23 -7.05
C GLY A 357 19.51 20.16 -8.33
N ALA A 358 18.32 20.77 -8.34
CA ALA A 358 17.57 20.87 -9.59
C ALA A 358 18.44 21.47 -10.68
N VAL A 359 19.12 22.60 -10.39
CA VAL A 359 19.91 23.26 -11.43
C VAL A 359 21.05 22.36 -11.88
N GLU A 360 21.76 21.74 -10.93
CA GLU A 360 22.83 20.82 -11.29
C GLU A 360 22.30 19.62 -12.07
N GLU A 361 21.18 19.07 -11.62
CA GLU A 361 20.61 17.93 -12.33
C GLU A 361 20.22 18.31 -13.77
N ALA A 362 19.69 19.52 -13.96
CA ALA A 362 19.41 20.00 -15.31
C ALA A 362 20.67 20.15 -16.14
N LYS A 363 21.79 20.53 -15.53
CA LYS A 363 23.04 20.56 -16.29
C LYS A 363 23.47 19.14 -16.66
N LYS A 364 23.25 18.17 -15.77
CA LYS A 364 23.70 16.80 -16.02
C LYS A 364 22.85 16.09 -17.08
N GLU A 365 21.58 16.48 -17.19
CA GLU A 365 20.72 16.00 -18.27
C GLU A 365 20.85 16.83 -19.54
N GLY A 366 21.92 17.60 -19.67
CA GLY A 366 22.23 18.27 -20.91
C GLY A 366 21.61 19.64 -21.07
N GLY A 367 21.03 20.22 -20.01
CA GLY A 367 20.47 21.55 -20.12
C GLY A 367 21.52 22.64 -19.96
N THR A 368 21.20 23.82 -20.50
CA THR A 368 22.09 24.99 -20.44
C THR A 368 21.41 26.10 -19.65
N VAL A 369 22.07 26.59 -18.62
CA VAL A 369 21.58 27.75 -17.86
C VAL A 369 21.86 29.01 -18.68
N VAL A 370 20.82 29.64 -19.20
CA VAL A 370 21.00 30.91 -19.91
C VAL A 370 20.80 32.11 -19.02
N TYR A 371 20.15 31.95 -17.86
CA TYR A 371 20.02 33.01 -16.89
C TYR A 371 19.93 32.43 -15.50
N GLY A 372 20.65 33.02 -14.57
CA GLY A 372 20.51 32.66 -13.17
C GLY A 372 21.22 31.37 -12.79
N GLY A 373 20.61 30.61 -11.88
CA GLY A 373 21.12 29.32 -11.52
C GLY A 373 21.94 29.29 -10.26
N LYS A 374 22.15 30.41 -9.61
CA LYS A 374 23.03 30.47 -8.46
C LYS A 374 22.28 30.95 -7.24
N VAL A 375 22.79 30.55 -6.07
CA VAL A 375 22.35 31.14 -4.82
C VAL A 375 22.80 32.59 -4.80
N MET A 376 21.92 33.49 -4.38
CA MET A 376 22.31 34.88 -4.20
C MET A 376 23.08 35.03 -2.90
N ASP A 377 24.19 35.76 -2.94
CA ASP A 377 25.03 35.96 -1.76
C ASP A 377 24.49 37.14 -0.97
N ARG A 378 23.56 36.84 -0.07
CA ARG A 378 22.88 37.85 0.73
C ARG A 378 22.18 37.15 1.88
N PRO A 379 21.87 37.88 2.95
CA PRO A 379 21.06 37.29 4.02
C PRO A 379 19.74 36.74 3.49
N GLY A 380 19.31 35.61 4.05
CA GLY A 380 18.04 35.01 3.68
C GLY A 380 18.20 33.84 2.72
N ASN A 381 17.05 33.29 2.32
CA ASN A 381 17.01 32.11 1.43
C ASN A 381 16.84 32.51 -0.03
N TYR A 382 17.69 33.40 -0.53
CA TYR A 382 17.53 34.00 -1.85
C TYR A 382 18.28 33.22 -2.92
N VAL A 383 17.59 32.91 -4.04
CA VAL A 383 18.18 32.29 -5.20
C VAL A 383 17.81 33.11 -6.44
N GLU A 384 18.62 32.96 -7.49
CA GLU A 384 18.36 33.69 -8.74
C GLU A 384 17.23 33.02 -9.55
N PRO A 385 16.36 33.80 -10.19
CA PRO A 385 15.38 33.18 -11.10
C PRO A 385 16.13 32.64 -12.30
N THR A 386 15.80 31.41 -12.69
CA THR A 386 16.65 30.62 -13.57
C THR A 386 15.90 30.17 -14.82
N ILE A 387 16.57 30.25 -15.96
CA ILE A 387 16.03 29.80 -17.25
C ILE A 387 16.96 28.73 -17.81
N VAL A 388 16.40 27.60 -18.23
CA VAL A 388 17.15 26.47 -18.75
C VAL A 388 16.65 26.14 -20.15
N THR A 389 17.56 26.17 -21.11
CA THR A 389 17.31 25.78 -22.49
C THR A 389 17.92 24.42 -22.77
N GLY A 390 17.51 23.82 -23.90
CA GLY A 390 18.21 22.68 -24.46
C GLY A 390 17.86 21.31 -23.92
N LEU A 391 17.06 21.23 -22.85
CA LEU A 391 16.59 19.93 -22.39
C LEU A 391 15.52 19.40 -23.33
N GLY A 392 15.53 18.09 -23.57
CA GLY A 392 14.38 17.47 -24.20
C GLY A 392 13.17 17.55 -23.29
N HIS A 393 11.99 17.69 -23.91
CA HIS A 393 10.75 17.82 -23.15
C HIS A 393 10.50 16.64 -22.23
N ASP A 394 11.09 15.48 -22.51
CA ASP A 394 10.93 14.30 -21.67
C ASP A 394 12.10 14.13 -20.70
N ALA A 395 12.89 15.16 -20.46
CA ALA A 395 13.96 15.06 -19.49
C ALA A 395 13.36 14.80 -18.11
N SER A 396 14.04 13.96 -17.33
CA SER A 396 13.54 13.63 -16.01
C SER A 396 13.36 14.87 -15.14
N ILE A 397 14.34 15.78 -15.18
CA ILE A 397 14.27 16.96 -14.30
C ILE A 397 13.13 17.87 -14.71
N ALA A 398 12.76 17.89 -15.98
CA ALA A 398 11.64 18.70 -16.44
C ALA A 398 10.30 18.11 -16.03
N HIS A 399 10.25 16.80 -15.78
CA HIS A 399 9.02 16.13 -15.37
C HIS A 399 8.84 16.13 -13.85
N THR A 400 9.92 16.43 -13.11
CA THR A 400 9.87 16.59 -11.67
C THR A 400 9.33 17.97 -11.29
N GLU A 401 8.50 18.02 -10.26
CA GLU A 401 8.10 19.31 -9.68
C GLU A 401 9.15 19.74 -8.67
N THR A 402 9.77 20.90 -8.92
CA THR A 402 10.70 21.50 -7.98
C THR A 402 10.16 22.87 -7.60
N PHE A 403 9.94 23.09 -6.31
CA PHE A 403 9.30 24.31 -5.82
C PHE A 403 10.35 25.41 -5.73
N ALA A 404 10.77 25.88 -6.89
CA ALA A 404 11.91 26.78 -7.01
C ALA A 404 11.85 27.46 -8.37
N PRO A 405 12.46 28.63 -8.50
CA PRO A 405 12.18 29.42 -9.72
C PRO A 405 13.06 29.01 -10.89
N ILE A 406 12.76 27.84 -11.45
CA ILE A 406 13.50 27.30 -12.60
C ILE A 406 12.51 27.08 -13.72
N LEU A 407 12.80 27.66 -14.88
CA LEU A 407 11.90 27.61 -16.03
C LEU A 407 12.59 26.84 -17.14
N TYR A 408 12.12 25.63 -17.42
CA TYR A 408 12.68 24.80 -18.47
C TYR A 408 12.02 25.17 -19.80
N VAL A 409 12.83 25.56 -20.79
CA VAL A 409 12.34 26.04 -22.07
C VAL A 409 12.57 24.98 -23.15
N PHE A 410 11.57 24.81 -24.01
CA PHE A 410 11.60 23.83 -25.09
C PHE A 410 11.13 24.46 -26.39
N LYS A 411 11.67 23.97 -27.51
CA LYS A 411 11.16 24.24 -28.84
C LYS A 411 10.04 23.26 -29.18
N PHE A 412 9.22 23.66 -30.15
CA PHE A 412 8.27 22.76 -30.79
C PHE A 412 7.97 23.29 -32.17
N LYS A 413 7.29 22.48 -32.97
CA LYS A 413 6.93 22.88 -34.33
C LYS A 413 5.43 22.86 -34.58
N ASN A 414 4.73 21.78 -34.22
CA ASN A 414 3.32 21.73 -34.54
C ASN A 414 2.49 21.56 -33.28
N GLU A 415 1.21 21.89 -33.43
CA GLU A 415 0.27 21.95 -32.32
C GLU A 415 0.07 20.57 -31.69
N GLU A 416 -0.03 19.53 -32.51
CA GLU A 416 -0.36 18.21 -31.99
C GLU A 416 0.72 17.71 -31.04
N GLU A 417 1.99 17.85 -31.41
CA GLU A 417 3.04 17.36 -30.51
C GLU A 417 3.08 18.19 -29.22
N VAL A 418 2.91 19.50 -29.32
CA VAL A 418 3.09 20.30 -28.12
C VAL A 418 1.88 20.14 -27.18
N PHE A 419 0.69 19.85 -27.70
CA PHE A 419 -0.42 19.50 -26.82
C PHE A 419 -0.10 18.23 -26.05
N ALA A 420 0.34 17.19 -26.75
CA ALA A 420 0.84 15.97 -26.13
C ALA A 420 1.89 16.25 -25.07
N TRP A 421 2.86 17.12 -25.38
CA TRP A 421 3.94 17.36 -24.42
C TRP A 421 3.43 18.08 -23.18
N ASN A 422 2.51 19.03 -23.33
CA ASN A 422 1.85 19.59 -22.16
C ASN A 422 1.23 18.48 -21.31
N ASN A 423 0.65 17.46 -21.95
CA ASN A 423 -0.13 16.43 -21.28
C ASN A 423 0.71 15.26 -20.77
N GLU A 424 2.01 15.19 -21.11
CA GLU A 424 2.75 13.95 -20.90
C GLU A 424 3.22 13.77 -19.46
N VAL A 425 3.19 14.81 -18.64
CA VAL A 425 3.70 14.72 -17.28
C VAL A 425 2.66 14.08 -16.36
N LYS A 426 3.07 13.70 -15.16
CA LYS A 426 2.15 13.12 -14.19
C LYS A 426 1.17 14.17 -13.67
N GLN A 427 1.65 15.38 -13.41
CA GLN A 427 0.82 16.44 -12.83
C GLN A 427 -0.18 16.96 -13.87
N GLY A 428 -1.19 17.68 -13.37
CA GLY A 428 -2.24 18.21 -14.23
C GLY A 428 -2.97 19.41 -13.65
N LEU A 429 -2.23 20.39 -13.12
CA LEU A 429 -2.87 21.52 -12.46
C LEU A 429 -3.30 22.59 -13.46
N SER A 430 -2.32 23.34 -13.98
CA SER A 430 -2.61 24.48 -14.83
C SER A 430 -1.81 24.41 -16.13
N SER A 431 -2.25 25.20 -17.09
CA SER A 431 -1.76 25.15 -18.45
C SER A 431 -2.22 26.41 -19.17
N SER A 432 -1.47 26.81 -20.19
CA SER A 432 -1.82 28.05 -20.88
C SER A 432 -1.21 28.07 -22.26
N ILE A 433 -2.01 28.46 -23.27
CA ILE A 433 -1.47 28.73 -24.60
C ILE A 433 -1.62 30.20 -24.94
N PHE A 434 -0.70 30.69 -25.78
CA PHE A 434 -0.73 32.05 -26.29
C PHE A 434 -0.84 31.94 -27.80
N THR A 435 -1.98 32.36 -28.35
CA THR A 435 -2.21 32.27 -29.78
C THR A 435 -3.42 33.15 -30.11
N LYS A 436 -3.53 33.50 -31.39
CA LYS A 436 -4.68 34.24 -31.89
C LYS A 436 -5.63 33.37 -32.68
N ASP A 437 -5.24 32.12 -32.95
CA ASP A 437 -5.97 31.25 -33.84
C ASP A 437 -7.22 30.74 -33.14
N LEU A 438 -8.38 31.09 -33.70
CA LEU A 438 -9.66 30.73 -33.07
C LEU A 438 -9.79 29.23 -32.96
N GLY A 439 -9.52 28.50 -34.05
CA GLY A 439 -9.66 27.06 -34.02
C GLY A 439 -8.78 26.41 -32.97
N ARG A 440 -7.59 26.93 -32.78
CA ARG A 440 -6.65 26.31 -31.84
C ARG A 440 -7.11 26.50 -30.40
N ILE A 441 -7.70 27.66 -30.11
CA ILE A 441 -8.17 27.93 -28.75
C ILE A 441 -9.25 26.94 -28.35
N PHE A 442 -10.24 26.72 -29.22
CA PHE A 442 -11.30 25.77 -28.87
C PHE A 442 -10.79 24.33 -28.90
N ARG A 443 -9.76 24.02 -29.68
CA ARG A 443 -9.17 22.68 -29.58
C ARG A 443 -8.47 22.48 -28.25
N TRP A 444 -7.70 23.49 -27.81
CA TRP A 444 -7.07 23.48 -26.50
C TRP A 444 -8.09 23.24 -25.39
N LEU A 445 -9.28 23.82 -25.54
CA LEU A 445 -10.36 23.69 -24.59
C LEU A 445 -11.12 22.36 -24.73
N GLY A 446 -10.83 21.59 -25.78
CA GLY A 446 -11.63 20.43 -26.12
C GLY A 446 -11.01 19.14 -25.62
N PRO A 447 -11.56 18.00 -26.08
CA PRO A 447 -11.11 16.69 -25.56
C PRO A 447 -9.71 16.28 -26.00
N LYS A 448 -9.21 16.84 -27.10
CA LYS A 448 -7.86 16.57 -27.56
C LYS A 448 -6.90 17.71 -27.20
N GLY A 449 -7.34 18.62 -26.35
CA GLY A 449 -6.56 19.73 -25.84
C GLY A 449 -5.96 19.43 -24.49
N SER A 450 -5.94 20.44 -23.62
CA SER A 450 -5.23 20.35 -22.36
C SER A 450 -5.96 19.45 -21.38
N ASP A 451 -5.20 18.60 -20.68
CA ASP A 451 -5.77 17.66 -19.72
C ASP A 451 -5.82 18.21 -18.29
N CYS A 452 -5.63 19.52 -18.11
CA CYS A 452 -5.50 20.07 -16.76
C CYS A 452 -6.83 20.60 -16.25
N GLY A 453 -6.88 20.86 -14.95
CA GLY A 453 -8.03 21.51 -14.34
C GLY A 453 -8.16 22.97 -14.67
N ILE A 454 -7.05 23.64 -15.01
CA ILE A 454 -7.03 25.05 -15.40
C ILE A 454 -6.40 25.15 -16.77
N VAL A 455 -7.12 25.78 -17.69
CA VAL A 455 -6.83 25.69 -19.12
C VAL A 455 -7.00 27.11 -19.61
N ASN A 456 -5.90 27.83 -19.74
CA ASN A 456 -5.93 29.27 -19.96
C ASN A 456 -5.47 29.62 -21.36
N VAL A 457 -5.93 30.78 -21.82
CA VAL A 457 -5.69 31.27 -23.16
C VAL A 457 -5.22 32.72 -23.03
N ASN A 458 -4.00 33.01 -23.52
CA ASN A 458 -3.41 34.36 -23.49
C ASN A 458 -3.35 34.95 -22.07
N ILE A 459 -3.32 34.09 -21.05
CA ILE A 459 -2.98 34.47 -19.69
C ILE A 459 -2.10 33.39 -19.09
N PRO A 460 -1.32 33.73 -18.07
CA PRO A 460 -0.39 32.73 -17.51
C PRO A 460 -1.08 31.66 -16.67
N THR A 461 -0.28 30.73 -16.15
CA THR A 461 -0.80 29.59 -15.41
C THR A 461 -1.34 29.94 -14.04
N SER A 462 -1.09 31.16 -13.55
CA SER A 462 -1.60 31.63 -12.27
C SER A 462 -2.87 32.47 -12.40
N GLY A 463 -3.44 32.54 -13.61
CA GLY A 463 -4.77 33.08 -13.86
C GLY A 463 -5.94 32.23 -13.39
N ALA A 464 -6.46 32.57 -12.20
CA ALA A 464 -7.63 31.93 -11.63
C ALA A 464 -8.34 32.95 -10.74
N GLU A 465 -9.65 32.81 -10.62
CA GLU A 465 -10.40 33.63 -9.70
C GLU A 465 -11.36 32.74 -8.93
N ILE A 466 -11.93 33.28 -7.86
CA ILE A 466 -12.72 32.45 -6.97
C ILE A 466 -14.04 31.98 -7.57
N GLY A 467 -14.51 32.59 -8.67
CA GLY A 467 -15.80 32.22 -9.22
C GLY A 467 -15.85 30.79 -9.76
N GLY A 468 -14.72 30.27 -10.24
CA GLY A 468 -14.64 28.92 -10.75
C GLY A 468 -13.95 27.99 -9.76
N ALA A 469 -14.06 26.69 -10.02
CA ALA A 469 -13.45 25.69 -9.17
C ALA A 469 -11.94 25.60 -9.42
N PHE A 470 -11.20 25.32 -8.35
CA PHE A 470 -9.74 25.35 -8.38
C PHE A 470 -9.19 23.97 -8.01
N GLY A 471 -8.43 23.39 -8.92
CA GLY A 471 -7.85 22.08 -8.70
C GLY A 471 -7.37 21.49 -10.01
N GLY A 472 -6.87 20.27 -9.92
CA GLY A 472 -6.22 19.64 -11.05
C GLY A 472 -6.62 18.19 -11.23
N GLU A 473 -6.11 17.61 -12.30
CA GLU A 473 -6.32 16.23 -12.67
C GLU A 473 -5.04 15.43 -12.44
N LYS A 474 -5.12 14.10 -12.63
CA LYS A 474 -3.98 13.18 -12.59
C LYS A 474 -3.29 13.31 -11.23
N HIS A 475 -1.95 13.39 -11.16
CA HIS A 475 -1.27 13.45 -9.88
C HIS A 475 -1.53 14.73 -9.09
N THR A 476 -2.28 15.71 -9.62
CA THR A 476 -2.66 16.85 -8.79
C THR A 476 -3.75 16.46 -7.80
N GLY A 477 -4.44 15.34 -8.01
CA GLY A 477 -5.24 14.72 -6.97
C GLY A 477 -6.74 14.80 -7.14
N GLY A 478 -7.24 15.59 -8.10
CA GLY A 478 -8.65 15.56 -8.47
C GLY A 478 -9.55 16.52 -7.73
N GLY A 479 -9.14 17.00 -6.55
CA GLY A 479 -10.02 17.85 -5.78
C GLY A 479 -10.23 19.22 -6.43
N ARG A 480 -11.29 19.88 -5.98
CA ARG A 480 -11.65 21.24 -6.40
C ARG A 480 -12.04 22.04 -5.17
N GLU A 481 -11.71 23.33 -5.20
CA GLU A 481 -11.97 24.27 -4.11
C GLU A 481 -12.56 25.54 -4.72
N SER A 482 -13.15 26.36 -3.86
CA SER A 482 -13.65 27.69 -4.18
C SER A 482 -15.03 27.66 -4.87
N GLY A 483 -15.08 27.98 -6.17
CA GLY A 483 -16.33 28.32 -6.84
C GLY A 483 -16.96 27.19 -7.64
N SER A 484 -17.88 27.58 -8.53
CA SER A 484 -18.76 26.66 -9.23
C SER A 484 -19.46 25.77 -8.20
N ASP A 485 -19.56 24.47 -8.44
CA ASP A 485 -20.25 23.60 -7.49
C ASP A 485 -19.28 22.80 -6.64
N ALA A 486 -18.09 23.36 -6.42
CA ALA A 486 -17.11 22.74 -5.54
C ALA A 486 -17.62 22.56 -4.13
N TRP A 487 -18.61 23.36 -3.70
CA TRP A 487 -19.20 23.13 -2.38
C TRP A 487 -19.74 21.72 -2.22
N LYS A 488 -20.07 21.02 -3.31
CA LYS A 488 -20.67 19.70 -3.16
C LYS A 488 -19.69 18.72 -2.54
N GLN A 489 -18.39 18.96 -2.68
CA GLN A 489 -17.40 18.10 -2.04
C GLN A 489 -17.49 18.14 -0.52
N TYR A 490 -18.05 19.21 0.05
CA TYR A 490 -18.12 19.40 1.49
C TYR A 490 -19.46 18.98 2.07
N MET A 491 -20.27 18.26 1.29
CA MET A 491 -21.61 17.88 1.70
C MET A 491 -21.91 16.49 1.16
N ARG A 492 -22.86 15.80 1.79
CA ARG A 492 -23.27 14.49 1.30
C ARG A 492 -24.63 14.60 0.66
N ARG A 493 -24.76 13.95 -0.49
CA ARG A 493 -25.96 13.94 -1.28
C ARG A 493 -26.87 12.80 -0.84
N SER A 494 -28.16 13.10 -0.74
CA SER A 494 -29.16 12.06 -0.55
C SER A 494 -30.23 12.24 -1.61
N THR A 495 -30.57 11.15 -2.25
CA THR A 495 -31.71 11.09 -3.16
C THR A 495 -32.89 10.58 -2.35
N CYS A 496 -33.93 11.40 -2.23
CA CYS A 496 -35.01 11.20 -1.27
C CYS A 496 -36.33 11.04 -2.00
N THR A 497 -37.01 9.91 -1.79
CA THR A 497 -38.32 9.66 -2.37
C THR A 497 -39.34 9.58 -1.26
N ILE A 498 -40.42 10.34 -1.39
CA ILE A 498 -41.44 10.48 -0.36
C ILE A 498 -42.77 10.06 -0.97
N ASN A 499 -43.27 8.91 -0.54
CA ASN A 499 -44.61 8.50 -0.91
C ASN A 499 -45.57 9.24 0.00
N TYR A 500 -46.31 10.21 -0.53
CA TYR A 500 -47.34 10.88 0.24
C TYR A 500 -48.73 10.37 -0.08
N SER A 501 -48.85 9.28 -0.85
CA SER A 501 -50.13 8.71 -1.24
C SER A 501 -50.50 7.53 -0.35
N LYS A 502 -51.66 6.93 -0.66
CA LYS A 502 -52.13 5.70 -0.03
C LYS A 502 -51.68 4.44 -0.78
N ASP A 503 -51.04 4.58 -1.95
CA ASP A 503 -50.66 3.45 -2.80
C ASP A 503 -49.15 3.19 -2.72
N LEU A 504 -48.71 2.11 -3.38
CA LEU A 504 -47.29 1.74 -3.42
C LEU A 504 -46.82 1.35 -4.82
N PRO A 505 -46.99 2.20 -5.84
CA PRO A 505 -46.51 1.82 -7.18
C PRO A 505 -44.98 1.74 -7.21
N LEU A 506 -44.48 0.68 -7.85
CA LEU A 506 -43.06 0.38 -7.88
C LEU A 506 -42.42 0.93 -9.15
N ALA A 507 -41.18 1.40 -9.02
CA ALA A 507 -40.44 1.94 -10.15
C ALA A 507 -40.28 0.90 -11.27
N GLN A 508 -40.06 1.40 -12.49
CA GLN A 508 -39.95 0.62 -13.71
C GLN A 508 -41.17 -0.28 -13.96
N GLY A 509 -42.30 0.05 -13.35
CA GLY A 509 -43.56 -0.64 -13.62
C GLY A 509 -43.64 -2.07 -13.12
N ILE A 510 -42.91 -2.41 -12.07
CA ILE A 510 -42.85 -3.78 -11.59
C ILE A 510 -44.11 -4.10 -10.79
N LYS A 511 -44.83 -5.14 -11.21
CA LYS A 511 -45.98 -5.66 -10.49
C LYS A 511 -45.51 -6.82 -9.62
N PHE A 512 -45.73 -6.71 -8.31
CA PHE A 512 -45.17 -7.64 -7.33
C PHE A 512 -46.29 -8.10 -6.38
N GLN A 513 -47.19 -8.94 -6.88
CA GLN A 513 -48.29 -9.46 -6.05
C GLN A 513 -48.67 -10.88 -6.45
N THR B 5 -27.87 -32.01 -22.46
CA THR B 5 -27.33 -31.74 -21.11
C THR B 5 -27.12 -30.23 -20.87
N LEU B 6 -26.53 -29.51 -21.83
CA LEU B 6 -26.55 -28.06 -21.75
C LEU B 6 -27.96 -27.54 -22.02
N LEU B 7 -28.42 -26.61 -21.18
CA LEU B 7 -29.76 -26.07 -21.34
C LEU B 7 -29.98 -25.53 -22.74
N ILE B 8 -28.95 -24.88 -23.31
CA ILE B 8 -29.06 -24.28 -24.63
C ILE B 8 -29.20 -25.33 -25.73
N ASN B 9 -28.95 -26.59 -25.42
CA ASN B 9 -29.16 -27.64 -26.39
C ASN B 9 -30.54 -28.28 -26.29
N GLN B 10 -31.29 -28.01 -25.21
CA GLN B 10 -32.63 -28.57 -25.10
C GLN B 10 -33.66 -27.66 -25.78
N PRO B 11 -34.61 -28.25 -26.51
CA PRO B 11 -35.55 -27.44 -27.30
C PRO B 11 -36.36 -26.45 -26.48
N GLN B 12 -36.74 -26.79 -25.23
CA GLN B 12 -37.52 -25.86 -24.41
C GLN B 12 -36.75 -24.57 -24.11
N TYR B 13 -35.43 -24.57 -24.25
CA TYR B 13 -34.64 -23.35 -24.05
C TYR B 13 -34.09 -22.83 -25.37
N ALA B 14 -34.76 -23.13 -26.49
CA ALA B 14 -34.27 -22.65 -27.77
C ALA B 14 -34.28 -21.12 -27.86
N TRP B 15 -35.07 -20.45 -27.01
CA TRP B 15 -35.15 -19.00 -27.08
C TRP B 15 -33.82 -18.30 -26.77
N LEU B 16 -32.89 -18.98 -26.10
CA LEU B 16 -31.58 -18.37 -25.84
C LEU B 16 -30.89 -17.99 -27.15
N LYS B 17 -31.18 -18.71 -28.23
CA LYS B 17 -30.58 -18.41 -29.52
C LYS B 17 -31.06 -17.07 -30.09
N GLU B 18 -32.23 -16.60 -29.68
CA GLU B 18 -32.66 -15.27 -30.09
C GLU B 18 -31.68 -14.17 -29.64
N LEU B 19 -30.86 -14.43 -28.62
CA LEU B 19 -29.85 -13.49 -28.15
C LEU B 19 -28.50 -13.74 -28.79
N GLY B 20 -28.42 -14.62 -29.78
CA GLY B 20 -27.15 -14.96 -30.38
C GLY B 20 -26.30 -15.92 -29.58
N LEU B 21 -26.81 -16.48 -28.49
CA LEU B 21 -26.03 -17.39 -27.66
C LEU B 21 -25.91 -18.76 -28.32
N ARG B 22 -24.72 -19.32 -28.27
CA ARG B 22 -24.44 -20.66 -28.79
C ARG B 22 -23.97 -21.55 -27.64
N GLU B 23 -23.63 -22.79 -27.99
CA GLU B 23 -23.15 -23.74 -26.99
C GLU B 23 -21.87 -23.25 -26.31
N GLU B 24 -20.88 -22.82 -27.08
CA GLU B 24 -19.70 -22.14 -26.53
C GLU B 24 -19.66 -20.73 -27.11
N ASN B 25 -19.61 -19.74 -26.22
CA ASN B 25 -19.68 -18.34 -26.59
C ASN B 25 -18.36 -17.64 -26.29
N GLU B 26 -17.99 -16.70 -27.15
CA GLU B 26 -16.78 -15.93 -26.96
C GLU B 26 -17.01 -14.85 -25.91
N GLY B 27 -16.11 -14.77 -24.94
CA GLY B 27 -16.26 -13.83 -23.84
C GLY B 27 -15.49 -12.53 -23.96
N VAL B 28 -14.78 -12.29 -25.05
CA VAL B 28 -14.06 -11.04 -25.26
C VAL B 28 -14.64 -10.35 -26.48
N TYR B 29 -14.96 -9.05 -26.35
CA TYR B 29 -15.36 -8.23 -27.49
C TYR B 29 -14.64 -6.91 -27.48
N ASN B 30 -14.06 -6.55 -28.63
CA ASN B 30 -13.37 -5.28 -28.78
C ASN B 30 -13.46 -4.79 -30.21
N GLY B 31 -14.57 -5.04 -30.88
CA GLY B 31 -14.68 -4.80 -32.30
C GLY B 31 -14.78 -6.13 -33.00
N SER B 32 -13.99 -7.09 -32.53
CA SER B 32 -14.07 -8.48 -32.95
C SER B 32 -14.30 -9.35 -31.72
N TRP B 33 -14.74 -10.57 -31.95
CA TRP B 33 -15.03 -11.47 -30.84
C TRP B 33 -13.90 -12.47 -30.66
N GLY B 34 -13.58 -12.78 -29.42
CA GLY B 34 -12.54 -13.73 -29.11
C GLY B 34 -12.65 -14.23 -27.69
N GLY B 35 -11.53 -14.68 -27.15
CA GLY B 35 -11.46 -15.20 -25.80
C GLY B 35 -10.56 -16.42 -25.70
N ARG B 36 -9.28 -16.20 -25.43
CA ARG B 36 -8.30 -17.27 -25.30
C ARG B 36 -8.04 -17.65 -23.85
N GLY B 37 -8.94 -17.29 -22.94
CA GLY B 37 -8.78 -17.61 -21.53
C GLY B 37 -9.51 -18.87 -21.14
N GLU B 38 -9.63 -19.06 -19.83
CA GLU B 38 -10.31 -20.20 -19.25
C GLU B 38 -11.76 -20.26 -19.73
N VAL B 39 -12.22 -21.45 -20.10
CA VAL B 39 -13.62 -21.67 -20.43
C VAL B 39 -14.37 -21.93 -19.14
N ILE B 40 -15.48 -21.23 -18.92
CA ILE B 40 -16.35 -21.58 -17.81
C ILE B 40 -17.74 -21.91 -18.33
N THR B 41 -18.45 -22.69 -17.55
CA THR B 41 -19.84 -23.05 -17.81
C THR B 41 -20.69 -22.40 -16.73
N THR B 42 -21.69 -21.63 -17.13
CA THR B 42 -22.60 -21.08 -16.13
C THR B 42 -23.81 -22.01 -15.97
N TYR B 43 -24.46 -21.90 -14.80
CA TYR B 43 -25.48 -22.82 -14.36
C TYR B 43 -26.75 -22.10 -13.96
N CYS B 44 -27.86 -22.77 -14.21
CA CYS B 44 -29.17 -22.27 -13.81
C CYS B 44 -29.39 -22.52 -12.33
N PRO B 45 -29.54 -21.48 -11.49
CA PRO B 45 -29.69 -21.73 -10.04
C PRO B 45 -31.02 -22.33 -9.66
N ALA B 46 -32.00 -22.30 -10.56
CA ALA B 46 -33.29 -22.91 -10.26
C ALA B 46 -33.25 -24.44 -10.33
N ASN B 47 -32.28 -25.03 -11.04
CA ASN B 47 -32.19 -26.48 -11.15
C ASN B 47 -30.77 -27.01 -11.17
N ASN B 48 -29.76 -26.16 -10.93
CA ASN B 48 -28.35 -26.57 -10.92
C ASN B 48 -27.96 -27.28 -12.21
N GLU B 49 -28.50 -26.82 -13.34
CA GLU B 49 -28.05 -27.43 -14.57
C GLU B 49 -27.20 -26.45 -15.39
N PRO B 50 -26.27 -26.96 -16.19
CA PRO B 50 -25.43 -26.07 -17.00
C PRO B 50 -26.23 -25.48 -18.16
N ILE B 51 -25.97 -24.21 -18.45
CA ILE B 51 -26.67 -23.49 -19.51
C ILE B 51 -25.85 -23.52 -20.80
N ALA B 52 -24.65 -22.95 -20.75
CA ALA B 52 -23.76 -22.82 -21.89
C ALA B 52 -22.41 -22.34 -21.37
N ARG B 53 -21.44 -22.21 -22.28
CA ARG B 53 -20.06 -21.94 -21.91
C ARG B 53 -19.55 -20.65 -22.53
N VAL B 54 -18.65 -19.98 -21.80
CA VAL B 54 -18.07 -18.71 -22.20
C VAL B 54 -16.56 -18.82 -22.12
N ARG B 55 -15.89 -18.52 -23.23
CA ARG B 55 -14.43 -18.49 -23.27
C ARG B 55 -13.96 -17.12 -22.81
N GLN B 56 -13.31 -17.07 -21.64
CA GLN B 56 -13.01 -15.82 -20.94
C GLN B 56 -11.75 -15.14 -21.49
N ALA B 57 -11.45 -13.97 -20.95
CA ALA B 57 -10.29 -13.20 -21.41
C ALA B 57 -9.01 -13.73 -20.80
N SER B 58 -8.02 -13.98 -21.65
CA SER B 58 -6.64 -14.14 -21.20
C SER B 58 -6.02 -12.76 -20.99
N VAL B 59 -4.78 -12.74 -20.49
CA VAL B 59 -4.09 -11.46 -20.30
C VAL B 59 -3.90 -10.78 -21.65
N ALA B 60 -3.42 -11.52 -22.64
CA ALA B 60 -3.21 -10.95 -23.97
C ALA B 60 -4.49 -10.35 -24.53
N ASP B 61 -5.64 -11.01 -24.30
CA ASP B 61 -6.92 -10.48 -24.75
C ASP B 61 -7.23 -9.16 -24.07
N TYR B 62 -7.00 -9.10 -22.76
CA TYR B 62 -7.19 -7.88 -22.01
C TYR B 62 -6.30 -6.78 -22.56
N GLU B 63 -5.01 -7.07 -22.72
CA GLU B 63 -4.07 -6.08 -23.25
C GLU B 63 -4.53 -5.54 -24.59
N GLU B 64 -4.85 -6.44 -25.52
CA GLU B 64 -5.29 -6.03 -26.85
C GLU B 64 -6.59 -5.24 -26.78
N THR B 65 -7.49 -5.61 -25.88
CA THR B 65 -8.78 -4.92 -25.79
C THR B 65 -8.64 -3.48 -25.29
N VAL B 66 -7.83 -3.26 -24.24
CA VAL B 66 -7.59 -1.90 -23.76
C VAL B 66 -6.99 -1.05 -24.87
N LYS B 67 -5.99 -1.59 -25.57
CA LYS B 67 -5.35 -0.86 -26.66
C LYS B 67 -6.37 -0.48 -27.73
N LYS B 68 -7.18 -1.46 -28.17
CA LYS B 68 -8.20 -1.17 -29.17
C LYS B 68 -9.19 -0.14 -28.65
N ALA B 69 -9.58 -0.24 -27.37
CA ALA B 69 -10.55 0.72 -26.82
C ALA B 69 -9.99 2.13 -26.79
N ARG B 70 -8.74 2.29 -26.38
CA ARG B 70 -8.16 3.64 -26.35
C ARG B 70 -7.99 4.21 -27.75
N GLU B 71 -7.75 3.37 -28.75
CA GLU B 71 -7.78 3.83 -30.13
C GLU B 71 -9.19 4.23 -30.55
N ALA B 72 -10.18 3.38 -30.25
CA ALA B 72 -11.55 3.75 -30.56
C ALA B 72 -11.94 5.08 -29.92
N TRP B 73 -11.37 5.39 -28.75
CA TRP B 73 -11.74 6.62 -28.06
C TRP B 73 -11.38 7.85 -28.89
N LYS B 74 -10.25 7.82 -29.60
CA LYS B 74 -9.86 8.98 -30.40
C LYS B 74 -10.96 9.32 -31.40
N ILE B 75 -11.58 8.31 -32.00
CA ILE B 75 -12.70 8.54 -32.90
C ILE B 75 -13.94 8.98 -32.13
N TRP B 76 -14.26 8.25 -31.06
CA TRP B 76 -15.53 8.47 -30.35
C TRP B 76 -15.55 9.84 -29.67
N ALA B 77 -14.41 10.28 -29.11
CA ALA B 77 -14.37 11.57 -28.43
C ALA B 77 -14.61 12.74 -29.36
N ASP B 78 -14.33 12.56 -30.66
CA ASP B 78 -14.52 13.61 -31.64
C ASP B 78 -15.93 13.67 -32.18
N ILE B 79 -16.80 12.81 -31.69
CA ILE B 79 -18.18 12.83 -32.18
C ILE B 79 -18.97 13.75 -31.27
N PRO B 80 -19.67 14.74 -31.82
CA PRO B 80 -20.46 15.65 -30.98
C PRO B 80 -21.37 14.87 -30.06
N ALA B 81 -21.45 15.33 -28.80
CA ALA B 81 -22.26 14.68 -27.78
C ALA B 81 -23.69 14.36 -28.23
N PRO B 82 -24.42 15.26 -28.89
CA PRO B 82 -25.77 14.89 -29.33
C PRO B 82 -25.79 13.70 -30.27
N LYS B 83 -24.78 13.59 -31.13
CA LYS B 83 -24.71 12.46 -32.04
C LYS B 83 -24.34 11.18 -31.30
N ARG B 84 -23.44 11.30 -30.31
CA ARG B 84 -23.23 10.20 -29.38
C ARG B 84 -24.55 9.81 -28.72
N GLY B 85 -25.38 10.81 -28.39
CA GLY B 85 -26.66 10.50 -27.80
C GLY B 85 -27.56 9.72 -28.73
N GLU B 86 -27.44 9.97 -30.05
CA GLU B 86 -28.24 9.23 -31.02
C GLU B 86 -27.85 7.76 -31.03
N ILE B 87 -26.57 7.44 -30.84
CA ILE B 87 -26.15 6.06 -30.70
C ILE B 87 -26.81 5.43 -29.48
N VAL B 88 -26.77 6.14 -28.35
CA VAL B 88 -27.38 5.65 -27.12
C VAL B 88 -28.89 5.49 -27.28
N ARG B 89 -29.51 6.34 -28.09
CA ARG B 89 -30.93 6.17 -28.37
C ARG B 89 -31.19 4.86 -29.11
N GLN B 90 -30.30 4.46 -30.02
CA GLN B 90 -30.57 3.21 -30.74
C GLN B 90 -30.31 2.00 -29.83
N ILE B 91 -29.33 2.10 -28.93
CA ILE B 91 -29.14 1.06 -27.93
C ILE B 91 -30.42 0.88 -27.11
N GLY B 92 -31.05 1.99 -26.72
CA GLY B 92 -32.33 1.95 -26.04
C GLY B 92 -33.32 1.11 -26.82
N ASP B 93 -33.54 1.50 -28.09
CA ASP B 93 -34.47 0.76 -28.94
C ASP B 93 -34.07 -0.70 -29.08
N ALA B 94 -32.77 -1.00 -29.09
CA ALA B 94 -32.37 -2.38 -29.31
C ALA B 94 -32.58 -3.25 -28.07
N LEU B 95 -32.49 -2.66 -26.87
CA LEU B 95 -32.91 -3.35 -25.66
C LEU B 95 -34.43 -3.47 -25.60
N ARG B 96 -35.14 -2.44 -26.09
CA ARG B 96 -36.60 -2.49 -26.13
C ARG B 96 -37.09 -3.71 -26.91
N GLU B 97 -36.50 -3.96 -28.08
CA GLU B 97 -36.93 -5.05 -28.93
C GLU B 97 -36.65 -6.41 -28.30
N LYS B 98 -35.68 -6.50 -27.38
CA LYS B 98 -35.28 -7.75 -26.77
C LYS B 98 -35.68 -7.85 -25.30
N ILE B 99 -36.50 -6.92 -24.80
CA ILE B 99 -36.66 -6.79 -23.36
C ILE B 99 -37.23 -8.08 -22.74
N GLN B 100 -38.17 -8.74 -23.44
CA GLN B 100 -38.77 -9.95 -22.87
C GLN B 100 -37.76 -11.09 -22.82
N VAL B 101 -37.01 -11.29 -23.91
CA VAL B 101 -36.13 -12.45 -23.98
C VAL B 101 -34.85 -12.21 -23.19
N LEU B 102 -34.32 -10.98 -23.20
CA LEU B 102 -33.19 -10.67 -22.34
C LEU B 102 -33.56 -10.84 -20.87
N GLY B 103 -34.76 -10.39 -20.49
CA GLY B 103 -35.20 -10.56 -19.11
C GLY B 103 -35.33 -12.02 -18.71
N SER B 104 -35.75 -12.87 -19.66
CA SER B 104 -35.81 -14.31 -19.42
C SER B 104 -34.41 -14.89 -19.19
N LEU B 105 -33.42 -14.44 -19.97
CA LEU B 105 -32.06 -14.88 -19.71
C LEU B 105 -31.61 -14.48 -18.31
N VAL B 106 -31.91 -13.24 -17.89
CA VAL B 106 -31.57 -12.81 -16.54
C VAL B 106 -32.24 -13.72 -15.52
N SER B 107 -33.51 -14.08 -15.74
CA SER B 107 -34.18 -15.01 -14.83
C SER B 107 -33.51 -16.38 -14.84
N LEU B 108 -33.01 -16.83 -16.00
CA LEU B 108 -32.47 -18.18 -16.14
C LEU B 108 -31.07 -18.30 -15.54
N GLU B 109 -30.19 -17.34 -15.83
CA GLU B 109 -28.79 -17.50 -15.43
C GLU B 109 -28.52 -16.88 -14.06
N MET B 110 -29.15 -15.73 -13.76
CA MET B 110 -29.01 -15.11 -12.45
C MET B 110 -30.05 -15.64 -11.44
N GLY B 111 -31.31 -15.80 -11.84
CA GLY B 111 -32.28 -16.46 -10.99
C GLY B 111 -33.38 -15.59 -10.42
N LYS B 112 -33.43 -14.30 -10.73
CA LYS B 112 -34.51 -13.47 -10.22
C LYS B 112 -35.77 -13.65 -11.09
N ILE B 113 -36.93 -13.29 -10.52
CA ILE B 113 -38.19 -13.61 -11.16
C ILE B 113 -38.38 -12.72 -12.38
N LEU B 114 -39.34 -13.09 -13.24
CA LEU B 114 -39.38 -12.54 -14.59
C LEU B 114 -39.68 -11.05 -14.61
N VAL B 115 -40.58 -10.59 -13.73
CA VAL B 115 -40.89 -9.17 -13.71
C VAL B 115 -39.69 -8.36 -13.27
N GLU B 116 -38.82 -8.93 -12.44
CA GLU B 116 -37.60 -8.23 -12.06
C GLU B 116 -36.53 -8.38 -13.12
N GLY B 117 -36.60 -9.44 -13.94
CA GLY B 117 -35.68 -9.57 -15.05
C GLY B 117 -35.97 -8.56 -16.14
N VAL B 118 -37.25 -8.36 -16.46
CA VAL B 118 -37.62 -7.39 -17.48
C VAL B 118 -37.50 -5.97 -16.94
N GLY B 119 -37.83 -5.79 -15.66
CA GLY B 119 -37.70 -4.47 -15.04
C GLY B 119 -36.26 -4.01 -14.96
N GLU B 120 -35.33 -4.94 -14.74
CA GLU B 120 -33.92 -4.59 -14.79
C GLU B 120 -33.51 -4.14 -16.19
N VAL B 121 -33.97 -4.86 -17.22
CA VAL B 121 -33.71 -4.41 -18.58
C VAL B 121 -34.41 -3.09 -18.86
N GLN B 122 -35.57 -2.87 -18.23
CA GLN B 122 -36.26 -1.61 -18.43
C GLN B 122 -35.50 -0.44 -17.84
N GLU B 123 -34.72 -0.65 -16.76
CA GLU B 123 -33.87 0.41 -16.23
C GLU B 123 -32.82 0.83 -17.24
N TYR B 124 -32.23 -0.13 -17.96
CA TYR B 124 -31.26 0.25 -18.98
C TYR B 124 -31.95 1.01 -20.11
N VAL B 125 -33.14 0.55 -20.52
CA VAL B 125 -33.94 1.31 -21.49
C VAL B 125 -34.20 2.72 -20.97
N ASP B 126 -34.58 2.84 -19.70
CA ASP B 126 -34.91 4.15 -19.15
C ASP B 126 -33.69 5.07 -19.18
N ILE B 127 -32.55 4.58 -18.68
CA ILE B 127 -31.37 5.45 -18.60
C ILE B 127 -30.91 5.86 -20.00
N CYS B 128 -31.15 5.01 -21.01
CA CYS B 128 -30.83 5.39 -22.39
C CYS B 128 -31.65 6.60 -22.83
N ASP B 129 -32.97 6.54 -22.63
CA ASP B 129 -33.84 7.64 -23.01
C ASP B 129 -33.46 8.90 -22.26
N TYR B 130 -33.07 8.76 -20.99
CA TYR B 130 -32.57 9.90 -20.22
C TYR B 130 -31.30 10.47 -20.82
N ALA B 131 -30.34 9.60 -21.17
CA ALA B 131 -29.05 10.07 -21.63
C ALA B 131 -29.15 10.80 -22.97
N VAL B 132 -30.17 10.50 -23.77
CA VAL B 132 -30.31 11.15 -25.07
C VAL B 132 -30.54 12.64 -24.90
N GLY B 133 -31.46 13.01 -24.01
CA GLY B 133 -31.65 14.43 -23.73
C GLY B 133 -30.44 15.00 -23.01
N LEU B 134 -29.86 14.25 -22.08
CA LEU B 134 -28.69 14.73 -21.36
C LEU B 134 -27.55 15.01 -22.32
N SER B 135 -27.52 14.32 -23.46
CA SER B 135 -26.42 14.50 -24.43
C SER B 135 -26.46 15.87 -25.10
N ARG B 136 -27.57 16.59 -25.01
CA ARG B 136 -27.66 17.96 -25.49
C ARG B 136 -27.41 18.97 -24.37
N MET B 137 -27.05 18.50 -23.19
CA MET B 137 -27.12 19.28 -21.97
C MET B 137 -25.80 19.38 -21.24
N ILE B 138 -25.02 18.28 -21.21
CA ILE B 138 -23.86 18.22 -20.33
C ILE B 138 -22.93 19.37 -20.65
N GLY B 139 -22.35 19.92 -19.60
CA GLY B 139 -21.45 21.05 -19.73
C GLY B 139 -21.50 21.87 -18.47
N GLY B 140 -20.88 23.04 -18.56
CA GLY B 140 -20.70 23.90 -17.42
C GLY B 140 -21.09 25.33 -17.72
N PRO B 141 -21.11 26.17 -16.68
CA PRO B 141 -21.54 27.55 -16.86
C PRO B 141 -20.48 28.41 -17.53
N ILE B 142 -20.93 29.41 -18.25
CA ILE B 142 -20.07 30.54 -18.60
C ILE B 142 -20.20 31.52 -17.44
N LEU B 143 -19.09 31.85 -16.83
CA LEU B 143 -19.12 32.62 -15.61
C LEU B 143 -18.58 34.04 -15.84
N PRO B 144 -19.05 35.02 -15.07
CA PRO B 144 -18.56 36.39 -15.23
C PRO B 144 -17.19 36.54 -14.57
N SER B 145 -16.18 36.78 -15.39
CA SER B 145 -14.85 37.00 -14.86
C SER B 145 -14.77 38.36 -14.16
N GLU B 146 -13.94 38.43 -13.13
CA GLU B 146 -13.67 39.71 -12.49
C GLU B 146 -12.71 40.58 -13.29
N ARG B 147 -12.19 40.08 -14.42
CA ARG B 147 -11.23 40.80 -15.25
C ARG B 147 -11.91 41.31 -16.52
N SER B 148 -11.69 42.59 -16.84
CA SER B 148 -12.13 43.11 -18.13
C SER B 148 -11.52 42.32 -19.29
N GLY B 149 -12.28 42.19 -20.36
CA GLY B 149 -11.77 41.53 -21.56
C GLY B 149 -11.38 40.07 -21.37
N HIS B 150 -11.88 39.41 -20.32
CA HIS B 150 -11.63 38.00 -20.08
C HIS B 150 -12.94 37.24 -19.99
N ALA B 151 -12.97 36.07 -20.60
CA ALA B 151 -14.08 35.16 -20.44
C ALA B 151 -13.69 34.08 -19.46
N LEU B 152 -14.67 33.59 -18.69
CA LEU B 152 -14.46 32.49 -17.75
C LEU B 152 -15.48 31.40 -18.04
N ILE B 153 -14.99 30.22 -18.41
CA ILE B 153 -15.86 29.12 -18.82
C ILE B 153 -15.42 27.84 -18.12
N GLU B 154 -16.40 27.07 -17.65
CA GLU B 154 -16.15 25.74 -17.08
C GLU B 154 -16.47 24.71 -18.15
N GLN B 155 -15.45 24.00 -18.62
CA GLN B 155 -15.59 22.99 -19.65
C GLN B 155 -15.57 21.60 -19.03
N TRP B 156 -16.29 20.68 -19.67
CA TRP B 156 -16.26 19.27 -19.30
C TRP B 156 -15.88 18.44 -20.50
N ASN B 157 -14.99 17.48 -20.28
CA ASN B 157 -14.46 16.62 -21.33
C ASN B 157 -14.42 15.21 -20.77
N PRO B 158 -14.44 14.20 -21.65
CA PRO B 158 -14.42 12.80 -21.16
C PRO B 158 -13.10 12.45 -20.51
N VAL B 159 -13.17 11.52 -19.56
CA VAL B 159 -11.96 11.01 -18.91
C VAL B 159 -11.25 9.99 -19.80
N GLY B 160 -11.94 9.40 -20.76
CA GLY B 160 -11.27 8.45 -21.65
C GLY B 160 -11.86 7.05 -21.58
N LEU B 161 -11.14 6.13 -20.96
CA LEU B 161 -11.60 4.75 -20.79
C LEU B 161 -12.28 4.59 -19.44
N VAL B 162 -13.55 4.17 -19.46
CA VAL B 162 -14.32 3.86 -18.26
C VAL B 162 -14.39 2.34 -18.15
N GLY B 163 -13.69 1.79 -17.17
CA GLY B 163 -13.83 0.39 -16.85
C GLY B 163 -15.00 0.20 -15.90
N ILE B 164 -15.75 -0.88 -16.13
CA ILE B 164 -16.99 -1.16 -15.39
C ILE B 164 -16.91 -2.60 -14.92
N ILE B 165 -16.90 -2.79 -13.60
CA ILE B 165 -16.97 -4.11 -13.00
C ILE B 165 -18.30 -4.22 -12.29
N THR B 166 -19.06 -5.24 -12.60
CA THR B 166 -20.39 -5.37 -12.03
C THR B 166 -20.49 -6.70 -11.28
N ALA B 167 -21.56 -6.84 -10.50
CA ALA B 167 -21.80 -8.02 -9.69
C ALA B 167 -22.89 -8.90 -10.32
N PHE B 168 -23.21 -10.02 -9.67
CA PHE B 168 -24.17 -10.96 -10.24
C PHE B 168 -25.61 -10.47 -10.08
N ASN B 169 -25.91 -9.74 -9.01
CA ASN B 169 -27.30 -9.53 -8.63
C ASN B 169 -28.01 -8.53 -9.55
N PHE B 170 -27.28 -7.58 -10.13
CA PHE B 170 -27.83 -6.65 -11.13
C PHE B 170 -26.90 -6.66 -12.33
N SER B 171 -26.98 -7.75 -13.08
CA SER B 171 -26.06 -8.06 -14.16
C SER B 171 -26.30 -7.22 -15.40
N VAL B 172 -27.39 -6.46 -15.45
CA VAL B 172 -27.77 -5.67 -16.61
C VAL B 172 -27.94 -4.20 -16.26
N ALA B 173 -28.63 -3.91 -15.15
CA ALA B 173 -29.04 -2.54 -14.86
C ALA B 173 -27.84 -1.68 -14.49
N VAL B 174 -26.93 -2.21 -13.68
CA VAL B 174 -25.78 -1.41 -13.25
C VAL B 174 -24.93 -1.07 -14.45
N TYR B 175 -24.54 -2.09 -15.24
CA TYR B 175 -23.77 -1.79 -16.44
C TYR B 175 -24.52 -0.78 -17.31
N GLY B 176 -25.85 -0.91 -17.39
CA GLY B 176 -26.63 -0.01 -18.21
C GLY B 176 -26.48 1.45 -17.81
N TRP B 177 -26.61 1.75 -16.50
CA TRP B 177 -26.43 3.13 -16.03
C TRP B 177 -25.07 3.65 -16.42
N ASN B 178 -24.02 2.90 -16.08
CA ASN B 178 -22.64 3.33 -16.35
C ASN B 178 -22.42 3.49 -17.84
N ASN B 179 -22.93 2.56 -18.63
CA ASN B 179 -22.69 2.58 -20.06
C ASN B 179 -23.39 3.75 -20.72
N ALA B 180 -24.68 3.96 -20.43
CA ALA B 180 -25.41 5.02 -21.12
C ALA B 180 -24.83 6.39 -20.79
N ILE B 181 -24.45 6.61 -19.53
CA ILE B 181 -23.95 7.91 -19.10
C ILE B 181 -22.52 8.13 -19.59
N ALA B 182 -21.65 7.13 -19.39
CA ALA B 182 -20.30 7.24 -19.91
C ALA B 182 -20.30 7.47 -21.42
N MET B 183 -21.16 6.77 -22.16
CA MET B 183 -21.16 6.90 -23.61
C MET B 183 -21.45 8.33 -24.07
N ILE B 184 -22.56 8.91 -23.60
CA ILE B 184 -22.90 10.26 -24.07
C ILE B 184 -21.83 11.26 -23.63
N CYS B 185 -21.18 11.00 -22.50
CA CYS B 185 -20.10 11.85 -22.02
C CYS B 185 -18.81 11.73 -22.82
N GLY B 186 -18.79 10.92 -23.89
CA GLY B 186 -17.62 10.80 -24.75
C GLY B 186 -16.57 9.80 -24.33
N ASN B 187 -16.88 8.86 -23.44
CA ASN B 187 -15.94 7.84 -23.03
C ASN B 187 -16.17 6.52 -23.78
N VAL B 188 -15.11 5.72 -23.85
CA VAL B 188 -15.22 4.31 -24.22
C VAL B 188 -15.27 3.49 -22.93
N CYS B 189 -15.79 2.27 -23.03
CA CYS B 189 -16.13 1.44 -21.88
C CYS B 189 -15.49 0.07 -22.01
N LEU B 190 -15.12 -0.50 -20.87
CA LEU B 190 -14.60 -1.86 -20.81
C LEU B 190 -15.30 -2.56 -19.66
N TRP B 191 -16.00 -3.63 -19.97
CA TRP B 191 -16.90 -4.28 -19.02
C TRP B 191 -16.31 -5.61 -18.58
N LYS B 192 -16.23 -5.84 -17.27
CA LYS B 192 -16.01 -7.16 -16.70
C LYS B 192 -17.14 -7.46 -15.73
N GLY B 193 -17.96 -8.46 -16.05
CA GLY B 193 -19.06 -8.85 -15.21
C GLY B 193 -18.69 -9.99 -14.28
N ALA B 194 -19.64 -10.35 -13.44
CA ALA B 194 -19.46 -11.53 -12.61
C ALA B 194 -19.39 -12.76 -13.51
N PRO B 195 -18.45 -13.68 -13.28
CA PRO B 195 -18.39 -14.87 -14.15
C PRO B 195 -19.68 -15.67 -14.15
N THR B 196 -20.40 -15.73 -13.02
CA THR B 196 -21.64 -16.51 -13.00
C THR B 196 -22.79 -15.88 -13.79
N THR B 197 -22.64 -14.63 -14.27
CA THR B 197 -23.56 -14.05 -15.24
C THR B 197 -22.87 -13.71 -16.55
N SER B 198 -21.96 -14.59 -17.02
CA SER B 198 -21.22 -14.30 -18.26
C SER B 198 -22.11 -14.37 -19.51
N LEU B 199 -23.10 -15.25 -19.53
CA LEU B 199 -24.00 -15.28 -20.68
C LEU B 199 -24.77 -13.97 -20.80
N ILE B 200 -25.07 -13.35 -19.66
CA ILE B 200 -25.79 -12.08 -19.68
C ILE B 200 -24.91 -10.97 -20.23
N SER B 201 -23.66 -10.93 -19.79
CA SER B 201 -22.71 -9.97 -20.34
C SER B 201 -22.57 -10.12 -21.85
N VAL B 202 -22.41 -11.35 -22.31
CA VAL B 202 -22.23 -11.60 -23.75
C VAL B 202 -23.45 -11.14 -24.52
N ALA B 203 -24.64 -11.54 -24.06
CA ALA B 203 -25.87 -11.19 -24.76
C ALA B 203 -26.06 -9.66 -24.80
N VAL B 204 -25.84 -8.99 -23.66
CA VAL B 204 -25.95 -7.54 -23.67
C VAL B 204 -24.96 -6.96 -24.66
N THR B 205 -23.72 -7.45 -24.62
CA THR B 205 -22.69 -6.92 -25.50
C THR B 205 -23.03 -7.13 -26.96
N LYS B 206 -23.58 -8.31 -27.31
CA LYS B 206 -24.06 -8.57 -28.66
C LYS B 206 -25.05 -7.50 -29.12
N ILE B 207 -25.95 -7.08 -28.24
CA ILE B 207 -26.92 -6.05 -28.63
C ILE B 207 -26.22 -4.73 -28.90
N ILE B 208 -25.30 -4.35 -28.02
CA ILE B 208 -24.60 -3.09 -28.19
C ILE B 208 -23.69 -3.14 -29.41
N ALA B 209 -22.97 -4.26 -29.57
CA ALA B 209 -22.03 -4.40 -30.68
C ALA B 209 -22.73 -4.21 -32.02
N LYS B 210 -23.94 -4.74 -32.15
CA LYS B 210 -24.67 -4.60 -33.40
C LYS B 210 -25.01 -3.14 -33.67
N VAL B 211 -25.51 -2.43 -32.66
CA VAL B 211 -25.77 -1.00 -32.85
C VAL B 211 -24.49 -0.28 -33.26
N LEU B 212 -23.39 -0.56 -32.57
CA LEU B 212 -22.13 0.12 -32.92
C LEU B 212 -21.74 -0.18 -34.36
N GLU B 213 -21.76 -1.45 -34.75
CA GLU B 213 -21.31 -1.78 -36.09
C GLU B 213 -22.31 -1.34 -37.15
N ASP B 214 -23.61 -1.40 -36.84
CA ASP B 214 -24.60 -0.86 -37.77
C ASP B 214 -24.33 0.60 -38.09
N ASN B 215 -23.72 1.33 -37.15
CA ASN B 215 -23.39 2.73 -37.34
C ASN B 215 -21.95 2.95 -37.79
N LYS B 216 -21.26 1.89 -38.21
CA LYS B 216 -19.91 1.97 -38.75
C LYS B 216 -18.96 2.64 -37.76
N LEU B 217 -19.16 2.37 -36.47
CA LEU B 217 -18.38 2.82 -35.35
C LEU B 217 -17.54 1.68 -34.80
N PRO B 218 -16.32 1.96 -34.30
CA PRO B 218 -15.48 0.87 -33.77
C PRO B 218 -16.08 0.27 -32.50
N GLY B 219 -16.23 -1.06 -32.50
CA GLY B 219 -16.94 -1.73 -31.43
C GLY B 219 -16.26 -1.68 -30.08
N ALA B 220 -14.96 -1.39 -30.05
CA ALA B 220 -14.23 -1.21 -28.79
C ALA B 220 -14.76 -0.06 -27.96
N ILE B 221 -15.60 0.81 -28.53
CA ILE B 221 -16.31 1.82 -27.74
C ILE B 221 -17.02 1.17 -26.57
N CYS B 222 -17.53 -0.06 -26.75
CA CYS B 222 -18.15 -0.84 -25.67
C CYS B 222 -17.52 -2.23 -25.68
N SER B 223 -16.30 -2.31 -25.14
CA SER B 223 -15.57 -3.57 -25.06
C SER B 223 -16.01 -4.41 -23.86
N LEU B 224 -15.76 -5.71 -23.98
CA LEU B 224 -16.06 -6.70 -22.94
C LEU B 224 -14.87 -7.61 -22.77
N THR B 225 -14.42 -7.79 -21.54
CA THR B 225 -13.45 -8.84 -21.21
C THR B 225 -14.03 -9.62 -20.05
N CYS B 226 -14.64 -10.78 -20.34
CA CYS B 226 -15.13 -11.66 -19.28
C CYS B 226 -13.96 -12.24 -18.50
N GLY B 227 -14.07 -12.22 -17.18
CA GLY B 227 -13.04 -12.84 -16.37
C GLY B 227 -13.33 -12.65 -14.92
N GLY B 228 -12.48 -13.26 -14.10
CA GLY B 228 -12.59 -13.11 -12.65
C GLY B 228 -11.73 -12.01 -12.07
N ALA B 229 -11.22 -12.27 -10.86
CA ALA B 229 -10.52 -11.27 -10.08
C ALA B 229 -9.26 -10.77 -10.79
N ASP B 230 -8.56 -11.65 -11.51
CA ASP B 230 -7.37 -11.25 -12.23
C ASP B 230 -7.65 -10.13 -13.22
N ILE B 231 -8.77 -10.22 -13.94
CA ILE B 231 -9.13 -9.15 -14.86
C ILE B 231 -9.52 -7.89 -14.10
N GLY B 232 -10.36 -8.04 -13.07
CA GLY B 232 -10.75 -6.88 -12.27
C GLY B 232 -9.56 -6.21 -11.62
N THR B 233 -8.61 -7.00 -11.11
CA THR B 233 -7.41 -6.44 -10.50
C THR B 233 -6.57 -5.73 -11.54
N ALA B 234 -6.49 -6.31 -12.76
CA ALA B 234 -5.73 -5.68 -13.81
C ALA B 234 -6.30 -4.31 -14.13
N MET B 235 -7.63 -4.21 -14.23
CA MET B 235 -8.27 -2.93 -14.49
C MET B 235 -7.99 -1.93 -13.37
N ALA B 236 -8.00 -2.40 -12.12
CA ALA B 236 -7.79 -1.48 -11.00
C ALA B 236 -6.38 -0.92 -10.98
N LYS B 237 -5.42 -1.64 -11.55
CA LYS B 237 -4.02 -1.24 -11.58
C LYS B 237 -3.59 -0.64 -12.90
N ASP B 238 -4.49 -0.54 -13.88
CA ASP B 238 -4.12 -0.17 -15.24
C ASP B 238 -4.32 1.34 -15.41
N GLU B 239 -3.21 2.06 -15.62
CA GLU B 239 -3.30 3.51 -15.77
C GLU B 239 -4.09 3.90 -17.01
N ARG B 240 -4.23 3.01 -17.97
CA ARG B 240 -5.07 3.25 -19.14
C ARG B 240 -6.56 3.24 -18.82
N VAL B 241 -6.97 2.71 -17.67
CA VAL B 241 -8.36 2.82 -17.25
C VAL B 241 -8.50 4.08 -16.40
N ASN B 242 -9.10 5.13 -16.97
CA ASN B 242 -9.12 6.43 -16.31
C ASN B 242 -10.13 6.47 -15.17
N LEU B 243 -11.29 5.83 -15.36
CA LEU B 243 -12.30 5.74 -14.33
C LEU B 243 -12.65 4.27 -14.18
N LEU B 244 -12.66 3.77 -12.94
CA LEU B 244 -13.12 2.43 -12.66
C LEU B 244 -14.40 2.54 -11.83
N SER B 245 -15.52 2.19 -12.43
CA SER B 245 -16.76 2.04 -11.70
C SER B 245 -16.81 0.59 -11.25
N PHE B 246 -16.88 0.38 -9.95
CA PHE B 246 -16.85 -0.96 -9.38
C PHE B 246 -18.10 -1.11 -8.52
N THR B 247 -18.94 -2.06 -8.87
CA THR B 247 -20.02 -2.51 -8.02
C THR B 247 -19.65 -3.89 -7.50
N GLY B 248 -19.63 -4.07 -6.20
CA GLY B 248 -19.28 -5.35 -5.64
C GLY B 248 -19.28 -5.31 -4.13
N SER B 249 -18.65 -6.33 -3.54
CA SER B 249 -18.52 -6.42 -2.10
C SER B 249 -17.71 -5.24 -1.55
N THR B 250 -17.89 -4.99 -0.25
CA THR B 250 -17.14 -3.96 0.43
C THR B 250 -15.67 -4.33 0.54
N GLN B 251 -15.37 -5.60 0.87
CA GLN B 251 -13.99 -6.05 0.99
C GLN B 251 -13.21 -5.82 -0.31
N VAL B 252 -13.81 -6.19 -1.44
CA VAL B 252 -13.08 -6.02 -2.69
C VAL B 252 -13.12 -4.56 -3.16
N GLY B 253 -14.22 -3.86 -2.91
CA GLY B 253 -14.26 -2.44 -3.20
C GLY B 253 -13.14 -1.67 -2.52
N LYS B 254 -12.88 -1.99 -1.25
CA LYS B 254 -11.79 -1.31 -0.55
C LYS B 254 -10.46 -1.56 -1.24
N GLN B 255 -10.22 -2.78 -1.72
CA GLN B 255 -8.95 -3.03 -2.39
C GLN B 255 -8.90 -2.34 -3.75
N VAL B 256 -10.02 -2.29 -4.46
CA VAL B 256 -10.04 -1.59 -5.73
C VAL B 256 -9.85 -0.09 -5.51
N GLY B 257 -10.52 0.47 -4.51
CA GLY B 257 -10.32 1.88 -4.20
C GLY B 257 -8.86 2.22 -3.92
N LEU B 258 -8.18 1.36 -3.15
CA LEU B 258 -6.78 1.62 -2.82
C LEU B 258 -5.89 1.50 -4.05
N MET B 259 -6.16 0.53 -4.93
CA MET B 259 -5.32 0.34 -6.11
C MET B 259 -5.46 1.51 -7.07
N VAL B 260 -6.70 1.97 -7.27
CA VAL B 260 -6.91 3.11 -8.15
C VAL B 260 -6.28 4.37 -7.55
N GLN B 261 -6.43 4.59 -6.25
CA GLN B 261 -5.83 5.78 -5.65
C GLN B 261 -4.32 5.69 -5.66
N GLU B 262 -3.76 4.48 -5.54
CA GLU B 262 -2.31 4.34 -5.61
C GLU B 262 -1.75 4.91 -6.93
N ARG B 263 -2.49 4.78 -8.03
CA ARG B 263 -2.03 5.28 -9.33
C ARG B 263 -2.65 6.64 -9.70
N PHE B 264 -3.32 7.30 -8.77
CA PHE B 264 -4.02 8.57 -9.01
C PHE B 264 -5.05 8.43 -10.12
N GLY B 265 -5.67 7.27 -10.21
CA GLY B 265 -6.82 7.09 -11.09
C GLY B 265 -8.07 7.64 -10.45
N ARG B 266 -9.19 7.37 -11.09
CA ARG B 266 -10.51 7.70 -10.57
C ARG B 266 -11.27 6.42 -10.30
N SER B 267 -11.95 6.36 -9.15
CA SER B 267 -12.79 5.24 -8.81
C SER B 267 -14.21 5.74 -8.52
N LEU B 268 -15.17 4.87 -8.78
CA LEU B 268 -16.57 5.11 -8.50
C LEU B 268 -17.06 3.85 -7.82
N LEU B 269 -17.33 3.92 -6.52
CA LEU B 269 -17.50 2.73 -5.69
C LEU B 269 -18.95 2.59 -5.23
N GLU B 270 -19.53 1.42 -5.50
CA GLU B 270 -20.91 1.09 -5.13
C GLU B 270 -20.86 -0.26 -4.42
N LEU B 271 -20.78 -0.22 -3.10
CA LEU B 271 -20.47 -1.37 -2.27
C LEU B 271 -21.72 -1.82 -1.51
N GLY B 272 -21.50 -2.56 -0.43
CA GLY B 272 -22.60 -3.27 0.22
C GLY B 272 -23.59 -2.35 0.91
N GLY B 273 -24.74 -2.95 1.20
CA GLY B 273 -25.76 -2.28 1.98
C GLY B 273 -26.16 -3.16 3.15
N ASN B 274 -26.62 -2.48 4.22
CA ASN B 274 -27.21 -3.13 5.39
C ASN B 274 -28.41 -2.29 5.78
N ASN B 275 -29.38 -2.23 4.87
CA ASN B 275 -30.40 -1.19 4.88
C ASN B 275 -31.52 -1.50 5.86
N ALA B 276 -32.08 -0.44 6.41
CA ALA B 276 -33.06 -0.54 7.48
C ALA B 276 -34.37 0.08 7.04
N ILE B 277 -35.47 -0.53 7.48
CA ILE B 277 -36.79 0.07 7.45
C ILE B 277 -37.19 0.32 8.89
N ILE B 278 -37.66 1.54 9.16
CA ILE B 278 -38.13 1.94 10.48
C ILE B 278 -39.62 2.28 10.37
N ALA B 279 -40.40 1.74 11.28
CA ALA B 279 -41.85 1.93 11.28
C ALA B 279 -42.25 2.60 12.59
N PHE B 280 -42.77 3.82 12.50
CA PHE B 280 -43.20 4.50 13.71
C PHE B 280 -44.63 4.11 14.04
N GLU B 281 -45.00 4.34 15.30
CA GLU B 281 -46.31 3.93 15.80
C GLU B 281 -47.44 4.52 14.99
N ASP B 282 -47.20 5.65 14.33
CA ASP B 282 -48.21 6.30 13.51
C ASP B 282 -48.17 5.85 12.06
N ALA B 283 -47.41 4.83 11.73
CA ALA B 283 -47.30 4.43 10.33
C ALA B 283 -48.55 3.72 9.85
N ASP B 284 -48.86 3.92 8.57
CA ASP B 284 -49.92 3.18 7.88
C ASP B 284 -49.42 1.75 7.73
N LEU B 285 -49.89 0.85 8.60
CA LEU B 285 -49.38 -0.51 8.60
C LEU B 285 -49.70 -1.24 7.32
N SER B 286 -50.67 -0.77 6.54
CA SER B 286 -50.92 -1.42 5.26
C SER B 286 -49.94 -0.98 4.18
N LEU B 287 -49.21 0.12 4.39
CA LEU B 287 -48.04 0.38 3.58
C LEU B 287 -46.82 -0.35 4.10
N VAL B 288 -46.74 -0.50 5.43
CA VAL B 288 -45.54 -1.07 6.05
C VAL B 288 -45.35 -2.51 5.61
N VAL B 289 -46.39 -3.34 5.78
CA VAL B 289 -46.23 -4.78 5.60
C VAL B 289 -45.84 -5.16 4.16
N PRO B 290 -46.56 -4.73 3.12
CA PRO B 290 -46.10 -5.09 1.76
C PRO B 290 -44.81 -4.39 1.37
N SER B 291 -44.53 -3.18 1.86
CA SER B 291 -43.22 -2.59 1.60
C SER B 291 -42.11 -3.46 2.19
N ALA B 292 -42.28 -3.89 3.44
CA ALA B 292 -41.27 -4.72 4.08
C ALA B 292 -41.11 -6.04 3.34
N LEU B 293 -42.22 -6.70 3.02
CA LEU B 293 -42.17 -7.96 2.31
C LEU B 293 -41.39 -7.85 1.00
N PHE B 294 -41.80 -6.92 0.13
CA PHE B 294 -41.10 -6.73 -1.13
C PHE B 294 -39.64 -6.37 -0.93
N ALA B 295 -39.36 -5.41 -0.03
CA ALA B 295 -37.97 -4.99 0.16
C ALA B 295 -37.14 -6.13 0.72
N ALA B 296 -37.76 -7.00 1.53
CA ALA B 296 -37.02 -8.10 2.15
C ALA B 296 -36.82 -9.25 1.17
N VAL B 297 -37.90 -9.78 0.61
CA VAL B 297 -37.81 -11.05 -0.11
C VAL B 297 -37.60 -10.86 -1.61
N GLY B 298 -37.90 -9.69 -2.15
CA GLY B 298 -37.66 -9.41 -3.56
C GLY B 298 -36.25 -9.83 -3.96
N THR B 299 -36.12 -10.46 -5.12
CA THR B 299 -34.82 -10.93 -5.60
C THR B 299 -34.21 -11.93 -4.63
N ALA B 300 -35.07 -12.60 -3.84
CA ALA B 300 -34.64 -13.56 -2.83
C ALA B 300 -33.66 -12.94 -1.85
N GLY B 301 -33.79 -11.63 -1.66
CA GLY B 301 -32.98 -10.90 -0.70
C GLY B 301 -31.57 -10.63 -1.16
N GLN B 302 -31.35 -10.52 -2.48
CA GLN B 302 -30.01 -10.47 -3.04
C GLN B 302 -29.67 -9.10 -3.63
N ARG B 303 -30.46 -8.08 -3.36
CA ARG B 303 -30.10 -6.72 -3.75
C ARG B 303 -29.18 -6.08 -2.72
N CYS B 304 -28.30 -5.20 -3.19
CA CYS B 304 -27.60 -4.36 -2.22
C CYS B 304 -28.56 -3.41 -1.49
N THR B 305 -29.74 -3.15 -2.07
CA THR B 305 -30.75 -2.33 -1.43
C THR B 305 -31.83 -3.15 -0.72
N THR B 306 -31.62 -4.46 -0.59
CA THR B 306 -32.53 -5.29 0.19
C THR B 306 -32.64 -4.78 1.62
N ALA B 307 -33.86 -4.75 2.14
CA ALA B 307 -34.07 -4.45 3.55
C ALA B 307 -33.64 -5.64 4.39
N ARG B 308 -32.67 -5.42 5.29
CA ARG B 308 -32.21 -6.48 6.18
C ARG B 308 -32.47 -6.19 7.64
N ARG B 309 -32.79 -4.95 7.99
CA ARG B 309 -33.10 -4.56 9.36
C ARG B 309 -34.47 -3.89 9.37
N LEU B 310 -35.37 -4.38 10.21
CA LEU B 310 -36.70 -3.81 10.36
C LEU B 310 -36.87 -3.35 11.81
N PHE B 311 -36.95 -2.03 12.00
CA PHE B 311 -37.18 -1.44 13.32
C PHE B 311 -38.66 -1.11 13.43
N ILE B 312 -39.34 -1.67 14.44
CA ILE B 312 -40.75 -1.39 14.67
C ILE B 312 -40.89 -0.85 16.08
N HIS B 313 -41.64 0.25 16.23
CA HIS B 313 -41.91 0.78 17.55
C HIS B 313 -42.52 -0.30 18.44
N GLU B 314 -42.18 -0.23 19.73
CA GLU B 314 -42.62 -1.22 20.69
C GLU B 314 -44.12 -1.44 20.65
N SER B 315 -44.90 -0.40 20.35
CA SER B 315 -46.35 -0.51 20.44
C SER B 315 -46.94 -1.32 19.30
N ILE B 316 -46.28 -1.37 18.14
CA ILE B 316 -46.86 -2.06 17.00
C ILE B 316 -46.02 -3.25 16.57
N HIS B 317 -44.96 -3.57 17.32
CA HIS B 317 -44.00 -4.60 16.92
C HIS B 317 -44.67 -5.95 16.66
N ASP B 318 -45.33 -6.50 17.68
CA ASP B 318 -45.89 -7.85 17.54
C ASP B 318 -46.92 -7.91 16.41
N GLU B 319 -47.76 -6.89 16.30
CA GLU B 319 -48.74 -6.89 15.22
C GLU B 319 -48.07 -6.89 13.85
N VAL B 320 -46.98 -6.11 13.70
CA VAL B 320 -46.32 -6.05 12.41
C VAL B 320 -45.63 -7.36 12.10
N VAL B 321 -44.94 -7.95 13.09
CA VAL B 321 -44.30 -9.24 12.90
C VAL B 321 -45.35 -10.30 12.57
N ASN B 322 -46.46 -10.30 13.32
CA ASN B 322 -47.49 -11.29 13.06
C ASN B 322 -48.09 -11.08 11.67
N ARG B 323 -48.27 -9.83 11.27
CA ARG B 323 -48.81 -9.60 9.93
C ARG B 323 -47.79 -9.97 8.86
N LEU B 324 -46.51 -9.76 9.13
CA LEU B 324 -45.49 -10.11 8.14
C LEU B 324 -45.40 -11.63 7.95
N LYS B 325 -45.46 -12.39 9.06
CA LYS B 325 -45.51 -13.86 8.95
C LYS B 325 -46.62 -14.31 8.00
N LYS B 326 -47.86 -13.92 8.33
CA LYS B 326 -49.00 -14.28 7.49
C LYS B 326 -48.75 -13.94 6.04
N ALA B 327 -48.01 -12.87 5.76
CA ALA B 327 -47.72 -12.50 4.38
C ALA B 327 -46.59 -13.34 3.80
N TYR B 328 -45.58 -13.69 4.60
CA TYR B 328 -44.51 -14.55 4.10
C TYR B 328 -45.06 -15.90 3.68
N ALA B 329 -46.03 -16.42 4.44
CA ALA B 329 -46.52 -17.77 4.18
C ALA B 329 -47.33 -17.84 2.89
N GLN B 330 -47.76 -16.72 2.34
CA GLN B 330 -48.59 -16.73 1.15
C GLN B 330 -47.79 -16.46 -0.12
N ILE B 331 -46.45 -16.43 -0.02
CA ILE B 331 -45.61 -16.13 -1.19
C ILE B 331 -45.57 -17.35 -2.10
N ARG B 332 -45.66 -17.11 -3.41
CA ARG B 332 -45.64 -18.19 -4.39
C ARG B 332 -44.21 -18.44 -4.85
N VAL B 333 -43.72 -19.67 -4.65
CA VAL B 333 -42.35 -20.08 -4.91
C VAL B 333 -42.30 -20.98 -6.13
N GLY B 334 -41.25 -20.84 -6.93
CA GLY B 334 -41.13 -21.62 -8.14
C GLY B 334 -39.92 -21.22 -8.97
N ASN B 335 -39.94 -21.65 -10.24
CA ASN B 335 -38.91 -21.26 -11.20
C ASN B 335 -39.07 -19.79 -11.57
N PRO B 336 -37.97 -19.03 -11.61
CA PRO B 336 -38.09 -17.56 -11.72
C PRO B 336 -38.55 -17.07 -13.08
N TRP B 337 -38.46 -17.87 -14.13
CA TRP B 337 -38.89 -17.39 -15.43
C TRP B 337 -40.38 -17.61 -15.66
N ASP B 338 -41.02 -18.47 -14.88
CA ASP B 338 -42.46 -18.67 -14.91
C ASP B 338 -43.18 -17.40 -14.48
N PRO B 339 -44.06 -16.82 -15.31
CA PRO B 339 -44.85 -15.70 -14.82
C PRO B 339 -45.70 -16.09 -13.62
N ASN B 340 -46.00 -15.08 -12.79
CA ASN B 340 -46.77 -15.16 -11.55
C ASN B 340 -46.02 -15.91 -10.44
N VAL B 341 -44.77 -16.30 -10.67
CA VAL B 341 -43.89 -16.70 -9.58
C VAL B 341 -43.30 -15.45 -8.93
N LEU B 342 -43.33 -15.42 -7.60
CA LEU B 342 -42.86 -14.29 -6.82
C LEU B 342 -41.53 -14.53 -6.12
N TYR B 343 -41.09 -15.79 -5.99
CA TYR B 343 -39.93 -16.11 -5.17
C TYR B 343 -39.06 -17.15 -5.86
N GLY B 344 -37.83 -16.75 -6.23
CA GLY B 344 -36.91 -17.62 -6.92
C GLY B 344 -35.80 -18.13 -6.02
N PRO B 345 -34.77 -18.74 -6.61
CA PRO B 345 -33.67 -19.28 -5.81
C PRO B 345 -32.55 -18.29 -5.56
N LEU B 346 -31.70 -18.64 -4.58
CA LEU B 346 -30.45 -17.92 -4.39
C LEU B 346 -29.52 -18.20 -5.57
N HIS B 347 -28.48 -17.36 -5.71
CA HIS B 347 -27.70 -17.42 -6.95
C HIS B 347 -26.78 -18.63 -6.99
N THR B 348 -26.31 -19.12 -5.84
CA THR B 348 -25.36 -20.21 -5.81
C THR B 348 -25.71 -21.16 -4.69
N LYS B 349 -25.05 -22.32 -4.70
CA LYS B 349 -25.17 -23.26 -3.58
C LYS B 349 -24.42 -22.76 -2.37
N GLN B 350 -23.29 -22.09 -2.58
CA GLN B 350 -22.58 -21.49 -1.46
C GLN B 350 -23.51 -20.56 -0.68
N ALA B 351 -24.29 -19.74 -1.38
CA ALA B 351 -25.18 -18.80 -0.70
C ALA B 351 -26.25 -19.52 0.12
N VAL B 352 -26.70 -20.69 -0.34
CA VAL B 352 -27.59 -21.49 0.48
C VAL B 352 -26.90 -21.86 1.78
N SER B 353 -25.65 -22.32 1.68
CA SER B 353 -24.89 -22.65 2.88
C SER B 353 -24.67 -21.41 3.75
N MET B 354 -24.37 -20.26 3.13
CA MET B 354 -24.16 -19.07 3.94
C MET B 354 -25.47 -18.60 4.55
N PHE B 355 -26.60 -18.88 3.89
CA PHE B 355 -27.90 -18.62 4.51
C PHE B 355 -28.08 -19.42 5.79
N LEU B 356 -27.86 -20.73 5.73
CA LEU B 356 -28.00 -21.56 6.94
C LEU B 356 -27.03 -21.11 8.02
N GLY B 357 -25.80 -20.73 7.61
CA GLY B 357 -24.82 -20.29 8.58
C GLY B 357 -25.28 -19.06 9.36
N ALA B 358 -25.93 -18.13 8.67
CA ALA B 358 -26.38 -16.93 9.35
C ALA B 358 -27.61 -17.21 10.22
N VAL B 359 -28.52 -18.09 9.77
CA VAL B 359 -29.64 -18.48 10.64
C VAL B 359 -29.11 -19.11 11.94
N GLU B 360 -28.11 -19.98 11.81
CA GLU B 360 -27.55 -20.63 13.00
C GLU B 360 -26.86 -19.61 13.90
N GLU B 361 -26.02 -18.73 13.32
CA GLU B 361 -25.36 -17.71 14.11
C GLU B 361 -26.36 -16.77 14.76
N ALA B 362 -27.45 -16.44 14.05
CA ALA B 362 -28.54 -15.68 14.65
C ALA B 362 -29.08 -16.37 15.90
N LYS B 363 -29.43 -17.66 15.80
CA LYS B 363 -29.94 -18.38 16.96
C LYS B 363 -28.92 -18.35 18.08
N LYS B 364 -27.65 -18.62 17.76
CA LYS B 364 -26.60 -18.59 18.78
C LYS B 364 -26.58 -17.26 19.52
N GLU B 365 -26.72 -16.16 18.79
CA GLU B 365 -26.70 -14.85 19.43
C GLU B 365 -28.01 -14.52 20.15
N GLY B 366 -28.97 -15.44 20.16
CA GLY B 366 -30.18 -15.30 20.94
C GLY B 366 -31.45 -14.96 20.18
N GLY B 367 -31.42 -14.98 18.85
CA GLY B 367 -32.59 -14.64 18.08
C GLY B 367 -33.53 -15.81 17.88
N THR B 368 -34.78 -15.48 17.56
CA THR B 368 -35.84 -16.48 17.37
C THR B 368 -36.28 -16.45 15.92
N VAL B 369 -36.22 -17.60 15.26
CA VAL B 369 -36.78 -17.72 13.91
C VAL B 369 -38.29 -17.81 14.06
N VAL B 370 -38.98 -16.70 13.78
CA VAL B 370 -40.44 -16.70 13.82
C VAL B 370 -41.05 -17.14 12.50
N TYR B 371 -40.28 -17.13 11.42
CA TYR B 371 -40.75 -17.69 10.16
C TYR B 371 -39.55 -18.22 9.38
N GLY B 372 -39.74 -19.35 8.72
CA GLY B 372 -38.76 -19.88 7.79
C GLY B 372 -37.51 -20.48 8.41
N GLY B 373 -36.36 -20.13 7.84
CA GLY B 373 -35.07 -20.54 8.38
C GLY B 373 -34.46 -21.75 7.74
N LYS B 374 -35.18 -22.46 6.88
CA LYS B 374 -34.73 -23.74 6.36
C LYS B 374 -34.61 -23.71 4.85
N VAL B 375 -33.78 -24.63 4.33
CA VAL B 375 -33.75 -24.84 2.90
C VAL B 375 -35.09 -25.44 2.47
N MET B 376 -35.49 -25.13 1.24
CA MET B 376 -36.69 -25.73 0.68
C MET B 376 -36.35 -27.05 0.01
N ASP B 377 -37.30 -28.00 0.08
CA ASP B 377 -37.10 -29.35 -0.42
C ASP B 377 -37.56 -29.41 -1.87
N ARG B 378 -36.70 -28.90 -2.75
CA ARG B 378 -36.97 -28.87 -4.18
C ARG B 378 -35.65 -28.65 -4.90
N PRO B 379 -35.57 -29.00 -6.19
CA PRO B 379 -34.35 -28.72 -6.96
C PRO B 379 -34.01 -27.24 -6.95
N GLY B 380 -32.72 -26.96 -7.04
CA GLY B 380 -32.26 -25.59 -7.09
C GLY B 380 -31.81 -25.07 -5.74
N ASN B 381 -31.52 -23.77 -5.74
CA ASN B 381 -30.91 -23.11 -4.59
C ASN B 381 -31.96 -22.33 -3.79
N TYR B 382 -32.96 -23.03 -3.30
CA TYR B 382 -34.12 -22.38 -2.70
C TYR B 382 -34.04 -22.46 -1.18
N VAL B 383 -34.20 -21.31 -0.51
CA VAL B 383 -34.32 -21.25 0.94
C VAL B 383 -35.58 -20.47 1.30
N GLU B 384 -36.07 -20.72 2.52
CA GLU B 384 -37.27 -20.02 2.96
C GLU B 384 -36.93 -18.57 3.36
N PRO B 385 -37.76 -17.60 2.96
CA PRO B 385 -37.54 -16.23 3.42
C PRO B 385 -37.81 -16.16 4.92
N THR B 386 -36.87 -15.57 5.66
CA THR B 386 -36.74 -15.80 7.10
C THR B 386 -36.89 -14.48 7.85
N ILE B 387 -37.53 -14.56 9.03
CA ILE B 387 -37.73 -13.42 9.91
C ILE B 387 -37.18 -13.80 11.27
N VAL B 388 -36.24 -13.01 11.78
CA VAL B 388 -35.64 -13.24 13.10
C VAL B 388 -36.04 -12.09 14.02
N THR B 389 -36.54 -12.43 15.21
CA THR B 389 -36.86 -11.44 16.23
C THR B 389 -36.01 -11.67 17.47
N GLY B 390 -35.89 -10.62 18.28
CA GLY B 390 -35.32 -10.76 19.61
C GLY B 390 -33.84 -10.47 19.71
N LEU B 391 -33.17 -10.16 18.60
CA LEU B 391 -31.78 -9.75 18.67
C LEU B 391 -31.67 -8.30 19.12
N GLY B 392 -30.57 -7.99 19.80
CA GLY B 392 -30.20 -6.60 19.96
C GLY B 392 -29.80 -6.00 18.62
N HIS B 393 -30.12 -4.72 18.44
CA HIS B 393 -29.76 -4.04 17.20
C HIS B 393 -28.24 -4.06 16.95
N ASP B 394 -27.44 -4.37 17.97
CA ASP B 394 -25.98 -4.40 17.86
C ASP B 394 -25.43 -5.81 17.71
N ALA B 395 -26.29 -6.84 17.61
CA ALA B 395 -25.80 -8.19 17.41
C ALA B 395 -24.95 -8.27 16.15
N SER B 396 -23.92 -9.12 16.18
CA SER B 396 -22.91 -9.09 15.13
C SER B 396 -23.45 -9.66 13.82
N ILE B 397 -24.30 -10.70 13.89
CA ILE B 397 -24.81 -11.31 12.67
C ILE B 397 -25.68 -10.33 11.90
N ALA B 398 -26.28 -9.36 12.60
CA ALA B 398 -27.10 -8.35 11.96
C ALA B 398 -26.28 -7.17 11.44
N HIS B 399 -24.98 -7.13 11.71
CA HIS B 399 -24.11 -6.12 11.13
C HIS B 399 -23.24 -6.67 10.01
N THR B 400 -23.43 -7.92 9.60
CA THR B 400 -22.68 -8.53 8.51
C THR B 400 -23.63 -8.81 7.35
N GLU B 401 -23.48 -8.05 6.26
CA GLU B 401 -24.32 -8.21 5.08
C GLU B 401 -24.22 -9.63 4.53
N THR B 402 -25.35 -10.31 4.44
CA THR B 402 -25.40 -11.68 3.91
C THR B 402 -26.47 -11.72 2.83
N PHE B 403 -26.04 -11.89 1.57
CA PHE B 403 -26.99 -11.93 0.47
C PHE B 403 -27.93 -13.12 0.59
N ALA B 404 -28.80 -13.08 1.60
CA ALA B 404 -29.75 -14.13 1.86
C ALA B 404 -30.99 -13.49 2.46
N PRO B 405 -32.18 -14.06 2.23
CA PRO B 405 -33.40 -13.41 2.70
C PRO B 405 -33.62 -13.70 4.18
N ILE B 406 -32.91 -12.95 5.01
CA ILE B 406 -33.08 -12.96 6.44
C ILE B 406 -33.37 -11.53 6.86
N LEU B 407 -34.53 -11.29 7.47
CA LEU B 407 -34.93 -9.98 7.95
C LEU B 407 -34.83 -9.97 9.49
N TYR B 408 -33.93 -9.13 10.02
CA TYR B 408 -33.77 -8.96 11.47
C TYR B 408 -34.67 -7.84 11.98
N VAL B 409 -35.49 -8.16 12.98
CA VAL B 409 -36.53 -7.27 13.48
C VAL B 409 -36.15 -6.84 14.89
N PHE B 410 -36.12 -5.53 15.13
CA PHE B 410 -35.82 -4.97 16.44
C PHE B 410 -36.99 -4.09 16.87
N LYS B 411 -37.12 -3.91 18.18
CA LYS B 411 -38.00 -2.89 18.73
C LYS B 411 -37.22 -1.59 18.94
N PHE B 412 -37.97 -0.48 19.00
CA PHE B 412 -37.43 0.77 19.51
C PHE B 412 -38.51 1.53 20.25
N LYS B 413 -38.13 2.66 20.83
CA LYS B 413 -39.08 3.50 21.55
C LYS B 413 -39.17 4.89 20.96
N ASN B 414 -38.05 5.55 20.68
CA ASN B 414 -38.10 6.96 20.35
C ASN B 414 -37.32 7.25 19.10
N GLU B 415 -37.70 8.35 18.46
CA GLU B 415 -37.10 8.80 17.21
C GLU B 415 -35.58 8.80 17.27
N GLU B 416 -35.01 9.43 18.30
CA GLU B 416 -33.57 9.70 18.27
C GLU B 416 -32.76 8.41 18.29
N GLU B 417 -33.13 7.46 19.15
CA GLU B 417 -32.33 6.24 19.23
C GLU B 417 -32.40 5.44 17.94
N VAL B 418 -33.55 5.44 17.26
CA VAL B 418 -33.65 4.58 16.09
C VAL B 418 -33.00 5.23 14.87
N PHE B 419 -33.00 6.57 14.79
CA PHE B 419 -32.18 7.24 13.79
C PHE B 419 -30.73 6.84 13.96
N ALA B 420 -30.23 6.85 15.21
CA ALA B 420 -28.84 6.48 15.46
C ALA B 420 -28.58 5.03 15.12
N TRP B 421 -29.53 4.14 15.43
CA TRP B 421 -29.36 2.73 15.09
C TRP B 421 -29.34 2.53 13.57
N ASN B 422 -30.16 3.29 12.84
CA ASN B 422 -30.08 3.27 11.39
C ASN B 422 -28.67 3.59 10.93
N ASN B 423 -28.03 4.56 11.58
CA ASN B 423 -26.75 5.10 11.17
C ASN B 423 -25.55 4.36 11.74
N GLU B 424 -25.78 3.39 12.63
CA GLU B 424 -24.65 2.87 13.40
C GLU B 424 -23.81 1.89 12.60
N VAL B 425 -24.34 1.32 11.51
CA VAL B 425 -23.63 0.29 10.77
C VAL B 425 -22.59 0.91 9.84
N LYS B 426 -21.72 0.07 9.30
CA LYS B 426 -20.61 0.54 8.48
C LYS B 426 -21.09 1.02 7.12
N GLN B 427 -22.06 0.32 6.53
CA GLN B 427 -22.56 0.65 5.21
C GLN B 427 -23.44 1.90 5.27
N GLY B 428 -23.79 2.44 4.11
CA GLY B 428 -24.67 3.60 4.09
C GLY B 428 -25.45 3.77 2.81
N LEU B 429 -26.16 2.74 2.38
CA LEU B 429 -26.75 2.74 1.03
C LEU B 429 -28.16 3.31 1.06
N SER B 430 -29.13 2.52 1.54
CA SER B 430 -30.52 2.94 1.50
C SER B 430 -31.13 2.89 2.90
N SER B 431 -32.23 3.60 3.06
CA SER B 431 -32.89 3.68 4.36
C SER B 431 -34.32 4.15 4.12
N SER B 432 -35.20 3.81 5.05
CA SER B 432 -36.57 4.24 4.87
C SER B 432 -37.29 4.27 6.22
N ILE B 433 -38.12 5.30 6.43
CA ILE B 433 -39.01 5.33 7.59
C ILE B 433 -40.44 5.37 7.10
N PHE B 434 -41.33 4.90 7.96
CA PHE B 434 -42.76 4.82 7.69
C PHE B 434 -43.47 5.58 8.80
N THR B 435 -44.06 6.71 8.44
CA THR B 435 -44.59 7.66 9.42
C THR B 435 -45.46 8.66 8.68
N LYS B 436 -46.45 9.20 9.39
CA LYS B 436 -47.28 10.26 8.86
C LYS B 436 -46.86 11.64 9.37
N ASP B 437 -45.85 11.72 10.24
CA ASP B 437 -45.54 12.93 11.00
C ASP B 437 -44.64 13.86 10.19
N LEU B 438 -45.14 15.07 9.94
CA LEU B 438 -44.49 15.96 8.98
C LEU B 438 -43.09 16.36 9.44
N GLY B 439 -42.94 16.70 10.72
CA GLY B 439 -41.64 17.09 11.22
C GLY B 439 -40.64 15.95 11.26
N ARG B 440 -41.07 14.78 11.75
CA ARG B 440 -40.19 13.60 11.74
C ARG B 440 -39.65 13.31 10.34
N ILE B 441 -40.47 13.55 9.31
CA ILE B 441 -40.05 13.26 7.94
C ILE B 441 -38.91 14.19 7.54
N PHE B 442 -39.10 15.49 7.78
CA PHE B 442 -38.04 16.44 7.42
C PHE B 442 -36.80 16.24 8.30
N ARG B 443 -36.98 15.89 9.58
CA ARG B 443 -35.79 15.62 10.38
C ARG B 443 -35.01 14.42 9.85
N TRP B 444 -35.73 13.41 9.34
CA TRP B 444 -35.09 12.24 8.75
C TRP B 444 -34.27 12.62 7.52
N LEU B 445 -34.75 13.60 6.75
CA LEU B 445 -34.02 14.10 5.60
C LEU B 445 -32.96 15.14 5.96
N GLY B 446 -32.85 15.53 7.23
CA GLY B 446 -31.93 16.59 7.62
C GLY B 446 -30.59 16.09 8.10
N PRO B 447 -29.79 17.00 8.68
CA PRO B 447 -28.41 16.65 9.08
C PRO B 447 -28.33 15.76 10.31
N LYS B 448 -29.39 15.66 11.09
CA LYS B 448 -29.43 14.69 12.19
C LYS B 448 -30.30 13.49 11.85
N GLY B 449 -30.66 13.33 10.59
CA GLY B 449 -31.47 12.21 10.14
C GLY B 449 -30.64 11.08 9.57
N SER B 450 -31.08 10.55 8.43
CA SER B 450 -30.43 9.40 7.86
C SER B 450 -29.11 9.77 7.19
N ASP B 451 -28.13 8.89 7.32
CA ASP B 451 -26.81 9.14 6.76
C ASP B 451 -26.56 8.38 5.45
N CYS B 452 -27.60 7.79 4.87
CA CYS B 452 -27.47 6.96 3.68
C CYS B 452 -27.54 7.82 2.42
N GLY B 453 -27.13 7.23 1.29
CA GLY B 453 -27.28 7.91 0.03
C GLY B 453 -28.70 7.92 -0.51
N ILE B 454 -29.52 6.96 -0.08
CA ILE B 454 -30.92 6.87 -0.47
C ILE B 454 -31.73 6.98 0.81
N VAL B 455 -32.63 7.95 0.86
CA VAL B 455 -33.34 8.29 2.08
C VAL B 455 -34.81 8.37 1.71
N ASN B 456 -35.58 7.39 2.17
CA ASN B 456 -36.93 7.15 1.65
C ASN B 456 -37.96 7.29 2.75
N VAL B 457 -39.19 7.57 2.34
CA VAL B 457 -40.29 7.82 3.26
C VAL B 457 -41.53 7.10 2.73
N ASN B 458 -42.06 6.18 3.54
CA ASN B 458 -43.28 5.43 3.22
C ASN B 458 -43.16 4.59 1.96
N ILE B 459 -41.95 4.20 1.57
CA ILE B 459 -41.70 3.18 0.54
C ILE B 459 -40.55 2.28 1.01
N PRO B 460 -40.34 1.12 0.39
CA PRO B 460 -39.20 0.29 0.79
C PRO B 460 -37.85 0.90 0.42
N THR B 461 -36.82 0.27 0.96
CA THR B 461 -35.45 0.65 0.70
C THR B 461 -35.04 0.35 -0.74
N SER B 462 -35.78 -0.47 -1.45
CA SER B 462 -35.43 -0.87 -2.81
C SER B 462 -36.25 -0.08 -3.83
N GLY B 463 -35.93 -0.31 -5.10
CA GLY B 463 -36.75 0.14 -6.21
C GLY B 463 -36.63 1.62 -6.55
N ALA B 464 -35.41 2.14 -6.60
CA ALA B 464 -35.19 3.52 -6.99
C ALA B 464 -35.48 3.71 -8.47
N GLU B 465 -35.89 4.93 -8.84
CA GLU B 465 -35.97 5.29 -10.26
C GLU B 465 -34.66 5.95 -10.72
N ILE B 466 -34.52 6.09 -12.04
CA ILE B 466 -33.25 6.51 -12.63
C ILE B 466 -33.03 8.02 -12.62
N GLY B 467 -34.06 8.82 -12.37
CA GLY B 467 -33.90 10.27 -12.46
C GLY B 467 -33.00 10.86 -11.40
N GLY B 468 -32.90 10.23 -10.23
CA GLY B 468 -31.97 10.65 -9.21
C GLY B 468 -30.67 9.88 -9.28
N ALA B 469 -29.66 10.39 -8.57
CA ALA B 469 -28.38 9.71 -8.48
C ALA B 469 -28.46 8.57 -7.48
N PHE B 470 -27.77 7.47 -7.77
CA PHE B 470 -27.85 6.23 -7.00
C PHE B 470 -26.50 5.93 -6.38
N GLY B 471 -26.48 5.66 -5.09
CA GLY B 471 -25.26 5.29 -4.42
C GLY B 471 -25.38 5.56 -2.94
N GLY B 472 -24.32 5.21 -2.22
CA GLY B 472 -24.34 5.26 -0.77
C GLY B 472 -23.17 6.05 -0.21
N GLU B 473 -23.20 6.19 1.11
CA GLU B 473 -22.15 6.83 1.88
C GLU B 473 -21.40 5.78 2.69
N LYS B 474 -20.40 6.25 3.44
CA LYS B 474 -19.63 5.42 4.39
C LYS B 474 -19.06 4.21 3.64
N HIS B 475 -19.12 2.99 4.21
CA HIS B 475 -18.50 1.85 3.55
C HIS B 475 -19.19 1.45 2.24
N THR B 476 -20.28 2.10 1.82
CA THR B 476 -20.82 1.82 0.49
C THR B 476 -19.98 2.46 -0.62
N GLY B 477 -19.10 3.42 -0.28
CA GLY B 477 -18.05 3.85 -1.17
C GLY B 477 -18.24 5.21 -1.81
N GLY B 478 -19.40 5.83 -1.71
CA GLY B 478 -19.56 7.21 -2.08
C GLY B 478 -19.81 7.49 -3.55
N GLY B 479 -19.65 6.52 -4.43
CA GLY B 479 -19.95 6.76 -5.82
C GLY B 479 -21.43 7.00 -6.05
N ARG B 480 -21.74 7.61 -7.19
CA ARG B 480 -23.12 7.80 -7.64
C ARG B 480 -23.26 7.35 -9.10
N GLU B 481 -24.45 6.90 -9.44
CA GLU B 481 -24.73 6.51 -10.83
C GLU B 481 -26.09 7.05 -11.24
N SER B 482 -26.37 6.93 -12.54
CA SER B 482 -27.68 7.20 -13.13
C SER B 482 -27.97 8.69 -13.24
N GLY B 483 -28.74 9.26 -12.30
CA GLY B 483 -29.40 10.53 -12.49
C GLY B 483 -28.68 11.72 -11.86
N SER B 484 -29.43 12.83 -11.78
CA SER B 484 -28.89 14.13 -11.34
C SER B 484 -27.64 14.41 -12.17
N ASP B 485 -26.61 14.99 -11.55
CA ASP B 485 -25.36 15.30 -12.25
C ASP B 485 -24.29 14.23 -12.01
N ALA B 486 -24.72 12.99 -11.83
CA ALA B 486 -23.78 11.87 -11.73
C ALA B 486 -22.90 11.78 -12.96
N TRP B 487 -23.37 12.27 -14.11
CA TRP B 487 -22.52 12.30 -15.29
C TRP B 487 -21.17 12.99 -15.02
N LYS B 488 -21.13 13.99 -14.13
CA LYS B 488 -19.88 14.71 -13.88
C LYS B 488 -18.75 13.78 -13.46
N GLN B 489 -19.06 12.66 -12.80
CA GLN B 489 -18.04 11.68 -12.44
C GLN B 489 -17.39 11.02 -13.65
N TYR B 490 -18.04 11.05 -14.80
CA TYR B 490 -17.51 10.42 -15.99
C TYR B 490 -16.72 11.40 -16.86
N MET B 491 -16.49 12.61 -16.36
CA MET B 491 -15.86 13.67 -17.14
C MET B 491 -14.89 14.40 -16.24
N ARG B 492 -14.01 15.18 -16.86
CA ARG B 492 -13.07 15.99 -16.11
C ARG B 492 -13.44 17.46 -16.28
N ARG B 493 -13.50 18.16 -15.15
CA ARG B 493 -13.78 19.58 -15.14
C ARG B 493 -12.52 20.36 -15.46
N SER B 494 -12.68 21.42 -16.23
CA SER B 494 -11.63 22.39 -16.45
C SER B 494 -12.24 23.77 -16.30
N THR B 495 -11.51 24.65 -15.61
CA THR B 495 -11.90 26.05 -15.43
C THR B 495 -10.99 26.90 -16.30
N CYS B 496 -11.58 27.59 -17.28
CA CYS B 496 -10.83 28.13 -18.41
C CYS B 496 -11.02 29.63 -18.49
N THR B 497 -9.92 30.37 -18.42
CA THR B 497 -9.96 31.81 -18.57
C THR B 497 -9.34 32.17 -19.92
N ILE B 498 -10.06 32.99 -20.67
CA ILE B 498 -9.63 33.40 -21.99
C ILE B 498 -9.47 34.91 -21.96
N ASN B 499 -8.24 35.37 -22.16
CA ASN B 499 -7.95 36.79 -22.33
C ASN B 499 -8.12 37.11 -23.80
N TYR B 500 -9.21 37.77 -24.16
CA TYR B 500 -9.42 38.13 -25.55
C TYR B 500 -9.09 39.59 -25.81
N SER B 501 -8.50 40.29 -24.84
CA SER B 501 -8.19 41.70 -24.99
C SER B 501 -6.74 41.88 -25.38
N LYS B 502 -6.44 43.07 -25.91
CA LYS B 502 -5.08 43.44 -26.28
C LYS B 502 -4.29 44.02 -25.11
N ASP B 503 -4.77 43.83 -23.89
CA ASP B 503 -4.14 44.46 -22.74
C ASP B 503 -2.98 43.62 -22.25
N LEU B 504 -1.87 44.29 -21.96
CA LEU B 504 -0.63 43.82 -21.34
C LEU B 504 -0.69 44.07 -19.84
N PRO B 505 -0.16 43.16 -19.04
CA PRO B 505 -0.11 43.41 -17.59
C PRO B 505 0.86 44.55 -17.32
N LEU B 506 0.71 45.15 -16.14
CA LEU B 506 1.56 46.28 -15.77
C LEU B 506 3.03 45.90 -15.90
N ALA B 507 3.81 46.80 -16.49
CA ALA B 507 5.25 46.55 -16.63
C ALA B 507 5.91 46.31 -15.28
N GLN B 508 5.28 46.79 -14.19
CA GLN B 508 5.79 46.65 -12.82
C GLN B 508 7.27 47.02 -12.74
N GLY B 509 7.64 48.10 -13.45
CA GLY B 509 9.00 48.61 -13.41
C GLY B 509 9.96 48.03 -14.45
N ILE B 510 9.56 47.00 -15.18
CA ILE B 510 10.41 46.36 -16.19
C ILE B 510 10.12 46.99 -17.55
N LYS B 511 11.16 47.48 -18.20
CA LYS B 511 11.04 47.97 -19.57
C LYS B 511 10.96 46.76 -20.52
N PHE B 512 9.82 46.60 -21.18
CA PHE B 512 9.62 45.47 -22.11
C PHE B 512 9.75 45.94 -23.57
N THR C 5 -42.69 73.97 12.94
CA THR C 5 -43.96 73.36 12.58
C THR C 5 -43.75 72.15 11.64
N LEU C 6 -42.72 72.19 10.79
CA LEU C 6 -42.24 70.96 10.16
C LEU C 6 -41.54 70.11 11.21
N LEU C 7 -41.73 68.79 11.13
CA LEU C 7 -41.11 67.94 12.15
C LEU C 7 -39.58 67.99 12.06
N ILE C 8 -39.02 68.15 10.85
CA ILE C 8 -37.56 68.19 10.74
C ILE C 8 -36.98 69.48 11.34
N ASN C 9 -37.81 70.49 11.60
CA ASN C 9 -37.34 71.67 12.34
C ASN C 9 -37.48 71.51 13.84
N GLN C 10 -37.98 70.36 14.31
CA GLN C 10 -38.11 70.22 15.75
C GLN C 10 -36.98 69.38 16.32
N PRO C 11 -36.45 69.78 17.48
CA PRO C 11 -35.26 69.10 18.01
C PRO C 11 -35.42 67.60 18.20
N GLN C 12 -36.62 67.13 18.54
CA GLN C 12 -36.81 65.71 18.82
C GLN C 12 -36.65 64.84 17.59
N TYR C 13 -36.74 65.43 16.39
CA TYR C 13 -36.59 64.71 15.14
C TYR C 13 -35.25 64.97 14.48
N ALA C 14 -34.32 65.63 15.19
CA ALA C 14 -33.03 65.96 14.60
C ALA C 14 -32.30 64.74 14.04
N TRP C 15 -32.64 63.53 14.49
CA TRP C 15 -32.06 62.34 13.88
C TRP C 15 -32.32 62.29 12.38
N LEU C 16 -33.37 62.94 11.88
CA LEU C 16 -33.60 62.93 10.44
C LEU C 16 -32.41 63.50 9.68
N LYS C 17 -31.68 64.44 10.27
CA LYS C 17 -30.56 65.05 9.56
C LYS C 17 -29.42 64.06 9.35
N GLU C 18 -29.36 62.97 10.12
CA GLU C 18 -28.37 61.94 9.88
C GLU C 18 -28.57 61.22 8.55
N LEU C 19 -29.68 61.46 7.87
CA LEU C 19 -29.92 60.87 6.56
C LEU C 19 -29.68 61.86 5.45
N GLY C 20 -29.17 63.04 5.77
CA GLY C 20 -28.97 64.10 4.79
C GLY C 20 -30.21 64.87 4.43
N LEU C 21 -31.27 64.78 5.24
CA LEU C 21 -32.54 65.41 4.92
C LEU C 21 -32.62 66.81 5.53
N ARG C 22 -33.22 67.73 4.79
CA ARG C 22 -33.38 69.13 5.22
C ARG C 22 -34.84 69.53 5.11
N GLU C 23 -35.11 70.79 5.44
CA GLU C 23 -36.48 71.31 5.37
C GLU C 23 -37.07 71.14 3.96
N GLU C 24 -36.30 71.49 2.93
CA GLU C 24 -36.71 71.30 1.55
C GLU C 24 -35.62 70.49 0.85
N ASN C 25 -36.02 69.35 0.27
CA ASN C 25 -35.08 68.40 -0.30
C ASN C 25 -35.24 68.33 -1.80
N GLU C 26 -34.16 68.00 -2.49
CA GLU C 26 -34.25 67.80 -3.92
C GLU C 26 -34.71 66.37 -4.20
N GLY C 27 -35.72 66.24 -5.06
CA GLY C 27 -36.29 64.95 -5.38
C GLY C 27 -35.77 64.30 -6.64
N VAL C 28 -34.80 64.92 -7.31
CA VAL C 28 -34.19 64.36 -8.51
C VAL C 28 -32.72 64.11 -8.22
N TYR C 29 -32.24 62.94 -8.60
CA TYR C 29 -30.83 62.63 -8.54
C TYR C 29 -30.43 61.89 -9.81
N ASN C 30 -29.40 62.40 -10.48
CA ASN C 30 -28.88 61.78 -11.69
C ASN C 30 -27.36 61.91 -11.75
N GLY C 31 -26.73 62.03 -10.59
CA GLY C 31 -25.34 62.43 -10.50
C GLY C 31 -25.26 63.79 -9.83
N SER C 32 -26.20 64.66 -10.16
CA SER C 32 -26.43 65.91 -9.42
C SER C 32 -27.84 65.88 -8.86
N TRP C 33 -28.07 66.73 -7.86
CA TRP C 33 -29.36 66.83 -7.20
C TRP C 33 -30.12 68.03 -7.76
N GLY C 34 -31.44 67.87 -7.90
CA GLY C 34 -32.25 68.94 -8.41
C GLY C 34 -33.74 68.67 -8.23
N GLY C 35 -34.55 69.20 -9.15
CA GLY C 35 -35.98 69.14 -8.97
C GLY C 35 -36.61 70.47 -9.31
N ARG C 36 -37.00 70.63 -10.56
CA ARG C 36 -37.69 71.83 -11.02
C ARG C 36 -39.19 71.70 -10.95
N GLY C 37 -39.72 70.55 -10.51
CA GLY C 37 -41.14 70.31 -10.47
C GLY C 37 -41.80 70.86 -9.21
N GLU C 38 -43.05 70.44 -9.02
CA GLU C 38 -43.82 70.86 -7.84
C GLU C 38 -43.15 70.39 -6.56
N VAL C 39 -43.37 71.15 -5.49
CA VAL C 39 -42.85 70.86 -4.16
C VAL C 39 -43.95 70.18 -3.36
N ILE C 40 -43.69 68.99 -2.86
CA ILE C 40 -44.70 68.30 -2.06
C ILE C 40 -44.20 68.21 -0.62
N THR C 41 -45.15 68.33 0.29
CA THR C 41 -44.93 68.09 1.70
C THR C 41 -45.43 66.69 2.03
N THR C 42 -44.59 65.86 2.64
CA THR C 42 -45.12 64.59 3.14
C THR C 42 -45.40 64.74 4.63
N TYR C 43 -46.35 63.94 5.11
CA TYR C 43 -46.91 64.08 6.43
C TYR C 43 -46.81 62.76 7.19
N CYS C 44 -46.79 62.85 8.50
CA CYS C 44 -46.69 61.67 9.34
C CYS C 44 -48.10 61.09 9.55
N PRO C 45 -48.35 59.84 9.15
CA PRO C 45 -49.70 59.27 9.34
C PRO C 45 -50.10 59.04 10.78
N ALA C 46 -49.16 59.08 11.73
CA ALA C 46 -49.52 58.96 13.14
C ALA C 46 -50.20 60.23 13.66
N ASN C 47 -49.89 61.39 13.07
CA ASN C 47 -50.39 62.65 13.61
C ASN C 47 -50.70 63.71 12.57
N ASN C 48 -50.59 63.41 11.27
CA ASN C 48 -50.82 64.37 10.19
C ASN C 48 -50.03 65.66 10.38
N GLU C 49 -48.82 65.55 10.93
CA GLU C 49 -47.93 66.71 10.95
C GLU C 49 -46.98 66.68 9.76
N PRO C 50 -46.67 67.82 9.16
CA PRO C 50 -45.71 67.83 8.05
C PRO C 50 -44.31 67.46 8.51
N ILE C 51 -43.62 66.65 7.72
CA ILE C 51 -42.26 66.22 8.03
C ILE C 51 -41.26 67.16 7.38
N ALA C 52 -41.17 67.11 6.06
CA ALA C 52 -40.26 67.92 5.26
C ALA C 52 -40.85 68.09 3.88
N ARG C 53 -40.10 68.75 3.00
CA ARG C 53 -40.54 69.01 1.64
C ARG C 53 -39.56 68.43 0.64
N VAL C 54 -40.09 68.09 -0.55
CA VAL C 54 -39.29 67.52 -1.63
C VAL C 54 -39.68 68.22 -2.94
N ARG C 55 -38.68 68.62 -3.72
CA ARG C 55 -38.91 69.18 -5.06
C ARG C 55 -38.98 68.03 -6.05
N GLN C 56 -40.16 67.82 -6.60
CA GLN C 56 -40.33 66.70 -7.50
C GLN C 56 -39.69 67.00 -8.87
N ALA C 57 -39.70 65.99 -9.72
CA ALA C 57 -39.09 66.09 -11.04
C ALA C 57 -40.05 66.78 -11.99
N SER C 58 -39.54 67.74 -12.76
CA SER C 58 -40.31 68.12 -13.93
C SER C 58 -40.09 67.11 -15.04
N VAL C 59 -40.89 67.23 -16.10
CA VAL C 59 -40.68 66.36 -17.26
C VAL C 59 -39.29 66.62 -17.85
N ALA C 60 -38.86 67.88 -17.87
CA ALA C 60 -37.48 68.16 -18.27
C ALA C 60 -36.49 67.42 -17.38
N ASP C 61 -36.71 67.42 -16.06
CA ASP C 61 -35.82 66.66 -15.18
C ASP C 61 -35.83 65.18 -15.55
N TYR C 62 -37.02 64.61 -15.80
CA TYR C 62 -37.08 63.21 -16.23
C TYR C 62 -36.28 63.01 -17.52
N GLU C 63 -36.52 63.88 -18.49
CA GLU C 63 -35.81 63.81 -19.76
C GLU C 63 -34.30 63.85 -19.56
N GLU C 64 -33.81 64.85 -18.82
CA GLU C 64 -32.37 64.93 -18.57
C GLU C 64 -31.85 63.71 -17.81
N THR C 65 -32.65 63.20 -16.88
CA THR C 65 -32.18 62.07 -16.07
C THR C 65 -32.08 60.79 -16.90
N VAL C 66 -33.04 60.53 -17.79
CA VAL C 66 -32.94 59.32 -18.60
C VAL C 66 -31.66 59.36 -19.44
N LYS C 67 -31.40 60.49 -20.09
CA LYS C 67 -30.20 60.61 -20.92
C LYS C 67 -28.94 60.32 -20.10
N LYS C 68 -28.87 60.84 -18.87
CA LYS C 68 -27.70 60.61 -18.03
C LYS C 68 -27.57 59.15 -17.63
N ALA C 69 -28.69 58.51 -17.23
CA ALA C 69 -28.59 57.09 -16.90
C ALA C 69 -28.15 56.26 -18.10
N ARG C 70 -28.64 56.61 -19.29
CA ARG C 70 -28.24 55.86 -20.49
C ARG C 70 -26.76 56.04 -20.77
N GLU C 71 -26.24 57.26 -20.58
CA GLU C 71 -24.79 57.45 -20.74
C GLU C 71 -24.03 56.71 -19.65
N ALA C 72 -24.46 56.87 -18.40
CA ALA C 72 -23.86 56.10 -17.33
C ALA C 72 -23.88 54.59 -17.61
N TRP C 73 -24.87 54.11 -18.37
CA TRP C 73 -24.93 52.67 -18.65
C TRP C 73 -23.73 52.24 -19.46
N LYS C 74 -23.29 53.06 -20.40
CA LYS C 74 -22.13 52.69 -21.23
C LYS C 74 -20.91 52.38 -20.39
N ILE C 75 -20.74 53.08 -19.26
CA ILE C 75 -19.65 52.82 -18.33
C ILE C 75 -19.97 51.63 -17.42
N TRP C 76 -21.19 51.61 -16.86
CA TRP C 76 -21.54 50.58 -15.89
C TRP C 76 -21.49 49.18 -16.50
N ALA C 77 -21.98 49.02 -17.74
CA ALA C 77 -22.05 47.71 -18.36
C ALA C 77 -20.69 47.18 -18.76
N ASP C 78 -19.68 48.04 -18.89
CA ASP C 78 -18.30 47.60 -19.13
C ASP C 78 -17.60 47.11 -17.86
N ILE C 79 -18.15 47.40 -16.71
CA ILE C 79 -17.51 46.98 -15.46
C ILE C 79 -17.86 45.52 -15.20
N PRO C 80 -16.86 44.66 -14.94
CA PRO C 80 -17.15 43.24 -14.72
C PRO C 80 -18.19 43.07 -13.61
N ALA C 81 -19.01 42.01 -13.77
CA ALA C 81 -20.06 41.71 -12.81
C ALA C 81 -19.56 41.61 -11.38
N PRO C 82 -18.49 40.87 -11.08
CA PRO C 82 -18.06 40.80 -9.67
C PRO C 82 -17.67 42.16 -9.11
N LYS C 83 -17.11 43.05 -9.94
CA LYS C 83 -16.87 44.41 -9.49
C LYS C 83 -18.18 45.14 -9.27
N ARG C 84 -19.19 44.89 -10.11
CA ARG C 84 -20.49 45.48 -9.80
C ARG C 84 -21.01 44.96 -8.47
N GLY C 85 -20.83 43.66 -8.21
CA GLY C 85 -21.19 43.13 -6.90
C GLY C 85 -20.47 43.82 -5.76
N GLU C 86 -19.21 44.21 -5.97
CA GLU C 86 -18.48 44.90 -4.91
C GLU C 86 -19.11 46.24 -4.56
N ILE C 87 -19.69 46.94 -5.56
CA ILE C 87 -20.46 48.16 -5.30
C ILE C 87 -21.66 47.84 -4.42
N VAL C 88 -22.45 46.82 -4.81
CA VAL C 88 -23.66 46.45 -4.08
C VAL C 88 -23.33 46.08 -2.64
N ARG C 89 -22.24 45.37 -2.44
CA ARG C 89 -21.81 45.02 -1.09
C ARG C 89 -21.61 46.28 -0.23
N GLN C 90 -20.89 47.27 -0.77
CA GLN C 90 -20.73 48.53 -0.07
C GLN C 90 -22.08 49.21 0.14
N ILE C 91 -23.02 49.05 -0.80
CA ILE C 91 -24.35 49.62 -0.57
C ILE C 91 -25.02 48.92 0.62
N GLY C 92 -24.93 47.58 0.68
CA GLY C 92 -25.42 46.89 1.87
C GLY C 92 -24.78 47.38 3.16
N ASP C 93 -23.47 47.65 3.10
CA ASP C 93 -22.78 48.18 4.28
C ASP C 93 -23.29 49.57 4.64
N ALA C 94 -23.46 50.43 3.64
CA ALA C 94 -23.93 51.78 3.91
C ALA C 94 -25.38 51.77 4.43
N LEU C 95 -26.20 50.80 4.00
CA LEU C 95 -27.52 50.60 4.60
C LEU C 95 -27.40 50.01 6.00
N ARG C 96 -26.61 48.95 6.13
CA ARG C 96 -26.37 48.32 7.43
C ARG C 96 -26.02 49.36 8.48
N GLU C 97 -25.19 50.34 8.12
CA GLU C 97 -24.71 51.33 9.07
C GLU C 97 -25.81 52.31 9.47
N LYS C 98 -26.80 52.53 8.61
CA LYS C 98 -27.83 53.52 8.86
C LYS C 98 -29.19 52.90 9.13
N ILE C 99 -29.22 51.64 9.57
CA ILE C 99 -30.48 50.91 9.59
C ILE C 99 -31.46 51.55 10.57
N GLN C 100 -30.99 51.96 11.76
CA GLN C 100 -31.89 52.51 12.76
C GLN C 100 -32.55 53.80 12.28
N VAL C 101 -31.76 54.75 11.78
CA VAL C 101 -32.35 56.01 11.36
C VAL C 101 -33.23 55.79 10.13
N LEU C 102 -32.78 54.97 9.19
CA LEU C 102 -33.60 54.74 8.01
C LEU C 102 -34.88 54.00 8.37
N GLY C 103 -34.77 53.02 9.27
CA GLY C 103 -35.96 52.36 9.78
C GLY C 103 -36.91 53.35 10.43
N SER C 104 -36.37 54.27 11.23
CA SER C 104 -37.21 55.26 11.92
C SER C 104 -37.90 56.19 10.93
N LEU C 105 -37.21 56.57 9.86
CA LEU C 105 -37.88 57.39 8.85
C LEU C 105 -38.97 56.62 8.12
N VAL C 106 -38.76 55.31 7.89
CA VAL C 106 -39.83 54.52 7.29
C VAL C 106 -41.06 54.52 8.18
N SER C 107 -40.88 54.27 9.48
CA SER C 107 -41.99 54.35 10.41
C SER C 107 -42.63 55.74 10.42
N LEU C 108 -41.82 56.80 10.32
CA LEU C 108 -42.38 58.15 10.44
C LEU C 108 -43.17 58.55 9.20
N GLU C 109 -42.61 58.31 8.01
CA GLU C 109 -43.26 58.78 6.79
C GLU C 109 -44.30 57.81 6.25
N MET C 110 -44.01 56.52 6.31
CA MET C 110 -44.94 55.51 5.83
C MET C 110 -45.92 55.09 6.93
N GLY C 111 -45.46 54.96 8.17
CA GLY C 111 -46.35 54.69 9.28
C GLY C 111 -46.37 53.27 9.83
N LYS C 112 -45.45 52.39 9.44
CA LYS C 112 -45.38 51.07 10.05
C LYS C 112 -44.55 51.14 11.35
N ILE C 113 -44.58 50.06 12.15
CA ILE C 113 -43.92 50.04 13.46
C ILE C 113 -42.41 49.91 13.29
N LEU C 114 -41.67 50.43 14.27
CA LEU C 114 -40.22 50.58 14.11
C LEU C 114 -39.55 49.24 13.78
N VAL C 115 -39.94 48.16 14.45
CA VAL C 115 -39.32 46.87 14.15
C VAL C 115 -39.58 46.46 12.70
N GLU C 116 -40.73 46.85 12.13
CA GLU C 116 -40.97 46.50 10.73
C GLU C 116 -40.29 47.46 9.78
N GLY C 117 -40.18 48.74 10.16
CA GLY C 117 -39.36 49.65 9.39
C GLY C 117 -37.92 49.20 9.32
N VAL C 118 -37.34 48.86 10.48
CA VAL C 118 -35.98 48.32 10.53
C VAL C 118 -35.89 47.01 9.75
N GLY C 119 -36.89 46.14 9.90
CA GLY C 119 -36.86 44.87 9.17
C GLY C 119 -36.97 45.04 7.68
N GLU C 120 -37.66 46.09 7.23
CA GLU C 120 -37.75 46.34 5.80
C GLU C 120 -36.39 46.73 5.23
N VAL C 121 -35.61 47.49 6.00
CA VAL C 121 -34.27 47.84 5.55
C VAL C 121 -33.35 46.62 5.58
N GLN C 122 -33.56 45.72 6.54
CA GLN C 122 -32.77 44.50 6.58
C GLN C 122 -32.93 43.68 5.31
N GLU C 123 -34.14 43.68 4.73
CA GLU C 123 -34.35 42.97 3.48
C GLU C 123 -33.43 43.51 2.39
N TYR C 124 -33.27 44.83 2.33
CA TYR C 124 -32.38 45.43 1.34
C TYR C 124 -30.93 45.06 1.65
N VAL C 125 -30.52 45.16 2.92
CA VAL C 125 -29.20 44.68 3.31
C VAL C 125 -29.02 43.22 2.89
N ASP C 126 -30.03 42.39 3.13
CA ASP C 126 -29.89 40.97 2.82
C ASP C 126 -29.77 40.73 1.32
N ILE C 127 -30.56 41.41 0.49
CA ILE C 127 -30.49 41.13 -0.94
C ILE C 127 -29.17 41.65 -1.50
N CYS C 128 -28.59 42.66 -0.86
CA CYS C 128 -27.25 43.10 -1.25
C CYS C 128 -26.23 42.01 -1.03
N ASP C 129 -26.22 41.42 0.17
CA ASP C 129 -25.25 40.35 0.47
C ASP C 129 -25.44 39.17 -0.47
N TYR C 130 -26.70 38.87 -0.80
CA TYR C 130 -27.01 37.79 -1.73
C TYR C 130 -26.52 38.11 -3.14
N ALA C 131 -26.78 39.32 -3.62
CA ALA C 131 -26.39 39.68 -4.99
C ALA C 131 -24.88 39.68 -5.17
N VAL C 132 -24.13 39.87 -4.09
CA VAL C 132 -22.68 39.93 -4.23
C VAL C 132 -22.15 38.60 -4.74
N GLY C 133 -22.55 37.50 -4.10
CA GLY C 133 -22.21 36.18 -4.61
C GLY C 133 -22.84 35.88 -5.95
N LEU C 134 -24.08 36.33 -6.14
CA LEU C 134 -24.71 36.18 -7.44
C LEU C 134 -23.90 36.87 -8.55
N SER C 135 -23.16 37.94 -8.22
CA SER C 135 -22.39 38.67 -9.23
C SER C 135 -21.27 37.83 -9.81
N ARG C 136 -20.89 36.75 -9.14
CA ARG C 136 -19.88 35.85 -9.67
C ARG C 136 -20.51 34.60 -10.30
N MET C 137 -21.83 34.56 -10.39
CA MET C 137 -22.51 33.35 -10.83
C MET C 137 -23.39 33.54 -12.05
N ILE C 138 -23.92 34.74 -12.29
CA ILE C 138 -24.89 34.90 -13.37
C ILE C 138 -24.26 34.50 -14.70
N GLY C 139 -25.09 34.00 -15.60
CA GLY C 139 -24.60 33.42 -16.84
C GLY C 139 -25.46 32.23 -17.25
N GLY C 140 -25.09 31.65 -18.39
CA GLY C 140 -25.79 30.51 -18.93
C GLY C 140 -24.85 29.36 -19.21
N PRO C 141 -25.40 28.24 -19.66
CA PRO C 141 -24.59 27.04 -19.87
C PRO C 141 -23.82 27.11 -21.17
N ILE C 142 -22.69 26.42 -21.19
CA ILE C 142 -22.01 26.07 -22.43
C ILE C 142 -22.51 24.69 -22.84
N LEU C 143 -23.14 24.60 -24.00
CA LEU C 143 -23.84 23.40 -24.43
C LEU C 143 -23.07 22.67 -25.50
N PRO C 144 -23.16 21.35 -25.57
CA PRO C 144 -22.49 20.58 -26.63
C PRO C 144 -23.26 20.70 -27.94
N SER C 145 -22.64 21.33 -28.94
CA SER C 145 -23.26 21.47 -30.24
C SER C 145 -23.33 20.13 -30.95
N GLU C 146 -24.39 19.96 -31.75
CA GLU C 146 -24.48 18.77 -32.59
C GLU C 146 -23.52 18.84 -33.76
N ARG C 147 -22.80 19.95 -33.94
CA ARG C 147 -21.95 20.18 -35.10
C ARG C 147 -20.47 20.19 -34.68
N SER C 148 -19.66 19.42 -35.40
CA SER C 148 -18.22 19.38 -35.16
C SER C 148 -17.60 20.76 -35.34
N GLY C 149 -16.58 21.03 -34.54
CA GLY C 149 -15.87 22.29 -34.66
C GLY C 149 -16.70 23.49 -34.33
N HIS C 150 -17.76 23.30 -33.56
CA HIS C 150 -18.72 24.36 -33.25
C HIS C 150 -18.89 24.43 -31.74
N ALA C 151 -19.02 25.65 -31.24
CA ALA C 151 -19.33 25.86 -29.83
C ALA C 151 -20.72 26.44 -29.70
N LEU C 152 -21.41 26.06 -28.63
CA LEU C 152 -22.75 26.53 -28.31
C LEU C 152 -22.71 27.12 -26.91
N ILE C 153 -23.05 28.41 -26.82
CA ILE C 153 -22.92 29.18 -25.58
C ILE C 153 -24.20 29.98 -25.38
N GLU C 154 -24.74 29.93 -24.17
CA GLU C 154 -25.82 30.83 -23.78
C GLU C 154 -25.27 32.01 -22.99
N GLN C 155 -25.49 33.21 -23.50
CA GLN C 155 -25.00 34.45 -22.91
C GLN C 155 -26.13 35.27 -22.31
N TRP C 156 -25.80 35.99 -21.23
CA TRP C 156 -26.72 36.96 -20.63
C TRP C 156 -26.02 38.30 -20.55
N ASN C 157 -26.70 39.34 -21.01
CA ASN C 157 -26.22 40.72 -20.98
C ASN C 157 -27.30 41.58 -20.36
N PRO C 158 -26.94 42.76 -19.86
CA PRO C 158 -27.95 43.66 -19.29
C PRO C 158 -28.97 44.09 -20.33
N VAL C 159 -30.13 44.53 -19.84
CA VAL C 159 -31.14 45.10 -20.73
C VAL C 159 -30.87 46.57 -20.97
N GLY C 160 -30.28 47.25 -19.99
CA GLY C 160 -30.02 48.66 -20.16
C GLY C 160 -30.50 49.44 -18.95
N LEU C 161 -31.55 50.22 -19.14
CA LEU C 161 -32.13 51.02 -18.08
C LEU C 161 -33.34 50.27 -17.53
N VAL C 162 -33.33 50.04 -16.23
CA VAL C 162 -34.42 49.39 -15.52
C VAL C 162 -35.12 50.47 -14.71
N GLY C 163 -36.32 50.85 -15.15
CA GLY C 163 -37.14 51.76 -14.37
C GLY C 163 -37.83 51.00 -13.25
N ILE C 164 -37.79 51.55 -12.05
CA ILE C 164 -38.37 50.91 -10.88
C ILE C 164 -39.41 51.86 -10.31
N ILE C 165 -40.68 51.48 -10.38
CA ILE C 165 -41.78 52.21 -9.78
C ILE C 165 -42.30 51.41 -8.60
N THR C 166 -42.31 52.02 -7.42
CA THR C 166 -42.76 51.36 -6.21
C THR C 166 -43.95 52.11 -5.63
N ALA C 167 -44.58 51.48 -4.68
CA ALA C 167 -45.73 52.03 -3.97
C ALA C 167 -45.31 52.40 -2.54
N PHE C 168 -46.28 52.80 -1.74
CA PHE C 168 -45.96 53.34 -0.43
C PHE C 168 -45.55 52.27 0.56
N ASN C 169 -46.11 51.06 0.46
CA ASN C 169 -46.13 50.18 1.62
C ASN C 169 -44.78 49.52 1.87
N PHE C 170 -44.05 49.16 0.82
CA PHE C 170 -42.71 48.64 1.04
C PHE C 170 -41.72 49.57 0.33
N SER C 171 -41.70 50.82 0.77
CA SER C 171 -41.01 51.91 0.09
C SER C 171 -39.50 51.74 0.03
N VAL C 172 -38.95 50.67 0.64
CA VAL C 172 -37.51 50.42 0.66
C VAL C 172 -37.17 49.02 0.14
N ALA C 173 -37.89 48.01 0.64
CA ALA C 173 -37.51 46.64 0.33
C ALA C 173 -37.67 46.34 -1.16
N VAL C 174 -38.79 46.77 -1.75
CA VAL C 174 -39.02 46.49 -3.16
C VAL C 174 -37.97 47.16 -4.03
N TYR C 175 -37.68 48.44 -3.76
CA TYR C 175 -36.61 49.09 -4.53
C TYR C 175 -35.33 48.30 -4.41
N GLY C 176 -34.96 47.95 -3.18
CA GLY C 176 -33.71 47.25 -2.95
C GLY C 176 -33.61 45.94 -3.72
N TRP C 177 -34.67 45.12 -3.70
CA TRP C 177 -34.68 43.87 -4.47
C TRP C 177 -34.37 44.14 -5.94
N ASN C 178 -35.06 45.11 -6.52
CA ASN C 178 -34.88 45.40 -7.93
C ASN C 178 -33.51 46.00 -8.18
N ASN C 179 -33.03 46.80 -7.24
CA ASN C 179 -31.79 47.55 -7.43
C ASN C 179 -30.58 46.64 -7.29
N ALA C 180 -30.52 45.85 -6.22
CA ALA C 180 -29.37 44.96 -6.05
C ALA C 180 -29.23 44.02 -7.23
N ILE C 181 -30.34 43.49 -7.72
CA ILE C 181 -30.28 42.51 -8.79
C ILE C 181 -29.99 43.19 -10.13
N ALA C 182 -30.73 44.25 -10.47
CA ALA C 182 -30.46 44.95 -11.73
C ALA C 182 -29.00 45.42 -11.81
N MET C 183 -28.41 45.80 -10.67
CA MET C 183 -27.06 46.38 -10.67
C MET C 183 -26.00 45.33 -10.96
N ILE C 184 -26.03 44.22 -10.23
CA ILE C 184 -25.02 43.20 -10.50
C ILE C 184 -25.16 42.70 -11.92
N CYS C 185 -26.38 42.77 -12.47
CA CYS C 185 -26.64 42.35 -13.85
C CYS C 185 -26.26 43.40 -14.89
N GLY C 186 -25.66 44.52 -14.48
CA GLY C 186 -25.13 45.48 -15.43
C GLY C 186 -26.11 46.50 -15.93
N ASN C 187 -27.24 46.67 -15.25
CA ASN C 187 -28.18 47.71 -15.63
C ASN C 187 -28.00 48.95 -14.76
N VAL C 188 -28.51 50.05 -15.26
CA VAL C 188 -28.71 51.25 -14.49
C VAL C 188 -30.19 51.33 -14.14
N CYS C 189 -30.49 52.09 -13.08
CA CYS C 189 -31.81 52.18 -12.47
C CYS C 189 -32.31 53.62 -12.43
N LEU C 190 -33.61 53.80 -12.65
CA LEU C 190 -34.30 55.06 -12.40
C LEU C 190 -35.53 54.74 -11.56
N TRP C 191 -35.59 55.36 -10.38
CA TRP C 191 -36.59 55.09 -9.37
C TRP C 191 -37.61 56.22 -9.33
N LYS C 192 -38.90 55.87 -9.48
CA LYS C 192 -39.99 56.76 -9.10
C LYS C 192 -40.78 56.09 -7.97
N GLY C 193 -40.71 56.66 -6.77
CA GLY C 193 -41.46 56.15 -5.65
C GLY C 193 -42.84 56.77 -5.55
N ALA C 194 -43.58 56.31 -4.55
CA ALA C 194 -44.86 56.90 -4.25
C ALA C 194 -44.64 58.31 -3.68
N PRO C 195 -45.41 59.30 -4.11
CA PRO C 195 -45.17 60.66 -3.62
C PRO C 195 -45.22 60.76 -2.10
N THR C 196 -46.10 59.99 -1.45
CA THR C 196 -46.26 60.06 0.00
C THR C 196 -45.11 59.44 0.76
N THR C 197 -44.14 58.82 0.09
CA THR C 197 -42.92 58.38 0.74
C THR C 197 -41.68 58.96 0.05
N SER C 198 -41.78 60.21 -0.40
CA SER C 198 -40.67 60.89 -1.10
C SER C 198 -39.41 61.00 -0.22
N LEU C 199 -39.57 61.23 1.08
CA LEU C 199 -38.38 61.35 1.92
C LEU C 199 -37.61 60.03 1.98
N ILE C 200 -38.34 58.91 2.10
CA ILE C 200 -37.72 57.60 2.06
C ILE C 200 -36.89 57.41 0.79
N SER C 201 -37.44 57.82 -0.36
CA SER C 201 -36.69 57.69 -1.61
C SER C 201 -35.42 58.54 -1.58
N VAL C 202 -35.55 59.80 -1.18
CA VAL C 202 -34.39 60.68 -1.14
C VAL C 202 -33.34 60.12 -0.19
N ALA C 203 -33.78 59.70 0.99
CA ALA C 203 -32.84 59.14 1.99
C ALA C 203 -32.12 57.91 1.45
N VAL C 204 -32.85 56.97 0.82
CA VAL C 204 -32.21 55.78 0.26
C VAL C 204 -31.24 56.19 -0.85
N THR C 205 -31.65 57.16 -1.68
CA THR C 205 -30.84 57.57 -2.81
C THR C 205 -29.57 58.30 -2.35
N LYS C 206 -29.69 59.15 -1.32
CA LYS C 206 -28.50 59.75 -0.70
C LYS C 206 -27.51 58.69 -0.26
N ILE C 207 -27.99 57.59 0.33
CA ILE C 207 -27.09 56.56 0.81
C ILE C 207 -26.37 55.88 -0.36
N ILE C 208 -27.09 55.62 -1.44
CA ILE C 208 -26.45 54.96 -2.59
C ILE C 208 -25.49 55.92 -3.29
N ALA C 209 -25.89 57.19 -3.45
CA ALA C 209 -25.06 58.15 -4.18
C ALA C 209 -23.68 58.26 -3.56
N LYS C 210 -23.61 58.28 -2.23
CA LYS C 210 -22.33 58.40 -1.55
C LYS C 210 -21.41 57.23 -1.89
N VAL C 211 -21.99 56.02 -1.98
CA VAL C 211 -21.19 54.86 -2.37
C VAL C 211 -20.72 54.99 -3.81
N LEU C 212 -21.58 55.47 -4.70
CA LEU C 212 -21.17 55.62 -6.09
C LEU C 212 -20.08 56.68 -6.22
N GLU C 213 -20.29 57.82 -5.57
CA GLU C 213 -19.28 58.87 -5.58
C GLU C 213 -17.94 58.40 -5.01
N ASP C 214 -17.96 57.68 -3.89
CA ASP C 214 -16.69 57.23 -3.33
C ASP C 214 -15.98 56.27 -4.27
N ASN C 215 -16.72 55.54 -5.09
CA ASN C 215 -16.10 54.61 -6.03
C ASN C 215 -15.94 55.22 -7.39
N LYS C 216 -16.11 56.53 -7.49
CA LYS C 216 -15.83 57.29 -8.71
C LYS C 216 -16.63 56.71 -9.88
N LEU C 217 -17.89 56.43 -9.63
CA LEU C 217 -18.86 55.94 -10.61
C LEU C 217 -19.93 57.00 -10.85
N PRO C 218 -20.42 57.13 -12.07
CA PRO C 218 -21.46 58.13 -12.33
C PRO C 218 -22.70 57.83 -11.49
N GLY C 219 -23.18 58.84 -10.77
CA GLY C 219 -24.30 58.66 -9.87
C GLY C 219 -25.59 58.24 -10.56
N ALA C 220 -25.71 58.52 -11.86
CA ALA C 220 -26.94 58.23 -12.61
C ALA C 220 -27.17 56.73 -12.78
N ILE C 221 -26.21 55.91 -12.36
CA ILE C 221 -26.40 54.47 -12.29
C ILE C 221 -27.59 54.13 -11.39
N CYS C 222 -27.83 54.93 -10.35
CA CYS C 222 -29.02 54.79 -9.51
C CYS C 222 -29.78 56.12 -9.49
N SER C 223 -30.45 56.43 -10.58
CA SER C 223 -31.18 57.69 -10.69
C SER C 223 -32.48 57.69 -9.91
N LEU C 224 -32.91 58.89 -9.51
CA LEU C 224 -34.19 59.08 -8.84
C LEU C 224 -34.91 60.27 -9.48
N THR C 225 -36.21 60.08 -9.75
CA THR C 225 -37.10 61.15 -10.19
C THR C 225 -38.41 60.98 -9.41
N CYS C 226 -38.47 61.62 -8.24
CA CYS C 226 -39.72 61.72 -7.48
C CYS C 226 -40.79 62.40 -8.33
N GLY C 227 -41.97 61.80 -8.36
CA GLY C 227 -43.08 62.40 -9.08
C GLY C 227 -44.29 61.52 -8.94
N GLY C 228 -45.38 62.00 -9.53
CA GLY C 228 -46.66 61.29 -9.49
C GLY C 228 -46.91 60.47 -10.75
N ALA C 229 -48.19 60.37 -11.11
CA ALA C 229 -48.59 59.46 -12.17
C ALA C 229 -47.99 59.85 -13.51
N ASP C 230 -47.88 61.16 -13.78
CA ASP C 230 -47.36 61.59 -15.07
C ASP C 230 -45.93 61.10 -15.30
N ILE C 231 -45.12 61.04 -14.24
CA ILE C 231 -43.77 60.49 -14.37
C ILE C 231 -43.82 58.97 -14.58
N GLY C 232 -44.69 58.26 -13.84
CA GLY C 232 -44.81 56.82 -14.05
C GLY C 232 -45.29 56.49 -15.44
N THR C 233 -46.24 57.27 -15.96
CA THR C 233 -46.72 57.06 -17.31
C THR C 233 -45.62 57.33 -18.34
N ALA C 234 -44.84 58.38 -18.11
CA ALA C 234 -43.68 58.63 -18.98
C ALA C 234 -42.78 57.41 -19.05
N MET C 235 -42.46 56.80 -17.90
CA MET C 235 -41.59 55.64 -17.91
C MET C 235 -42.22 54.47 -18.66
N ALA C 236 -43.55 54.29 -18.52
CA ALA C 236 -44.22 53.16 -19.16
C ALA C 236 -44.17 53.27 -20.68
N LYS C 237 -44.17 54.50 -21.21
CA LYS C 237 -44.18 54.72 -22.64
C LYS C 237 -42.79 54.94 -23.23
N ASP C 238 -41.74 54.96 -22.41
CA ASP C 238 -40.41 55.43 -22.82
C ASP C 238 -39.60 54.26 -23.34
N GLU C 239 -39.36 54.24 -24.65
CA GLU C 239 -38.60 53.17 -25.25
C GLU C 239 -37.21 53.03 -24.66
N ARG C 240 -36.67 54.09 -24.04
CA ARG C 240 -35.34 54.04 -23.45
C ARG C 240 -35.32 53.33 -22.10
N VAL C 241 -36.48 53.17 -21.47
CA VAL C 241 -36.60 52.32 -20.30
C VAL C 241 -36.81 50.89 -20.79
N ASN C 242 -35.78 50.05 -20.67
CA ASN C 242 -35.83 48.74 -21.30
C ASN C 242 -36.68 47.77 -20.49
N LEU C 243 -36.56 47.80 -19.17
CA LEU C 243 -37.40 47.03 -18.27
C LEU C 243 -38.08 48.00 -17.32
N LEU C 244 -39.37 47.86 -17.16
CA LEU C 244 -40.10 48.64 -16.16
C LEU C 244 -40.58 47.66 -15.11
N SER C 245 -40.02 47.75 -13.91
CA SER C 245 -40.54 46.99 -12.79
C SER C 245 -41.58 47.85 -12.06
N PHE C 246 -42.81 47.37 -12.00
CA PHE C 246 -43.90 48.15 -11.42
C PHE C 246 -44.53 47.34 -10.30
N THR C 247 -44.45 47.88 -9.08
CA THR C 247 -45.20 47.39 -7.92
C THR C 247 -46.28 48.40 -7.58
N GLY C 248 -47.52 47.94 -7.48
CA GLY C 248 -48.63 48.86 -7.31
C GLY C 248 -49.95 48.13 -7.51
N SER C 249 -50.98 48.91 -7.77
CA SER C 249 -52.31 48.34 -7.88
C SER C 249 -52.49 47.63 -9.21
N THR C 250 -53.36 46.62 -9.19
CA THR C 250 -53.68 45.89 -10.40
C THR C 250 -54.17 46.83 -11.49
N GLN C 251 -55.06 47.76 -11.12
CA GLN C 251 -55.64 48.67 -12.10
C GLN C 251 -54.55 49.43 -12.85
N VAL C 252 -53.66 50.10 -12.13
CA VAL C 252 -52.59 50.85 -12.79
C VAL C 252 -51.61 49.90 -13.47
N GLY C 253 -51.21 48.84 -12.76
CA GLY C 253 -50.33 47.86 -13.36
C GLY C 253 -50.82 47.29 -14.67
N LYS C 254 -52.13 47.01 -14.78
CA LYS C 254 -52.66 46.55 -16.07
C LYS C 254 -52.33 47.56 -17.17
N GLN C 255 -52.62 48.84 -16.92
CA GLN C 255 -52.29 49.89 -17.88
C GLN C 255 -50.79 49.97 -18.13
N VAL C 256 -49.96 49.80 -17.08
CA VAL C 256 -48.52 49.83 -17.27
C VAL C 256 -48.07 48.71 -18.20
N GLY C 257 -48.58 47.49 -17.98
CA GLY C 257 -48.25 46.38 -18.86
C GLY C 257 -48.65 46.65 -20.30
N LEU C 258 -49.84 47.23 -20.51
CA LEU C 258 -50.31 47.52 -21.85
C LEU C 258 -49.43 48.55 -22.55
N MET C 259 -49.07 49.63 -21.83
CA MET C 259 -48.19 50.64 -22.41
C MET C 259 -46.83 50.06 -22.75
N VAL C 260 -46.25 49.28 -21.86
CA VAL C 260 -44.96 48.68 -22.16
C VAL C 260 -45.07 47.68 -23.31
N GLN C 261 -46.10 46.82 -23.28
CA GLN C 261 -46.27 45.84 -24.35
C GLN C 261 -46.45 46.50 -25.71
N GLU C 262 -47.17 47.64 -25.74
CA GLU C 262 -47.38 48.38 -26.99
C GLU C 262 -46.07 48.76 -27.67
N ARG C 263 -45.03 49.06 -26.90
CA ARG C 263 -43.74 49.49 -27.42
C ARG C 263 -42.71 48.36 -27.43
N PHE C 264 -43.15 47.13 -27.18
CA PHE C 264 -42.28 45.94 -27.15
C PHE C 264 -41.17 46.10 -26.13
N GLY C 265 -41.51 46.71 -25.00
CA GLY C 265 -40.58 46.75 -23.88
C GLY C 265 -40.72 45.51 -23.03
N ARG C 266 -40.03 45.53 -21.90
CA ARG C 266 -40.15 44.48 -20.90
C ARG C 266 -40.78 45.05 -19.65
N SER C 267 -41.76 44.33 -19.09
CA SER C 267 -42.39 44.74 -17.85
C SER C 267 -42.26 43.65 -16.79
N LEU C 268 -42.09 44.09 -15.55
CA LEU C 268 -42.13 43.19 -14.40
C LEU C 268 -43.22 43.72 -13.48
N LEU C 269 -44.32 42.97 -13.38
CA LEU C 269 -45.52 43.42 -12.68
C LEU C 269 -45.70 42.65 -11.37
N GLU C 270 -45.86 43.40 -10.28
CA GLU C 270 -46.08 42.86 -8.94
C GLU C 270 -47.26 43.66 -8.40
N LEU C 271 -48.46 43.10 -8.54
CA LEU C 271 -49.69 43.83 -8.31
C LEU C 271 -50.36 43.29 -7.05
N GLY C 272 -51.68 43.34 -6.99
CA GLY C 272 -52.40 43.11 -5.76
C GLY C 272 -52.51 41.64 -5.36
N GLY C 273 -52.93 41.46 -4.12
CA GLY C 273 -53.15 40.13 -3.59
C GLY C 273 -54.42 40.10 -2.77
N ASN C 274 -55.06 38.95 -2.78
CA ASN C 274 -56.27 38.71 -1.98
C ASN C 274 -56.02 37.35 -1.33
N ASN C 275 -55.05 37.34 -0.41
CA ASN C 275 -54.43 36.10 0.04
C ASN C 275 -55.26 35.39 1.09
N ALA C 276 -55.21 34.06 1.05
CA ALA C 276 -56.00 33.20 1.93
C ALA C 276 -55.10 32.34 2.81
N ILE C 277 -55.51 32.22 4.07
CA ILE C 277 -55.06 31.17 4.97
C ILE C 277 -56.18 30.15 5.07
N ILE C 278 -55.86 28.87 4.94
CA ILE C 278 -56.84 27.78 5.12
C ILE C 278 -56.42 26.93 6.31
N ALA C 279 -57.29 26.83 7.31
CA ALA C 279 -56.99 26.02 8.50
C ALA C 279 -57.82 24.75 8.48
N PHE C 280 -57.18 23.62 8.22
CA PHE C 280 -57.90 22.35 8.21
C PHE C 280 -58.13 21.86 9.64
N GLU C 281 -59.05 20.89 9.77
CA GLU C 281 -59.46 20.40 11.08
C GLU C 281 -58.27 19.89 11.88
N ASP C 282 -57.29 19.30 11.21
CA ASP C 282 -56.15 18.72 11.90
C ASP C 282 -55.06 19.75 12.22
N ALA C 283 -55.35 21.04 12.07
CA ALA C 283 -54.29 22.04 12.23
C ALA C 283 -53.95 22.24 13.69
N ASP C 284 -52.66 22.47 13.96
CA ASP C 284 -52.23 23.00 15.24
C ASP C 284 -52.83 24.40 15.42
N LEU C 285 -53.89 24.50 16.23
CA LEU C 285 -54.48 25.81 16.48
C LEU C 285 -53.53 26.74 17.21
N SER C 286 -52.55 26.20 17.95
CA SER C 286 -51.54 27.05 18.55
C SER C 286 -50.70 27.76 17.50
N LEU C 287 -50.59 27.18 16.29
CA LEU C 287 -49.91 27.86 15.21
C LEU C 287 -50.85 28.79 14.45
N VAL C 288 -52.09 28.35 14.26
CA VAL C 288 -53.05 29.03 13.40
C VAL C 288 -53.39 30.43 13.94
N VAL C 289 -53.78 30.50 15.21
CA VAL C 289 -54.27 31.78 15.73
C VAL C 289 -53.23 32.86 15.65
N PRO C 290 -51.99 32.71 16.15
CA PRO C 290 -51.02 33.79 16.00
C PRO C 290 -50.68 34.06 14.55
N SER C 291 -50.41 33.01 13.76
CA SER C 291 -50.10 33.21 12.34
C SER C 291 -51.18 34.02 11.65
N ALA C 292 -52.46 33.72 11.92
CA ALA C 292 -53.53 34.51 11.30
C ALA C 292 -53.44 35.97 11.72
N LEU C 293 -53.37 36.23 13.03
CA LEU C 293 -53.41 37.61 13.51
C LEU C 293 -52.28 38.43 12.91
N PHE C 294 -51.04 37.95 13.04
CA PHE C 294 -49.91 38.71 12.54
C PHE C 294 -49.94 38.82 11.03
N ALA C 295 -50.53 37.84 10.34
CA ALA C 295 -50.63 37.95 8.89
C ALA C 295 -51.72 38.93 8.48
N ALA C 296 -52.74 39.09 9.30
CA ALA C 296 -53.86 39.97 9.00
C ALA C 296 -53.65 41.39 9.53
N VAL C 297 -53.12 41.54 10.74
CA VAL C 297 -52.97 42.88 11.31
C VAL C 297 -51.60 43.48 11.10
N GLY C 298 -50.61 42.68 10.72
CA GLY C 298 -49.27 43.19 10.51
C GLY C 298 -49.25 44.35 9.53
N THR C 299 -48.52 45.43 9.84
CA THR C 299 -48.44 46.61 9.00
C THR C 299 -49.82 47.24 8.80
N ALA C 300 -50.68 47.13 9.82
CA ALA C 300 -52.08 47.60 9.74
C ALA C 300 -52.78 47.04 8.50
N GLY C 301 -52.44 45.81 8.11
CA GLY C 301 -53.05 45.16 6.97
C GLY C 301 -52.74 45.78 5.63
N GLN C 302 -51.53 46.34 5.46
CA GLN C 302 -51.17 47.08 4.26
C GLN C 302 -50.06 46.41 3.47
N ARG C 303 -49.85 45.10 3.66
CA ARG C 303 -48.94 44.37 2.80
C ARG C 303 -49.70 43.83 1.60
N CYS C 304 -48.97 43.66 0.49
CA CYS C 304 -49.59 42.94 -0.62
C CYS C 304 -49.80 41.46 -0.26
N THR C 305 -48.99 40.94 0.67
CA THR C 305 -49.07 39.58 1.19
C THR C 305 -50.02 39.46 2.40
N THR C 306 -50.70 40.54 2.77
CA THR C 306 -51.59 40.52 3.93
C THR C 306 -52.68 39.47 3.77
N ALA C 307 -52.94 38.74 4.86
CA ALA C 307 -54.01 37.76 4.90
C ALA C 307 -55.35 38.47 4.95
N ARG C 308 -56.16 38.33 3.90
CA ARG C 308 -57.48 38.94 3.83
C ARG C 308 -58.63 37.94 3.87
N ARG C 309 -58.34 36.66 3.66
CA ARG C 309 -59.36 35.61 3.75
C ARG C 309 -58.84 34.53 4.68
N LEU C 310 -59.67 34.12 5.64
CA LEU C 310 -59.38 33.01 6.54
C LEU C 310 -60.46 31.95 6.38
N PHE C 311 -60.10 30.84 5.75
CA PHE C 311 -60.96 29.67 5.66
C PHE C 311 -60.70 28.72 6.83
N ILE C 312 -61.75 28.37 7.56
CA ILE C 312 -61.64 27.45 8.69
C ILE C 312 -62.62 26.29 8.49
N HIS C 313 -62.14 25.07 8.74
CA HIS C 313 -63.03 23.92 8.72
C HIS C 313 -64.16 24.11 9.72
N GLU C 314 -65.36 23.69 9.31
CA GLU C 314 -66.56 23.85 10.14
C GLU C 314 -66.32 23.47 11.59
N SER C 315 -65.69 22.31 11.80
CA SER C 315 -65.55 21.75 13.13
C SER C 315 -64.80 22.69 14.07
N ILE C 316 -63.92 23.53 13.53
CA ILE C 316 -63.08 24.41 14.34
C ILE C 316 -63.29 25.89 14.05
N HIS C 317 -64.25 26.24 13.18
CA HIS C 317 -64.48 27.64 12.83
C HIS C 317 -64.81 28.49 14.06
N ASP C 318 -65.77 28.04 14.87
CA ASP C 318 -66.20 28.87 16.00
C ASP C 318 -65.08 29.05 17.02
N GLU C 319 -64.33 27.99 17.29
CA GLU C 319 -63.22 28.11 18.25
C GLU C 319 -62.17 29.09 17.75
N VAL C 320 -61.71 28.91 16.50
CA VAL C 320 -60.65 29.76 15.97
C VAL C 320 -61.10 31.22 15.99
N VAL C 321 -62.33 31.48 15.58
CA VAL C 321 -62.83 32.85 15.58
C VAL C 321 -62.85 33.42 17.00
N ASN C 322 -63.33 32.63 17.95
CA ASN C 322 -63.38 33.11 19.33
C ASN C 322 -61.98 33.36 19.89
N ARG C 323 -61.03 32.48 19.56
CA ARG C 323 -59.65 32.70 20.00
C ARG C 323 -59.01 33.88 19.29
N LEU C 324 -59.49 34.22 18.10
CA LEU C 324 -58.96 35.32 17.33
C LEU C 324 -59.54 36.65 17.74
N LYS C 325 -60.79 36.66 18.21
CA LYS C 325 -61.35 37.85 18.84
C LYS C 325 -60.59 38.17 20.13
N LYS C 326 -60.48 37.18 21.03
CA LYS C 326 -59.77 37.40 22.28
C LYS C 326 -58.31 37.76 22.08
N ALA C 327 -57.76 37.49 20.90
CA ALA C 327 -56.40 37.85 20.51
C ALA C 327 -56.32 39.24 19.90
N TYR C 328 -57.32 39.60 19.08
CA TYR C 328 -57.39 40.95 18.54
C TYR C 328 -57.54 41.98 19.65
N ALA C 329 -58.21 41.63 20.74
CA ALA C 329 -58.43 42.58 21.82
C ALA C 329 -57.13 42.99 22.50
N GLN C 330 -56.03 42.29 22.24
CA GLN C 330 -54.76 42.55 22.92
C GLN C 330 -53.74 43.22 22.01
N ILE C 331 -54.13 43.58 20.80
CA ILE C 331 -53.21 44.28 19.92
C ILE C 331 -52.95 45.66 20.49
N ARG C 332 -51.67 45.98 20.73
CA ARG C 332 -51.31 47.25 21.36
C ARG C 332 -51.18 48.31 20.26
N VAL C 333 -52.10 49.27 20.26
CA VAL C 333 -52.18 50.31 19.25
C VAL C 333 -51.52 51.57 19.78
N GLY C 334 -50.71 52.21 18.93
CA GLY C 334 -50.04 53.43 19.31
C GLY C 334 -49.22 53.96 18.15
N ASN C 335 -48.42 54.99 18.45
CA ASN C 335 -47.57 55.60 17.42
C ASN C 335 -46.51 54.61 16.97
N PRO C 336 -46.15 54.61 15.68
CA PRO C 336 -45.31 53.52 15.15
C PRO C 336 -43.88 53.52 15.65
N TRP C 337 -43.43 54.59 16.31
CA TRP C 337 -42.14 54.62 16.99
C TRP C 337 -42.23 54.24 18.46
N ASP C 338 -43.42 54.33 19.07
CA ASP C 338 -43.61 53.94 20.45
C ASP C 338 -43.12 52.51 20.67
N PRO C 339 -42.29 52.24 21.66
CA PRO C 339 -41.82 50.88 21.88
C PRO C 339 -42.99 49.97 22.23
N ASN C 340 -42.91 48.72 21.77
CA ASN C 340 -43.84 47.66 22.15
C ASN C 340 -45.25 47.92 21.62
N VAL C 341 -45.38 48.62 20.50
CA VAL C 341 -46.65 48.71 19.80
C VAL C 341 -46.62 47.76 18.62
N LEU C 342 -47.76 47.15 18.32
CA LEU C 342 -47.85 46.17 17.24
C LEU C 342 -48.56 46.72 16.01
N TYR C 343 -49.25 47.83 16.13
CA TYR C 343 -50.24 48.24 15.14
C TYR C 343 -50.26 49.76 15.09
N GLY C 344 -49.89 50.33 13.94
CA GLY C 344 -49.87 51.76 13.77
C GLY C 344 -51.07 52.23 12.98
N PRO C 345 -50.93 53.38 12.31
CA PRO C 345 -52.03 53.94 11.52
C PRO C 345 -51.99 53.43 10.09
N LEU C 346 -53.12 53.60 9.41
CA LEU C 346 -53.10 53.44 7.96
C LEU C 346 -52.31 54.59 7.33
N HIS C 347 -51.87 54.38 6.09
CA HIS C 347 -50.94 55.33 5.47
C HIS C 347 -51.60 56.67 5.11
N THR C 348 -52.87 56.66 4.73
CA THR C 348 -53.59 57.87 4.34
C THR C 348 -54.99 57.88 4.94
N LYS C 349 -55.60 59.08 4.96
CA LYS C 349 -57.00 59.18 5.35
C LYS C 349 -57.90 58.56 4.31
N GLN C 350 -57.48 58.53 3.04
CA GLN C 350 -58.30 57.87 2.01
C GLN C 350 -58.37 56.36 2.28
N ALA C 351 -57.27 55.78 2.77
CA ALA C 351 -57.31 54.39 3.21
C ALA C 351 -58.31 54.19 4.34
N VAL C 352 -58.51 55.21 5.19
CA VAL C 352 -59.54 55.11 6.22
C VAL C 352 -60.92 55.04 5.58
N SER C 353 -61.17 55.89 4.58
CA SER C 353 -62.49 55.93 3.97
C SER C 353 -62.77 54.68 3.13
N MET C 354 -61.73 54.13 2.49
CA MET C 354 -61.91 52.84 1.83
C MET C 354 -62.27 51.76 2.85
N PHE C 355 -61.58 51.78 3.99
CA PHE C 355 -61.86 50.84 5.05
C PHE C 355 -63.31 50.92 5.50
N LEU C 356 -63.76 52.12 5.86
CA LEU C 356 -65.12 52.28 6.34
C LEU C 356 -66.13 51.77 5.32
N GLY C 357 -65.95 52.14 4.05
CA GLY C 357 -66.86 51.68 3.02
C GLY C 357 -66.88 50.16 2.92
N ALA C 358 -65.72 49.52 3.05
CA ALA C 358 -65.66 48.07 2.97
C ALA C 358 -66.43 47.44 4.12
N VAL C 359 -66.25 47.95 5.34
CA VAL C 359 -66.97 47.41 6.49
C VAL C 359 -68.48 47.52 6.27
N GLU C 360 -68.95 48.75 6.02
CA GLU C 360 -70.37 48.96 5.74
C GLU C 360 -70.86 48.09 4.58
N GLU C 361 -70.02 47.86 3.56
CA GLU C 361 -70.44 47.01 2.46
C GLU C 361 -70.57 45.56 2.91
N ALA C 362 -69.59 45.09 3.69
CA ALA C 362 -69.66 43.74 4.24
C ALA C 362 -70.89 43.57 5.11
N LYS C 363 -71.29 44.62 5.82
CA LYS C 363 -72.50 44.54 6.64
C LYS C 363 -73.75 44.52 5.78
N LYS C 364 -73.77 45.34 4.72
CA LYS C 364 -74.89 45.39 3.78
C LYS C 364 -74.96 44.16 2.88
N GLU C 365 -73.90 43.33 2.85
CA GLU C 365 -73.87 42.11 2.05
C GLU C 365 -74.10 40.85 2.88
N GLY C 366 -74.42 41.00 4.16
CA GLY C 366 -74.82 39.89 5.01
C GLY C 366 -73.83 39.52 6.09
N GLY C 367 -72.59 40.01 5.98
CA GLY C 367 -71.59 39.67 6.97
C GLY C 367 -71.87 40.30 8.33
N THR C 368 -71.22 39.73 9.34
CA THR C 368 -71.27 40.25 10.71
C THR C 368 -69.88 40.73 11.08
N VAL C 369 -69.80 41.93 11.63
CA VAL C 369 -68.54 42.42 12.21
C VAL C 369 -68.47 41.84 13.62
N VAL C 370 -67.63 40.82 13.81
CA VAL C 370 -67.46 40.23 15.13
C VAL C 370 -66.39 40.94 15.93
N TYR C 371 -65.53 41.73 15.28
CA TYR C 371 -64.57 42.55 16.01
C TYR C 371 -64.20 43.77 15.18
N GLY C 372 -64.04 44.91 15.87
CA GLY C 372 -63.54 46.11 15.21
C GLY C 372 -64.62 46.79 14.37
N GLY C 373 -64.21 47.24 13.19
CA GLY C 373 -65.11 47.88 12.25
C GLY C 373 -65.17 49.41 12.29
N LYS C 374 -64.50 50.05 13.24
CA LYS C 374 -64.73 51.47 13.49
C LYS C 374 -63.43 52.23 13.44
N VAL C 375 -63.54 53.54 13.26
CA VAL C 375 -62.36 54.39 13.27
C VAL C 375 -62.01 54.71 14.72
N MET C 376 -60.73 54.73 15.02
CA MET C 376 -60.33 55.04 16.39
C MET C 376 -60.47 56.55 16.65
N ASP C 377 -60.58 56.91 17.93
CA ASP C 377 -60.73 58.30 18.33
C ASP C 377 -59.40 58.84 18.86
N ARG C 378 -58.49 59.09 17.91
CA ARG C 378 -57.19 59.66 18.23
C ARG C 378 -56.60 60.25 16.94
N PRO C 379 -55.56 61.09 17.07
CA PRO C 379 -54.95 61.69 15.87
C PRO C 379 -54.24 60.66 15.01
N GLY C 380 -54.38 60.83 13.70
CA GLY C 380 -53.79 59.95 12.72
C GLY C 380 -54.86 59.14 11.99
N ASN C 381 -54.38 58.24 11.13
CA ASN C 381 -55.24 57.38 10.32
C ASN C 381 -55.45 56.01 10.99
N TYR C 382 -56.05 56.01 12.17
CA TYR C 382 -56.15 54.80 12.97
C TYR C 382 -57.53 54.15 12.84
N VAL C 383 -57.56 52.86 12.52
CA VAL C 383 -58.78 52.09 12.41
C VAL C 383 -58.59 50.77 13.16
N GLU C 384 -59.65 50.33 13.83
CA GLU C 384 -59.63 49.03 14.49
C GLU C 384 -59.40 47.90 13.49
N PRO C 385 -58.48 46.97 13.76
CA PRO C 385 -58.45 45.74 12.99
C PRO C 385 -59.77 44.98 13.13
N THR C 386 -60.22 44.39 12.02
CA THR C 386 -61.59 43.92 11.89
C THR C 386 -61.63 42.47 11.45
N ILE C 387 -62.69 41.78 11.89
CA ILE C 387 -62.97 40.39 11.53
C ILE C 387 -64.44 40.29 11.13
N VAL C 388 -64.71 39.75 9.94
CA VAL C 388 -66.07 39.66 9.39
C VAL C 388 -66.42 38.20 9.15
N THR C 389 -67.59 37.79 9.63
CA THR C 389 -68.05 36.42 9.52
C THR C 389 -69.39 36.36 8.77
N GLY C 390 -69.89 35.13 8.60
CA GLY C 390 -71.18 34.88 7.98
C GLY C 390 -71.26 35.21 6.51
N LEU C 391 -70.16 35.61 5.90
CA LEU C 391 -70.16 36.07 4.52
C LEU C 391 -69.87 34.90 3.60
N GLY C 392 -70.65 34.76 2.53
CA GLY C 392 -70.36 33.74 1.53
C GLY C 392 -69.01 33.99 0.88
N HIS C 393 -68.35 32.88 0.50
CA HIS C 393 -66.96 32.96 0.07
C HIS C 393 -66.77 33.77 -1.20
N ASP C 394 -67.82 33.92 -2.00
CA ASP C 394 -67.74 34.72 -3.22
C ASP C 394 -68.49 36.05 -3.09
N ALA C 395 -68.76 36.51 -1.86
CA ALA C 395 -69.32 37.84 -1.69
C ALA C 395 -68.40 38.88 -2.35
N SER C 396 -69.03 39.86 -3.00
CA SER C 396 -68.28 40.79 -3.85
C SER C 396 -67.20 41.52 -3.07
N ILE C 397 -67.47 41.88 -1.81
CA ILE C 397 -66.50 42.64 -1.04
C ILE C 397 -65.32 41.76 -0.68
N ALA C 398 -65.54 40.46 -0.55
CA ALA C 398 -64.44 39.55 -0.24
C ALA C 398 -63.45 39.45 -1.39
N HIS C 399 -63.92 39.60 -2.63
CA HIS C 399 -63.04 39.48 -3.79
C HIS C 399 -62.41 40.81 -4.18
N THR C 400 -62.97 41.91 -3.70
CA THR C 400 -62.34 43.21 -3.75
C THR C 400 -61.12 43.25 -2.83
N GLU C 401 -59.97 43.64 -3.36
CA GLU C 401 -58.79 43.87 -2.53
C GLU C 401 -58.85 45.28 -1.95
N THR C 402 -59.18 45.37 -0.67
CA THR C 402 -59.27 46.63 0.05
C THR C 402 -58.07 46.72 0.99
N PHE C 403 -57.22 47.73 0.79
CA PHE C 403 -55.92 47.81 1.45
C PHE C 403 -56.09 48.36 2.87
N ALA C 404 -56.61 47.50 3.74
CA ALA C 404 -56.92 47.89 5.10
C ALA C 404 -57.11 46.61 5.92
N PRO C 405 -57.00 46.70 7.25
CA PRO C 405 -57.01 45.44 8.02
C PRO C 405 -58.43 44.93 8.27
N ILE C 406 -58.99 44.30 7.25
CA ILE C 406 -60.24 43.56 7.35
C ILE C 406 -59.93 42.12 7.00
N LEU C 407 -60.41 41.19 7.83
CA LEU C 407 -60.19 39.76 7.64
C LEU C 407 -61.55 39.07 7.50
N TYR C 408 -61.83 38.52 6.31
CA TYR C 408 -63.11 37.88 6.03
C TYR C 408 -62.99 36.38 6.29
N VAL C 409 -63.83 35.88 7.21
CA VAL C 409 -63.77 34.49 7.67
C VAL C 409 -64.88 33.69 7.03
N PHE C 410 -64.53 32.51 6.53
CA PHE C 410 -65.46 31.59 5.88
C PHE C 410 -65.29 30.20 6.44
N LYS C 411 -66.39 29.44 6.45
CA LYS C 411 -66.35 28.02 6.74
C LYS C 411 -66.12 27.20 5.47
N PHE C 412 -65.52 26.02 5.64
CA PHE C 412 -65.49 25.05 4.57
C PHE C 412 -65.60 23.65 5.18
N LYS C 413 -65.82 22.66 4.30
CA LYS C 413 -65.85 21.26 4.70
C LYS C 413 -64.78 20.44 4.01
N ASN C 414 -64.67 20.52 2.70
CA ASN C 414 -63.86 19.58 1.94
C ASN C 414 -62.64 20.25 1.33
N GLU C 415 -61.58 19.45 1.17
CA GLU C 415 -60.32 19.95 0.67
C GLU C 415 -60.47 20.57 -0.72
N GLU C 416 -61.26 19.94 -1.59
CA GLU C 416 -61.30 20.33 -2.99
C GLU C 416 -61.96 21.69 -3.17
N GLU C 417 -63.12 21.89 -2.55
CA GLU C 417 -63.80 23.18 -2.66
C GLU C 417 -62.94 24.31 -2.11
N VAL C 418 -62.29 24.09 -0.96
CA VAL C 418 -61.56 25.19 -0.36
C VAL C 418 -60.29 25.50 -1.16
N PHE C 419 -59.65 24.50 -1.77
CA PHE C 419 -58.61 24.80 -2.74
C PHE C 419 -59.18 25.62 -3.89
N ALA C 420 -60.35 25.21 -4.40
CA ALA C 420 -61.00 25.94 -5.47
C ALA C 420 -61.29 27.39 -5.07
N TRP C 421 -61.67 27.59 -3.80
CA TRP C 421 -62.02 28.92 -3.32
C TRP C 421 -60.78 29.79 -3.18
N ASN C 422 -59.66 29.21 -2.74
CA ASN C 422 -58.39 29.92 -2.76
C ASN C 422 -58.11 30.45 -4.16
N ASN C 423 -58.28 29.59 -5.16
CA ASN C 423 -57.94 29.86 -6.54
C ASN C 423 -58.98 30.70 -7.29
N GLU C 424 -60.13 30.98 -6.68
CA GLU C 424 -61.22 31.56 -7.46
C GLU C 424 -61.07 33.07 -7.67
N VAL C 425 -60.21 33.74 -6.91
CA VAL C 425 -60.08 35.19 -7.00
C VAL C 425 -59.20 35.52 -8.18
N LYS C 426 -59.16 36.78 -8.58
CA LYS C 426 -58.34 37.17 -9.73
C LYS C 426 -56.87 37.29 -9.35
N GLN C 427 -56.57 37.75 -8.14
CA GLN C 427 -55.18 37.87 -7.71
C GLN C 427 -54.59 36.48 -7.51
N GLY C 428 -53.26 36.41 -7.52
CA GLY C 428 -52.61 35.14 -7.30
C GLY C 428 -51.29 35.25 -6.59
N LEU C 429 -51.26 35.92 -5.43
CA LEU C 429 -49.96 36.24 -4.84
C LEU C 429 -49.54 35.17 -3.83
N SER C 430 -50.16 35.19 -2.67
CA SER C 430 -49.75 34.34 -1.57
C SER C 430 -50.94 33.52 -1.10
N SER C 431 -50.65 32.42 -0.41
CA SER C 431 -51.64 31.42 0.00
C SER C 431 -51.01 30.53 1.07
N SER C 432 -51.86 30.01 1.96
CA SER C 432 -51.30 29.23 3.06
C SER C 432 -52.33 28.23 3.58
N ILE C 433 -51.89 27.00 3.80
CA ILE C 433 -52.72 26.03 4.53
C ILE C 433 -52.00 25.61 5.81
N PHE C 434 -52.80 25.37 6.84
CA PHE C 434 -52.35 24.82 8.09
C PHE C 434 -52.95 23.44 8.23
N THR C 435 -52.09 22.43 8.25
CA THR C 435 -52.50 21.04 8.35
C THR C 435 -51.26 20.22 8.68
N LYS C 436 -51.50 19.04 9.24
CA LYS C 436 -50.45 18.06 9.43
C LYS C 436 -50.47 16.96 8.40
N ASP C 437 -51.48 16.93 7.52
CA ASP C 437 -51.70 15.81 6.60
C ASP C 437 -50.70 15.89 5.45
N LEU C 438 -49.89 14.83 5.32
CA LEU C 438 -48.80 14.83 4.36
C LEU C 438 -49.31 14.81 2.93
N GLY C 439 -50.32 13.99 2.65
CA GLY C 439 -50.89 13.95 1.31
C GLY C 439 -51.53 15.26 0.92
N ARG C 440 -52.22 15.90 1.86
CA ARG C 440 -52.84 17.19 1.58
C ARG C 440 -51.80 18.23 1.21
N ILE C 441 -50.65 18.20 1.89
CA ILE C 441 -49.64 19.25 1.71
C ILE C 441 -49.07 19.22 0.31
N PHE C 442 -48.63 18.04 -0.16
CA PHE C 442 -48.09 17.92 -1.50
C PHE C 442 -49.15 18.19 -2.56
N ARG C 443 -50.41 17.83 -2.30
CA ARG C 443 -51.46 18.19 -3.25
C ARG C 443 -51.59 19.69 -3.36
N TRP C 444 -51.54 20.39 -2.21
CA TRP C 444 -51.51 21.86 -2.18
C TRP C 444 -50.38 22.42 -3.05
N LEU C 445 -49.20 21.79 -3.00
CA LEU C 445 -48.05 22.22 -3.82
C LEU C 445 -48.10 21.72 -5.25
N GLY C 446 -49.04 20.83 -5.59
CA GLY C 446 -49.07 20.21 -6.89
C GLY C 446 -49.97 20.91 -7.88
N PRO C 447 -50.22 20.25 -9.02
CA PRO C 447 -50.93 20.93 -10.11
C PRO C 447 -52.39 21.23 -9.82
N LYS C 448 -53.00 20.54 -8.85
CA LYS C 448 -54.36 20.84 -8.43
C LYS C 448 -54.41 21.58 -7.11
N GLY C 449 -53.32 22.26 -6.75
CA GLY C 449 -53.23 22.96 -5.50
C GLY C 449 -53.41 24.45 -5.65
N SER C 450 -52.76 25.19 -4.77
CA SER C 450 -52.78 26.64 -4.84
C SER C 450 -52.23 27.13 -6.17
N ASP C 451 -52.91 28.11 -6.76
CA ASP C 451 -52.46 28.68 -8.02
C ASP C 451 -51.55 29.89 -7.82
N CYS C 452 -51.08 30.14 -6.61
CA CYS C 452 -50.38 31.38 -6.29
C CYS C 452 -48.88 31.27 -6.52
N GLY C 453 -48.23 32.43 -6.59
CA GLY C 453 -46.78 32.45 -6.68
C GLY C 453 -46.12 32.01 -5.39
N ILE C 454 -46.80 32.19 -4.28
CA ILE C 454 -46.26 31.89 -2.96
C ILE C 454 -47.22 30.90 -2.32
N VAL C 455 -46.71 29.70 -2.00
CA VAL C 455 -47.55 28.58 -1.57
C VAL C 455 -46.90 28.02 -0.31
N ASN C 456 -47.47 28.36 0.85
CA ASN C 456 -46.88 28.11 2.15
C ASN C 456 -47.69 27.09 2.93
N VAL C 457 -47.02 26.45 3.89
CA VAL C 457 -47.58 25.40 4.73
C VAL C 457 -47.22 25.70 6.18
N ASN C 458 -48.24 25.87 7.03
CA ASN C 458 -48.07 26.10 8.46
C ASN C 458 -47.32 27.39 8.79
N ILE C 459 -47.27 28.30 7.84
CA ILE C 459 -46.82 29.67 8.07
C ILE C 459 -47.72 30.62 7.32
N PRO C 460 -47.80 31.87 7.78
CA PRO C 460 -48.71 32.84 7.17
C PRO C 460 -48.30 33.23 5.75
N THR C 461 -49.20 33.99 5.13
CA THR C 461 -49.08 34.44 3.75
C THR C 461 -47.98 35.49 3.53
N SER C 462 -47.48 36.14 4.57
CA SER C 462 -46.39 37.09 4.41
C SER C 462 -45.10 36.48 4.95
N GLY C 463 -44.02 37.24 4.78
CA GLY C 463 -42.76 36.91 5.41
C GLY C 463 -41.93 35.86 4.71
N ALA C 464 -41.95 35.81 3.38
CA ALA C 464 -41.02 34.94 2.67
C ALA C 464 -39.62 35.53 2.79
N GLU C 465 -38.63 34.81 2.26
CA GLU C 465 -37.24 35.23 2.40
C GLU C 465 -36.62 35.42 1.03
N ILE C 466 -35.55 36.20 1.00
CA ILE C 466 -35.01 36.64 -0.29
C ILE C 466 -34.40 35.50 -1.08
N GLY C 467 -34.10 34.35 -0.47
CA GLY C 467 -33.53 33.25 -1.24
C GLY C 467 -34.37 32.84 -2.43
N GLY C 468 -35.69 32.91 -2.32
CA GLY C 468 -36.57 32.52 -3.40
C GLY C 468 -37.09 33.69 -4.22
N ALA C 469 -37.61 33.37 -5.40
CA ALA C 469 -38.27 34.37 -6.23
C ALA C 469 -39.63 34.73 -5.63
N PHE C 470 -39.97 36.03 -5.70
CA PHE C 470 -41.14 36.59 -5.02
C PHE C 470 -42.02 37.30 -6.04
N GLY C 471 -43.32 37.03 -5.97
CA GLY C 471 -44.26 37.46 -6.99
C GLY C 471 -45.42 36.49 -7.08
N GLY C 472 -46.40 36.86 -7.92
CA GLY C 472 -47.65 36.13 -7.99
C GLY C 472 -48.06 35.84 -9.41
N GLU C 473 -49.23 35.21 -9.54
CA GLU C 473 -49.79 34.79 -10.81
C GLU C 473 -51.10 35.52 -11.05
N LYS C 474 -51.68 35.26 -12.23
CA LYS C 474 -52.99 35.80 -12.61
C LYS C 474 -52.90 37.33 -12.55
N HIS C 475 -53.78 38.02 -11.83
CA HIS C 475 -53.84 39.48 -11.82
C HIS C 475 -52.77 40.10 -10.95
N THR C 476 -51.92 39.31 -10.31
CA THR C 476 -50.75 39.86 -9.66
C THR C 476 -49.65 40.20 -10.65
N GLY C 477 -49.72 39.70 -11.90
CA GLY C 477 -48.94 40.23 -13.01
C GLY C 477 -47.77 39.39 -13.47
N GLY C 478 -47.35 38.40 -12.68
CA GLY C 478 -46.40 37.41 -13.16
C GLY C 478 -44.94 37.71 -12.88
N GLY C 479 -44.60 38.94 -12.51
CA GLY C 479 -43.21 39.26 -12.26
C GLY C 479 -42.64 38.50 -11.08
N ARG C 480 -41.32 38.34 -11.08
CA ARG C 480 -40.60 37.76 -9.96
C ARG C 480 -39.42 38.66 -9.57
N GLU C 481 -39.23 38.83 -8.27
CA GLU C 481 -38.15 39.66 -7.76
C GLU C 481 -37.32 38.84 -6.79
N SER C 482 -36.10 39.35 -6.54
CA SER C 482 -35.18 38.83 -5.54
C SER C 482 -34.48 37.53 -5.96
N GLY C 483 -34.91 36.39 -5.40
CA GLY C 483 -34.07 35.20 -5.37
C GLY C 483 -34.25 34.25 -6.53
N SER C 484 -33.72 33.04 -6.35
CA SER C 484 -33.73 31.97 -7.36
C SER C 484 -33.05 32.51 -8.61
N ASP C 485 -33.63 32.34 -9.80
CA ASP C 485 -33.10 32.88 -11.04
C ASP C 485 -33.92 34.08 -11.52
N ALA C 486 -34.51 34.82 -10.59
CA ALA C 486 -35.27 36.01 -10.97
C ALA C 486 -34.39 37.01 -11.73
N TRP C 487 -33.08 37.00 -11.47
CA TRP C 487 -32.17 37.92 -12.14
C TRP C 487 -32.31 37.88 -13.65
N LYS C 488 -32.78 36.76 -14.21
CA LYS C 488 -32.89 36.64 -15.67
C LYS C 488 -33.86 37.64 -16.28
N GLN C 489 -34.84 38.11 -15.51
CA GLN C 489 -35.75 39.13 -16.05
C GLN C 489 -35.05 40.46 -16.32
N TYR C 490 -33.92 40.72 -15.66
CA TYR C 490 -33.16 41.95 -15.82
C TYR C 490 -32.09 41.84 -16.87
N MET C 491 -32.10 40.77 -17.66
CA MET C 491 -31.04 40.52 -18.63
C MET C 491 -31.64 39.94 -19.90
N ARG C 492 -30.94 40.11 -21.01
CA ARG C 492 -31.36 39.51 -22.27
C ARG C 492 -30.50 38.29 -22.55
N ARG C 493 -31.15 37.20 -22.90
CA ARG C 493 -30.49 35.95 -23.26
C ARG C 493 -30.06 35.99 -24.71
N SER C 494 -28.92 35.40 -25.01
CA SER C 494 -28.56 35.18 -26.40
C SER C 494 -28.01 33.78 -26.56
N THR C 495 -28.45 33.10 -27.60
CA THR C 495 -27.97 31.77 -27.91
C THR C 495 -26.94 31.91 -29.03
N CYS C 496 -25.70 31.51 -28.74
CA CYS C 496 -24.55 31.93 -29.51
C CYS C 496 -23.81 30.71 -30.05
N THR C 497 -23.76 30.59 -31.38
CA THR C 497 -23.07 29.47 -32.03
C THR C 497 -21.79 29.98 -32.67
N ILE C 498 -20.68 29.32 -32.39
CA ILE C 498 -19.36 29.74 -32.87
C ILE C 498 -18.73 28.58 -33.63
N ASN C 499 -18.48 28.80 -34.91
CA ASN C 499 -17.76 27.87 -35.78
C ASN C 499 -16.30 28.28 -35.78
N TYR C 500 -15.47 27.54 -35.04
CA TYR C 500 -14.04 27.75 -35.02
C TYR C 500 -13.33 26.84 -36.01
N SER C 501 -14.04 26.25 -36.97
CA SER C 501 -13.44 25.34 -37.94
C SER C 501 -13.51 25.94 -39.34
N LYS C 502 -12.86 25.28 -40.27
CA LYS C 502 -12.94 25.69 -41.67
C LYS C 502 -14.05 24.97 -42.44
N ASP C 503 -14.96 24.28 -41.76
CA ASP C 503 -16.09 23.60 -42.38
C ASP C 503 -17.40 24.34 -42.03
N LEU C 504 -18.50 23.89 -42.65
CA LEU C 504 -19.81 24.51 -42.43
C LEU C 504 -20.91 23.45 -42.51
N PRO C 505 -21.05 22.61 -41.49
CA PRO C 505 -22.15 21.62 -41.48
C PRO C 505 -23.45 22.24 -40.97
N LEU C 506 -24.53 22.02 -41.71
CA LEU C 506 -25.83 22.60 -41.37
C LEU C 506 -26.57 21.76 -40.33
N ALA C 507 -27.37 22.45 -39.51
CA ALA C 507 -28.15 21.76 -38.48
C ALA C 507 -29.16 20.81 -39.12
N GLN C 508 -29.54 19.80 -38.34
CA GLN C 508 -30.40 18.68 -38.75
C GLN C 508 -29.82 17.89 -39.91
N GLY C 509 -28.55 18.09 -40.26
CA GLY C 509 -27.93 17.36 -41.35
C GLY C 509 -28.41 17.76 -42.74
N ILE C 510 -29.00 18.96 -42.88
CA ILE C 510 -29.55 19.42 -44.15
C ILE C 510 -28.40 19.67 -45.12
N LYS C 511 -28.26 18.82 -46.14
CA LYS C 511 -27.26 19.00 -47.17
C LYS C 511 -27.78 19.97 -48.23
N PHE C 512 -27.10 21.10 -48.39
CA PHE C 512 -27.53 22.11 -49.35
C PHE C 512 -26.85 21.91 -50.70
N THR D 5 -59.35 16.84 -60.50
CA THR D 5 -58.54 18.03 -60.66
C THR D 5 -57.66 18.32 -59.42
N LEU D 6 -58.07 17.81 -58.25
CA LEU D 6 -57.22 17.92 -57.07
C LEU D 6 -55.97 17.07 -57.27
N LEU D 7 -54.83 17.58 -56.78
CA LEU D 7 -53.60 16.80 -56.90
C LEU D 7 -53.71 15.49 -56.12
N ILE D 8 -54.42 15.50 -54.98
CA ILE D 8 -54.57 14.27 -54.21
C ILE D 8 -55.33 13.18 -54.98
N ASN D 9 -56.08 13.54 -56.01
CA ASN D 9 -56.74 12.55 -56.87
C ASN D 9 -55.88 12.08 -58.02
N GLN D 10 -54.66 12.61 -58.15
CA GLN D 10 -53.82 12.13 -59.23
C GLN D 10 -52.97 10.95 -58.76
N PRO D 11 -52.66 10.00 -59.66
CA PRO D 11 -51.88 8.83 -59.24
C PRO D 11 -50.53 9.16 -58.63
N GLN D 12 -49.82 10.16 -59.18
CA GLN D 12 -48.46 10.41 -58.73
C GLN D 12 -48.41 10.97 -57.31
N TYR D 13 -49.49 11.60 -56.84
CA TYR D 13 -49.54 12.13 -55.49
C TYR D 13 -50.27 11.21 -54.54
N ALA D 14 -50.38 9.92 -54.87
CA ALA D 14 -51.05 8.97 -54.01
C ALA D 14 -50.33 8.79 -52.68
N TRP D 15 -49.04 9.11 -52.62
CA TRP D 15 -48.32 9.06 -51.35
C TRP D 15 -48.98 9.93 -50.28
N LEU D 16 -49.88 10.85 -50.68
CA LEU D 16 -50.55 11.68 -49.69
C LEU D 16 -51.46 10.87 -48.77
N LYS D 17 -51.96 9.73 -49.25
CA LYS D 17 -52.84 8.89 -48.44
C LYS D 17 -52.09 8.18 -47.32
N GLU D 18 -50.77 7.99 -47.48
CA GLU D 18 -49.97 7.43 -46.39
C GLU D 18 -50.09 8.26 -45.13
N LEU D 19 -50.43 9.54 -45.26
CA LEU D 19 -50.65 10.46 -44.15
C LEU D 19 -52.11 10.52 -43.72
N GLY D 20 -52.98 9.71 -44.33
CA GLY D 20 -54.38 9.76 -43.99
C GLY D 20 -55.14 10.90 -44.60
N LEU D 21 -54.54 11.61 -45.58
CA LEU D 21 -55.24 12.71 -46.22
C LEU D 21 -56.21 12.20 -47.28
N ARG D 22 -57.26 12.98 -47.51
CA ARG D 22 -58.29 12.64 -48.48
C ARG D 22 -58.64 13.93 -49.23
N GLU D 23 -59.59 13.84 -50.17
CA GLU D 23 -59.98 15.00 -50.96
C GLU D 23 -60.46 16.13 -50.06
N GLU D 24 -61.29 15.79 -49.08
CA GLU D 24 -61.77 16.75 -48.09
C GLU D 24 -61.49 16.17 -46.72
N ASN D 25 -60.91 17.01 -45.86
CA ASN D 25 -60.35 16.58 -44.59
C ASN D 25 -61.00 17.38 -43.47
N GLU D 26 -61.21 16.73 -42.32
CA GLU D 26 -61.65 17.44 -41.12
C GLU D 26 -60.48 18.23 -40.55
N GLY D 27 -60.72 19.50 -40.25
CA GLY D 27 -59.71 20.37 -39.70
C GLY D 27 -59.85 20.64 -38.22
N VAL D 28 -60.73 19.93 -37.53
CA VAL D 28 -60.89 20.06 -36.08
C VAL D 28 -60.62 18.70 -35.46
N TYR D 29 -59.82 18.68 -34.41
CA TYR D 29 -59.65 17.45 -33.64
C TYR D 29 -59.57 17.78 -32.16
N ASN D 30 -60.36 17.04 -31.38
CA ASN D 30 -60.41 17.20 -29.92
C ASN D 30 -60.66 15.85 -29.25
N GLY D 31 -60.21 14.77 -29.88
CA GLY D 31 -60.62 13.42 -29.54
C GLY D 31 -61.50 12.85 -30.64
N SER D 32 -62.36 13.70 -31.19
CA SER D 32 -63.12 13.46 -32.40
C SER D 32 -62.66 14.43 -33.49
N TRP D 33 -62.87 14.01 -34.74
CA TRP D 33 -62.58 14.82 -35.92
C TRP D 33 -63.87 15.50 -36.40
N GLY D 34 -63.78 16.77 -36.70
CA GLY D 34 -64.93 17.49 -37.21
C GLY D 34 -64.49 18.76 -37.93
N GLY D 35 -65.42 19.70 -38.07
CA GLY D 35 -65.16 20.96 -38.74
C GLY D 35 -66.37 21.53 -39.46
N ARG D 36 -66.95 22.60 -38.92
CA ARG D 36 -68.17 23.16 -39.48
C ARG D 36 -67.97 24.57 -40.01
N GLY D 37 -66.72 25.02 -40.12
CA GLY D 37 -66.44 26.30 -40.72
C GLY D 37 -66.39 26.19 -42.23
N GLU D 38 -65.88 27.27 -42.83
CA GLU D 38 -65.73 27.29 -44.28
C GLU D 38 -64.71 26.23 -44.68
N VAL D 39 -65.01 25.51 -45.76
CA VAL D 39 -64.07 24.58 -46.35
C VAL D 39 -63.05 25.35 -47.18
N ILE D 40 -61.76 25.15 -46.91
CA ILE D 40 -60.70 25.86 -47.63
C ILE D 40 -59.96 24.88 -48.54
N THR D 41 -59.41 25.40 -49.63
CA THR D 41 -58.56 24.64 -50.53
C THR D 41 -57.14 25.15 -50.44
N THR D 42 -56.17 24.25 -50.32
CA THR D 42 -54.77 24.63 -50.32
C THR D 42 -54.15 24.30 -51.68
N TYR D 43 -53.24 25.17 -52.12
CA TYR D 43 -52.66 25.07 -53.45
C TYR D 43 -51.18 24.81 -53.35
N CYS D 44 -50.67 24.01 -54.28
CA CYS D 44 -49.24 23.77 -54.42
C CYS D 44 -48.59 24.97 -55.09
N PRO D 45 -47.77 25.72 -54.37
CA PRO D 45 -47.15 26.93 -54.96
C PRO D 45 -46.22 26.62 -56.13
N ALA D 46 -45.83 25.35 -56.32
CA ALA D 46 -44.99 25.03 -57.47
C ALA D 46 -45.75 25.08 -58.78
N ASN D 47 -47.08 25.00 -58.74
CA ASN D 47 -47.83 24.99 -60.00
C ASN D 47 -49.21 25.61 -59.85
N ASN D 48 -49.55 26.18 -58.69
CA ASN D 48 -50.85 26.77 -58.42
C ASN D 48 -51.99 25.78 -58.63
N GLU D 49 -51.72 24.49 -58.42
CA GLU D 49 -52.77 23.49 -58.54
C GLU D 49 -53.31 23.13 -57.15
N PRO D 50 -54.63 22.97 -57.05
CA PRO D 50 -55.22 22.60 -55.76
C PRO D 50 -54.82 21.20 -55.34
N ILE D 51 -54.49 21.04 -54.07
CA ILE D 51 -54.09 19.76 -53.53
C ILE D 51 -55.29 19.02 -52.95
N ALA D 52 -55.97 19.64 -51.98
CA ALA D 52 -57.10 19.02 -51.28
C ALA D 52 -57.79 20.09 -50.43
N ARG D 53 -58.81 19.67 -49.69
CA ARG D 53 -59.66 20.57 -48.91
C ARG D 53 -59.67 20.18 -47.44
N VAL D 54 -59.84 21.19 -46.59
CA VAL D 54 -59.93 21.01 -45.15
C VAL D 54 -61.10 21.82 -44.64
N ARG D 55 -61.93 21.21 -43.79
CA ARG D 55 -63.05 21.90 -43.16
C ARG D 55 -62.53 22.63 -41.92
N GLN D 56 -62.76 23.94 -41.84
CA GLN D 56 -62.20 24.70 -40.74
C GLN D 56 -63.14 24.68 -39.54
N ALA D 57 -62.67 25.24 -38.43
CA ALA D 57 -63.44 25.28 -37.19
C ALA D 57 -64.47 26.39 -37.24
N SER D 58 -65.70 26.07 -36.87
CA SER D 58 -66.65 27.12 -36.56
C SER D 58 -66.39 27.65 -35.15
N VAL D 59 -67.14 28.70 -34.79
CA VAL D 59 -67.14 29.20 -33.41
C VAL D 59 -67.48 28.07 -32.44
N ALA D 60 -68.56 27.35 -32.74
CA ALA D 60 -68.94 26.18 -31.94
C ALA D 60 -67.82 25.15 -31.90
N ASP D 61 -67.17 24.88 -33.04
CA ASP D 61 -66.05 23.94 -33.04
C ASP D 61 -64.98 24.40 -32.04
N TYR D 62 -64.69 25.69 -32.03
CA TYR D 62 -63.64 26.21 -31.15
C TYR D 62 -64.05 26.06 -29.69
N GLU D 63 -65.29 26.38 -29.36
CA GLU D 63 -65.74 26.33 -27.97
C GLU D 63 -65.69 24.91 -27.44
N GLU D 64 -66.17 23.96 -28.24
CA GLU D 64 -66.18 22.56 -27.80
C GLU D 64 -64.76 22.02 -27.63
N THR D 65 -63.85 22.43 -28.52
CA THR D 65 -62.47 21.96 -28.46
C THR D 65 -61.75 22.47 -27.21
N VAL D 66 -61.94 23.75 -26.88
CA VAL D 66 -61.34 24.30 -25.66
C VAL D 66 -61.87 23.59 -24.43
N LYS D 67 -63.19 23.39 -24.36
CA LYS D 67 -63.74 22.68 -23.19
C LYS D 67 -63.17 21.27 -23.08
N LYS D 68 -63.03 20.58 -24.22
CA LYS D 68 -62.54 19.21 -24.16
C LYS D 68 -61.07 19.16 -23.79
N ALA D 69 -60.26 20.08 -24.33
CA ALA D 69 -58.87 20.14 -23.90
C ALA D 69 -58.75 20.49 -22.41
N ARG D 70 -59.63 21.37 -21.91
CA ARG D 70 -59.52 21.71 -20.49
C ARG D 70 -59.97 20.54 -19.62
N GLU D 71 -60.85 19.68 -20.11
CA GLU D 71 -61.17 18.49 -19.34
C GLU D 71 -60.05 17.48 -19.40
N ALA D 72 -59.48 17.28 -20.59
CA ALA D 72 -58.37 16.35 -20.72
C ALA D 72 -57.21 16.75 -19.81
N TRP D 73 -57.02 18.05 -19.60
CA TRP D 73 -55.91 18.51 -18.78
C TRP D 73 -56.00 17.95 -17.36
N LYS D 74 -57.23 17.80 -16.84
CA LYS D 74 -57.40 17.21 -15.51
C LYS D 74 -56.73 15.85 -15.42
N ILE D 75 -56.86 15.04 -16.47
CA ILE D 75 -56.19 13.74 -16.49
C ILE D 75 -54.69 13.91 -16.74
N TRP D 76 -54.34 14.67 -17.78
CA TRP D 76 -52.95 14.72 -18.25
C TRP D 76 -52.03 15.29 -17.18
N ALA D 77 -52.50 16.31 -16.45
CA ALA D 77 -51.70 16.94 -15.42
C ALA D 77 -51.40 16.00 -14.25
N ASP D 78 -52.20 14.95 -14.06
CA ASP D 78 -51.91 13.99 -13.01
C ASP D 78 -50.96 12.89 -13.47
N ILE D 79 -50.64 12.82 -14.76
CA ILE D 79 -49.70 11.81 -15.23
C ILE D 79 -48.28 12.28 -14.88
N PRO D 80 -47.50 11.47 -14.17
CA PRO D 80 -46.11 11.82 -13.90
C PRO D 80 -45.37 12.27 -15.15
N ALA D 81 -44.64 13.38 -15.02
CA ALA D 81 -43.90 13.93 -16.15
C ALA D 81 -43.03 12.93 -16.90
N PRO D 82 -42.31 12.01 -16.25
CA PRO D 82 -41.55 11.03 -17.04
C PRO D 82 -42.46 10.12 -17.86
N LYS D 83 -43.70 9.89 -17.40
CA LYS D 83 -44.64 9.15 -18.22
C LYS D 83 -45.21 10.03 -19.32
N ARG D 84 -45.34 11.33 -19.08
CA ARG D 84 -45.63 12.26 -20.17
C ARG D 84 -44.49 12.27 -21.20
N GLY D 85 -43.25 12.08 -20.75
CA GLY D 85 -42.14 11.96 -21.68
C GLY D 85 -42.21 10.71 -22.53
N GLU D 86 -42.72 9.61 -21.98
CA GLU D 86 -42.86 8.38 -22.76
C GLU D 86 -43.83 8.56 -23.91
N ILE D 87 -44.92 9.31 -23.68
CA ILE D 87 -45.79 9.69 -24.78
C ILE D 87 -45.02 10.47 -25.84
N VAL D 88 -44.26 11.47 -25.41
CA VAL D 88 -43.52 12.31 -26.36
C VAL D 88 -42.48 11.49 -27.11
N ARG D 89 -41.85 10.53 -26.43
CA ARG D 89 -40.95 9.61 -27.13
C ARG D 89 -41.67 8.90 -28.27
N GLN D 90 -42.92 8.50 -28.04
CA GLN D 90 -43.65 7.74 -29.07
C GLN D 90 -44.07 8.65 -30.22
N ILE D 91 -44.43 9.91 -29.93
CA ILE D 91 -44.62 10.89 -30.99
C ILE D 91 -43.36 10.98 -31.84
N GLY D 92 -42.20 11.13 -31.18
CA GLY D 92 -40.95 11.16 -31.93
C GLY D 92 -40.75 9.97 -32.85
N ASP D 93 -41.13 8.77 -32.37
CA ASP D 93 -41.01 7.57 -33.21
C ASP D 93 -42.02 7.59 -34.34
N ALA D 94 -43.24 8.07 -34.08
CA ALA D 94 -44.25 8.11 -35.14
C ALA D 94 -43.82 9.06 -36.24
N LEU D 95 -43.23 10.20 -35.88
CA LEU D 95 -42.66 11.13 -36.86
C LEU D 95 -41.46 10.53 -37.58
N ARG D 96 -40.65 9.72 -36.89
CA ARG D 96 -39.51 9.09 -37.56
C ARG D 96 -39.98 8.21 -38.71
N GLU D 97 -40.99 7.38 -38.46
CA GLU D 97 -41.46 6.44 -39.46
C GLU D 97 -42.15 7.13 -40.63
N LYS D 98 -42.58 8.38 -40.46
CA LYS D 98 -43.24 9.12 -41.52
C LYS D 98 -42.41 10.28 -42.06
N ILE D 99 -41.11 10.33 -41.76
CA ILE D 99 -40.38 11.57 -42.03
C ILE D 99 -40.28 11.84 -43.53
N GLN D 100 -40.24 10.80 -44.36
CA GLN D 100 -40.10 11.01 -45.80
C GLN D 100 -41.38 11.58 -46.40
N VAL D 101 -42.53 11.00 -46.03
CA VAL D 101 -43.78 11.41 -46.66
C VAL D 101 -44.27 12.74 -46.08
N LEU D 102 -44.10 12.94 -44.77
CA LEU D 102 -44.48 14.23 -44.18
C LEU D 102 -43.61 15.36 -44.72
N GLY D 103 -42.31 15.12 -44.89
CA GLY D 103 -41.45 16.11 -45.52
C GLY D 103 -41.88 16.43 -46.94
N SER D 104 -42.32 15.41 -47.69
CA SER D 104 -42.83 15.61 -49.06
C SER D 104 -44.09 16.47 -49.06
N LEU D 105 -44.98 16.26 -48.08
CA LEU D 105 -46.11 17.15 -47.93
C LEU D 105 -45.65 18.58 -47.68
N VAL D 106 -44.68 18.76 -46.78
CA VAL D 106 -44.15 20.10 -46.55
C VAL D 106 -43.69 20.71 -47.88
N SER D 107 -42.98 19.94 -48.70
CA SER D 107 -42.51 20.46 -49.98
C SER D 107 -43.68 20.81 -50.89
N LEU D 108 -44.74 19.99 -50.85
CA LEU D 108 -45.83 20.11 -51.81
C LEU D 108 -46.77 21.26 -51.44
N GLU D 109 -47.16 21.36 -50.17
CA GLU D 109 -48.09 22.40 -49.75
C GLU D 109 -47.40 23.67 -49.31
N MET D 110 -46.23 23.57 -48.69
CA MET D 110 -45.55 24.81 -48.30
C MET D 110 -44.61 25.29 -49.41
N GLY D 111 -43.82 24.40 -50.01
CA GLY D 111 -43.01 24.76 -51.16
C GLY D 111 -41.50 24.88 -50.95
N LYS D 112 -40.97 24.52 -49.79
CA LYS D 112 -39.52 24.44 -49.65
C LYS D 112 -39.01 23.13 -50.24
N ILE D 113 -37.70 23.05 -50.45
CA ILE D 113 -37.13 21.86 -51.08
C ILE D 113 -37.17 20.67 -50.12
N LEU D 114 -36.98 19.48 -50.69
CA LEU D 114 -37.26 18.25 -49.93
C LEU D 114 -36.32 18.09 -48.74
N VAL D 115 -35.04 18.46 -48.88
CA VAL D 115 -34.12 18.25 -47.77
C VAL D 115 -34.46 19.16 -46.60
N GLU D 116 -34.95 20.37 -46.87
CA GLU D 116 -35.38 21.26 -45.79
C GLU D 116 -36.70 20.77 -45.18
N GLY D 117 -37.61 20.25 -46.01
CA GLY D 117 -38.89 19.76 -45.49
C GLY D 117 -38.72 18.52 -44.62
N VAL D 118 -37.86 17.60 -45.04
CA VAL D 118 -37.48 16.48 -44.16
C VAL D 118 -36.72 17.01 -42.95
N GLY D 119 -35.77 17.92 -43.17
CA GLY D 119 -35.01 18.49 -42.07
C GLY D 119 -35.87 19.25 -41.08
N GLU D 120 -37.01 19.80 -41.53
CA GLU D 120 -37.92 20.45 -40.60
C GLU D 120 -38.63 19.43 -39.73
N VAL D 121 -39.03 18.28 -40.32
CA VAL D 121 -39.59 17.20 -39.52
C VAL D 121 -38.54 16.68 -38.53
N GLN D 122 -37.28 16.64 -38.96
CA GLN D 122 -36.20 16.21 -38.07
C GLN D 122 -36.18 17.04 -36.78
N GLU D 123 -36.35 18.36 -36.90
CA GLU D 123 -36.35 19.22 -35.72
C GLU D 123 -37.38 18.77 -34.70
N TYR D 124 -38.59 18.43 -35.15
CA TYR D 124 -39.60 17.92 -34.23
C TYR D 124 -39.14 16.61 -33.60
N VAL D 125 -38.61 15.71 -34.43
CA VAL D 125 -38.03 14.46 -33.92
C VAL D 125 -36.97 14.77 -32.87
N ASP D 126 -36.04 15.67 -33.19
CA ASP D 126 -34.98 16.03 -32.25
C ASP D 126 -35.53 16.56 -30.94
N ILE D 127 -36.47 17.52 -31.00
CA ILE D 127 -36.94 18.10 -29.76
C ILE D 127 -37.70 17.07 -28.93
N CYS D 128 -38.34 16.08 -29.58
CA CYS D 128 -38.94 14.97 -28.82
C CYS D 128 -37.87 14.21 -28.05
N ASP D 129 -36.80 13.80 -28.71
CA ASP D 129 -35.72 13.08 -28.03
C ASP D 129 -35.26 13.85 -26.81
N TYR D 130 -34.98 15.14 -27.00
CA TYR D 130 -34.62 16.04 -25.92
C TYR D 130 -35.66 16.00 -24.81
N ALA D 131 -36.92 16.27 -25.18
CA ALA D 131 -37.98 16.41 -24.19
C ALA D 131 -38.13 15.16 -23.34
N VAL D 132 -37.83 14.00 -23.90
CA VAL D 132 -37.94 12.76 -23.12
C VAL D 132 -37.06 12.85 -21.88
N GLY D 133 -35.77 13.18 -22.07
CA GLY D 133 -34.89 13.37 -20.94
C GLY D 133 -35.28 14.54 -20.07
N LEU D 134 -35.71 15.64 -20.69
CA LEU D 134 -36.18 16.79 -19.91
C LEU D 134 -37.35 16.43 -18.99
N SER D 135 -38.20 15.48 -19.39
CA SER D 135 -39.32 15.08 -18.52
C SER D 135 -38.85 14.40 -17.23
N ARG D 136 -37.57 14.08 -17.10
CA ARG D 136 -37.00 13.56 -15.86
C ARG D 136 -36.29 14.63 -15.05
N MET D 137 -36.30 15.88 -15.50
CA MET D 137 -35.38 16.90 -15.02
C MET D 137 -36.09 18.15 -14.55
N ILE D 138 -37.19 18.49 -15.21
CA ILE D 138 -37.86 19.76 -14.94
C ILE D 138 -38.23 19.87 -13.46
N GLY D 139 -38.03 21.06 -12.93
CA GLY D 139 -38.26 21.36 -11.53
C GLY D 139 -37.41 22.54 -11.14
N GLY D 140 -37.46 22.87 -9.85
CA GLY D 140 -36.65 23.94 -9.31
C GLY D 140 -35.91 23.48 -8.08
N PRO D 141 -35.09 24.36 -7.50
CA PRO D 141 -34.24 23.94 -6.38
C PRO D 141 -35.02 23.80 -5.08
N ILE D 142 -34.48 22.98 -4.20
CA ILE D 142 -34.82 23.06 -2.78
C ILE D 142 -33.71 23.88 -2.12
N LEU D 143 -34.08 25.03 -1.59
CA LEU D 143 -33.20 26.08 -1.06
C LEU D 143 -33.12 26.01 0.45
N PRO D 144 -32.01 26.50 1.04
CA PRO D 144 -31.90 26.52 2.49
C PRO D 144 -32.72 27.69 3.04
N SER D 145 -33.69 27.39 3.87
CA SER D 145 -34.41 28.45 4.56
C SER D 145 -33.54 29.04 5.65
N GLU D 146 -33.71 30.34 5.88
CA GLU D 146 -33.07 30.97 7.02
C GLU D 146 -33.81 30.68 8.32
N ARG D 147 -34.96 30.04 8.22
CA ARG D 147 -35.76 29.71 9.39
C ARG D 147 -35.49 28.27 9.80
N SER D 148 -35.24 28.09 11.08
CA SER D 148 -35.16 26.76 11.66
C SER D 148 -36.47 26.01 11.44
N GLY D 149 -36.36 24.71 11.16
CA GLY D 149 -37.54 23.86 11.01
C GLY D 149 -38.37 24.16 9.78
N HIS D 150 -37.78 24.80 8.76
CA HIS D 150 -38.50 25.22 7.57
C HIS D 150 -37.85 24.69 6.31
N ALA D 151 -38.68 24.29 5.36
CA ALA D 151 -38.25 23.92 4.02
C ALA D 151 -38.56 25.07 3.06
N LEU D 152 -37.66 25.29 2.10
CA LEU D 152 -37.92 26.24 1.03
C LEU D 152 -37.68 25.52 -0.28
N ILE D 153 -38.74 25.35 -1.07
CA ILE D 153 -38.66 24.62 -2.33
C ILE D 153 -39.34 25.45 -3.41
N GLU D 154 -38.78 25.42 -4.61
CA GLU D 154 -39.37 26.06 -5.77
C GLU D 154 -40.08 24.99 -6.58
N GLN D 155 -41.39 25.11 -6.70
CA GLN D 155 -42.19 24.16 -7.48
C GLN D 155 -42.50 24.73 -8.85
N TRP D 156 -42.58 23.84 -9.83
CA TRP D 156 -43.07 24.19 -11.15
C TRP D 156 -44.28 23.31 -11.45
N ASN D 157 -45.30 23.91 -12.05
CA ASN D 157 -46.53 23.20 -12.42
C ASN D 157 -47.03 23.74 -13.76
N PRO D 158 -47.79 22.94 -14.50
CA PRO D 158 -48.23 23.37 -15.83
C PRO D 158 -49.16 24.57 -15.76
N VAL D 159 -49.15 25.37 -16.83
CA VAL D 159 -50.06 26.49 -16.91
C VAL D 159 -51.47 26.04 -17.29
N GLY D 160 -51.63 24.89 -17.92
CA GLY D 160 -52.93 24.41 -18.34
C GLY D 160 -53.03 24.22 -19.84
N LEU D 161 -53.65 25.17 -20.51
CA LEU D 161 -53.90 25.11 -21.95
C LEU D 161 -52.94 26.08 -22.65
N VAL D 162 -52.10 25.53 -23.54
CA VAL D 162 -51.15 26.28 -24.35
C VAL D 162 -51.73 26.40 -25.76
N GLY D 163 -52.25 27.58 -26.08
CA GLY D 163 -52.57 27.88 -27.46
C GLY D 163 -51.28 28.02 -28.26
N ILE D 164 -51.27 27.41 -29.43
CA ILE D 164 -50.10 27.45 -30.32
C ILE D 164 -50.59 27.95 -31.67
N ILE D 165 -50.17 29.15 -32.05
CA ILE D 165 -50.44 29.69 -33.37
C ILE D 165 -49.13 29.70 -34.15
N THR D 166 -49.15 29.10 -35.34
CA THR D 166 -47.99 29.03 -36.20
C THR D 166 -48.27 29.69 -37.54
N ALA D 167 -47.18 29.93 -38.26
CA ALA D 167 -47.18 30.54 -39.58
C ALA D 167 -46.89 29.47 -40.65
N PHE D 168 -46.84 29.93 -41.91
CA PHE D 168 -46.72 29.02 -43.03
C PHE D 168 -45.30 28.47 -43.20
N ASN D 169 -44.27 29.23 -42.77
CA ASN D 169 -42.93 28.93 -43.28
C ASN D 169 -42.24 27.82 -42.49
N PHE D 170 -42.63 27.59 -41.24
CA PHE D 170 -42.19 26.42 -40.49
C PHE D 170 -43.44 25.78 -39.87
N SER D 171 -44.24 25.17 -40.74
CA SER D 171 -45.55 24.64 -40.38
C SER D 171 -45.47 23.39 -39.52
N VAL D 172 -44.28 22.82 -39.29
CA VAL D 172 -44.10 21.62 -38.48
C VAL D 172 -43.16 21.88 -37.30
N ALA D 173 -41.95 22.37 -37.56
CA ALA D 173 -40.93 22.50 -36.51
C ALA D 173 -41.41 23.40 -35.37
N VAL D 174 -42.00 24.55 -35.68
CA VAL D 174 -42.37 25.50 -34.63
C VAL D 174 -43.46 24.90 -33.75
N TYR D 175 -44.47 24.29 -34.37
CA TYR D 175 -45.49 23.62 -33.58
C TYR D 175 -44.85 22.53 -32.72
N GLY D 176 -43.83 21.86 -33.26
CA GLY D 176 -43.23 20.75 -32.56
C GLY D 176 -42.42 21.14 -31.34
N TRP D 177 -41.61 22.20 -31.44
CA TRP D 177 -40.90 22.70 -30.28
C TRP D 177 -41.88 22.99 -29.16
N ASN D 178 -42.93 23.73 -29.50
CA ASN D 178 -43.95 24.09 -28.52
C ASN D 178 -44.62 22.84 -27.96
N ASN D 179 -45.01 21.91 -28.84
CA ASN D 179 -45.79 20.74 -28.43
C ASN D 179 -44.99 19.81 -27.50
N ALA D 180 -43.81 19.37 -27.93
CA ALA D 180 -43.03 18.46 -27.10
C ALA D 180 -42.72 19.07 -25.72
N ILE D 181 -42.42 20.36 -25.67
CA ILE D 181 -42.11 21.00 -24.40
C ILE D 181 -43.36 21.19 -23.55
N ALA D 182 -44.42 21.76 -24.14
CA ALA D 182 -45.66 21.95 -23.38
C ALA D 182 -46.19 20.63 -22.84
N MET D 183 -46.00 19.55 -23.59
CA MET D 183 -46.55 18.27 -23.19
C MET D 183 -45.83 17.72 -21.96
N ILE D 184 -44.49 17.63 -22.03
CA ILE D 184 -43.76 17.10 -20.89
C ILE D 184 -43.95 18.00 -19.69
N CYS D 185 -44.25 19.27 -19.92
CA CYS D 185 -44.53 20.18 -18.83
C CYS D 185 -45.94 20.03 -18.25
N GLY D 186 -46.76 19.10 -18.76
CA GLY D 186 -48.09 18.87 -18.19
C GLY D 186 -49.21 19.72 -18.77
N ASN D 187 -49.00 20.32 -19.93
CA ASN D 187 -50.03 21.13 -20.56
C ASN D 187 -50.71 20.39 -21.69
N VAL D 188 -51.92 20.81 -22.00
CA VAL D 188 -52.61 20.43 -23.23
C VAL D 188 -52.44 21.56 -24.23
N CYS D 189 -52.53 21.24 -25.51
CA CYS D 189 -52.24 22.17 -26.57
C CYS D 189 -53.44 22.31 -27.50
N LEU D 190 -53.64 23.53 -28.02
CA LEU D 190 -54.59 23.83 -29.07
C LEU D 190 -53.86 24.54 -30.21
N TRP D 191 -53.81 23.89 -31.37
CA TRP D 191 -53.04 24.39 -32.51
C TRP D 191 -53.97 25.05 -33.52
N LYS D 192 -53.64 26.29 -33.92
CA LYS D 192 -54.20 26.91 -35.12
C LYS D 192 -53.04 27.29 -36.02
N GLY D 193 -52.85 26.57 -37.11
CA GLY D 193 -51.77 26.83 -38.03
C GLY D 193 -52.18 27.82 -39.10
N ALA D 194 -51.23 28.12 -39.98
CA ALA D 194 -51.53 28.97 -41.13
C ALA D 194 -52.56 28.30 -42.03
N PRO D 195 -53.56 29.04 -42.53
CA PRO D 195 -54.56 28.40 -43.39
C PRO D 195 -53.96 27.76 -44.64
N THR D 196 -52.97 28.38 -45.25
CA THR D 196 -52.41 27.83 -46.47
C THR D 196 -51.55 26.59 -46.23
N THR D 197 -51.26 26.22 -44.99
CA THR D 197 -50.64 24.92 -44.72
C THR D 197 -51.56 24.04 -43.89
N SER D 198 -52.86 24.06 -44.19
CA SER D 198 -53.83 23.28 -43.41
C SER D 198 -53.59 21.78 -43.51
N LEU D 199 -53.28 21.26 -44.70
CA LEU D 199 -53.02 19.82 -44.82
C LEU D 199 -51.86 19.37 -43.94
N ILE D 200 -50.82 20.20 -43.86
CA ILE D 200 -49.70 19.87 -42.98
C ILE D 200 -50.19 19.78 -41.55
N SER D 201 -50.99 20.76 -41.12
CA SER D 201 -51.51 20.74 -39.76
C SER D 201 -52.36 19.50 -39.51
N VAL D 202 -53.24 19.17 -40.46
CA VAL D 202 -54.07 17.99 -40.32
C VAL D 202 -53.19 16.74 -40.25
N ALA D 203 -52.16 16.66 -41.09
CA ALA D 203 -51.34 15.45 -41.13
C ALA D 203 -50.53 15.27 -39.85
N VAL D 204 -49.94 16.35 -39.33
CA VAL D 204 -49.22 16.27 -38.05
C VAL D 204 -50.17 15.82 -36.95
N THR D 205 -51.39 16.38 -36.93
CA THR D 205 -52.36 16.06 -35.89
C THR D 205 -52.79 14.59 -35.94
N LYS D 206 -52.91 14.01 -37.15
CA LYS D 206 -53.26 12.59 -37.26
C LYS D 206 -52.18 11.69 -36.66
N ILE D 207 -50.91 12.04 -36.90
CA ILE D 207 -49.81 11.29 -36.31
C ILE D 207 -49.86 11.33 -34.78
N ILE D 208 -50.08 12.53 -34.22
CA ILE D 208 -50.13 12.63 -32.76
C ILE D 208 -51.40 11.98 -32.21
N ALA D 209 -52.53 12.12 -32.91
CA ALA D 209 -53.77 11.53 -32.40
C ALA D 209 -53.63 10.02 -32.23
N LYS D 210 -53.02 9.36 -33.20
CA LYS D 210 -52.87 7.91 -33.12
C LYS D 210 -52.10 7.52 -31.87
N VAL D 211 -50.97 8.19 -31.60
CA VAL D 211 -50.20 7.88 -30.39
C VAL D 211 -51.08 8.05 -29.15
N LEU D 212 -51.79 9.18 -29.07
CA LEU D 212 -52.62 9.42 -27.90
C LEU D 212 -53.65 8.32 -27.74
N GLU D 213 -54.39 8.02 -28.83
CA GLU D 213 -55.38 6.95 -28.80
C GLU D 213 -54.75 5.61 -28.47
N ASP D 214 -53.62 5.28 -29.12
CA ASP D 214 -52.90 4.05 -28.81
C ASP D 214 -52.52 3.96 -27.34
N ASN D 215 -52.30 5.10 -26.67
CA ASN D 215 -52.00 5.12 -25.24
C ASN D 215 -53.24 5.41 -24.39
N LYS D 216 -54.43 5.35 -24.99
CA LYS D 216 -55.71 5.43 -24.27
C LYS D 216 -55.80 6.73 -23.48
N LEU D 217 -55.42 7.82 -24.13
CA LEU D 217 -55.43 9.15 -23.54
C LEU D 217 -56.41 10.03 -24.31
N PRO D 218 -57.04 11.00 -23.65
CA PRO D 218 -57.97 11.88 -24.37
C PRO D 218 -57.24 12.64 -25.46
N GLY D 219 -57.75 12.52 -26.70
CA GLY D 219 -57.09 13.15 -27.83
C GLY D 219 -56.97 14.65 -27.72
N ALA D 220 -57.85 15.27 -26.92
CA ALA D 220 -57.85 16.71 -26.77
C ALA D 220 -56.54 17.23 -26.20
N ILE D 221 -55.71 16.36 -25.61
CA ILE D 221 -54.39 16.77 -25.14
C ILE D 221 -53.65 17.52 -26.25
N CYS D 222 -53.88 17.15 -27.50
CA CYS D 222 -53.28 17.83 -28.65
C CYS D 222 -54.39 18.15 -29.63
N SER D 223 -55.15 19.21 -29.32
CA SER D 223 -56.27 19.64 -30.14
C SER D 223 -55.83 20.49 -31.30
N LEU D 224 -56.63 20.45 -32.36
CA LEU D 224 -56.42 21.21 -33.58
C LEU D 224 -57.73 21.92 -33.91
N THR D 225 -57.65 23.20 -34.26
CA THR D 225 -58.77 23.99 -34.76
C THR D 225 -58.19 24.83 -35.90
N CYS D 226 -58.19 24.26 -37.11
CA CYS D 226 -57.79 25.01 -38.30
C CYS D 226 -58.70 26.23 -38.47
N GLY D 227 -58.09 27.38 -38.68
CA GLY D 227 -58.89 28.57 -38.92
C GLY D 227 -57.98 29.75 -39.24
N GLY D 228 -58.63 30.87 -39.52
CA GLY D 228 -57.98 32.12 -39.86
C GLY D 228 -57.86 33.07 -38.69
N ALA D 229 -57.96 34.37 -38.98
CA ALA D 229 -57.70 35.39 -37.97
C ALA D 229 -58.73 35.35 -36.84
N ASP D 230 -59.96 34.95 -37.15
CA ASP D 230 -61.02 34.91 -36.14
C ASP D 230 -60.69 33.90 -35.05
N ILE D 231 -60.13 32.76 -35.43
CA ILE D 231 -59.78 31.77 -34.41
C ILE D 231 -58.60 32.27 -33.59
N GLY D 232 -57.58 32.83 -34.26
CA GLY D 232 -56.42 33.34 -33.53
C GLY D 232 -56.78 34.47 -32.58
N THR D 233 -57.70 35.34 -33.00
CA THR D 233 -58.16 36.42 -32.12
C THR D 233 -58.93 35.84 -30.94
N ALA D 234 -59.78 34.85 -31.20
CA ALA D 234 -60.48 34.18 -30.11
C ALA D 234 -59.50 33.63 -29.09
N MET D 235 -58.43 32.98 -29.55
CA MET D 235 -57.45 32.43 -28.62
C MET D 235 -56.76 33.52 -27.82
N ALA D 236 -56.41 34.64 -28.45
CA ALA D 236 -55.71 35.72 -27.75
C ALA D 236 -56.58 36.35 -26.69
N LYS D 237 -57.90 36.33 -26.88
CA LYS D 237 -58.84 36.89 -25.93
C LYS D 237 -59.36 35.87 -24.92
N ASP D 238 -59.04 34.60 -25.09
CA ASP D 238 -59.71 33.54 -24.33
C ASP D 238 -58.97 33.38 -23.01
N GLU D 239 -59.66 33.70 -21.90
CA GLU D 239 -59.09 33.44 -20.58
C GLU D 239 -58.80 31.96 -20.35
N ARG D 240 -59.43 31.07 -21.11
CA ARG D 240 -59.14 29.65 -20.97
C ARG D 240 -57.82 29.23 -21.61
N VAL D 241 -57.21 30.10 -22.42
CA VAL D 241 -55.90 29.86 -23.00
C VAL D 241 -54.86 30.48 -22.06
N ASN D 242 -54.20 29.64 -21.27
CA ASN D 242 -53.35 30.14 -20.20
C ASN D 242 -52.04 30.68 -20.76
N LEU D 243 -51.51 30.06 -21.81
CA LEU D 243 -50.34 30.55 -22.50
C LEU D 243 -50.62 30.53 -23.99
N LEU D 244 -50.40 31.64 -24.67
CA LEU D 244 -50.53 31.67 -26.12
C LEU D 244 -49.15 31.86 -26.74
N SER D 245 -48.68 30.84 -27.44
CA SER D 245 -47.45 30.90 -28.22
C SER D 245 -47.82 31.30 -29.64
N PHE D 246 -47.37 32.49 -30.07
CA PHE D 246 -47.71 33.03 -31.37
C PHE D 246 -46.44 33.26 -32.18
N THR D 247 -46.35 32.59 -33.34
CA THR D 247 -45.27 32.79 -34.31
C THR D 247 -45.87 33.38 -35.58
N GLY D 248 -45.48 34.61 -35.89
CA GLY D 248 -46.08 35.28 -37.03
C GLY D 248 -45.49 36.65 -37.24
N SER D 249 -46.22 37.48 -37.99
CA SER D 249 -45.72 38.81 -38.28
C SER D 249 -45.65 39.66 -37.00
N THR D 250 -44.83 40.71 -37.08
CA THR D 250 -44.75 41.61 -35.94
C THR D 250 -46.06 42.36 -35.76
N GLN D 251 -46.72 42.75 -36.85
CA GLN D 251 -47.90 43.58 -36.72
C GLN D 251 -49.02 42.82 -36.00
N VAL D 252 -49.18 41.54 -36.31
CA VAL D 252 -50.21 40.74 -35.65
C VAL D 252 -49.80 40.40 -34.22
N GLY D 253 -48.56 39.92 -34.04
CA GLY D 253 -48.10 39.56 -32.71
C GLY D 253 -48.24 40.68 -31.69
N LYS D 254 -48.03 41.92 -32.13
CA LYS D 254 -48.21 43.06 -31.23
C LYS D 254 -49.64 43.12 -30.71
N GLN D 255 -50.61 42.94 -31.59
CA GLN D 255 -52.01 42.90 -31.16
C GLN D 255 -52.31 41.67 -30.32
N VAL D 256 -51.77 40.51 -30.71
CA VAL D 256 -51.88 39.33 -29.86
C VAL D 256 -51.30 39.62 -28.48
N GLY D 257 -50.11 40.25 -28.44
CA GLY D 257 -49.45 40.53 -27.17
C GLY D 257 -50.27 41.43 -26.27
N LEU D 258 -50.95 42.42 -26.84
CA LEU D 258 -51.79 43.31 -26.05
C LEU D 258 -53.04 42.59 -25.57
N MET D 259 -53.70 41.84 -26.44
CA MET D 259 -54.91 41.10 -26.07
C MET D 259 -54.61 40.13 -24.93
N VAL D 260 -53.52 39.38 -25.02
CA VAL D 260 -53.16 38.51 -23.92
C VAL D 260 -52.85 39.34 -22.68
N GLN D 261 -52.19 40.48 -22.84
CA GLN D 261 -51.85 41.30 -21.68
C GLN D 261 -53.10 41.87 -21.03
N GLU D 262 -54.05 42.32 -21.85
CA GLU D 262 -55.27 42.93 -21.32
C GLU D 262 -56.03 42.00 -20.38
N ARG D 263 -55.87 40.68 -20.53
CA ARG D 263 -56.55 39.72 -19.67
C ARG D 263 -55.58 39.03 -18.72
N PHE D 264 -54.37 39.57 -18.55
CA PHE D 264 -53.39 39.03 -17.63
C PHE D 264 -53.08 37.57 -17.95
N GLY D 265 -53.01 37.25 -19.23
CA GLY D 265 -52.50 35.96 -19.67
C GLY D 265 -50.99 35.98 -19.83
N ARG D 266 -50.45 34.85 -20.26
CA ARG D 266 -49.03 34.78 -20.60
C ARG D 266 -48.92 34.61 -22.10
N SER D 267 -47.97 35.29 -22.72
CA SER D 267 -47.80 35.09 -24.14
C SER D 267 -46.34 34.81 -24.47
N LEU D 268 -46.13 34.13 -25.58
CA LEU D 268 -44.79 33.77 -26.06
C LEU D 268 -44.77 34.15 -27.52
N LEU D 269 -44.09 35.26 -27.83
CA LEU D 269 -44.14 35.88 -29.15
C LEU D 269 -42.82 35.67 -29.88
N GLU D 270 -42.91 35.10 -31.07
CA GLU D 270 -41.79 34.87 -31.97
C GLU D 270 -42.12 35.58 -33.28
N LEU D 271 -41.69 36.84 -33.41
CA LEU D 271 -42.15 37.72 -34.46
C LEU D 271 -41.08 37.88 -35.54
N GLY D 272 -41.06 39.03 -36.21
CA GLY D 272 -40.28 39.19 -37.42
C GLY D 272 -38.79 39.20 -37.18
N GLY D 273 -38.06 39.20 -38.30
CA GLY D 273 -36.62 39.31 -38.28
C GLY D 273 -36.14 40.21 -39.40
N ASN D 274 -34.96 40.76 -39.19
CA ASN D 274 -34.30 41.58 -40.20
C ASN D 274 -32.80 41.35 -40.07
N ASN D 275 -32.43 40.08 -40.22
CA ASN D 275 -31.15 39.59 -39.72
C ASN D 275 -30.01 39.99 -40.63
N ALA D 276 -28.89 40.37 -40.01
CA ALA D 276 -27.73 40.88 -40.71
C ALA D 276 -26.58 39.88 -40.62
N ILE D 277 -25.84 39.76 -41.71
CA ILE D 277 -24.54 39.09 -41.74
C ILE D 277 -23.50 40.17 -41.93
N ILE D 278 -22.49 40.19 -41.07
CA ILE D 278 -21.41 41.16 -41.16
C ILE D 278 -20.11 40.40 -41.41
N ALA D 279 -19.48 40.68 -42.56
CA ALA D 279 -18.22 40.08 -42.93
C ALA D 279 -17.13 41.14 -42.83
N PHE D 280 -16.13 40.89 -41.97
CA PHE D 280 -15.01 41.79 -41.73
C PHE D 280 -13.88 41.50 -42.71
N GLU D 281 -12.85 42.36 -42.68
CA GLU D 281 -11.81 42.21 -43.70
C GLU D 281 -11.04 40.90 -43.54
N ASP D 282 -10.92 40.39 -42.32
CA ASP D 282 -10.15 39.18 -42.07
C ASP D 282 -11.00 37.91 -42.18
N ALA D 283 -12.20 37.98 -42.73
CA ALA D 283 -13.07 36.81 -42.78
C ALA D 283 -12.61 35.80 -43.84
N ASP D 284 -12.80 34.52 -43.53
CA ASP D 284 -12.63 33.44 -44.51
C ASP D 284 -13.74 33.56 -45.54
N LEU D 285 -13.41 34.07 -46.73
CA LEU D 285 -14.43 34.31 -47.73
C LEU D 285 -15.01 33.01 -48.27
N SER D 286 -14.26 31.91 -48.19
CA SER D 286 -14.81 30.62 -48.57
C SER D 286 -15.89 30.16 -47.60
N LEU D 287 -15.96 30.77 -46.42
CA LEU D 287 -17.08 30.59 -45.49
C LEU D 287 -18.18 31.61 -45.76
N VAL D 288 -17.79 32.86 -46.01
CA VAL D 288 -18.73 33.96 -46.13
C VAL D 288 -19.73 33.70 -47.25
N VAL D 289 -19.24 33.34 -48.45
CA VAL D 289 -20.10 33.37 -49.63
C VAL D 289 -21.08 32.21 -49.62
N PRO D 290 -20.69 30.96 -49.36
CA PRO D 290 -21.70 29.91 -49.22
C PRO D 290 -22.62 30.10 -48.03
N SER D 291 -22.13 30.66 -46.92
CA SER D 291 -23.01 30.94 -45.79
C SER D 291 -24.04 31.98 -46.15
N ALA D 292 -23.61 33.07 -46.81
CA ALA D 292 -24.56 34.11 -47.20
C ALA D 292 -25.59 33.59 -48.18
N LEU D 293 -25.16 32.79 -49.16
CA LEU D 293 -26.08 32.23 -50.16
C LEU D 293 -27.18 31.39 -49.49
N PHE D 294 -26.78 30.40 -48.70
CA PHE D 294 -27.75 29.59 -47.97
C PHE D 294 -28.68 30.46 -47.14
N ALA D 295 -28.11 31.33 -46.29
CA ALA D 295 -28.95 32.09 -45.37
C ALA D 295 -29.89 33.03 -46.11
N ALA D 296 -29.51 33.47 -47.29
CA ALA D 296 -30.36 34.41 -48.00
C ALA D 296 -31.35 33.71 -48.94
N VAL D 297 -30.93 32.67 -49.67
CA VAL D 297 -31.82 32.05 -50.65
C VAL D 297 -32.45 30.75 -50.18
N GLY D 298 -31.93 30.11 -49.13
CA GLY D 298 -32.59 28.96 -48.55
C GLY D 298 -34.05 29.28 -48.25
N THR D 299 -34.92 28.28 -48.43
CA THR D 299 -36.36 28.45 -48.24
C THR D 299 -36.90 29.60 -49.10
N ALA D 300 -36.24 29.89 -50.22
CA ALA D 300 -36.54 31.05 -51.06
C ALA D 300 -36.58 32.33 -50.22
N GLY D 301 -35.73 32.40 -49.21
CA GLY D 301 -35.65 33.56 -48.34
C GLY D 301 -36.88 33.80 -47.51
N GLN D 302 -37.63 32.74 -47.16
CA GLN D 302 -38.86 32.90 -46.41
C GLN D 302 -38.73 32.45 -44.95
N ARG D 303 -37.51 32.33 -44.44
CA ARG D 303 -37.34 32.01 -43.04
C ARG D 303 -37.40 33.28 -42.21
N CYS D 304 -37.87 33.16 -40.96
CA CYS D 304 -37.76 34.29 -40.05
C CYS D 304 -36.30 34.63 -39.76
N THR D 305 -35.42 33.64 -39.89
CA THR D 305 -33.99 33.81 -39.67
C THR D 305 -33.20 34.04 -40.98
N THR D 306 -33.90 34.24 -42.10
CA THR D 306 -33.23 34.54 -43.36
C THR D 306 -32.34 35.76 -43.20
N ALA D 307 -31.21 35.77 -43.89
CA ALA D 307 -30.36 36.95 -43.97
C ALA D 307 -30.98 37.93 -44.96
N ARG D 308 -31.28 39.14 -44.48
CA ARG D 308 -31.81 40.19 -45.36
C ARG D 308 -30.87 41.39 -45.48
N ARG D 309 -29.90 41.53 -44.57
CA ARG D 309 -28.89 42.59 -44.63
C ARG D 309 -27.51 41.94 -44.61
N LEU D 310 -26.64 42.37 -45.53
CA LEU D 310 -25.28 41.83 -45.64
C LEU D 310 -24.29 42.98 -45.61
N PHE D 311 -23.64 43.15 -44.47
CA PHE D 311 -22.63 44.18 -44.32
C PHE D 311 -21.26 43.59 -44.66
N ILE D 312 -20.56 44.23 -45.59
CA ILE D 312 -19.24 43.79 -46.02
C ILE D 312 -18.27 44.95 -45.81
N HIS D 313 -17.11 44.65 -45.24
CA HIS D 313 -16.08 45.66 -45.13
C HIS D 313 -15.67 46.13 -46.52
N GLU D 314 -15.53 47.46 -46.66
CA GLU D 314 -15.31 48.07 -47.95
C GLU D 314 -14.07 47.57 -48.67
N SER D 315 -13.13 46.93 -47.95
CA SER D 315 -11.97 46.35 -48.61
C SER D 315 -12.34 45.13 -49.46
N ILE D 316 -13.44 44.47 -49.15
CA ILE D 316 -13.76 43.22 -49.84
C ILE D 316 -15.20 43.24 -50.32
N HIS D 317 -15.82 44.44 -50.35
CA HIS D 317 -17.23 44.51 -50.70
C HIS D 317 -17.48 44.00 -52.10
N ASP D 318 -16.68 44.49 -53.07
CA ASP D 318 -16.89 44.10 -54.46
C ASP D 318 -16.56 42.63 -54.68
N GLU D 319 -15.47 42.15 -54.11
CA GLU D 319 -15.10 40.74 -54.29
C GLU D 319 -16.20 39.83 -53.76
N VAL D 320 -16.71 40.11 -52.56
CA VAL D 320 -17.77 39.28 -52.01
C VAL D 320 -19.01 39.38 -52.89
N VAL D 321 -19.35 40.58 -53.36
CA VAL D 321 -20.54 40.74 -54.17
C VAL D 321 -20.39 39.98 -55.49
N ASN D 322 -19.20 40.03 -56.10
CA ASN D 322 -18.98 39.32 -57.36
C ASN D 322 -19.02 37.81 -57.17
N ARG D 323 -18.33 37.30 -56.15
CA ARG D 323 -18.35 35.86 -55.90
C ARG D 323 -19.76 35.39 -55.52
N LEU D 324 -20.47 36.19 -54.73
CA LEU D 324 -21.84 35.86 -54.38
C LEU D 324 -22.73 35.85 -55.61
N LYS D 325 -22.52 36.80 -56.52
CA LYS D 325 -23.26 36.87 -57.77
C LYS D 325 -23.04 35.63 -58.62
N LYS D 326 -21.76 35.30 -58.89
CA LYS D 326 -21.48 34.08 -59.64
C LYS D 326 -22.01 32.84 -58.93
N ALA D 327 -22.11 32.89 -57.60
CA ALA D 327 -22.68 31.77 -56.87
C ALA D 327 -24.20 31.71 -57.01
N TYR D 328 -24.84 32.89 -57.07
CA TYR D 328 -26.29 32.93 -57.30
C TYR D 328 -26.65 32.34 -58.64
N ALA D 329 -25.89 32.68 -59.68
CA ALA D 329 -26.20 32.26 -61.05
C ALA D 329 -26.08 30.75 -61.24
N GLN D 330 -25.71 30.02 -60.18
CA GLN D 330 -25.53 28.58 -60.22
C GLN D 330 -26.55 27.83 -59.36
N ILE D 331 -27.56 28.50 -58.83
CA ILE D 331 -28.56 27.82 -58.03
C ILE D 331 -29.49 27.07 -58.97
N ARG D 332 -29.79 25.80 -58.63
CA ARG D 332 -30.66 24.95 -59.45
C ARG D 332 -32.11 25.16 -59.02
N VAL D 333 -32.93 25.72 -59.93
CA VAL D 333 -34.31 26.06 -59.64
C VAL D 333 -35.22 25.01 -60.26
N GLY D 334 -36.33 24.73 -59.61
CA GLY D 334 -37.27 23.75 -60.13
C GLY D 334 -38.25 23.32 -59.05
N ASN D 335 -38.95 22.23 -59.35
CA ASN D 335 -39.91 21.67 -58.40
C ASN D 335 -39.19 21.30 -57.11
N PRO D 336 -39.69 21.73 -55.95
CA PRO D 336 -38.94 21.53 -54.70
C PRO D 336 -38.78 20.07 -54.29
N TRP D 337 -39.57 19.14 -54.84
CA TRP D 337 -39.41 17.73 -54.50
C TRP D 337 -38.45 17.01 -55.46
N ASP D 338 -37.97 17.69 -56.50
CA ASP D 338 -37.09 17.07 -57.48
C ASP D 338 -35.65 17.09 -56.98
N PRO D 339 -34.84 16.10 -57.34
CA PRO D 339 -33.52 15.95 -56.73
C PRO D 339 -32.58 17.08 -57.14
N ASN D 340 -31.63 17.38 -56.25
CA ASN D 340 -30.61 18.40 -56.47
C ASN D 340 -31.21 19.78 -56.70
N VAL D 341 -32.50 19.94 -56.44
CA VAL D 341 -33.15 21.25 -56.53
C VAL D 341 -32.90 22.00 -55.23
N LEU D 342 -32.45 23.25 -55.34
CA LEU D 342 -32.09 24.05 -54.18
C LEU D 342 -32.94 25.29 -54.02
N TYR D 343 -33.69 25.68 -55.04
CA TYR D 343 -34.48 26.91 -55.01
C TYR D 343 -35.87 26.60 -55.54
N GLY D 344 -36.88 26.64 -54.67
CA GLY D 344 -38.25 26.44 -55.06
C GLY D 344 -39.01 27.75 -55.14
N PRO D 345 -40.34 27.71 -55.12
CA PRO D 345 -41.15 28.90 -55.31
C PRO D 345 -41.42 29.66 -54.00
N LEU D 346 -41.98 30.85 -54.16
CA LEU D 346 -42.56 31.57 -53.03
C LEU D 346 -43.86 30.89 -52.60
N HIS D 347 -44.32 31.20 -51.39
CA HIS D 347 -45.44 30.44 -50.85
C HIS D 347 -46.78 30.85 -51.47
N THR D 348 -46.97 32.13 -51.76
CA THR D 348 -48.26 32.61 -52.23
C THR D 348 -48.07 33.44 -53.49
N LYS D 349 -49.16 33.59 -54.26
CA LYS D 349 -49.16 34.57 -55.34
C LYS D 349 -48.96 35.97 -54.79
N GLN D 350 -49.59 36.28 -53.65
CA GLN D 350 -49.45 37.61 -53.05
C GLN D 350 -48.00 37.91 -52.71
N ALA D 351 -47.23 36.90 -52.31
CA ALA D 351 -45.82 37.10 -52.01
C ALA D 351 -45.04 37.59 -53.23
N VAL D 352 -45.49 37.23 -54.43
CA VAL D 352 -44.78 37.65 -55.64
C VAL D 352 -45.00 39.14 -55.91
N SER D 353 -46.17 39.67 -55.57
CA SER D 353 -46.40 41.10 -55.71
C SER D 353 -45.58 41.90 -54.71
N MET D 354 -45.51 41.42 -53.47
CA MET D 354 -44.67 42.07 -52.46
C MET D 354 -43.21 42.08 -52.89
N PHE D 355 -42.76 41.00 -53.53
CA PHE D 355 -41.38 40.95 -54.02
C PHE D 355 -41.17 41.96 -55.14
N LEU D 356 -42.05 41.97 -56.14
CA LEU D 356 -41.94 42.95 -57.21
C LEU D 356 -42.04 44.37 -56.67
N GLY D 357 -42.89 44.59 -55.67
CA GLY D 357 -43.04 45.93 -55.14
C GLY D 357 -41.83 46.39 -54.35
N ALA D 358 -41.19 45.46 -53.64
CA ALA D 358 -39.99 45.79 -52.87
C ALA D 358 -38.82 46.14 -53.79
N VAL D 359 -38.67 45.38 -54.89
CA VAL D 359 -37.59 45.62 -55.85
C VAL D 359 -37.68 47.03 -56.42
N GLU D 360 -38.88 47.42 -56.86
CA GLU D 360 -39.05 48.76 -57.41
C GLU D 360 -38.76 49.81 -56.34
N GLU D 361 -39.30 49.60 -55.14
CA GLU D 361 -39.04 50.52 -54.04
C GLU D 361 -37.55 50.60 -53.72
N ALA D 362 -36.84 49.47 -53.84
CA ALA D 362 -35.40 49.50 -53.63
C ALA D 362 -34.72 50.34 -54.70
N LYS D 363 -35.00 50.05 -55.97
CA LYS D 363 -34.53 50.91 -57.05
C LYS D 363 -34.92 52.35 -56.79
N LYS D 364 -36.15 52.55 -56.31
CA LYS D 364 -36.63 53.89 -56.01
C LYS D 364 -35.74 54.58 -54.99
N GLU D 365 -35.32 53.85 -53.95
CA GLU D 365 -34.50 54.44 -52.89
C GLU D 365 -33.01 54.47 -53.24
N GLY D 366 -32.64 54.22 -54.51
CA GLY D 366 -31.27 54.38 -54.97
C GLY D 366 -30.43 53.12 -55.00
N GLY D 367 -30.96 52.00 -54.52
CA GLY D 367 -30.22 50.75 -54.62
C GLY D 367 -30.15 50.26 -56.05
N THR D 368 -29.11 49.49 -56.34
CA THR D 368 -28.89 48.90 -57.65
C THR D 368 -29.11 47.39 -57.57
N VAL D 369 -29.98 46.86 -58.43
CA VAL D 369 -30.21 45.43 -58.52
C VAL D 369 -29.08 44.83 -59.36
N VAL D 370 -28.16 44.12 -58.70
CA VAL D 370 -27.04 43.50 -59.39
C VAL D 370 -27.28 42.03 -59.74
N TYR D 371 -28.35 41.42 -59.21
CA TYR D 371 -28.72 40.08 -59.65
C TYR D 371 -30.20 39.87 -59.35
N GLY D 372 -30.89 39.20 -60.26
CA GLY D 372 -32.31 38.90 -60.12
C GLY D 372 -33.21 40.09 -60.37
N GLY D 373 -34.25 40.21 -59.54
CA GLY D 373 -35.21 41.27 -59.60
C GLY D 373 -36.50 40.89 -60.30
N LYS D 374 -36.45 39.93 -61.22
CA LYS D 374 -37.58 39.62 -62.08
C LYS D 374 -38.32 38.37 -61.59
N VAL D 375 -39.58 38.27 -62.03
CA VAL D 375 -40.37 37.06 -61.84
C VAL D 375 -39.97 36.04 -62.89
N MET D 376 -39.81 34.78 -62.48
CA MET D 376 -39.39 33.74 -63.41
C MET D 376 -40.55 33.33 -64.29
N ASP D 377 -40.29 33.20 -65.59
CA ASP D 377 -41.34 32.91 -66.58
C ASP D 377 -41.59 31.41 -66.61
N ARG D 378 -42.39 30.95 -65.67
CA ARG D 378 -42.65 29.52 -65.46
C ARG D 378 -43.86 29.38 -64.53
N PRO D 379 -44.49 28.21 -64.51
CA PRO D 379 -45.59 28.01 -63.57
C PRO D 379 -45.10 28.04 -62.14
N GLY D 380 -45.97 28.49 -61.25
CA GLY D 380 -45.65 28.60 -59.85
C GLY D 380 -45.25 30.02 -59.48
N ASN D 381 -45.07 30.21 -58.17
CA ASN D 381 -44.69 31.51 -57.63
C ASN D 381 -43.17 31.63 -57.55
N TYR D 382 -42.53 31.54 -58.72
CA TYR D 382 -41.09 31.56 -58.81
C TYR D 382 -40.59 32.97 -59.11
N VAL D 383 -39.75 33.50 -58.22
CA VAL D 383 -39.07 34.77 -58.41
C VAL D 383 -37.56 34.52 -58.32
N GLU D 384 -36.81 35.33 -59.05
CA GLU D 384 -35.35 35.23 -59.00
C GLU D 384 -34.83 35.71 -57.66
N PRO D 385 -33.89 34.99 -57.05
CA PRO D 385 -33.22 35.53 -55.85
C PRO D 385 -32.44 36.78 -56.22
N THR D 386 -32.55 37.80 -55.39
CA THR D 386 -32.13 39.15 -55.74
C THR D 386 -31.03 39.64 -54.79
N ILE D 387 -30.14 40.48 -55.32
CA ILE D 387 -29.08 41.15 -54.57
C ILE D 387 -29.14 42.64 -54.92
N VAL D 388 -29.23 43.50 -53.90
CA VAL D 388 -29.35 44.94 -54.11
C VAL D 388 -28.19 45.66 -53.41
N THR D 389 -27.43 46.43 -54.17
CA THR D 389 -26.32 47.20 -53.62
C THR D 389 -26.66 48.69 -53.64
N GLY D 390 -25.92 49.45 -52.84
CA GLY D 390 -25.95 50.90 -52.96
C GLY D 390 -26.92 51.64 -52.07
N LEU D 391 -27.83 50.94 -51.39
CA LEU D 391 -28.67 51.60 -50.40
C LEU D 391 -27.85 52.06 -49.20
N GLY D 392 -28.20 53.22 -48.66
CA GLY D 392 -27.75 53.55 -47.32
C GLY D 392 -28.26 52.51 -46.34
N HIS D 393 -27.45 52.23 -45.31
CA HIS D 393 -27.84 51.16 -44.39
C HIS D 393 -29.20 51.43 -43.76
N ASP D 394 -29.65 52.67 -43.75
CA ASP D 394 -30.89 53.05 -43.09
C ASP D 394 -31.99 53.40 -44.09
N ALA D 395 -31.92 52.86 -45.31
CA ALA D 395 -33.03 52.99 -46.24
C ALA D 395 -34.28 52.34 -45.66
N SER D 396 -35.44 52.97 -45.90
CA SER D 396 -36.68 52.47 -45.32
C SER D 396 -37.00 51.07 -45.84
N ILE D 397 -36.71 50.81 -47.12
CA ILE D 397 -37.00 49.50 -47.68
C ILE D 397 -36.21 48.41 -46.97
N ALA D 398 -34.98 48.72 -46.53
CA ALA D 398 -34.14 47.71 -45.90
C ALA D 398 -34.46 47.49 -44.42
N HIS D 399 -35.22 48.39 -43.80
CA HIS D 399 -35.65 48.20 -42.42
C HIS D 399 -37.01 47.51 -42.32
N THR D 400 -37.82 47.57 -43.37
CA THR D 400 -39.04 46.77 -43.42
C THR D 400 -38.70 45.30 -43.67
N GLU D 401 -39.38 44.42 -42.96
CA GLU D 401 -39.28 42.99 -43.20
C GLU D 401 -40.17 42.61 -44.37
N THR D 402 -39.57 42.03 -45.40
CA THR D 402 -40.30 41.54 -46.57
C THR D 402 -39.88 40.10 -46.79
N PHE D 403 -40.85 39.18 -46.76
CA PHE D 403 -40.60 37.75 -46.95
C PHE D 403 -40.34 37.45 -48.43
N ALA D 404 -39.28 38.05 -48.96
CA ALA D 404 -38.89 37.83 -50.33
C ALA D 404 -37.39 37.59 -50.36
N PRO D 405 -36.90 36.84 -51.34
CA PRO D 405 -35.45 36.65 -51.45
C PRO D 405 -34.77 37.88 -52.05
N ILE D 406 -34.67 38.93 -51.24
CA ILE D 406 -33.93 40.13 -51.60
C ILE D 406 -32.87 40.34 -50.55
N LEU D 407 -31.61 40.48 -50.98
CA LEU D 407 -30.48 40.71 -50.09
C LEU D 407 -30.01 42.14 -50.27
N TYR D 408 -30.01 42.92 -49.19
CA TYR D 408 -29.53 44.29 -49.19
C TYR D 408 -28.09 44.33 -48.69
N VAL D 409 -27.17 44.76 -49.56
CA VAL D 409 -25.73 44.74 -49.30
C VAL D 409 -25.25 46.14 -48.96
N PHE D 410 -24.49 46.28 -47.88
CA PHE D 410 -23.94 47.56 -47.44
C PHE D 410 -22.45 47.45 -47.20
N LYS D 411 -21.74 48.58 -47.35
CA LYS D 411 -20.34 48.69 -46.98
C LYS D 411 -20.21 49.22 -45.56
N PHE D 412 -19.10 48.87 -44.91
CA PHE D 412 -18.74 49.52 -43.67
C PHE D 412 -17.22 49.59 -43.56
N LYS D 413 -16.77 50.36 -42.58
CA LYS D 413 -15.36 50.45 -42.23
C LYS D 413 -15.07 49.96 -40.81
N ASN D 414 -15.81 50.46 -39.82
CA ASN D 414 -15.47 50.27 -38.41
C ASN D 414 -16.40 49.25 -37.76
N GLU D 415 -15.84 48.51 -36.79
CA GLU D 415 -16.61 47.52 -36.05
C GLU D 415 -17.72 48.18 -35.22
N GLU D 416 -17.43 49.35 -34.65
CA GLU D 416 -18.39 50.02 -33.77
C GLU D 416 -19.64 50.42 -34.54
N GLU D 417 -19.46 51.08 -35.70
CA GLU D 417 -20.62 51.52 -36.45
C GLU D 417 -21.44 50.34 -36.97
N VAL D 418 -20.78 49.30 -37.47
CA VAL D 418 -21.55 48.20 -38.06
C VAL D 418 -22.27 47.40 -36.98
N PHE D 419 -21.66 47.22 -35.79
CA PHE D 419 -22.42 46.64 -34.68
C PHE D 419 -23.65 47.48 -34.38
N ALA D 420 -23.50 48.81 -34.35
CA ALA D 420 -24.66 49.68 -34.16
C ALA D 420 -25.69 49.49 -35.29
N TRP D 421 -25.22 49.36 -36.54
CA TRP D 421 -26.14 49.20 -37.67
C TRP D 421 -26.88 47.87 -37.59
N ASN D 422 -26.20 46.80 -37.17
CA ASN D 422 -26.92 45.57 -36.89
C ASN D 422 -28.05 45.81 -35.90
N ASN D 423 -27.79 46.63 -34.87
CA ASN D 423 -28.72 46.77 -33.76
C ASN D 423 -29.80 47.82 -34.03
N GLU D 424 -29.62 48.66 -35.05
CA GLU D 424 -30.51 49.80 -35.22
C GLU D 424 -31.94 49.43 -35.63
N VAL D 425 -32.18 48.20 -36.10
CA VAL D 425 -33.52 47.84 -36.62
C VAL D 425 -34.48 47.55 -35.48
N LYS D 426 -35.79 47.47 -35.78
CA LYS D 426 -36.78 47.15 -34.76
C LYS D 426 -36.67 45.69 -34.30
N GLN D 427 -36.40 44.76 -35.22
CA GLN D 427 -36.32 43.35 -34.85
C GLN D 427 -34.99 43.02 -34.17
N GLY D 428 -34.98 41.90 -33.45
CA GLY D 428 -33.77 41.41 -32.83
C GLY D 428 -33.68 39.89 -32.80
N LEU D 429 -33.83 39.24 -33.95
CA LEU D 429 -33.89 37.79 -34.01
C LEU D 429 -32.50 37.18 -34.14
N SER D 430 -31.96 37.15 -35.35
CA SER D 430 -30.69 36.50 -35.60
C SER D 430 -29.67 37.53 -36.09
N SER D 431 -28.39 37.15 -36.01
CA SER D 431 -27.26 37.99 -36.38
C SER D 431 -26.04 37.09 -36.48
N SER D 432 -25.11 37.47 -37.34
CA SER D 432 -23.88 36.71 -37.50
C SER D 432 -22.75 37.63 -37.94
N ILE D 433 -21.57 37.42 -37.39
CA ILE D 433 -20.36 38.07 -37.88
C ILE D 433 -19.42 37.00 -38.39
N PHE D 434 -18.65 37.36 -39.40
CA PHE D 434 -17.63 36.50 -39.99
C PHE D 434 -16.29 37.18 -39.79
N THR D 435 -15.45 36.58 -38.95
CA THR D 435 -14.16 37.16 -38.63
C THR D 435 -13.32 36.08 -37.99
N LYS D 436 -12.03 36.37 -37.84
CA LYS D 436 -11.09 35.52 -37.13
C LYS D 436 -10.54 36.18 -35.88
N ASP D 437 -10.92 37.42 -35.60
CA ASP D 437 -10.38 38.20 -34.49
C ASP D 437 -11.01 37.74 -33.19
N LEU D 438 -10.18 37.22 -32.27
CA LEU D 438 -10.72 36.66 -31.03
C LEU D 438 -11.43 37.72 -30.20
N GLY D 439 -10.84 38.92 -30.09
CA GLY D 439 -11.46 39.98 -29.30
C GLY D 439 -12.78 40.46 -29.87
N ARG D 440 -12.82 40.72 -31.18
CA ARG D 440 -14.05 41.17 -31.83
C ARG D 440 -15.20 40.16 -31.62
N ILE D 441 -14.87 38.86 -31.64
CA ILE D 441 -15.90 37.84 -31.42
C ILE D 441 -16.51 38.00 -30.02
N PHE D 442 -15.66 38.09 -28.99
CA PHE D 442 -16.21 38.23 -27.64
C PHE D 442 -16.86 39.58 -27.42
N ARG D 443 -16.40 40.63 -28.10
CA ARG D 443 -17.15 41.89 -28.01
C ARG D 443 -18.51 41.75 -28.65
N TRP D 444 -18.60 40.98 -29.75
CA TRP D 444 -19.86 40.71 -30.42
C TRP D 444 -20.84 39.99 -29.49
N LEU D 445 -20.33 39.16 -28.59
CA LEU D 445 -21.16 38.40 -27.68
C LEU D 445 -21.46 39.17 -26.41
N GLY D 446 -20.81 40.32 -26.21
CA GLY D 446 -20.85 41.06 -24.98
C GLY D 446 -21.90 42.15 -24.99
N PRO D 447 -21.89 42.99 -23.95
CA PRO D 447 -22.99 43.96 -23.78
C PRO D 447 -23.01 45.06 -24.82
N LYS D 448 -21.90 45.31 -25.51
CA LYS D 448 -21.87 46.30 -26.59
C LYS D 448 -21.87 45.63 -27.96
N GLY D 449 -22.24 44.35 -28.01
CA GLY D 449 -22.27 43.59 -29.25
C GLY D 449 -23.67 43.50 -29.83
N SER D 450 -24.03 42.31 -30.28
CA SER D 450 -25.34 42.13 -30.88
C SER D 450 -26.44 42.19 -29.83
N ASP D 451 -27.53 42.83 -30.18
CA ASP D 451 -28.71 42.85 -29.32
C ASP D 451 -29.69 41.73 -29.65
N CYS D 452 -29.34 40.80 -30.53
CA CYS D 452 -30.29 39.80 -31.01
C CYS D 452 -30.37 38.62 -30.04
N GLY D 453 -31.37 37.76 -30.24
CA GLY D 453 -31.51 36.56 -29.44
C GLY D 453 -30.63 35.44 -29.92
N ILE D 454 -30.35 35.39 -31.21
CA ILE D 454 -29.40 34.45 -31.82
C ILE D 454 -28.20 35.27 -32.30
N VAL D 455 -27.01 34.93 -31.79
CA VAL D 455 -25.79 35.69 -32.07
C VAL D 455 -24.74 34.68 -32.54
N ASN D 456 -24.43 34.69 -33.83
CA ASN D 456 -23.59 33.65 -34.42
C ASN D 456 -22.27 34.21 -34.91
N VAL D 457 -21.32 33.30 -35.16
CA VAL D 457 -19.97 33.66 -35.56
C VAL D 457 -19.48 32.63 -36.57
N ASN D 458 -19.22 33.08 -37.81
CA ASN D 458 -18.72 32.23 -38.90
C ASN D 458 -19.71 31.14 -39.32
N ILE D 459 -21.01 31.40 -39.14
CA ILE D 459 -22.09 30.57 -39.67
C ILE D 459 -23.28 31.46 -40.00
N PRO D 460 -24.22 31.05 -40.84
CA PRO D 460 -25.33 31.92 -41.21
C PRO D 460 -26.25 32.29 -40.03
N THR D 461 -27.20 33.17 -40.33
CA THR D 461 -28.23 33.56 -39.37
C THR D 461 -29.33 32.52 -39.22
N SER D 462 -29.37 31.52 -40.08
CA SER D 462 -30.41 30.50 -40.04
C SER D 462 -29.83 29.19 -39.53
N GLY D 463 -30.72 28.29 -39.18
CA GLY D 463 -30.32 26.92 -38.88
C GLY D 463 -29.80 26.67 -37.47
N ALA D 464 -30.54 27.13 -36.47
CA ALA D 464 -30.21 26.82 -35.09
C ALA D 464 -30.42 25.33 -34.80
N GLU D 465 -29.89 24.88 -33.66
CA GLU D 465 -30.14 23.54 -33.16
C GLU D 465 -30.98 23.57 -31.88
N ILE D 466 -31.52 22.41 -31.53
CA ILE D 466 -32.52 22.35 -30.47
C ILE D 466 -31.94 22.55 -29.07
N GLY D 467 -30.63 22.38 -28.88
CA GLY D 467 -30.09 22.44 -27.53
C GLY D 467 -30.27 23.79 -26.85
N GLY D 468 -30.27 24.87 -27.62
CA GLY D 468 -30.41 26.19 -27.07
C GLY D 468 -31.82 26.74 -27.19
N ALA D 469 -32.06 27.84 -26.49
CA ALA D 469 -33.32 28.55 -26.58
C ALA D 469 -33.36 29.35 -27.86
N PHE D 470 -34.53 29.40 -28.49
CA PHE D 470 -34.69 30.02 -29.79
C PHE D 470 -35.66 31.18 -29.69
N GLY D 471 -35.27 32.34 -30.19
CA GLY D 471 -36.13 33.51 -30.10
C GLY D 471 -35.32 34.78 -30.21
N GLY D 472 -36.05 35.90 -30.30
CA GLY D 472 -35.43 37.19 -30.50
C GLY D 472 -35.83 38.20 -29.42
N GLU D 473 -35.24 39.38 -29.58
CA GLU D 473 -35.42 40.53 -28.71
C GLU D 473 -36.12 41.64 -29.49
N LYS D 474 -36.38 42.75 -28.80
CA LYS D 474 -36.95 43.94 -29.42
C LYS D 474 -38.28 43.55 -30.06
N HIS D 475 -38.58 43.97 -31.30
CA HIS D 475 -39.90 43.68 -31.85
C HIS D 475 -40.08 42.21 -32.27
N THR D 476 -39.10 41.35 -32.02
CA THR D 476 -39.32 39.91 -32.22
C THR D 476 -40.15 39.31 -31.08
N GLY D 477 -40.42 40.07 -30.01
CA GLY D 477 -41.43 39.69 -29.04
C GLY D 477 -40.89 39.10 -27.74
N GLY D 478 -39.67 38.57 -27.74
CA GLY D 478 -39.03 38.13 -26.53
C GLY D 478 -39.20 36.67 -26.18
N GLY D 479 -40.02 35.92 -26.90
CA GLY D 479 -40.23 34.52 -26.57
C GLY D 479 -39.01 33.65 -26.83
N ARG D 480 -38.97 32.51 -26.14
CA ARG D 480 -37.99 31.47 -26.37
C ARG D 480 -38.67 30.12 -26.49
N GLU D 481 -38.17 29.31 -27.42
CA GLU D 481 -38.71 27.97 -27.66
C GLU D 481 -37.55 26.98 -27.66
N SER D 482 -37.91 25.69 -27.61
CA SER D 482 -37.00 24.56 -27.72
C SER D 482 -36.13 24.39 -26.46
N GLY D 483 -34.84 24.79 -26.53
CA GLY D 483 -33.83 24.34 -25.60
C GLY D 483 -33.59 25.24 -24.38
N SER D 484 -32.44 25.00 -23.73
CA SER D 484 -32.10 25.60 -22.45
C SER D 484 -33.22 25.42 -21.44
N ASP D 485 -33.56 26.46 -20.69
CA ASP D 485 -34.71 26.41 -19.79
C ASP D 485 -35.93 27.13 -20.38
N ALA D 486 -36.06 27.13 -21.71
CA ALA D 486 -37.27 27.61 -22.36
C ALA D 486 -38.52 26.95 -21.79
N TRP D 487 -38.41 25.70 -21.31
CA TRP D 487 -39.58 25.01 -20.76
C TRP D 487 -40.28 25.80 -19.68
N LYS D 488 -39.53 26.63 -18.93
CA LYS D 488 -40.13 27.38 -17.84
C LYS D 488 -41.23 28.32 -18.29
N GLN D 489 -41.24 28.76 -19.56
CA GLN D 489 -42.35 29.60 -20.01
C GLN D 489 -43.67 28.85 -20.08
N TYR D 490 -43.63 27.53 -20.11
CA TYR D 490 -44.84 26.71 -20.19
C TYR D 490 -45.30 26.26 -18.81
N MET D 491 -44.69 26.79 -17.74
CA MET D 491 -45.04 26.40 -16.38
C MET D 491 -45.11 27.63 -15.49
N ARG D 492 -45.82 27.50 -14.37
CA ARG D 492 -45.89 28.55 -13.36
C ARG D 492 -45.01 28.17 -12.17
N ARG D 493 -44.21 29.11 -11.73
CA ARG D 493 -43.34 28.92 -10.58
C ARG D 493 -44.11 29.25 -9.33
N SER D 494 -43.87 28.46 -8.28
CA SER D 494 -44.32 28.79 -6.94
C SER D 494 -43.16 28.64 -5.98
N THR D 495 -43.07 29.57 -5.03
CA THR D 495 -42.02 29.59 -4.01
C THR D 495 -42.67 29.14 -2.72
N CYS D 496 -42.23 28.01 -2.18
CA CYS D 496 -43.02 27.29 -1.18
C CYS D 496 -42.21 27.11 0.09
N THR D 497 -42.77 27.57 1.21
CA THR D 497 -42.10 27.49 2.51
C THR D 497 -42.95 26.62 3.42
N ILE D 498 -42.36 25.54 3.92
CA ILE D 498 -43.06 24.55 4.73
C ILE D 498 -42.49 24.63 6.14
N ASN D 499 -43.33 25.07 7.07
CA ASN D 499 -43.04 24.98 8.49
C ASN D 499 -43.38 23.56 8.93
N TYR D 500 -42.37 22.80 9.31
CA TYR D 500 -42.59 21.46 9.83
C TYR D 500 -42.25 21.36 11.31
N SER D 501 -41.90 22.47 11.96
CA SER D 501 -41.51 22.46 13.35
C SER D 501 -42.72 22.74 14.23
N LYS D 502 -42.71 22.16 15.41
CA LYS D 502 -43.79 22.45 16.33
C LYS D 502 -43.64 23.82 16.99
N ASP D 503 -42.71 24.65 16.52
CA ASP D 503 -42.50 25.95 17.12
C ASP D 503 -43.63 26.89 16.76
N LEU D 504 -44.12 27.62 17.77
CA LEU D 504 -45.20 28.59 17.68
C LEU D 504 -44.64 29.98 17.42
N PRO D 505 -45.47 30.88 16.87
CA PRO D 505 -45.01 32.24 16.63
C PRO D 505 -44.73 32.99 17.92
N LEU D 506 -43.75 33.89 17.85
CA LEU D 506 -43.46 34.79 18.97
C LEU D 506 -44.74 35.48 19.41
N ALA D 507 -45.15 35.24 20.67
CA ALA D 507 -46.39 35.81 21.18
C ALA D 507 -46.41 37.33 21.08
N GLN D 508 -45.24 37.97 21.21
CA GLN D 508 -45.10 39.43 21.10
C GLN D 508 -46.04 40.14 22.09
N GLY D 509 -46.19 39.57 23.28
CA GLY D 509 -46.93 40.20 24.36
C GLY D 509 -48.38 39.78 24.48
N ILE D 510 -48.94 39.11 23.48
CA ILE D 510 -50.33 38.69 23.47
C ILE D 510 -50.43 37.30 24.09
N LYS D 511 -51.42 37.11 24.97
CA LYS D 511 -51.63 35.84 25.67
C LYS D 511 -52.69 35.04 24.91
N PHE D 512 -52.26 33.97 24.26
CA PHE D 512 -53.16 33.18 23.40
C PHE D 512 -53.89 32.09 24.17
N THR E 5 -27.12 -25.51 29.13
CA THR E 5 -26.89 -26.02 27.78
C THR E 5 -25.40 -26.06 27.43
N LEU E 6 -24.55 -25.44 28.25
CA LEU E 6 -23.11 -25.45 27.99
C LEU E 6 -22.51 -26.82 28.28
N LEU E 7 -21.55 -27.24 27.45
CA LEU E 7 -20.96 -28.57 27.62
C LEU E 7 -20.20 -28.69 28.94
N ILE E 8 -19.50 -27.63 29.35
CA ILE E 8 -18.70 -27.70 30.56
C ILE E 8 -19.57 -27.83 31.81
N ASN E 9 -20.85 -27.46 31.74
CA ASN E 9 -21.76 -27.77 32.84
C ASN E 9 -22.36 -29.17 32.74
N GLN E 10 -22.14 -29.89 31.63
CA GLN E 10 -22.63 -31.25 31.52
C GLN E 10 -21.60 -32.21 32.10
N PRO E 11 -22.06 -33.34 32.63
CA PRO E 11 -21.16 -34.16 33.45
C PRO E 11 -20.19 -34.97 32.60
N GLN E 12 -20.60 -35.33 31.39
CA GLN E 12 -19.69 -36.12 30.59
C GLN E 12 -18.51 -35.31 30.09
N TYR E 13 -18.55 -33.97 30.21
CA TYR E 13 -17.41 -33.12 29.89
C TYR E 13 -16.73 -32.56 31.14
N ALA E 14 -16.89 -33.20 32.29
CA ALA E 14 -16.25 -32.68 33.50
C ALA E 14 -14.72 -32.65 33.39
N TRP E 15 -14.15 -33.48 32.52
CA TRP E 15 -12.71 -33.49 32.33
C TRP E 15 -12.19 -32.12 31.90
N LEU E 16 -13.07 -31.27 31.36
CA LEU E 16 -12.66 -29.90 31.04
C LEU E 16 -12.14 -29.18 32.27
N LYS E 17 -12.62 -29.54 33.46
CA LYS E 17 -12.18 -28.88 34.68
C LYS E 17 -10.76 -29.26 35.07
N GLU E 18 -10.25 -30.40 34.60
CA GLU E 18 -8.84 -30.71 34.82
C GLU E 18 -7.93 -29.65 34.21
N LEU E 19 -8.36 -28.98 33.15
CA LEU E 19 -7.60 -27.91 32.52
C LEU E 19 -7.83 -26.55 33.18
N GLY E 20 -8.55 -26.52 34.30
CA GLY E 20 -8.83 -25.26 34.97
C GLY E 20 -9.89 -24.43 34.30
N LEU E 21 -10.60 -25.00 33.33
CA LEU E 21 -11.66 -24.30 32.61
C LEU E 21 -12.95 -24.31 33.42
N ARG E 22 -13.67 -23.19 33.37
CA ARG E 22 -14.96 -23.03 34.02
C ARG E 22 -15.99 -22.59 33.00
N GLU E 23 -17.22 -22.40 33.49
CA GLU E 23 -18.31 -21.91 32.65
C GLU E 23 -17.94 -20.64 31.91
N GLU E 24 -17.41 -19.65 32.62
CA GLU E 24 -16.90 -18.44 31.98
C GLU E 24 -15.43 -18.25 32.33
N ASN E 25 -14.62 -17.88 31.34
CA ASN E 25 -13.17 -17.86 31.51
C ASN E 25 -12.59 -16.51 31.12
N GLU E 26 -11.62 -16.06 31.92
CA GLU E 26 -10.82 -14.89 31.56
C GLU E 26 -9.94 -15.19 30.35
N GLY E 27 -10.01 -14.33 29.33
CA GLY E 27 -9.21 -14.49 28.14
C GLY E 27 -7.98 -13.60 28.06
N VAL E 28 -7.57 -12.98 29.17
CA VAL E 28 -6.37 -12.15 29.25
C VAL E 28 -5.53 -12.65 30.41
N TYR E 29 -4.23 -12.83 30.16
CA TYR E 29 -3.29 -13.18 31.23
C TYR E 29 -2.00 -12.38 31.08
N ASN E 30 -1.60 -11.70 32.16
CA ASN E 30 -0.38 -10.89 32.10
C ASN E 30 0.33 -10.89 33.44
N GLY E 31 0.24 -12.00 34.17
CA GLY E 31 0.61 -12.01 35.57
C GLY E 31 -0.67 -12.15 36.37
N SER E 32 -1.69 -11.43 35.94
CA SER E 32 -3.04 -11.57 36.46
C SER E 32 -3.98 -11.98 35.32
N TRP E 33 -5.14 -12.49 35.71
CA TRP E 33 -6.16 -12.95 34.75
C TRP E 33 -7.30 -11.95 34.73
N GLY E 34 -7.69 -11.52 33.54
CA GLY E 34 -8.76 -10.56 33.38
C GLY E 34 -9.39 -10.69 32.02
N GLY E 35 -9.92 -9.58 31.54
CA GLY E 35 -10.70 -9.62 30.32
C GLY E 35 -11.93 -8.76 30.48
N ARG E 36 -11.85 -7.54 29.98
CA ARG E 36 -12.96 -6.60 30.02
C ARG E 36 -13.61 -6.42 28.66
N GLY E 37 -13.17 -7.16 27.65
CA GLY E 37 -13.80 -7.14 26.35
C GLY E 37 -15.03 -8.01 26.29
N GLU E 38 -15.46 -8.30 25.06
CA GLU E 38 -16.70 -9.02 24.81
C GLU E 38 -16.60 -10.47 25.28
N VAL E 39 -17.71 -11.00 25.80
CA VAL E 39 -17.80 -12.40 26.16
C VAL E 39 -18.17 -13.19 24.91
N ILE E 40 -17.20 -13.95 24.36
CA ILE E 40 -17.45 -14.83 23.24
C ILE E 40 -17.71 -16.23 23.76
N THR E 41 -18.54 -16.97 23.06
CA THR E 41 -18.81 -18.38 23.35
C THR E 41 -18.28 -19.21 22.19
N THR E 42 -17.54 -20.27 22.51
CA THR E 42 -17.02 -21.13 21.47
C THR E 42 -17.83 -22.42 21.42
N TYR E 43 -17.86 -23.03 20.25
CA TYR E 43 -18.77 -24.14 19.99
C TYR E 43 -17.98 -25.36 19.55
N CYS E 44 -18.57 -26.53 19.78
CA CYS E 44 -18.02 -27.78 19.30
C CYS E 44 -18.41 -27.98 17.84
N PRO E 45 -17.45 -28.05 16.92
CA PRO E 45 -17.81 -28.18 15.49
C PRO E 45 -18.47 -29.51 15.12
N ALA E 46 -18.37 -30.54 15.95
CA ALA E 46 -19.03 -31.80 15.65
C ALA E 46 -20.54 -31.73 15.88
N ASN E 47 -21.01 -30.86 16.78
CA ASN E 47 -22.42 -30.84 17.11
C ASN E 47 -23.01 -29.46 17.33
N ASN E 48 -22.24 -28.38 17.15
CA ASN E 48 -22.73 -27.01 17.32
C ASN E 48 -23.22 -26.75 18.75
N GLU E 49 -22.69 -27.50 19.71
CA GLU E 49 -23.08 -27.23 21.09
C GLU E 49 -22.14 -26.19 21.70
N PRO E 50 -22.67 -25.30 22.53
CA PRO E 50 -21.83 -24.30 23.20
C PRO E 50 -21.02 -24.93 24.32
N ILE E 51 -19.71 -24.72 24.29
CA ILE E 51 -18.81 -25.36 25.25
C ILE E 51 -18.66 -24.51 26.51
N ALA E 52 -18.11 -23.30 26.37
CA ALA E 52 -17.97 -22.37 27.48
C ALA E 52 -17.69 -20.98 26.93
N ARG E 53 -17.41 -20.04 27.84
CA ARG E 53 -17.28 -18.64 27.49
C ARG E 53 -15.89 -18.14 27.81
N VAL E 54 -15.44 -17.15 27.05
CA VAL E 54 -14.15 -16.51 27.26
C VAL E 54 -14.36 -15.01 27.17
N ARG E 55 -13.88 -14.28 28.19
CA ARG E 55 -13.93 -12.83 28.18
C ARG E 55 -12.73 -12.31 27.40
N GLN E 56 -12.98 -11.60 26.30
CA GLN E 56 -11.86 -11.18 25.48
C GLN E 56 -11.21 -9.90 26.01
N ALA E 57 -10.13 -9.49 25.35
CA ALA E 57 -9.38 -8.31 25.73
C ALA E 57 -10.01 -7.08 25.11
N SER E 58 -10.21 -6.05 25.92
CA SER E 58 -10.45 -4.73 25.37
C SER E 58 -9.13 -4.05 25.02
N VAL E 59 -9.22 -2.88 24.38
CA VAL E 59 -8.02 -2.13 24.05
C VAL E 59 -7.20 -1.84 25.30
N ALA E 60 -7.88 -1.55 26.41
CA ALA E 60 -7.13 -1.26 27.63
C ALA E 60 -6.39 -2.49 28.12
N ASP E 61 -7.04 -3.67 28.05
CA ASP E 61 -6.38 -4.93 28.42
C ASP E 61 -5.12 -5.15 27.61
N TYR E 62 -5.22 -4.96 26.30
CA TYR E 62 -4.07 -5.10 25.42
C TYR E 62 -2.94 -4.16 25.84
N GLU E 63 -3.24 -2.87 25.96
CA GLU E 63 -2.23 -1.91 26.43
C GLU E 63 -1.61 -2.34 27.74
N GLU E 64 -2.43 -2.62 28.76
CA GLU E 64 -1.90 -3.07 30.05
C GLU E 64 -1.00 -4.28 29.89
N THR E 65 -1.37 -5.21 29.00
CA THR E 65 -0.59 -6.43 28.83
C THR E 65 0.74 -6.17 28.12
N VAL E 66 0.76 -5.33 27.07
CA VAL E 66 2.04 -5.02 26.43
C VAL E 66 2.98 -4.41 27.46
N LYS E 67 2.49 -3.44 28.24
CA LYS E 67 3.32 -2.80 29.25
C LYS E 67 3.85 -3.83 30.25
N LYS E 68 2.98 -4.68 30.79
CA LYS E 68 3.43 -5.70 31.73
C LYS E 68 4.45 -6.64 31.10
N ALA E 69 4.22 -7.08 29.86
CA ALA E 69 5.17 -7.98 29.20
C ALA E 69 6.51 -7.30 28.96
N ARG E 70 6.47 -6.04 28.55
CA ARG E 70 7.71 -5.29 28.36
C ARG E 70 8.42 -5.06 29.68
N GLU E 71 7.67 -4.86 30.77
CA GLU E 71 8.32 -4.81 32.06
C GLU E 71 8.93 -6.17 32.41
N ALA E 72 8.20 -7.26 32.14
CA ALA E 72 8.72 -8.58 32.47
C ALA E 72 9.98 -8.89 31.69
N TRP E 73 10.10 -8.38 30.46
CA TRP E 73 11.26 -8.72 29.65
C TRP E 73 12.55 -8.22 30.28
N LYS E 74 12.50 -7.11 31.03
CA LYS E 74 13.69 -6.65 31.73
C LYS E 74 14.24 -7.75 32.65
N ILE E 75 13.36 -8.36 33.44
CA ILE E 75 13.73 -9.49 34.28
C ILE E 75 14.17 -10.67 33.42
N TRP E 76 13.37 -11.01 32.41
CA TRP E 76 13.53 -12.29 31.71
C TRP E 76 14.83 -12.34 30.90
N ALA E 77 15.21 -11.24 30.25
CA ALA E 77 16.43 -11.24 29.46
C ALA E 77 17.69 -11.36 30.31
N ASP E 78 17.60 -10.98 31.58
CA ASP E 78 18.74 -11.13 32.48
C ASP E 78 18.93 -12.54 32.98
N ILE E 79 17.96 -13.42 32.75
CA ILE E 79 18.10 -14.80 33.16
C ILE E 79 18.95 -15.48 32.08
N PRO E 80 20.05 -16.12 32.46
CA PRO E 80 20.87 -16.82 31.47
C PRO E 80 20.06 -17.87 30.71
N ALA E 81 20.46 -18.08 29.44
CA ALA E 81 19.67 -18.88 28.53
C ALA E 81 19.49 -20.32 28.99
N PRO E 82 20.49 -21.01 29.54
CA PRO E 82 20.22 -22.35 30.09
C PRO E 82 19.18 -22.33 31.19
N LYS E 83 19.08 -21.25 31.96
CA LYS E 83 18.09 -21.19 33.01
C LYS E 83 16.71 -20.91 32.44
N ARG E 84 16.66 -20.18 31.32
CA ARG E 84 15.41 -20.07 30.58
C ARG E 84 15.01 -21.41 30.00
N GLY E 85 15.98 -22.17 29.46
CA GLY E 85 15.66 -23.50 28.97
C GLY E 85 15.15 -24.42 30.06
N GLU E 86 15.63 -24.22 31.30
CA GLU E 86 15.10 -24.97 32.43
C GLU E 86 13.62 -24.68 32.64
N ILE E 87 13.20 -23.43 32.42
CA ILE E 87 11.78 -23.12 32.48
C ILE E 87 11.03 -23.84 31.36
N VAL E 88 11.60 -23.83 30.15
CA VAL E 88 10.89 -24.45 29.03
C VAL E 88 10.82 -25.95 29.22
N ARG E 89 11.84 -26.53 29.87
CA ARG E 89 11.77 -27.93 30.24
C ARG E 89 10.57 -28.19 31.12
N GLN E 90 10.27 -27.27 32.03
CA GLN E 90 9.18 -27.49 32.97
C GLN E 90 7.84 -27.29 32.30
N ILE E 91 7.74 -26.36 31.35
CA ILE E 91 6.55 -26.29 30.51
C ILE E 91 6.32 -27.62 29.80
N GLY E 92 7.39 -28.19 29.24
CA GLY E 92 7.24 -29.45 28.54
C GLY E 92 6.68 -30.56 29.43
N ASP E 93 7.22 -30.69 30.64
CA ASP E 93 6.71 -31.66 31.59
C ASP E 93 5.30 -31.34 32.01
N ALA E 94 4.99 -30.05 32.11
CA ALA E 94 3.63 -29.64 32.47
C ALA E 94 2.64 -30.09 31.40
N LEU E 95 3.03 -29.99 30.13
CA LEU E 95 2.20 -30.45 29.03
C LEU E 95 2.11 -31.97 29.00
N ARG E 96 3.23 -32.66 29.30
CA ARG E 96 3.20 -34.12 29.37
C ARG E 96 2.07 -34.60 30.26
N GLU E 97 1.96 -34.01 31.46
CA GLU E 97 0.97 -34.43 32.44
C GLU E 97 -0.45 -34.05 32.07
N LYS E 98 -0.64 -33.20 31.05
CA LYS E 98 -1.97 -32.80 30.63
C LYS E 98 -2.31 -33.29 29.23
N ILE E 99 -1.55 -34.23 28.68
CA ILE E 99 -1.54 -34.42 27.23
C ILE E 99 -2.86 -34.99 26.75
N GLN E 100 -3.47 -35.89 27.52
CA GLN E 100 -4.74 -36.49 27.12
C GLN E 100 -5.88 -35.49 27.21
N VAL E 101 -6.00 -34.81 28.35
CA VAL E 101 -7.07 -33.85 28.53
C VAL E 101 -6.92 -32.66 27.58
N LEU E 102 -5.70 -32.15 27.43
CA LEU E 102 -5.50 -31.04 26.48
C LEU E 102 -5.76 -31.49 25.05
N GLY E 103 -5.28 -32.68 24.68
CA GLY E 103 -5.64 -33.23 23.37
C GLY E 103 -7.13 -33.40 23.18
N SER E 104 -7.85 -33.81 24.24
CA SER E 104 -9.31 -33.90 24.16
C SER E 104 -9.96 -32.55 23.96
N LEU E 105 -9.43 -31.48 24.60
CA LEU E 105 -9.98 -30.14 24.36
C LEU E 105 -9.75 -29.70 22.92
N VAL E 106 -8.58 -30.02 22.35
CA VAL E 106 -8.31 -29.69 20.96
C VAL E 106 -9.30 -30.41 20.06
N SER E 107 -9.55 -31.70 20.33
CA SER E 107 -10.56 -32.43 19.56
C SER E 107 -11.93 -31.79 19.69
N LEU E 108 -12.24 -31.25 20.86
CA LEU E 108 -13.60 -30.80 21.12
C LEU E 108 -13.85 -29.40 20.54
N GLU E 109 -12.94 -28.45 20.77
CA GLU E 109 -13.17 -27.08 20.33
C GLU E 109 -12.78 -26.89 18.87
N MET E 110 -11.71 -27.52 18.42
CA MET E 110 -11.29 -27.36 17.05
C MET E 110 -11.87 -28.44 16.15
N GLY E 111 -11.92 -29.69 16.62
CA GLY E 111 -12.57 -30.74 15.88
C GLY E 111 -11.67 -31.70 15.14
N LYS E 112 -10.39 -31.80 15.49
CA LYS E 112 -9.61 -32.88 14.89
C LYS E 112 -9.75 -34.14 15.75
N ILE E 113 -9.43 -35.29 15.14
CA ILE E 113 -9.57 -36.57 15.82
C ILE E 113 -8.53 -36.68 16.94
N LEU E 114 -8.83 -37.55 17.89
CA LEU E 114 -8.14 -37.53 19.19
C LEU E 114 -6.65 -37.73 19.03
N VAL E 115 -6.24 -38.72 18.22
CA VAL E 115 -4.82 -39.02 18.09
C VAL E 115 -4.06 -37.81 17.56
N GLU E 116 -4.72 -36.97 16.75
CA GLU E 116 -4.07 -35.80 16.19
C GLU E 116 -4.04 -34.66 17.21
N GLY E 117 -5.10 -34.55 18.01
CA GLY E 117 -5.08 -33.61 19.12
C GLY E 117 -3.97 -33.92 20.10
N VAL E 118 -3.86 -35.19 20.50
CA VAL E 118 -2.76 -35.59 21.38
C VAL E 118 -1.43 -35.41 20.66
N GLY E 119 -1.39 -35.74 19.36
CA GLY E 119 -0.17 -35.57 18.60
C GLY E 119 0.24 -34.11 18.50
N GLU E 120 -0.74 -33.21 18.43
CA GLU E 120 -0.43 -31.79 18.38
C GLU E 120 0.25 -31.34 19.67
N VAL E 121 -0.32 -31.69 20.83
CA VAL E 121 0.31 -31.33 22.10
C VAL E 121 1.69 -31.95 22.20
N GLN E 122 1.87 -33.15 21.63
CA GLN E 122 3.16 -33.83 21.69
C GLN E 122 4.22 -33.05 20.94
N GLU E 123 3.85 -32.37 19.85
CA GLU E 123 4.79 -31.53 19.14
C GLU E 123 5.28 -30.39 20.01
N TYR E 124 4.40 -29.80 20.81
CA TYR E 124 4.83 -28.78 21.75
C TYR E 124 5.79 -29.38 22.77
N VAL E 125 5.46 -30.57 23.27
CA VAL E 125 6.35 -31.28 24.19
C VAL E 125 7.72 -31.49 23.56
N ASP E 126 7.74 -31.93 22.31
CA ASP E 126 9.01 -32.19 21.64
C ASP E 126 9.84 -30.93 21.46
N ILE E 127 9.21 -29.83 21.03
CA ILE E 127 10.01 -28.63 20.80
C ILE E 127 10.55 -28.10 22.12
N CYS E 128 9.84 -28.36 23.22
CA CYS E 128 10.37 -27.95 24.51
C CYS E 128 11.67 -28.72 24.81
N ASP E 129 11.63 -30.05 24.65
CA ASP E 129 12.81 -30.87 24.92
C ASP E 129 13.98 -30.47 24.03
N TYR E 130 13.70 -30.17 22.77
CA TYR E 130 14.72 -29.66 21.86
C TYR E 130 15.25 -28.30 22.34
N ALA E 131 14.36 -27.41 22.76
CA ALA E 131 14.77 -26.06 23.13
C ALA E 131 15.64 -26.06 24.37
N VAL E 132 15.48 -27.06 25.24
CA VAL E 132 16.31 -27.15 26.44
C VAL E 132 17.77 -27.29 26.05
N GLY E 133 18.05 -28.13 25.05
CA GLY E 133 19.43 -28.28 24.60
C GLY E 133 19.89 -27.07 23.82
N LEU E 134 19.01 -26.51 22.99
CA LEU E 134 19.35 -25.33 22.20
C LEU E 134 19.69 -24.14 23.08
N SER E 135 19.06 -24.06 24.27
CA SER E 135 19.32 -22.94 25.17
C SER E 135 20.76 -22.94 25.67
N ARG E 136 21.45 -24.07 25.58
CA ARG E 136 22.87 -24.14 25.87
C ARG E 136 23.74 -23.95 24.64
N MET E 137 23.13 -23.63 23.49
CA MET E 137 23.86 -23.64 22.23
C MET E 137 23.73 -22.37 21.42
N ILE E 138 22.62 -21.65 21.56
CA ILE E 138 22.42 -20.49 20.70
C ILE E 138 23.56 -19.50 20.90
N GLY E 139 23.95 -18.84 19.82
CA GLY E 139 25.09 -17.94 19.84
C GLY E 139 25.70 -17.84 18.46
N GLY E 140 26.77 -17.05 18.38
CA GLY E 140 27.48 -16.85 17.14
C GLY E 140 28.95 -17.25 17.22
N PRO E 141 29.64 -17.17 16.09
CA PRO E 141 31.07 -17.51 16.07
C PRO E 141 31.95 -16.40 16.65
N ILE E 142 33.09 -16.81 17.19
CA ILE E 142 34.22 -15.90 17.40
C ILE E 142 35.06 -15.98 16.14
N LEU E 143 35.17 -14.85 15.44
CA LEU E 143 35.81 -14.84 14.14
C LEU E 143 37.21 -14.23 14.24
N PRO E 144 38.15 -14.64 13.40
CA PRO E 144 39.52 -14.10 13.49
C PRO E 144 39.60 -12.75 12.78
N SER E 145 39.81 -11.68 13.57
CA SER E 145 39.94 -10.37 12.96
C SER E 145 41.19 -10.29 12.09
N GLU E 146 41.10 -9.51 11.01
CA GLU E 146 42.29 -9.13 10.26
C GLU E 146 43.14 -8.13 11.03
N ARG E 147 42.61 -7.56 12.11
CA ARG E 147 43.28 -6.52 12.86
C ARG E 147 43.98 -7.11 14.07
N SER E 148 45.26 -6.80 14.22
CA SER E 148 46.04 -7.23 15.39
C SER E 148 45.48 -6.64 16.68
N GLY E 149 45.48 -7.43 17.75
CA GLY E 149 44.96 -6.89 18.99
C GLY E 149 43.47 -6.57 18.96
N HIS E 150 42.72 -7.17 18.03
CA HIS E 150 41.27 -7.02 17.97
C HIS E 150 40.61 -8.39 18.02
N ALA E 151 39.52 -8.49 18.74
CA ALA E 151 38.67 -9.66 18.72
C ALA E 151 37.43 -9.31 17.92
N LEU E 152 36.89 -10.31 17.22
CA LEU E 152 35.71 -10.12 16.38
C LEU E 152 34.69 -11.17 16.77
N ILE E 153 33.52 -10.70 17.20
CA ILE E 153 32.54 -11.54 17.87
C ILE E 153 31.18 -11.28 17.26
N GLU E 154 30.46 -12.35 16.93
CA GLU E 154 29.07 -12.25 16.53
C GLU E 154 28.19 -12.57 17.74
N GLN E 155 27.43 -11.58 18.19
CA GLN E 155 26.56 -11.73 19.34
C GLN E 155 25.10 -11.81 18.91
N TRP E 156 24.30 -12.45 19.75
CA TRP E 156 22.88 -12.61 19.51
C TRP E 156 22.15 -12.30 20.82
N ASN E 157 21.14 -11.45 20.73
CA ASN E 157 20.36 -10.97 21.86
C ASN E 157 18.88 -11.06 21.55
N PRO E 158 18.02 -11.12 22.57
CA PRO E 158 16.58 -11.16 22.30
C PRO E 158 16.11 -9.91 21.57
N VAL E 159 15.08 -10.08 20.72
CA VAL E 159 14.51 -8.90 20.08
C VAL E 159 13.55 -8.16 21.00
N GLY E 160 13.04 -8.81 22.04
CA GLY E 160 12.15 -8.14 22.97
C GLY E 160 10.83 -8.85 23.22
N LEU E 161 9.76 -8.34 22.62
CA LEU E 161 8.43 -8.92 22.71
C LEU E 161 8.09 -9.53 21.37
N VAL E 162 7.85 -10.84 21.38
CA VAL E 162 7.46 -11.59 20.19
C VAL E 162 5.94 -11.75 20.26
N GLY E 163 5.24 -11.08 19.35
CA GLY E 163 3.81 -11.31 19.19
C GLY E 163 3.58 -12.58 18.37
N ILE E 164 2.67 -13.43 18.85
CA ILE E 164 2.41 -14.72 18.24
C ILE E 164 0.93 -14.79 17.91
N ILE E 165 0.62 -14.82 16.62
CA ILE E 165 -0.75 -14.90 16.13
C ILE E 165 -0.92 -16.26 15.45
N THR E 166 -1.86 -17.05 15.95
CA THR E 166 -2.13 -18.38 15.44
C THR E 166 -3.53 -18.45 14.87
N ALA E 167 -3.75 -19.44 14.01
CA ALA E 167 -5.03 -19.71 13.40
C ALA E 167 -5.71 -20.87 14.14
N PHE E 168 -6.86 -21.30 13.62
CA PHE E 168 -7.61 -22.35 14.32
C PHE E 168 -6.98 -23.73 14.16
N ASN E 169 -6.29 -24.00 13.05
CA ASN E 169 -6.03 -25.39 12.68
C ASN E 169 -4.96 -26.03 13.54
N PHE E 170 -3.92 -25.28 13.92
CA PHE E 170 -2.90 -25.80 14.84
C PHE E 170 -2.78 -24.78 15.96
N SER E 171 -3.77 -24.81 16.84
CA SER E 171 -3.86 -23.84 17.93
C SER E 171 -2.77 -24.04 18.96
N VAL E 172 -2.31 -25.27 19.16
CA VAL E 172 -1.30 -25.56 20.19
C VAL E 172 0.10 -25.63 19.59
N ALA E 173 0.28 -26.40 18.52
CA ALA E 173 1.62 -26.67 18.01
C ALA E 173 2.32 -25.39 17.52
N VAL E 174 1.61 -24.53 16.79
CA VAL E 174 2.26 -23.34 16.24
C VAL E 174 2.72 -22.43 17.37
N TYR E 175 1.81 -22.15 18.32
CA TYR E 175 2.23 -21.40 19.50
C TYR E 175 3.42 -22.08 20.16
N GLY E 176 3.38 -23.41 20.25
CA GLY E 176 4.42 -24.13 20.95
C GLY E 176 5.80 -23.91 20.35
N TRP E 177 5.92 -24.08 19.05
CA TRP E 177 7.19 -23.83 18.37
C TRP E 177 7.67 -22.42 18.63
N ASN E 178 6.78 -21.45 18.46
CA ASN E 178 7.13 -20.04 18.61
C ASN E 178 7.50 -19.73 20.05
N ASN E 179 6.71 -20.22 20.99
CA ASN E 179 6.93 -19.94 22.41
C ASN E 179 8.23 -20.58 22.90
N ALA E 180 8.46 -21.87 22.61
CA ALA E 180 9.61 -22.56 23.20
C ALA E 180 10.92 -21.95 22.71
N ILE E 181 10.98 -21.61 21.43
CA ILE E 181 12.20 -21.06 20.87
C ILE E 181 12.38 -19.60 21.31
N ALA E 182 11.31 -18.80 21.23
CA ALA E 182 11.43 -17.40 21.65
C ALA E 182 11.80 -17.29 23.11
N MET E 183 11.20 -18.15 23.95
CA MET E 183 11.52 -18.15 25.39
C MET E 183 13.01 -18.37 25.62
N ILE E 184 13.57 -19.46 25.10
CA ILE E 184 14.98 -19.70 25.39
C ILE E 184 15.84 -18.56 24.84
N CYS E 185 15.35 -17.90 23.79
CA CYS E 185 16.09 -16.79 23.18
C CYS E 185 15.92 -15.48 23.95
N GLY E 186 15.25 -15.50 25.10
CA GLY E 186 15.19 -14.34 25.96
C GLY E 186 14.11 -13.35 25.62
N ASN E 187 13.13 -13.74 24.82
CA ASN E 187 11.98 -12.89 24.52
C ASN E 187 10.79 -13.21 25.44
N VAL E 188 9.93 -12.22 25.61
CA VAL E 188 8.60 -12.42 26.17
C VAL E 188 7.62 -12.55 25.01
N CYS E 189 6.44 -13.06 25.31
CA CYS E 189 5.51 -13.47 24.27
C CYS E 189 4.13 -12.87 24.53
N LEU E 190 3.45 -12.52 23.44
CA LEU E 190 2.06 -12.11 23.50
C LEU E 190 1.30 -12.93 22.47
N TRP E 191 0.28 -13.66 22.95
CA TRP E 191 -0.44 -14.62 22.14
C TRP E 191 -1.85 -14.12 21.90
N LYS E 192 -2.19 -13.88 20.64
CA LYS E 192 -3.58 -13.73 20.22
C LYS E 192 -3.92 -14.89 19.29
N GLY E 193 -4.84 -15.76 19.72
CA GLY E 193 -5.25 -16.90 18.91
C GLY E 193 -6.57 -16.66 18.18
N ALA E 194 -6.99 -17.67 17.42
CA ALA E 194 -8.30 -17.63 16.76
C ALA E 194 -9.39 -17.55 17.81
N PRO E 195 -10.40 -16.69 17.62
CA PRO E 195 -11.48 -16.65 18.61
C PRO E 195 -12.17 -17.99 18.77
N THR E 196 -12.30 -18.78 17.69
CA THR E 196 -13.01 -20.06 17.77
C THR E 196 -12.20 -21.14 18.49
N THR E 197 -10.95 -20.88 18.87
CA THR E 197 -10.18 -21.83 19.67
C THR E 197 -9.70 -21.18 20.97
N SER E 198 -10.57 -20.37 21.59
CA SER E 198 -10.18 -19.56 22.76
C SER E 198 -9.90 -20.41 23.98
N LEU E 199 -10.76 -21.42 24.24
CA LEU E 199 -10.57 -22.31 25.38
C LEU E 199 -9.23 -23.02 25.31
N ILE E 200 -8.84 -23.48 24.12
CA ILE E 200 -7.52 -24.09 23.96
C ILE E 200 -6.43 -23.12 24.38
N SER E 201 -6.53 -21.86 23.93
CA SER E 201 -5.55 -20.85 24.31
C SER E 201 -5.50 -20.68 25.81
N VAL E 202 -6.67 -20.57 26.45
CA VAL E 202 -6.71 -20.35 27.88
C VAL E 202 -6.08 -21.52 28.60
N ALA E 203 -6.40 -22.75 28.16
CA ALA E 203 -5.88 -23.94 28.81
C ALA E 203 -4.36 -24.02 28.74
N VAL E 204 -3.78 -23.71 27.57
CA VAL E 204 -2.33 -23.74 27.43
C VAL E 204 -1.69 -22.65 28.28
N THR E 205 -2.31 -21.47 28.29
CA THR E 205 -1.79 -20.38 29.11
C THR E 205 -1.84 -20.71 30.60
N LYS E 206 -2.94 -21.33 31.06
CA LYS E 206 -3.00 -21.79 32.45
C LYS E 206 -1.83 -22.72 32.77
N ILE E 207 -1.49 -23.60 31.82
CA ILE E 207 -0.38 -24.53 32.06
C ILE E 207 0.94 -23.76 32.18
N ILE E 208 1.24 -22.91 31.19
CA ILE E 208 2.48 -22.13 31.24
C ILE E 208 2.50 -21.24 32.49
N ALA E 209 1.41 -20.54 32.75
CA ALA E 209 1.39 -19.58 33.87
C ALA E 209 1.73 -20.25 35.19
N LYS E 210 1.29 -21.50 35.39
CA LYS E 210 1.63 -22.21 36.62
C LYS E 210 3.14 -22.42 36.74
N VAL E 211 3.79 -22.80 35.64
CA VAL E 211 5.25 -22.95 35.66
C VAL E 211 5.92 -21.61 35.99
N LEU E 212 5.50 -20.55 35.31
CA LEU E 212 6.11 -19.24 35.56
C LEU E 212 5.95 -18.84 37.02
N GLU E 213 4.78 -19.13 37.60
CA GLU E 213 4.51 -18.73 38.98
C GLU E 213 5.25 -19.63 39.97
N ASP E 214 5.37 -20.92 39.68
CA ASP E 214 6.13 -21.80 40.56
C ASP E 214 7.61 -21.49 40.55
N ASN E 215 8.10 -20.80 39.52
CA ASN E 215 9.49 -20.38 39.46
C ASN E 215 9.68 -18.93 39.88
N LYS E 216 8.65 -18.27 40.41
CA LYS E 216 8.75 -16.89 40.88
C LYS E 216 9.26 -15.98 39.77
N LEU E 217 8.68 -16.14 38.59
CA LEU E 217 8.86 -15.31 37.41
C LEU E 217 7.57 -14.55 37.11
N PRO E 218 7.66 -13.33 36.56
CA PRO E 218 6.44 -12.64 36.13
C PRO E 218 5.71 -13.43 35.05
N GLY E 219 4.39 -13.58 35.23
CA GLY E 219 3.59 -14.30 34.27
C GLY E 219 3.54 -13.66 32.91
N ALA E 220 3.77 -12.34 32.82
CA ALA E 220 3.68 -11.61 31.56
C ALA E 220 4.74 -12.03 30.55
N ILE E 221 5.73 -12.83 30.97
CA ILE E 221 6.67 -13.42 30.01
C ILE E 221 5.94 -14.21 28.94
N CYS E 222 4.77 -14.78 29.28
CA CYS E 222 3.95 -15.50 28.31
C CYS E 222 2.53 -14.97 28.41
N SER E 223 2.29 -13.80 27.83
CA SER E 223 1.02 -13.11 27.99
C SER E 223 0.00 -13.58 26.95
N LEU E 224 -1.28 -13.44 27.30
CA LEU E 224 -2.38 -13.86 26.42
C LEU E 224 -3.42 -12.76 26.37
N THR E 225 -3.81 -12.37 25.16
CA THR E 225 -4.95 -11.47 24.98
C THR E 225 -5.83 -12.08 23.90
N CYS E 226 -6.87 -12.81 24.33
CA CYS E 226 -7.83 -13.33 23.35
C CYS E 226 -8.61 -12.18 22.74
N GLY E 227 -8.86 -12.28 21.45
CA GLY E 227 -9.56 -11.24 20.73
C GLY E 227 -9.52 -11.53 19.24
N GLY E 228 -10.13 -10.62 18.50
CA GLY E 228 -10.35 -10.74 17.07
C GLY E 228 -9.33 -9.97 16.25
N ALA E 229 -9.74 -9.59 15.03
CA ALA E 229 -8.83 -8.94 14.10
C ALA E 229 -8.41 -7.57 14.59
N ASP E 230 -9.16 -7.01 15.54
CA ASP E 230 -8.78 -5.74 16.14
C ASP E 230 -7.49 -5.89 16.94
N ILE E 231 -7.38 -6.97 17.72
CA ILE E 231 -6.18 -7.18 18.52
C ILE E 231 -5.00 -7.55 17.63
N GLY E 232 -5.24 -8.38 16.60
CA GLY E 232 -4.15 -8.79 15.73
C GLY E 232 -3.61 -7.64 14.90
N THR E 233 -4.50 -6.78 14.42
CA THR E 233 -4.08 -5.56 13.73
C THR E 233 -3.26 -4.67 14.65
N ALA E 234 -3.75 -4.45 15.88
CA ALA E 234 -3.02 -3.64 16.85
C ALA E 234 -1.61 -4.17 17.05
N MET E 235 -1.45 -5.48 17.14
CA MET E 235 -0.12 -6.05 17.29
C MET E 235 0.75 -5.75 16.08
N ALA E 236 0.18 -5.80 14.88
CA ALA E 236 0.99 -5.54 13.69
C ALA E 236 1.44 -4.09 13.63
N LYS E 237 0.63 -3.17 14.11
CA LYS E 237 0.98 -1.77 14.12
C LYS E 237 1.81 -1.35 15.32
N ASP E 238 2.06 -2.24 16.28
CA ASP E 238 2.58 -1.84 17.59
C ASP E 238 4.11 -1.87 17.55
N GLU E 239 4.73 -0.69 17.66
CA GLU E 239 6.18 -0.62 17.66
C GLU E 239 6.79 -1.42 18.81
N ARG E 240 6.05 -1.56 19.92
CA ARG E 240 6.55 -2.37 21.04
C ARG E 240 6.55 -3.87 20.75
N VAL E 241 5.94 -4.31 19.65
CA VAL E 241 5.98 -5.72 19.27
C VAL E 241 7.16 -5.89 18.31
N ASN E 242 8.26 -6.40 18.84
CA ASN E 242 9.52 -6.38 18.10
C ASN E 242 9.52 -7.39 16.94
N LEU E 243 8.93 -8.56 17.15
CA LEU E 243 8.73 -9.56 16.10
C LEU E 243 7.29 -10.02 16.18
N LEU E 244 6.58 -10.00 15.07
CA LEU E 244 5.21 -10.52 14.99
C LEU E 244 5.28 -11.79 14.18
N SER E 245 5.04 -12.91 14.85
CA SER E 245 4.93 -14.21 14.18
C SER E 245 3.46 -14.45 13.86
N PHE E 246 3.12 -14.44 12.57
CA PHE E 246 1.75 -14.58 12.13
C PHE E 246 1.60 -15.85 11.30
N THR E 247 0.70 -16.73 11.74
CA THR E 247 0.28 -17.90 11.00
C THR E 247 -1.20 -17.72 10.65
N GLY E 248 -1.53 -17.86 9.38
CA GLY E 248 -2.91 -17.66 8.95
C GLY E 248 -2.99 -17.62 7.43
N SER E 249 -4.09 -17.06 6.94
CA SER E 249 -4.29 -16.94 5.50
C SER E 249 -3.25 -16.02 4.87
N THR E 250 -2.96 -16.29 3.59
CA THR E 250 -2.07 -15.43 2.83
C THR E 250 -2.59 -14.00 2.80
N GLN E 251 -3.90 -13.82 2.60
CA GLN E 251 -4.44 -12.48 2.44
C GLN E 251 -4.26 -11.65 3.70
N VAL E 252 -4.52 -12.23 4.87
CA VAL E 252 -4.35 -11.47 6.11
C VAL E 252 -2.85 -11.33 6.42
N GLY E 253 -2.04 -12.30 5.99
CA GLY E 253 -0.61 -12.22 6.25
C GLY E 253 0.06 -11.17 5.40
N LYS E 254 -0.43 -10.98 4.17
CA LYS E 254 0.09 -9.91 3.32
C LYS E 254 -0.08 -8.57 3.99
N GLN E 255 -1.28 -8.30 4.52
CA GLN E 255 -1.51 -7.05 5.25
C GLN E 255 -0.65 -6.96 6.48
N VAL E 256 -0.53 -8.07 7.23
CA VAL E 256 0.30 -8.08 8.43
C VAL E 256 1.75 -7.81 8.07
N GLY E 257 2.24 -8.42 7.00
CA GLY E 257 3.59 -8.16 6.57
C GLY E 257 3.83 -6.69 6.25
N LEU E 258 2.89 -6.11 5.49
CA LEU E 258 2.98 -4.70 5.12
C LEU E 258 2.98 -3.79 6.34
N MET E 259 2.10 -4.06 7.31
CA MET E 259 2.02 -3.16 8.47
C MET E 259 3.32 -3.22 9.27
N VAL E 260 3.88 -4.41 9.44
CA VAL E 260 5.14 -4.53 10.15
C VAL E 260 6.26 -3.83 9.40
N GLN E 261 6.31 -4.00 8.08
CA GLN E 261 7.33 -3.35 7.26
C GLN E 261 7.25 -1.83 7.37
N GLU E 262 6.02 -1.29 7.48
CA GLU E 262 5.84 0.15 7.50
C GLU E 262 6.54 0.79 8.70
N ARG E 263 6.57 0.10 9.84
CA ARG E 263 7.24 0.58 11.04
C ARG E 263 8.59 -0.08 11.26
N PHE E 264 9.16 -0.68 10.20
CA PHE E 264 10.45 -1.35 10.27
C PHE E 264 10.50 -2.34 11.42
N GLY E 265 9.37 -2.97 11.72
CA GLY E 265 9.37 -4.09 12.63
C GLY E 265 9.88 -5.32 11.93
N ARG E 266 9.86 -6.43 12.64
CA ARG E 266 10.19 -7.73 12.07
C ARG E 266 8.91 -8.57 12.01
N SER E 267 8.76 -9.35 10.92
CA SER E 267 7.66 -10.29 10.82
C SER E 267 8.14 -11.67 10.41
N LEU E 268 7.49 -12.68 10.96
CA LEU E 268 7.67 -14.07 10.59
C LEU E 268 6.32 -14.55 10.07
N LEU E 269 6.21 -14.76 8.76
CA LEU E 269 4.94 -15.12 8.16
C LEU E 269 4.94 -16.59 7.77
N GLU E 270 3.92 -17.31 8.25
CA GLU E 270 3.64 -18.70 7.89
C GLU E 270 2.24 -18.72 7.30
N LEU E 271 2.15 -18.66 5.97
CA LEU E 271 0.86 -18.39 5.31
C LEU E 271 0.32 -19.66 4.63
N GLY E 272 -0.42 -19.48 3.53
CA GLY E 272 -1.11 -20.60 2.93
C GLY E 272 -0.21 -21.54 2.16
N GLY E 273 -0.75 -22.72 1.87
CA GLY E 273 -0.08 -23.66 0.98
C GLY E 273 -1.06 -24.19 -0.05
N ASN E 274 -0.50 -24.60 -1.19
CA ASN E 274 -1.23 -25.28 -2.25
C ASN E 274 -0.42 -26.52 -2.64
N ASN E 275 -0.30 -27.47 -1.73
CA ASN E 275 0.80 -28.41 -1.76
C ASN E 275 0.53 -29.58 -2.70
N ALA E 276 1.56 -29.97 -3.44
CA ALA E 276 1.45 -30.96 -4.50
C ALA E 276 2.17 -32.26 -4.12
N ILE E 277 1.51 -33.39 -4.38
CA ILE E 277 2.14 -34.70 -4.44
C ILE E 277 2.26 -35.09 -5.91
N ILE E 278 3.45 -35.54 -6.33
CA ILE E 278 3.69 -36.01 -7.70
C ILE E 278 4.10 -37.47 -7.67
N ALA E 279 3.40 -38.31 -8.44
CA ALA E 279 3.69 -39.74 -8.56
C ALA E 279 4.19 -40.04 -9.97
N PHE E 280 5.47 -40.38 -10.08
CA PHE E 280 6.05 -40.86 -11.32
C PHE E 280 5.75 -42.35 -11.54
N GLU E 281 5.99 -42.81 -12.77
CA GLU E 281 5.56 -44.15 -13.17
C GLU E 281 6.22 -45.23 -12.33
N ASP E 282 7.43 -44.97 -11.82
CA ASP E 282 8.16 -45.97 -11.05
C ASP E 282 7.86 -45.91 -9.55
N ALA E 283 6.91 -45.08 -9.12
CA ALA E 283 6.57 -45.00 -7.70
C ALA E 283 5.98 -46.32 -7.18
N ASP E 284 6.24 -46.59 -5.91
CA ASP E 284 5.58 -47.67 -5.19
C ASP E 284 4.15 -47.23 -4.87
N LEU E 285 3.18 -47.86 -5.53
CA LEU E 285 1.80 -47.39 -5.41
C LEU E 285 1.18 -47.74 -4.06
N SER E 286 1.68 -48.79 -3.42
CA SER E 286 1.23 -49.08 -2.06
C SER E 286 1.80 -48.09 -1.05
N LEU E 287 2.72 -47.24 -1.48
CA LEU E 287 3.14 -46.08 -0.72
C LEU E 287 2.42 -44.81 -1.17
N VAL E 288 2.19 -44.67 -2.47
CA VAL E 288 1.49 -43.48 -2.97
C VAL E 288 0.10 -43.39 -2.37
N VAL E 289 -0.69 -44.47 -2.44
CA VAL E 289 -2.12 -44.33 -2.18
C VAL E 289 -2.36 -44.00 -0.72
N PRO E 290 -1.83 -44.74 0.27
CA PRO E 290 -1.96 -44.27 1.65
C PRO E 290 -1.41 -42.87 1.89
N SER E 291 -0.23 -42.56 1.36
CA SER E 291 0.35 -41.24 1.59
C SER E 291 -0.57 -40.15 1.07
N ALA E 292 -1.11 -40.34 -0.13
CA ALA E 292 -2.02 -39.35 -0.69
C ALA E 292 -3.28 -39.21 0.16
N LEU E 293 -3.84 -40.34 0.60
CA LEU E 293 -5.07 -40.32 1.39
C LEU E 293 -4.90 -39.54 2.69
N PHE E 294 -3.92 -39.94 3.51
CA PHE E 294 -3.79 -39.28 4.80
CA PHE E 294 -3.72 -39.29 4.81
C PHE E 294 -3.36 -37.82 4.63
N ALA E 295 -2.59 -37.51 3.60
CA ALA E 295 -2.22 -36.12 3.35
C ALA E 295 -3.40 -35.29 2.87
N ALA E 296 -4.33 -35.91 2.13
CA ALA E 296 -5.46 -35.17 1.60
C ALA E 296 -6.56 -34.96 2.65
N VAL E 297 -6.81 -35.97 3.48
CA VAL E 297 -7.99 -35.97 4.33
C VAL E 297 -7.68 -35.85 5.81
N GLY E 298 -6.45 -36.12 6.24
CA GLY E 298 -6.10 -35.84 7.63
C GLY E 298 -6.54 -34.46 8.06
N THR E 299 -6.99 -34.31 9.31
CA THR E 299 -7.52 -33.04 9.82
C THR E 299 -8.60 -32.48 8.89
N ALA E 300 -9.30 -33.38 8.18
CA ALA E 300 -10.37 -33.00 7.24
C ALA E 300 -9.88 -31.99 6.23
N GLY E 301 -8.62 -32.12 5.82
CA GLY E 301 -8.06 -31.25 4.80
C GLY E 301 -7.82 -29.83 5.26
N GLN E 302 -7.50 -29.64 6.54
CA GLN E 302 -7.41 -28.30 7.12
C GLN E 302 -6.01 -27.96 7.61
N ARG E 303 -4.97 -28.63 7.10
CA ARG E 303 -3.61 -28.24 7.42
C ARG E 303 -3.06 -27.32 6.34
N CYS E 304 -2.20 -26.39 6.75
CA CYS E 304 -1.44 -25.65 5.75
C CYS E 304 -0.65 -26.60 4.86
N THR E 305 -0.29 -27.78 5.36
CA THR E 305 0.51 -28.74 4.61
C THR E 305 -0.35 -29.79 3.89
N THR E 306 -1.66 -29.61 3.85
CA THR E 306 -2.58 -30.57 3.24
C THR E 306 -2.33 -30.72 1.74
N ALA E 307 -2.25 -31.97 1.27
CA ALA E 307 -2.17 -32.18 -0.16
C ALA E 307 -3.43 -31.68 -0.86
N ARG E 308 -3.28 -30.69 -1.73
CA ARG E 308 -4.40 -30.16 -2.49
C ARG E 308 -4.33 -30.44 -3.98
N ARG E 309 -3.15 -30.75 -4.50
CA ARG E 309 -2.96 -31.07 -5.89
C ARG E 309 -2.22 -32.40 -5.97
N LEU E 310 -2.66 -33.25 -6.87
CA LEU E 310 -2.05 -34.56 -7.05
C LEU E 310 -1.79 -34.77 -8.53
N PHE E 311 -0.52 -34.91 -8.89
CA PHE E 311 -0.08 -35.09 -10.26
C PHE E 311 0.32 -36.54 -10.43
N ILE E 312 -0.29 -37.23 -11.40
CA ILE E 312 -0.03 -38.65 -11.58
C ILE E 312 0.36 -38.89 -13.03
N HIS E 313 1.43 -39.64 -13.23
CA HIS E 313 1.86 -39.96 -14.58
C HIS E 313 0.74 -40.66 -15.35
N GLU E 314 0.62 -40.32 -16.64
CA GLU E 314 -0.47 -40.85 -17.45
C GLU E 314 -0.60 -42.35 -17.31
N SER E 315 0.54 -43.06 -17.25
CA SER E 315 0.54 -44.52 -17.23
C SER E 315 -0.21 -45.08 -16.02
N ILE E 316 -0.21 -44.37 -14.90
CA ILE E 316 -0.79 -44.88 -13.66
C ILE E 316 -1.96 -44.05 -13.17
N HIS E 317 -2.37 -43.03 -13.92
CA HIS E 317 -3.37 -42.09 -13.43
C HIS E 317 -4.67 -42.79 -13.04
N ASP E 318 -5.27 -43.51 -13.98
CA ASP E 318 -6.56 -44.13 -13.72
C ASP E 318 -6.49 -45.11 -12.56
N GLU E 319 -5.40 -45.88 -12.48
CA GLU E 319 -5.28 -46.88 -11.42
C GLU E 319 -5.18 -46.22 -10.05
N VAL E 320 -4.37 -45.16 -9.93
CA VAL E 320 -4.21 -44.49 -8.65
C VAL E 320 -5.51 -43.83 -8.23
N VAL E 321 -6.20 -43.17 -9.16
CA VAL E 321 -7.51 -42.59 -8.82
C VAL E 321 -8.47 -43.68 -8.36
N ASN E 322 -8.40 -44.86 -8.97
CA ASN E 322 -9.31 -45.91 -8.58
C ASN E 322 -8.95 -46.47 -7.21
N ARG E 323 -7.67 -46.77 -6.99
CA ARG E 323 -7.25 -47.19 -5.66
C ARG E 323 -7.52 -46.10 -4.62
N LEU E 324 -7.41 -44.84 -5.02
CA LEU E 324 -7.65 -43.74 -4.10
C LEU E 324 -9.13 -43.59 -3.79
N LYS E 325 -9.99 -43.68 -4.81
CA LYS E 325 -11.42 -43.73 -4.55
C LYS E 325 -11.78 -44.90 -3.64
N LYS E 326 -11.18 -46.07 -3.85
CA LYS E 326 -11.52 -47.23 -3.03
C LYS E 326 -11.17 -46.99 -1.56
N ALA E 327 -10.01 -46.37 -1.33
CA ALA E 327 -9.58 -46.11 0.05
C ALA E 327 -10.42 -45.04 0.72
N TYR E 328 -10.75 -43.95 0.00
CA TYR E 328 -11.67 -42.93 0.52
C TYR E 328 -12.97 -43.53 1.04
N ALA E 329 -13.49 -44.57 0.38
CA ALA E 329 -14.69 -45.24 0.86
C ALA E 329 -14.53 -45.86 2.23
N GLN E 330 -13.30 -46.17 2.64
CA GLN E 330 -13.05 -46.76 3.95
C GLN E 330 -12.71 -45.72 5.02
N ILE E 331 -12.76 -44.42 4.68
CA ILE E 331 -12.56 -43.37 5.66
C ILE E 331 -13.74 -43.38 6.64
N ARG E 332 -13.43 -43.52 7.92
CA ARG E 332 -14.44 -43.66 8.96
C ARG E 332 -14.71 -42.28 9.57
N VAL E 333 -15.94 -41.80 9.41
CA VAL E 333 -16.43 -40.50 9.87
C VAL E 333 -17.14 -40.65 11.20
N GLY E 334 -17.02 -39.65 12.05
CA GLY E 334 -17.72 -39.65 13.33
C GLY E 334 -17.32 -38.47 14.17
N ASN E 335 -17.71 -38.52 15.42
CA ASN E 335 -17.29 -37.48 16.35
C ASN E 335 -15.81 -37.65 16.65
N PRO E 336 -15.04 -36.55 16.69
CA PRO E 336 -13.58 -36.65 16.67
C PRO E 336 -12.95 -37.16 17.96
N TRP E 337 -13.71 -37.21 19.06
CA TRP E 337 -13.23 -37.83 20.29
C TRP E 337 -13.53 -39.32 20.34
N ASP E 338 -14.35 -39.84 19.43
CA ASP E 338 -14.54 -41.27 19.36
C ASP E 338 -13.27 -41.93 18.85
N PRO E 339 -12.74 -42.93 19.56
CA PRO E 339 -11.61 -43.68 19.03
C PRO E 339 -12.05 -44.44 17.79
N ASN E 340 -11.08 -44.74 16.92
CA ASN E 340 -11.28 -45.49 15.68
C ASN E 340 -11.83 -44.57 14.58
N VAL E 341 -12.18 -43.33 14.89
CA VAL E 341 -12.64 -42.38 13.88
C VAL E 341 -11.43 -41.73 13.20
N LEU E 342 -11.52 -41.54 11.87
CA LEU E 342 -10.44 -40.98 11.08
C LEU E 342 -10.73 -39.59 10.52
N TYR E 343 -11.99 -39.15 10.57
CA TYR E 343 -12.40 -37.95 9.84
C TYR E 343 -13.53 -37.29 10.61
N GLY E 344 -13.31 -36.03 11.00
CA GLY E 344 -14.26 -35.28 11.76
C GLY E 344 -14.75 -34.09 10.97
N PRO E 345 -15.25 -33.06 11.65
CA PRO E 345 -15.87 -31.94 10.96
C PRO E 345 -14.89 -30.87 10.53
N LEU E 346 -15.31 -30.07 9.56
CA LEU E 346 -14.66 -28.78 9.34
C LEU E 346 -14.86 -27.90 10.58
N HIS E 347 -13.93 -26.98 10.78
CA HIS E 347 -13.93 -26.23 12.02
C HIS E 347 -15.06 -25.21 12.11
N THR E 348 -15.55 -24.71 10.99
CA THR E 348 -16.65 -23.74 11.05
C THR E 348 -17.68 -24.09 10.00
N LYS E 349 -18.89 -23.55 10.19
CA LYS E 349 -19.88 -23.58 9.11
C LYS E 349 -19.38 -22.80 7.90
N GLN E 350 -18.65 -21.71 8.11
CA GLN E 350 -18.16 -20.89 7.00
C GLN E 350 -17.26 -21.69 6.09
N ALA E 351 -16.51 -22.64 6.65
CA ALA E 351 -15.66 -23.49 5.85
C ALA E 351 -16.47 -24.47 5.00
N VAL E 352 -17.60 -24.95 5.55
CA VAL E 352 -18.53 -25.73 4.75
C VAL E 352 -18.97 -24.95 3.52
N SER E 353 -19.43 -23.72 3.73
CA SER E 353 -19.85 -22.87 2.62
C SER E 353 -18.73 -22.68 1.60
N MET E 354 -17.50 -22.47 2.05
CA MET E 354 -16.38 -22.35 1.12
C MET E 354 -16.14 -23.66 0.38
N PHE E 355 -16.22 -24.77 1.10
CA PHE E 355 -16.10 -26.09 0.46
C PHE E 355 -17.07 -26.23 -0.70
N LEU E 356 -18.35 -25.93 -0.45
CA LEU E 356 -19.37 -26.06 -1.48
C LEU E 356 -19.11 -25.11 -2.65
N GLY E 357 -18.78 -23.85 -2.36
CA GLY E 357 -18.43 -22.93 -3.43
C GLY E 357 -17.27 -23.43 -4.25
N ALA E 358 -16.26 -24.01 -3.61
CA ALA E 358 -15.09 -24.51 -4.33
C ALA E 358 -15.46 -25.68 -5.23
N VAL E 359 -16.30 -26.58 -4.74
CA VAL E 359 -16.71 -27.75 -5.53
C VAL E 359 -17.44 -27.31 -6.79
N GLU E 360 -18.50 -26.52 -6.63
CA GLU E 360 -19.25 -26.07 -7.81
C GLU E 360 -18.38 -25.29 -8.77
N GLU E 361 -17.51 -24.41 -8.24
CA GLU E 361 -16.58 -23.70 -9.10
C GLU E 361 -15.69 -24.66 -9.89
N ALA E 362 -15.18 -25.70 -9.23
CA ALA E 362 -14.43 -26.72 -9.95
C ALA E 362 -15.26 -27.31 -11.08
N LYS E 363 -16.54 -27.62 -10.81
CA LYS E 363 -17.42 -28.08 -11.88
C LYS E 363 -17.57 -27.01 -12.95
N LYS E 364 -17.80 -25.76 -12.54
CA LYS E 364 -17.97 -24.68 -13.52
C LYS E 364 -16.72 -24.47 -14.36
N GLU E 365 -15.54 -24.87 -13.88
CA GLU E 365 -14.32 -24.74 -14.64
C GLU E 365 -13.98 -25.99 -15.45
N GLY E 366 -14.90 -26.94 -15.56
CA GLY E 366 -14.64 -28.16 -16.32
C GLY E 366 -14.21 -29.36 -15.52
N GLY E 367 -14.28 -29.33 -14.20
CA GLY E 367 -13.87 -30.46 -13.41
C GLY E 367 -14.98 -31.47 -13.22
N THR E 368 -14.58 -32.72 -12.97
CA THR E 368 -15.50 -33.78 -12.62
C THR E 368 -15.21 -34.23 -11.19
N VAL E 369 -16.26 -34.21 -10.34
CA VAL E 369 -16.16 -34.80 -9.02
C VAL E 369 -16.30 -36.31 -9.17
N VAL E 370 -15.23 -37.06 -8.85
CA VAL E 370 -15.27 -38.52 -8.94
C VAL E 370 -15.48 -39.15 -7.58
N TYR E 371 -15.47 -38.37 -6.51
CA TYR E 371 -15.79 -38.85 -5.18
C TYR E 371 -16.10 -37.65 -4.30
N GLY E 372 -17.10 -37.79 -3.44
CA GLY E 372 -17.41 -36.76 -2.47
C GLY E 372 -18.15 -35.58 -3.08
N GLY E 373 -17.82 -34.37 -2.62
CA GLY E 373 -18.40 -33.15 -3.16
C GLY E 373 -19.64 -32.66 -2.46
N LYS E 374 -20.08 -33.33 -1.40
CA LYS E 374 -21.35 -33.00 -0.77
C LYS E 374 -21.18 -32.71 0.71
N VAL E 375 -22.07 -31.86 1.23
CA VAL E 375 -22.23 -31.73 2.67
C VAL E 375 -22.81 -33.03 3.21
N MET E 376 -22.23 -33.54 4.30
CA MET E 376 -22.78 -34.75 4.90
C MET E 376 -24.04 -34.42 5.70
N ASP E 377 -24.92 -35.41 5.82
CA ASP E 377 -26.22 -35.25 6.47
C ASP E 377 -26.13 -35.74 7.92
N ARG E 378 -25.43 -34.94 8.72
CA ARG E 378 -25.35 -35.19 10.15
C ARG E 378 -25.08 -33.86 10.85
N PRO E 379 -25.31 -33.78 12.15
CA PRO E 379 -25.00 -32.54 12.88
C PRO E 379 -23.54 -32.14 12.74
N GLY E 380 -23.29 -30.85 12.82
CA GLY E 380 -21.95 -30.32 12.72
C GLY E 380 -21.59 -29.87 11.31
N ASN E 381 -20.28 -29.65 11.12
CA ASN E 381 -19.76 -29.06 9.89
C ASN E 381 -19.08 -30.13 9.04
N TYR E 382 -19.82 -31.19 8.75
CA TYR E 382 -19.27 -32.35 8.06
C TYR E 382 -19.43 -32.22 6.55
N VAL E 383 -18.35 -32.56 5.84
CA VAL E 383 -18.37 -32.62 4.38
C VAL E 383 -17.66 -33.89 3.95
N GLU E 384 -18.00 -34.37 2.78
CA GLU E 384 -17.31 -35.57 2.30
C GLU E 384 -15.95 -35.19 1.71
N PRO E 385 -14.91 -35.96 1.97
CA PRO E 385 -13.64 -35.69 1.29
C PRO E 385 -13.85 -35.85 -0.21
N THR E 386 -13.20 -34.99 -0.99
CA THR E 386 -13.59 -34.81 -2.38
C THR E 386 -12.38 -34.94 -3.28
N ILE E 387 -12.56 -35.67 -4.39
CA ILE E 387 -11.55 -35.88 -5.43
C ILE E 387 -12.11 -35.34 -6.74
N VAL E 388 -11.37 -34.43 -7.39
CA VAL E 388 -11.81 -33.76 -8.62
C VAL E 388 -10.80 -34.07 -9.71
N THR E 389 -11.27 -34.60 -10.84
CA THR E 389 -10.41 -34.87 -11.99
C THR E 389 -10.81 -33.97 -13.16
N GLY E 390 -9.92 -33.92 -14.15
CA GLY E 390 -10.20 -33.26 -15.41
C GLY E 390 -9.82 -31.79 -15.50
N LEU E 391 -9.49 -31.13 -14.40
CA LEU E 391 -9.15 -29.72 -14.50
C LEU E 391 -7.79 -29.53 -15.18
N GLY E 392 -7.66 -28.43 -15.91
CA GLY E 392 -6.33 -28.01 -16.34
C GLY E 392 -5.45 -27.75 -15.14
N HIS E 393 -4.14 -27.99 -15.30
CA HIS E 393 -3.24 -27.77 -14.19
C HIS E 393 -3.28 -26.32 -13.72
N ASP E 394 -3.53 -25.38 -14.62
CA ASP E 394 -3.64 -23.97 -14.28
C ASP E 394 -5.09 -23.52 -14.15
N ALA E 395 -6.01 -24.43 -13.86
CA ALA E 395 -7.36 -24.01 -13.50
C ALA E 395 -7.31 -23.09 -12.27
N SER E 396 -8.09 -22.01 -12.32
CA SER E 396 -8.03 -21.01 -11.27
C SER E 396 -8.36 -21.61 -9.91
N ILE E 397 -9.45 -22.37 -9.83
CA ILE E 397 -9.87 -22.97 -8.57
C ILE E 397 -8.73 -23.79 -7.96
N ALA E 398 -7.92 -24.42 -8.82
CA ALA E 398 -6.82 -25.23 -8.31
C ALA E 398 -5.65 -24.39 -7.81
N HIS E 399 -5.47 -23.19 -8.35
CA HIS E 399 -4.46 -22.29 -7.84
C HIS E 399 -4.93 -21.51 -6.62
N THR E 400 -6.24 -21.48 -6.40
CA THR E 400 -6.78 -20.99 -5.14
C THR E 400 -6.53 -22.03 -4.04
N GLU E 401 -6.36 -21.55 -2.82
CA GLU E 401 -6.31 -22.41 -1.65
C GLU E 401 -7.64 -22.34 -0.91
N THR E 402 -8.30 -23.49 -0.80
CA THR E 402 -9.53 -23.63 -0.02
C THR E 402 -9.23 -24.60 1.11
N PHE E 403 -9.40 -24.13 2.35
CA PHE E 403 -9.12 -24.93 3.53
C PHE E 403 -10.20 -25.99 3.68
N ALA E 404 -10.27 -26.90 2.70
CA ALA E 404 -11.29 -27.92 2.69
C ALA E 404 -10.71 -29.15 2.04
N PRO E 405 -11.23 -30.35 2.34
CA PRO E 405 -10.67 -31.58 1.78
C PRO E 405 -11.14 -31.82 0.34
N ILE E 406 -10.53 -31.08 -0.58
CA ILE E 406 -10.77 -31.21 -2.01
C ILE E 406 -9.42 -31.44 -2.65
N LEU E 407 -9.27 -32.57 -3.37
CA LEU E 407 -8.03 -32.95 -4.01
C LEU E 407 -8.21 -32.86 -5.52
N TYR E 408 -7.43 -32.01 -6.16
CA TYR E 408 -7.44 -31.82 -7.60
C TYR E 408 -6.39 -32.70 -8.24
N VAL E 409 -6.82 -33.62 -9.10
CA VAL E 409 -5.94 -34.62 -9.68
C VAL E 409 -5.62 -34.22 -11.11
N PHE E 410 -4.35 -34.41 -11.50
CA PHE E 410 -3.84 -33.99 -12.79
C PHE E 410 -2.97 -35.08 -13.39
N LYS E 411 -3.00 -35.17 -14.72
CA LYS E 411 -2.09 -36.01 -15.48
C LYS E 411 -0.85 -35.22 -15.86
N PHE E 412 0.26 -35.93 -16.03
CA PHE E 412 1.47 -35.36 -16.57
C PHE E 412 2.21 -36.47 -17.27
N LYS E 413 3.16 -36.08 -18.13
CA LYS E 413 3.99 -37.07 -18.80
C LYS E 413 5.45 -37.00 -18.40
N ASN E 414 6.07 -35.83 -18.34
CA ASN E 414 7.51 -35.77 -18.13
C ASN E 414 7.89 -34.88 -16.94
N GLU E 415 9.12 -35.13 -16.47
CA GLU E 415 9.62 -34.54 -15.24
C GLU E 415 9.60 -33.02 -15.30
N GLU E 416 10.09 -32.44 -16.39
CA GLU E 416 10.32 -31.01 -16.43
C GLU E 416 9.01 -30.22 -16.33
N GLU E 417 7.98 -30.64 -17.08
CA GLU E 417 6.71 -29.94 -17.02
C GLU E 417 6.06 -30.07 -15.64
N VAL E 418 6.23 -31.21 -14.97
CA VAL E 418 5.52 -31.34 -13.70
C VAL E 418 6.29 -30.67 -12.56
N PHE E 419 7.62 -30.55 -12.64
CA PHE E 419 8.31 -29.70 -11.68
C PHE E 419 7.84 -28.25 -11.79
N ALA E 420 7.68 -27.78 -13.04
CA ALA E 420 7.14 -26.45 -13.30
C ALA E 420 5.75 -26.27 -12.69
N TRP E 421 4.87 -27.26 -12.90
CA TRP E 421 3.50 -27.16 -12.43
C TRP E 421 3.42 -27.18 -10.91
N ASN E 422 4.32 -27.92 -10.25
CA ASN E 422 4.44 -27.78 -8.80
C ASN E 422 4.78 -26.35 -8.42
N ASN E 423 5.66 -25.72 -9.21
CA ASN E 423 6.23 -24.41 -8.89
C ASN E 423 5.37 -23.24 -9.36
N GLU E 424 4.43 -23.47 -10.27
CA GLU E 424 3.70 -22.37 -10.92
C GLU E 424 2.74 -21.63 -9.99
N VAL E 425 2.39 -22.17 -8.82
CA VAL E 425 1.41 -21.51 -7.96
C VAL E 425 2.10 -20.42 -7.16
N LYS E 426 1.30 -19.54 -6.54
CA LYS E 426 1.83 -18.46 -5.73
C LYS E 426 2.34 -18.96 -4.37
N GLN E 427 1.73 -20.01 -3.83
CA GLN E 427 2.16 -20.59 -2.56
C GLN E 427 3.40 -21.45 -2.74
N GLY E 428 4.21 -21.54 -1.67
CA GLY E 428 5.41 -22.37 -1.72
C GLY E 428 5.79 -23.05 -0.42
N LEU E 429 4.84 -23.77 0.19
CA LEU E 429 5.07 -24.41 1.48
C LEU E 429 5.65 -25.80 1.35
N SER E 430 4.84 -26.79 0.94
CA SER E 430 5.23 -28.18 0.99
C SER E 430 5.09 -28.84 -0.37
N SER E 431 5.90 -29.85 -0.60
CA SER E 431 5.91 -30.53 -1.89
C SER E 431 6.45 -31.95 -1.71
N SER E 432 5.98 -32.85 -2.56
CA SER E 432 6.37 -34.24 -2.44
C SER E 432 6.37 -34.90 -3.82
N ILE E 433 7.36 -35.73 -4.08
CA ILE E 433 7.36 -36.57 -5.27
C ILE E 433 7.49 -38.01 -4.80
N PHE E 434 6.91 -38.92 -5.57
CA PHE E 434 6.98 -40.35 -5.31
C PHE E 434 7.63 -41.01 -6.52
N THR E 435 8.75 -41.68 -6.30
CA THR E 435 9.60 -42.18 -7.36
C THR E 435 10.76 -42.92 -6.71
N LYS E 436 11.49 -43.66 -7.52
CA LYS E 436 12.67 -44.38 -7.08
C LYS E 436 13.90 -43.96 -7.85
N ASP E 437 13.75 -43.09 -8.87
CA ASP E 437 14.87 -42.70 -9.71
C ASP E 437 15.82 -41.81 -8.93
N LEU E 438 17.09 -42.22 -8.86
CA LEU E 438 18.06 -41.54 -8.03
C LEU E 438 18.29 -40.10 -8.49
N GLY E 439 18.48 -39.91 -9.80
CA GLY E 439 18.78 -38.59 -10.31
C GLY E 439 17.60 -37.66 -10.23
N ARG E 440 16.40 -38.17 -10.50
CA ARG E 440 15.20 -37.37 -10.34
C ARG E 440 15.13 -36.79 -8.94
N ILE E 441 15.45 -37.60 -7.93
CA ILE E 441 15.30 -37.19 -6.55
C ILE E 441 16.23 -36.03 -6.22
N PHE E 442 17.47 -36.07 -6.73
CA PHE E 442 18.38 -34.97 -6.45
C PHE E 442 18.07 -33.74 -7.30
N ARG E 443 17.50 -33.93 -8.50
CA ARG E 443 17.03 -32.80 -9.28
C ARG E 443 15.86 -32.13 -8.59
N TRP E 444 14.96 -32.92 -7.99
CA TRP E 444 13.89 -32.39 -7.14
C TRP E 444 14.46 -31.52 -6.04
N LEU E 445 15.57 -31.95 -5.44
CA LEU E 445 16.22 -31.24 -4.35
C LEU E 445 17.05 -30.06 -4.84
N GLY E 446 17.28 -29.95 -6.14
CA GLY E 446 18.23 -29.00 -6.65
C GLY E 446 17.63 -27.69 -7.11
N PRO E 447 18.44 -26.91 -7.84
CA PRO E 447 18.01 -25.56 -8.22
C PRO E 447 16.88 -25.54 -9.23
N LYS E 448 16.72 -26.60 -10.03
CA LYS E 448 15.66 -26.67 -11.02
C LYS E 448 14.47 -27.50 -10.55
N GLY E 449 14.46 -27.87 -9.28
CA GLY E 449 13.40 -28.71 -8.71
C GLY E 449 12.36 -27.91 -7.95
N SER E 450 11.94 -28.45 -6.81
CA SER E 450 10.85 -27.84 -6.06
C SER E 450 11.31 -26.54 -5.42
N ASP E 451 10.44 -25.52 -5.48
CA ASP E 451 10.72 -24.19 -4.95
C ASP E 451 10.21 -24.02 -3.51
N CYS E 452 9.65 -25.05 -2.89
CA CYS E 452 8.95 -24.91 -1.63
C CYS E 452 9.93 -24.95 -0.45
N GLY E 453 9.43 -24.57 0.72
CA GLY E 453 10.23 -24.68 1.94
C GLY E 453 10.37 -26.10 2.42
N ILE E 454 9.50 -27.00 1.97
CA ILE E 454 9.50 -28.39 2.39
C ILE E 454 9.44 -29.22 1.13
N VAL E 455 10.44 -30.09 0.94
CA VAL E 455 10.63 -30.80 -0.31
C VAL E 455 10.84 -32.26 0.05
N ASN E 456 9.78 -33.06 -0.04
CA ASN E 456 9.80 -34.42 0.46
C ASN E 456 9.87 -35.44 -0.66
N VAL E 457 10.35 -36.63 -0.31
CA VAL E 457 10.53 -37.72 -1.27
C VAL E 457 9.91 -38.97 -0.67
N ASN E 458 8.83 -39.46 -1.29
CA ASN E 458 8.17 -40.70 -0.90
C ASN E 458 7.49 -40.61 0.47
N ILE E 459 7.04 -39.42 0.86
CA ILE E 459 6.16 -39.21 2.02
C ILE E 459 5.17 -38.11 1.68
N PRO E 460 4.05 -38.03 2.41
CA PRO E 460 3.08 -36.95 2.20
C PRO E 460 3.70 -35.56 2.41
N THR E 461 2.92 -34.53 2.06
CA THR E 461 3.33 -33.13 2.22
C THR E 461 3.20 -32.63 3.65
N SER E 462 2.62 -33.43 4.52
CA SER E 462 2.44 -33.10 5.91
C SER E 462 3.36 -33.97 6.75
N GLY E 463 3.23 -33.84 8.07
CA GLY E 463 4.07 -34.58 8.98
C GLY E 463 5.54 -34.20 8.84
N ALA E 464 5.88 -33.01 9.28
CA ALA E 464 7.26 -32.60 9.45
C ALA E 464 7.68 -32.85 10.89
N GLU E 465 9.00 -32.94 11.11
CA GLU E 465 9.52 -33.15 12.45
C GLU E 465 10.27 -31.92 12.94
N ILE E 466 10.28 -31.77 14.27
CA ILE E 466 10.71 -30.51 14.89
C ILE E 466 12.17 -30.17 14.59
N GLY E 467 12.99 -31.14 14.19
CA GLY E 467 14.41 -30.91 13.98
C GLY E 467 14.74 -29.93 12.87
N GLY E 468 13.85 -29.78 11.90
CA GLY E 468 14.07 -28.90 10.77
C GLY E 468 13.30 -27.60 10.90
N ALA E 469 13.77 -26.59 10.17
CA ALA E 469 13.00 -25.36 10.04
C ALA E 469 11.71 -25.64 9.26
N PHE E 470 10.61 -25.04 9.70
CA PHE E 470 9.31 -25.25 9.07
C PHE E 470 8.80 -23.92 8.53
N GLY E 471 8.35 -23.93 7.29
CA GLY E 471 7.88 -22.74 6.62
C GLY E 471 8.00 -22.90 5.13
N GLY E 472 7.45 -21.93 4.40
CA GLY E 472 7.44 -21.96 2.95
C GLY E 472 8.05 -20.71 2.36
N GLU E 473 8.06 -20.67 1.02
CA GLU E 473 8.53 -19.57 0.20
C GLU E 473 7.36 -18.93 -0.55
N LYS E 474 7.68 -17.84 -1.26
CA LYS E 474 6.74 -17.12 -2.14
C LYS E 474 5.58 -16.60 -1.30
N HIS E 475 4.33 -16.76 -1.73
CA HIS E 475 3.18 -16.28 -0.99
C HIS E 475 2.97 -17.03 0.33
N THR E 476 3.82 -17.99 0.69
CA THR E 476 3.76 -18.56 2.03
C THR E 476 4.48 -17.69 3.06
N GLY E 477 5.23 -16.67 2.63
CA GLY E 477 5.67 -15.61 3.51
C GLY E 477 7.13 -15.66 3.92
N GLY E 478 7.76 -16.84 3.87
CA GLY E 478 9.19 -16.95 4.03
C GLY E 478 9.68 -17.17 5.45
N GLY E 479 8.80 -17.04 6.45
CA GLY E 479 9.22 -17.30 7.82
C GLY E 479 9.54 -18.78 8.05
N ARG E 480 10.21 -19.04 9.18
CA ARG E 480 10.54 -20.39 9.58
C ARG E 480 10.30 -20.57 11.07
N GLU E 481 9.94 -21.79 11.46
CA GLU E 481 9.71 -22.12 12.86
C GLU E 481 10.45 -23.40 13.20
N SER E 482 10.66 -23.58 14.51
CA SER E 482 11.08 -24.84 15.12
C SER E 482 12.59 -25.08 15.01
N GLY E 483 13.04 -25.84 14.01
CA GLY E 483 14.34 -26.46 14.04
C GLY E 483 15.40 -25.71 13.24
N SER E 484 16.52 -26.41 13.03
CA SER E 484 17.73 -25.83 12.46
C SER E 484 18.10 -24.56 13.22
N ASP E 485 18.43 -23.48 12.50
CA ASP E 485 18.74 -22.19 13.10
C ASP E 485 17.56 -21.22 12.98
N ALA E 486 16.34 -21.75 13.02
CA ALA E 486 15.17 -20.88 13.00
C ALA E 486 15.18 -19.92 14.17
N TRP E 487 15.81 -20.31 15.28
CA TRP E 487 15.91 -19.41 16.43
C TRP E 487 16.50 -18.04 16.05
N LYS E 488 17.27 -17.96 14.96
CA LYS E 488 17.85 -16.68 14.61
C LYS E 488 16.79 -15.62 14.31
N GLN E 489 15.58 -16.03 13.87
CA GLN E 489 14.55 -15.02 13.64
C GLN E 489 14.02 -14.39 14.92
N TYR E 490 14.30 -14.96 16.08
CA TYR E 490 13.77 -14.44 17.34
C TYR E 490 14.82 -13.64 18.10
N MET E 491 15.95 -13.36 17.46
CA MET E 491 17.05 -12.66 18.09
C MET E 491 17.63 -11.69 17.09
N ARG E 492 18.43 -10.75 17.60
CA ARG E 492 19.09 -9.76 16.76
C ARG E 492 20.59 -10.01 16.79
N ARG E 493 21.18 -10.05 15.59
CA ARG E 493 22.60 -10.29 15.40
C ARG E 493 23.36 -8.99 15.54
N SER E 494 24.50 -9.03 16.22
CA SER E 494 25.42 -7.91 16.16
C SER E 494 26.81 -8.42 15.89
N THR E 495 27.56 -7.64 15.12
CA THR E 495 28.94 -7.90 14.78
C THR E 495 29.80 -6.94 15.60
N CYS E 496 30.63 -7.49 16.47
CA CYS E 496 31.26 -6.72 17.53
C CYS E 496 32.77 -6.85 17.42
N THR E 497 33.43 -5.74 17.10
CA THR E 497 34.89 -5.70 17.11
C THR E 497 35.36 -5.04 18.40
N ILE E 498 36.23 -5.72 19.13
CA ILE E 498 36.75 -5.22 20.40
C ILE E 498 38.24 -4.98 20.24
N ASN E 499 38.63 -3.71 20.23
CA ASN E 499 40.05 -3.35 20.26
C ASN E 499 40.52 -3.41 21.70
N TYR E 500 41.39 -4.37 22.00
N TYR E 500 41.39 -4.36 22.00
CA TYR E 500 41.87 -4.54 23.37
CA TYR E 500 41.93 -4.51 23.34
C TYR E 500 43.34 -4.17 23.49
C TYR E 500 43.39 -4.14 23.42
N SER E 501 43.95 -3.67 22.43
N SER E 501 43.95 -3.58 22.35
CA SER E 501 45.33 -3.23 22.46
CA SER E 501 45.32 -3.14 22.29
C SER E 501 45.44 -1.78 22.92
C SER E 501 45.40 -1.65 22.60
N LYS E 502 46.66 -1.39 23.28
N LYS E 502 46.57 -1.05 22.36
CA LYS E 502 46.99 0.01 23.49
CA LYS E 502 46.78 0.38 22.49
C LYS E 502 47.28 0.75 22.19
C LYS E 502 46.88 1.08 21.14
N ASP E 503 47.23 0.06 21.05
N ASP E 503 46.69 0.36 20.04
CA ASP E 503 47.51 0.67 19.76
CA ASP E 503 46.75 0.91 18.70
C ASP E 503 46.57 1.84 19.50
C ASP E 503 45.39 0.78 18.01
N LEU E 504 47.16 3.01 19.18
N LEU E 504 45.25 1.49 16.89
CA LEU E 504 46.51 4.25 18.75
CA LEU E 504 44.01 1.53 16.12
C LEU E 504 46.52 4.36 17.24
C LEU E 504 44.26 1.22 14.65
N PRO E 505 45.50 4.98 16.65
N PRO E 505 44.68 0.00 14.33
CA PRO E 505 45.42 5.04 15.19
CA PRO E 505 44.82 -0.38 12.91
C PRO E 505 46.58 5.82 14.61
C PRO E 505 43.47 -0.44 12.22
N LEU E 506 46.91 5.52 13.35
N LEU E 506 43.40 0.11 11.01
CA LEU E 506 47.94 6.29 12.66
CA LEU E 506 42.15 0.27 10.27
C LEU E 506 47.52 7.76 12.62
C LEU E 506 41.96 -0.85 9.26
N ALA E 507 48.47 8.64 12.95
N ALA E 507 40.69 -1.19 9.03
CA ALA E 507 48.14 10.05 13.13
CA ALA E 507 40.35 -2.26 8.09
C ALA E 507 47.77 10.73 11.82
C ALA E 507 40.82 -1.92 6.68
N GLN E 508 48.21 10.19 10.69
N GLN E 508 40.99 -2.99 5.87
CA GLN E 508 47.97 10.78 9.37
CA GLN E 508 41.51 -2.90 4.50
C GLN E 508 48.28 12.27 9.36
C GLN E 508 42.86 -2.18 4.45
N GLY E 509 49.48 12.61 9.87
N GLY E 509 43.61 -2.21 5.54
CA GLY E 509 49.95 13.98 9.87
CA GLY E 509 44.95 -1.62 5.58
C GLY E 509 49.47 14.85 11.02
C GLY E 509 44.98 -0.13 5.31
N ILE E 510 48.40 14.47 11.71
N ILE E 510 43.85 0.56 5.42
CA ILE E 510 47.85 15.32 12.77
CA ILE E 510 43.81 1.98 5.12
C ILE E 510 48.67 15.13 14.04
C ILE E 510 44.62 2.74 6.17
N LYS E 511 49.02 16.25 14.67
N LYS E 511 45.44 3.67 5.71
CA LYS E 511 49.70 16.25 15.96
CA LYS E 511 46.22 4.54 6.58
C LYS E 511 48.64 16.28 17.07
C LYS E 511 45.62 5.94 6.50
N PHE E 512 48.49 15.17 17.78
N PHE E 512 45.38 6.55 7.66
CA PHE E 512 47.53 15.08 18.86
CA PHE E 512 44.74 7.86 7.72
C PHE E 512 48.21 15.37 20.20
C PHE E 512 45.76 8.96 8.02
N THR F 5 36.78 19.99 -22.95
CA THR F 5 35.92 20.29 -21.80
C THR F 5 35.67 19.07 -20.90
N LEU F 6 35.20 17.95 -21.47
CA LEU F 6 35.10 16.73 -20.68
C LEU F 6 36.48 16.32 -20.20
N LEU F 7 36.58 15.96 -18.91
CA LEU F 7 37.88 15.58 -18.40
C LEU F 7 38.46 14.39 -19.16
N ILE F 8 37.61 13.49 -19.64
CA ILE F 8 38.13 12.32 -20.34
C ILE F 8 38.81 12.71 -21.66
N ASN F 9 38.44 13.84 -22.24
CA ASN F 9 39.06 14.33 -23.46
C ASN F 9 40.31 15.16 -23.20
N GLN F 10 40.73 15.30 -21.94
CA GLN F 10 41.92 16.04 -21.54
C GLN F 10 43.07 15.09 -21.27
N PRO F 11 44.27 15.44 -21.75
CA PRO F 11 45.41 14.50 -21.67
C PRO F 11 45.72 14.03 -20.25
N GLN F 12 45.69 14.91 -19.25
CA GLN F 12 45.98 14.48 -17.87
C GLN F 12 44.97 13.47 -17.32
N TYR F 13 43.89 13.17 -18.05
CA TYR F 13 42.93 12.16 -17.63
C TYR F 13 42.87 11.00 -18.60
N ALA F 14 43.93 10.80 -19.38
CA ALA F 14 43.98 9.67 -20.29
C ALA F 14 43.90 8.34 -19.57
N TRP F 15 44.19 8.29 -18.26
CA TRP F 15 44.10 7.04 -17.53
C TRP F 15 42.67 6.51 -17.46
N LEU F 16 41.67 7.38 -17.57
CA LEU F 16 40.29 6.92 -17.62
C LEU F 16 40.08 5.95 -18.77
N LYS F 17 40.85 6.08 -19.84
CA LYS F 17 40.71 5.18 -20.97
C LYS F 17 41.19 3.76 -20.64
N GLU F 18 41.99 3.59 -19.58
CA GLU F 18 42.38 2.23 -19.20
C GLU F 18 41.24 1.43 -18.59
N LEU F 19 40.09 2.05 -18.31
CA LEU F 19 38.93 1.35 -17.80
C LEU F 19 37.90 1.11 -18.89
N GLY F 20 38.27 1.33 -20.14
CA GLY F 20 37.33 1.24 -21.24
C GLY F 20 36.37 2.41 -21.37
N LEU F 21 36.52 3.45 -20.55
CA LEU F 21 35.62 4.59 -20.64
C LEU F 21 35.93 5.42 -21.89
N ARG F 22 34.89 5.96 -22.48
CA ARG F 22 34.97 6.83 -23.65
C ARG F 22 34.26 8.14 -23.34
N GLU F 23 34.21 9.00 -24.36
CA GLU F 23 33.46 10.25 -24.26
C GLU F 23 32.00 10.00 -23.89
N GLU F 24 31.36 9.07 -24.59
CA GLU F 24 30.00 8.66 -24.28
C GLU F 24 29.97 7.15 -24.08
N ASN F 25 29.44 6.70 -22.95
CA ASN F 25 29.54 5.32 -22.53
C ASN F 25 28.18 4.66 -22.48
N GLU F 26 28.17 3.35 -22.69
CA GLU F 26 26.94 2.59 -22.65
C GLU F 26 26.64 2.20 -21.21
N GLY F 27 25.43 2.54 -20.76
CA GLY F 27 25.04 2.29 -19.39
C GLY F 27 24.21 1.03 -19.21
N VAL F 28 24.12 0.19 -20.23
CA VAL F 28 23.37 -1.06 -20.15
C VAL F 28 24.29 -2.18 -20.59
N TYR F 29 24.34 -3.24 -19.79
CA TYR F 29 25.08 -4.41 -20.21
C TYR F 29 24.28 -5.64 -19.82
N ASN F 30 24.00 -6.50 -20.79
CA ASN F 30 23.26 -7.72 -20.51
C ASN F 30 23.84 -8.90 -21.29
N GLY F 31 25.15 -8.87 -21.54
CA GLY F 31 25.81 -9.67 -22.53
C GLY F 31 26.15 -8.89 -23.77
N SER F 32 25.34 -7.88 -24.10
CA SER F 32 25.67 -6.87 -25.09
C SER F 32 25.56 -5.49 -24.43
N TRP F 33 26.31 -4.54 -24.98
CA TRP F 33 26.37 -3.17 -24.44
C TRP F 33 25.43 -2.26 -25.21
N GLY F 34 24.70 -1.42 -24.49
CA GLY F 34 23.82 -0.49 -25.15
C GLY F 34 23.26 0.57 -24.23
N GLY F 35 22.09 1.09 -24.55
CA GLY F 35 21.47 2.14 -23.76
C GLY F 35 20.69 3.11 -24.63
N ARG F 36 19.37 3.02 -24.60
CA ARG F 36 18.53 3.88 -25.39
C ARG F 36 17.81 4.90 -24.54
N GLY F 37 18.20 5.04 -23.27
CA GLY F 37 17.58 5.97 -22.35
C GLY F 37 18.23 7.33 -22.38
N GLU F 38 18.05 8.05 -21.27
CA GLU F 38 18.50 9.44 -21.18
C GLU F 38 20.00 9.50 -21.00
N VAL F 39 20.64 10.42 -21.71
CA VAL F 39 22.08 10.63 -21.61
C VAL F 39 22.35 11.53 -20.41
N ILE F 40 23.13 11.02 -19.47
CA ILE F 40 23.50 11.77 -18.27
C ILE F 40 24.99 12.04 -18.33
N THR F 41 25.40 13.19 -17.79
CA THR F 41 26.82 13.52 -17.66
C THR F 41 27.15 13.58 -16.19
N THR F 42 28.20 12.87 -15.77
CA THR F 42 28.61 12.91 -14.37
C THR F 42 29.82 13.82 -14.19
N TYR F 43 29.93 14.40 -13.00
CA TYR F 43 30.80 15.53 -12.73
C TYR F 43 31.81 15.22 -11.62
N CYS F 44 33.01 15.74 -11.77
CA CYS F 44 34.01 15.63 -10.71
C CYS F 44 33.69 16.64 -9.61
N PRO F 45 33.33 16.18 -8.41
CA PRO F 45 32.93 17.13 -7.36
C PRO F 45 34.09 17.99 -6.83
N ALA F 46 35.34 17.61 -7.09
CA ALA F 46 36.47 18.41 -6.62
C ALA F 46 36.62 19.69 -7.43
N ASN F 47 36.18 19.68 -8.69
CA ASN F 47 36.31 20.88 -9.52
C ASN F 47 35.04 21.22 -10.29
N ASN F 48 33.98 20.42 -10.17
CA ASN F 48 32.71 20.69 -10.83
C ASN F 48 32.85 20.68 -12.35
N GLU F 49 33.78 19.96 -12.85
CA GLU F 49 33.95 19.75 -14.28
C GLU F 49 33.28 18.45 -14.71
N PRO F 50 32.73 18.41 -15.92
CA PRO F 50 32.11 17.16 -16.41
C PRO F 50 33.16 16.18 -16.88
N ILE F 51 32.96 14.90 -16.53
CA ILE F 51 33.94 13.86 -16.82
C ILE F 51 33.66 13.18 -18.15
N ALA F 52 32.43 12.66 -18.31
CA ALA F 52 32.06 11.90 -19.49
C ALA F 52 30.56 11.58 -19.41
N ARG F 53 30.03 11.03 -20.49
CA ARG F 53 28.61 10.75 -20.60
C ARG F 53 28.33 9.26 -20.56
N VAL F 54 27.13 8.93 -20.09
CA VAL F 54 26.62 7.56 -20.01
C VAL F 54 25.19 7.60 -20.51
N ARG F 55 24.89 6.78 -21.52
CA ARG F 55 23.50 6.64 -21.94
C ARG F 55 22.81 5.58 -21.09
N GLN F 56 21.67 5.93 -20.52
CA GLN F 56 21.07 5.07 -19.50
C GLN F 56 20.02 4.13 -20.09
N ALA F 57 19.43 3.33 -19.21
CA ALA F 57 18.45 2.34 -19.61
C ALA F 57 17.10 3.00 -19.90
N SER F 58 16.56 2.75 -21.10
CA SER F 58 15.13 2.93 -21.29
C SER F 58 14.38 1.78 -20.61
N VAL F 59 13.06 1.87 -20.63
CA VAL F 59 12.22 0.78 -20.17
C VAL F 59 12.51 -0.49 -20.97
N ALA F 60 12.53 -0.37 -22.29
CA ALA F 60 12.83 -1.52 -23.13
C ALA F 60 14.19 -2.13 -22.81
N ASP F 61 15.18 -1.30 -22.48
CA ASP F 61 16.48 -1.84 -22.04
C ASP F 61 16.33 -2.67 -20.77
N TYR F 62 15.58 -2.15 -19.79
CA TYR F 62 15.37 -2.87 -18.55
C TYR F 62 14.67 -4.20 -18.82
N GLU F 63 13.61 -4.17 -19.63
CA GLU F 63 12.86 -5.37 -19.96
C GLU F 63 13.74 -6.42 -20.60
N GLU F 64 14.47 -6.06 -21.65
CA GLU F 64 15.33 -7.04 -22.31
C GLU F 64 16.37 -7.58 -21.33
N THR F 65 16.88 -6.72 -20.44
CA THR F 65 17.96 -7.13 -19.54
C THR F 65 17.46 -8.13 -18.49
N VAL F 66 16.27 -7.89 -17.91
CA VAL F 66 15.72 -8.87 -16.98
C VAL F 66 15.53 -10.22 -17.67
N LYS F 67 15.06 -10.20 -18.92
CA LYS F 67 14.83 -11.46 -19.63
C LYS F 67 16.15 -12.17 -19.91
N LYS F 68 17.13 -11.47 -20.47
CA LYS F 68 18.42 -12.10 -20.72
C LYS F 68 19.05 -12.61 -19.42
N ALA F 69 18.91 -11.86 -18.33
CA ALA F 69 19.48 -12.32 -17.06
C ALA F 69 18.79 -13.59 -16.58
N ARG F 70 17.47 -13.64 -16.66
CA ARG F 70 16.77 -14.84 -16.24
C ARG F 70 17.09 -16.00 -17.17
N GLU F 71 17.28 -15.73 -18.47
CA GLU F 71 17.76 -16.78 -19.37
C GLU F 71 19.16 -17.22 -18.99
N ALA F 72 20.03 -16.27 -18.64
CA ALA F 72 21.38 -16.66 -18.23
C ALA F 72 21.35 -17.48 -16.94
N TRP F 73 20.34 -17.28 -16.11
CA TRP F 73 20.35 -17.95 -14.81
C TRP F 73 20.23 -19.46 -14.96
N LYS F 74 19.49 -19.93 -15.97
CA LYS F 74 19.37 -21.36 -16.20
C LYS F 74 20.73 -22.00 -16.45
N ILE F 75 21.65 -21.27 -17.07
CA ILE F 75 22.99 -21.81 -17.27
C ILE F 75 23.78 -21.73 -15.97
N TRP F 76 23.76 -20.56 -15.34
CA TRP F 76 24.64 -20.29 -14.21
C TRP F 76 24.30 -21.17 -13.02
N ALA F 77 23.01 -21.37 -12.76
CA ALA F 77 22.59 -22.19 -11.63
C ALA F 77 22.99 -23.65 -11.77
N ASP F 78 23.20 -24.11 -13.00
CA ASP F 78 23.65 -25.48 -13.21
C ASP F 78 25.15 -25.64 -13.01
N ILE F 79 25.87 -24.54 -12.79
CA ILE F 79 27.31 -24.62 -12.63
C ILE F 79 27.60 -24.91 -11.15
N PRO F 80 28.37 -25.95 -10.87
CA PRO F 80 28.67 -26.29 -9.46
C PRO F 80 29.28 -25.09 -8.73
N ALA F 81 28.89 -24.92 -7.47
CA ALA F 81 29.33 -23.76 -6.70
C ALA F 81 30.85 -23.59 -6.66
N PRO F 82 31.66 -24.62 -6.46
CA PRO F 82 33.11 -24.41 -6.56
C PRO F 82 33.55 -23.80 -7.88
N LYS F 83 32.86 -24.11 -8.97
CA LYS F 83 33.22 -23.52 -10.26
C LYS F 83 32.76 -22.08 -10.35
N ARG F 84 31.56 -21.81 -9.82
CA ARG F 84 31.14 -20.43 -9.70
C ARG F 84 32.16 -19.63 -8.90
N GLY F 85 32.70 -20.22 -7.83
CA GLY F 85 33.74 -19.56 -7.06
C GLY F 85 34.99 -19.27 -7.89
N GLU F 86 35.36 -20.19 -8.79
CA GLU F 86 36.49 -19.94 -9.67
C GLU F 86 36.29 -18.67 -10.50
N ILE F 87 35.07 -18.46 -11.00
CA ILE F 87 34.74 -17.22 -11.71
C ILE F 87 34.98 -16.01 -10.81
N VAL F 88 34.48 -16.08 -9.56
CA VAL F 88 34.61 -14.98 -8.61
C VAL F 88 36.07 -14.72 -8.28
N ARG F 89 36.88 -15.78 -8.23
CA ARG F 89 38.32 -15.60 -8.05
C ARG F 89 38.92 -14.81 -9.20
N GLN F 90 38.43 -15.05 -10.42
CA GLN F 90 39.01 -14.33 -11.57
C GLN F 90 38.56 -12.87 -11.60
N ILE F 91 37.36 -12.58 -11.09
CA ILE F 91 36.95 -11.20 -10.92
C ILE F 91 37.87 -10.51 -9.92
N GLY F 92 38.17 -11.20 -8.82
CA GLY F 92 39.09 -10.66 -7.84
C GLY F 92 40.44 -10.31 -8.43
N ASP F 93 40.97 -11.17 -9.31
CA ASP F 93 42.25 -10.89 -9.96
C ASP F 93 42.13 -9.72 -10.92
N ALA F 94 41.06 -9.69 -11.72
CA ALA F 94 40.84 -8.57 -12.63
C ALA F 94 40.70 -7.26 -11.86
N LEU F 95 40.11 -7.31 -10.66
CA LEU F 95 40.04 -6.13 -9.81
C LEU F 95 41.41 -5.78 -9.23
N ARG F 96 42.16 -6.79 -8.75
CA ARG F 96 43.50 -6.53 -8.23
C ARG F 96 44.39 -5.91 -9.30
N GLU F 97 44.20 -6.29 -10.57
CA GLU F 97 45.02 -5.76 -11.65
C GLU F 97 44.72 -4.30 -11.94
N LYS F 98 43.48 -3.86 -11.70
CA LYS F 98 43.09 -2.50 -12.03
C LYS F 98 42.91 -1.61 -10.79
N ILE F 99 43.48 -2.01 -9.65
CA ILE F 99 43.01 -1.43 -8.39
C ILE F 99 43.37 0.05 -8.28
N GLN F 100 44.58 0.44 -8.70
CA GLN F 100 44.95 1.85 -8.64
C GLN F 100 44.06 2.70 -9.53
N VAL F 101 43.96 2.33 -10.81
CA VAL F 101 43.21 3.15 -11.77
C VAL F 101 41.71 3.17 -11.41
N LEU F 102 41.15 2.04 -10.98
CA LEU F 102 39.76 2.03 -10.55
C LEU F 102 39.55 2.94 -9.35
N GLY F 103 40.40 2.80 -8.33
CA GLY F 103 40.30 3.68 -7.18
C GLY F 103 40.49 5.14 -7.54
N SER F 104 41.34 5.42 -8.54
CA SER F 104 41.46 6.78 -9.04
C SER F 104 40.12 7.26 -9.60
N LEU F 105 39.40 6.39 -10.33
CA LEU F 105 38.11 6.81 -10.84
C LEU F 105 37.15 7.11 -9.71
N VAL F 106 37.17 6.27 -8.66
CA VAL F 106 36.26 6.49 -7.53
C VAL F 106 36.57 7.80 -6.84
N SER F 107 37.86 8.15 -6.70
CA SER F 107 38.21 9.47 -6.18
C SER F 107 37.72 10.58 -7.10
N LEU F 108 37.81 10.37 -8.42
CA LEU F 108 37.47 11.41 -9.38
C LEU F 108 35.97 11.69 -9.42
N GLU F 109 35.16 10.63 -9.63
CA GLU F 109 33.74 10.80 -9.86
C GLU F 109 32.94 10.87 -8.58
N MET F 110 33.36 10.19 -7.53
CA MET F 110 32.62 10.24 -6.28
C MET F 110 33.22 11.24 -5.30
N GLY F 111 34.54 11.30 -5.18
CA GLY F 111 35.21 12.39 -4.47
C GLY F 111 35.92 12.00 -3.21
N LYS F 112 35.92 10.73 -2.83
CA LYS F 112 36.65 10.34 -1.65
C LYS F 112 38.14 10.31 -1.97
N ILE F 113 38.98 10.32 -0.92
CA ILE F 113 40.42 10.43 -1.17
C ILE F 113 40.96 9.11 -1.69
N LEU F 114 42.12 9.19 -2.35
CA LEU F 114 42.65 8.03 -3.09
C LEU F 114 42.81 6.82 -2.20
N VAL F 115 43.32 6.98 -0.98
CA VAL F 115 43.54 5.83 -0.12
C VAL F 115 42.20 5.16 0.24
N GLU F 116 41.11 5.94 0.31
CA GLU F 116 39.79 5.35 0.53
C GLU F 116 39.21 4.77 -0.76
N GLY F 117 39.55 5.34 -1.91
CA GLY F 117 39.06 4.81 -3.16
C GLY F 117 39.71 3.49 -3.52
N VAL F 118 41.04 3.46 -3.50
CA VAL F 118 41.75 2.20 -3.64
C VAL F 118 41.35 1.24 -2.54
N GLY F 119 41.14 1.76 -1.33
CA GLY F 119 40.70 0.92 -0.24
C GLY F 119 39.34 0.29 -0.49
N GLU F 120 38.46 1.02 -1.18
CA GLU F 120 37.15 0.48 -1.48
C GLU F 120 37.25 -0.72 -2.41
N VAL F 121 38.05 -0.58 -3.48
CA VAL F 121 38.26 -1.68 -4.40
C VAL F 121 38.83 -2.89 -3.68
N GLN F 122 39.68 -2.66 -2.69
CA GLN F 122 40.29 -3.76 -1.94
C GLN F 122 39.24 -4.54 -1.15
N GLU F 123 38.21 -3.87 -0.64
CA GLU F 123 37.12 -4.58 0.03
C GLU F 123 36.42 -5.53 -0.93
N TYR F 124 36.26 -5.12 -2.20
CA TYR F 124 35.66 -6.00 -3.20
C TYR F 124 36.56 -7.18 -3.49
N VAL F 125 37.85 -6.90 -3.69
CA VAL F 125 38.84 -7.96 -3.84
C VAL F 125 38.80 -8.89 -2.63
N ASP F 126 38.65 -8.32 -1.43
CA ASP F 126 38.68 -9.14 -0.23
C ASP F 126 37.45 -10.05 -0.16
N ILE F 127 36.26 -9.50 -0.43
CA ILE F 127 35.08 -10.33 -0.41
C ILE F 127 35.18 -11.41 -1.50
N CYS F 128 35.80 -11.09 -2.64
CA CYS F 128 36.01 -12.10 -3.68
C CYS F 128 36.79 -13.29 -3.14
N ASP F 129 37.99 -13.05 -2.63
CA ASP F 129 38.84 -14.13 -2.11
C ASP F 129 38.13 -14.92 -1.03
N TYR F 130 37.25 -14.29 -0.29
CA TYR F 130 36.52 -14.97 0.77
C TYR F 130 35.40 -15.82 0.20
N ALA F 131 34.73 -15.31 -0.83
CA ALA F 131 33.63 -16.05 -1.44
C ALA F 131 34.14 -17.28 -2.16
N VAL F 132 35.33 -17.22 -2.74
CA VAL F 132 35.92 -18.40 -3.38
C VAL F 132 35.90 -19.59 -2.43
N GLY F 133 36.30 -19.37 -1.18
CA GLY F 133 36.32 -20.47 -0.22
C GLY F 133 34.92 -20.82 0.27
N LEU F 134 34.09 -19.81 0.46
CA LEU F 134 32.69 -20.04 0.81
C LEU F 134 31.97 -20.89 -0.24
N SER F 135 32.38 -20.81 -1.51
CA SER F 135 31.73 -21.59 -2.57
C SER F 135 31.91 -23.08 -2.40
N ARG F 136 32.87 -23.52 -1.57
CA ARG F 136 33.03 -24.93 -1.21
C ARG F 136 32.37 -25.29 0.11
N MET F 137 31.60 -24.37 0.69
CA MET F 137 31.13 -24.57 2.05
C MET F 137 29.63 -24.38 2.20
N ILE F 138 29.04 -23.50 1.38
CA ILE F 138 27.62 -23.16 1.55
C ILE F 138 26.74 -24.41 1.47
N GLY F 139 25.75 -24.46 2.34
CA GLY F 139 24.92 -25.64 2.47
C GLY F 139 24.28 -25.70 3.85
N GLY F 140 23.68 -26.86 4.12
CA GLY F 140 22.97 -27.05 5.36
C GLY F 140 23.29 -28.41 5.93
N PRO F 141 22.87 -28.66 7.17
CA PRO F 141 23.16 -29.95 7.80
C PRO F 141 22.29 -31.08 7.25
N ILE F 142 22.86 -32.29 7.27
CA ILE F 142 22.06 -33.52 7.25
C ILE F 142 21.72 -33.82 8.70
N LEU F 143 20.46 -33.85 9.01
CA LEU F 143 19.97 -33.95 10.37
C LEU F 143 19.42 -35.36 10.65
N PRO F 144 19.43 -35.81 11.91
CA PRO F 144 18.97 -37.16 12.20
C PRO F 144 17.45 -37.21 12.34
N SER F 145 16.80 -37.82 11.36
CA SER F 145 15.35 -37.99 11.41
C SER F 145 14.93 -38.86 12.59
N GLU F 146 13.75 -38.55 13.14
CA GLU F 146 13.17 -39.41 14.16
C GLU F 146 12.54 -40.67 13.57
N ARG F 147 12.32 -40.72 12.27
CA ARG F 147 11.67 -41.84 11.61
C ARG F 147 12.72 -42.75 10.97
N SER F 148 12.66 -44.03 11.32
CA SER F 148 13.60 -45.00 10.76
C SER F 148 13.46 -45.05 9.25
N GLY F 149 14.56 -45.41 8.59
CA GLY F 149 14.58 -45.45 7.13
C GLY F 149 14.30 -44.13 6.46
N HIS F 150 14.55 -43.02 7.14
CA HIS F 150 14.40 -41.67 6.58
C HIS F 150 15.69 -40.88 6.74
N ALA F 151 15.87 -39.93 5.83
CA ALA F 151 16.95 -38.94 5.88
C ALA F 151 16.32 -37.57 5.95
N LEU F 152 16.91 -36.69 6.74
CA LEU F 152 16.44 -35.33 6.92
C LEU F 152 17.59 -34.43 6.50
N ILE F 153 17.41 -33.67 5.43
CA ILE F 153 18.47 -32.81 4.93
C ILE F 153 17.94 -31.40 4.72
N GLU F 154 18.78 -30.41 4.99
CA GLU F 154 18.48 -29.01 4.72
C GLU F 154 19.29 -28.57 3.51
N GLN F 155 18.59 -28.25 2.42
CA GLN F 155 19.23 -27.80 1.20
C GLN F 155 19.10 -26.30 1.06
N TRP F 156 20.03 -25.71 0.31
CA TRP F 156 20.01 -24.30 -0.02
C TRP F 156 20.15 -24.19 -1.53
N ASN F 157 19.32 -23.37 -2.16
CA ASN F 157 19.39 -23.20 -3.59
C ASN F 157 19.32 -21.71 -3.91
N PRO F 158 19.86 -21.28 -5.06
CA PRO F 158 19.77 -19.87 -5.44
C PRO F 158 18.35 -19.35 -5.42
N VAL F 159 18.19 -18.05 -5.13
CA VAL F 159 16.85 -17.49 -5.28
C VAL F 159 16.53 -17.15 -6.72
N GLY F 160 17.55 -16.96 -7.57
CA GLY F 160 17.32 -16.58 -8.95
C GLY F 160 18.03 -15.30 -9.37
N LEU F 161 17.26 -14.23 -9.57
CA LEU F 161 17.80 -12.93 -9.94
C LEU F 161 17.87 -12.05 -8.70
N VAL F 162 19.08 -11.66 -8.32
CA VAL F 162 19.29 -10.71 -7.23
C VAL F 162 19.50 -9.32 -7.82
N GLY F 163 18.59 -8.41 -7.51
CA GLY F 163 18.75 -7.02 -7.90
C GLY F 163 19.52 -6.26 -6.84
N ILE F 164 20.47 -5.45 -7.31
CA ILE F 164 21.36 -4.71 -6.42
C ILE F 164 21.23 -3.23 -6.78
N ILE F 165 20.73 -2.45 -5.82
CA ILE F 165 20.67 -1.00 -5.94
C ILE F 165 21.63 -0.43 -4.91
N THR F 166 22.56 0.40 -5.37
CA THR F 166 23.57 1.02 -4.51
C THR F 166 23.45 2.54 -4.53
N ALA F 167 24.18 3.17 -3.60
CA ALA F 167 24.18 4.61 -3.39
C ALA F 167 25.49 5.20 -3.92
N PHE F 168 25.66 6.51 -3.74
CA PHE F 168 26.86 7.13 -4.31
C PHE F 168 28.11 6.86 -3.48
N ASN F 169 27.98 6.71 -2.16
CA ASN F 169 29.13 6.89 -1.26
C ASN F 169 30.07 5.68 -1.24
N PHE F 170 29.54 4.47 -1.43
CA PHE F 170 30.32 3.24 -1.55
C PHE F 170 29.83 2.55 -2.83
N SER F 171 30.20 3.09 -3.98
CA SER F 171 29.66 2.63 -5.24
C SER F 171 30.43 1.46 -5.82
N VAL F 172 31.35 0.87 -5.05
CA VAL F 172 32.08 -0.33 -5.45
C VAL F 172 31.92 -1.44 -4.42
N ALA F 173 32.20 -1.14 -3.15
CA ALA F 173 32.27 -2.20 -2.14
C ALA F 173 30.90 -2.82 -1.90
N VAL F 174 29.86 -2.00 -1.85
CA VAL F 174 28.52 -2.55 -1.63
C VAL F 174 28.16 -3.51 -2.74
N TYR F 175 28.22 -3.03 -3.99
CA TYR F 175 28.00 -3.92 -5.12
C TYR F 175 28.84 -5.18 -4.97
N GLY F 176 30.14 -5.01 -4.72
CA GLY F 176 31.02 -6.16 -4.61
C GLY F 176 30.60 -7.16 -3.55
N TRP F 177 30.17 -6.67 -2.38
CA TRP F 177 29.71 -7.59 -1.35
C TRP F 177 28.55 -8.40 -1.87
N ASN F 178 27.54 -7.73 -2.45
CA ASN F 178 26.37 -8.43 -2.96
C ASN F 178 26.74 -9.35 -4.13
N ASN F 179 27.57 -8.86 -5.05
CA ASN F 179 27.95 -9.62 -6.25
C ASN F 179 28.70 -10.89 -5.90
N ALA F 180 29.77 -10.78 -5.11
CA ALA F 180 30.61 -11.94 -4.85
C ALA F 180 29.81 -13.04 -4.15
N ILE F 181 29.00 -12.65 -3.16
CA ILE F 181 28.19 -13.62 -2.44
C ILE F 181 27.09 -14.18 -3.33
N ALA F 182 26.33 -13.29 -3.98
CA ALA F 182 25.22 -13.75 -4.82
C ALA F 182 25.70 -14.71 -5.89
N MET F 183 26.88 -14.46 -6.46
CA MET F 183 27.36 -15.27 -7.58
C MET F 183 27.72 -16.68 -7.12
N ILE F 184 28.51 -16.82 -6.06
CA ILE F 184 28.84 -18.17 -5.64
C ILE F 184 27.58 -18.90 -5.21
N CYS F 185 26.58 -18.16 -4.74
CA CYS F 185 25.32 -18.77 -4.32
C CYS F 185 24.42 -19.19 -5.50
N GLY F 186 24.87 -19.04 -6.75
CA GLY F 186 24.09 -19.47 -7.89
C GLY F 186 23.08 -18.47 -8.42
N ASN F 187 23.19 -17.20 -8.06
CA ASN F 187 22.28 -16.18 -8.54
C ASN F 187 22.89 -15.41 -9.69
N VAL F 188 22.02 -14.80 -10.50
CA VAL F 188 22.39 -13.77 -11.44
C VAL F 188 22.09 -12.40 -10.83
N CYS F 189 22.79 -11.38 -11.32
CA CYS F 189 22.72 -10.05 -10.71
C CYS F 189 22.33 -9.00 -11.74
N LEU F 190 21.53 -8.04 -11.27
CA LEU F 190 21.17 -6.85 -12.04
C LEU F 190 21.49 -5.66 -11.16
N TRP F 191 22.31 -4.73 -11.67
CA TRP F 191 22.86 -3.62 -10.91
C TRP F 191 22.31 -2.31 -11.45
N LYS F 192 21.71 -1.52 -10.57
CA LYS F 192 21.39 -0.12 -10.84
C LYS F 192 22.07 0.72 -9.78
N GLY F 193 23.13 1.43 -10.17
CA GLY F 193 23.82 2.30 -9.24
C GLY F 193 23.31 3.71 -9.27
N ALA F 194 23.82 4.52 -8.34
CA ALA F 194 23.51 5.94 -8.30
C ALA F 194 23.88 6.60 -9.63
N PRO F 195 23.00 7.42 -10.20
CA PRO F 195 23.33 8.03 -11.50
C PRO F 195 24.58 8.89 -11.47
N THR F 196 24.89 9.50 -10.33
CA THR F 196 26.07 10.35 -10.23
C THR F 196 27.36 9.55 -10.12
N THR F 197 27.30 8.23 -9.99
CA THR F 197 28.50 7.42 -10.08
C THR F 197 28.38 6.38 -11.19
N SER F 198 27.74 6.79 -12.31
CA SER F 198 27.53 5.88 -13.43
C SER F 198 28.84 5.38 -14.02
N LEU F 199 29.86 6.24 -14.08
CA LEU F 199 31.12 5.84 -14.70
C LEU F 199 31.80 4.74 -13.89
N ILE F 200 31.77 4.85 -12.57
CA ILE F 200 32.23 3.74 -11.74
C ILE F 200 31.44 2.46 -12.04
N SER F 201 30.12 2.59 -12.23
CA SER F 201 29.30 1.42 -12.53
C SER F 201 29.71 0.78 -13.85
N VAL F 202 29.83 1.59 -14.90
CA VAL F 202 30.27 1.06 -16.18
C VAL F 202 31.66 0.43 -16.05
N ALA F 203 32.59 1.14 -15.41
CA ALA F 203 33.96 0.65 -15.25
C ALA F 203 34.00 -0.71 -14.60
N VAL F 204 33.28 -0.87 -13.49
CA VAL F 204 33.26 -2.14 -12.79
C VAL F 204 32.66 -3.23 -13.67
N THR F 205 31.52 -2.92 -14.29
CA THR F 205 30.84 -3.91 -15.13
C THR F 205 31.73 -4.35 -16.29
N LYS F 206 32.49 -3.42 -16.87
CA LYS F 206 33.39 -3.81 -17.96
C LYS F 206 34.41 -4.84 -17.48
N ILE F 207 34.87 -4.71 -16.24
CA ILE F 207 35.84 -5.65 -15.71
C ILE F 207 35.21 -7.03 -15.51
N ILE F 208 34.02 -7.05 -14.92
CA ILE F 208 33.34 -8.32 -14.73
C ILE F 208 32.99 -8.93 -16.08
N ALA F 209 32.48 -8.11 -17.00
CA ALA F 209 32.06 -8.60 -18.31
C ALA F 209 33.19 -9.32 -19.04
N LYS F 210 34.42 -8.80 -18.97
CA LYS F 210 35.50 -9.49 -19.68
C LYS F 210 35.79 -10.85 -19.04
N VAL F 211 35.73 -10.94 -17.71
CA VAL F 211 35.93 -12.26 -17.08
C VAL F 211 34.86 -13.22 -17.55
N LEU F 212 33.58 -12.81 -17.47
CA LEU F 212 32.49 -13.65 -17.93
C LEU F 212 32.70 -14.06 -19.39
N GLU F 213 33.05 -13.10 -20.25
CA GLU F 213 33.20 -13.42 -21.67
C GLU F 213 34.44 -14.27 -21.94
N ASP F 214 35.49 -14.13 -21.13
CA ASP F 214 36.68 -14.98 -21.34
C ASP F 214 36.41 -16.43 -20.95
N ASN F 215 35.53 -16.67 -19.98
CA ASN F 215 35.14 -18.02 -19.60
C ASN F 215 33.95 -18.52 -20.40
N LYS F 216 33.65 -17.89 -21.54
CA LYS F 216 32.53 -18.26 -22.40
C LYS F 216 31.24 -18.40 -21.60
N LEU F 217 30.99 -17.44 -20.72
CA LEU F 217 29.75 -17.38 -19.97
C LEU F 217 28.87 -16.24 -20.47
N PRO F 218 27.55 -16.36 -20.38
CA PRO F 218 26.68 -15.24 -20.78
C PRO F 218 26.80 -14.09 -19.80
N GLY F 219 27.04 -12.89 -20.35
CA GLY F 219 27.33 -11.73 -19.52
C GLY F 219 26.16 -11.20 -18.71
N ALA F 220 24.93 -11.59 -19.04
CA ALA F 220 23.79 -11.13 -18.26
C ALA F 220 23.82 -11.64 -16.83
N ILE F 221 24.72 -12.58 -16.53
CA ILE F 221 24.93 -13.03 -15.15
C ILE F 221 25.24 -11.85 -14.23
N CYS F 222 25.97 -10.85 -14.73
CA CYS F 222 26.21 -9.62 -13.98
C CYS F 222 25.74 -8.47 -14.86
N SER F 223 24.42 -8.25 -14.88
CA SER F 223 23.80 -7.25 -15.73
C SER F 223 23.86 -5.87 -15.09
N LEU F 224 23.88 -4.84 -15.93
CA LEU F 224 23.86 -3.45 -15.49
C LEU F 224 22.79 -2.69 -16.26
N THR F 225 21.94 -1.97 -15.55
CA THR F 225 21.00 -1.02 -16.15
C THR F 225 21.15 0.31 -15.43
N CYS F 226 21.98 1.21 -15.95
CA CYS F 226 22.13 2.52 -15.34
C CYS F 226 20.82 3.29 -15.45
N GLY F 227 20.42 3.89 -14.33
CA GLY F 227 19.22 4.73 -14.32
C GLY F 227 19.00 5.31 -12.95
N GLY F 228 17.99 6.15 -12.88
CA GLY F 228 17.50 6.73 -11.63
C GLY F 228 16.31 5.99 -11.07
N ALA F 229 15.45 6.73 -10.37
CA ALA F 229 14.38 6.12 -9.57
C ALA F 229 13.43 5.26 -10.40
N ASP F 230 13.22 5.59 -11.68
CA ASP F 230 12.32 4.78 -12.51
C ASP F 230 12.83 3.35 -12.64
N ILE F 231 14.13 3.17 -12.81
CA ILE F 231 14.66 1.82 -12.87
C ILE F 231 14.57 1.15 -11.52
N GLY F 232 14.90 1.88 -10.45
CA GLY F 232 14.87 1.30 -9.12
C GLY F 232 13.47 0.93 -8.67
N THR F 233 12.47 1.75 -9.00
CA THR F 233 11.09 1.40 -8.69
C THR F 233 10.62 0.20 -9.51
N ALA F 234 11.00 0.14 -10.79
CA ALA F 234 10.67 -1.04 -11.58
C ALA F 234 11.24 -2.30 -10.94
N MET F 235 12.49 -2.24 -10.48
CA MET F 235 13.07 -3.39 -9.81
C MET F 235 12.31 -3.73 -8.53
N ALA F 236 11.92 -2.71 -7.76
CA ALA F 236 11.22 -2.99 -6.51
C ALA F 236 9.90 -3.69 -6.78
N LYS F 237 9.30 -3.46 -7.95
CA LYS F 237 7.99 -4.00 -8.26
C LYS F 237 8.04 -5.27 -9.10
N ASP F 238 9.21 -5.72 -9.54
CA ASP F 238 9.30 -6.76 -10.57
C ASP F 238 9.35 -8.14 -9.91
N GLU F 239 8.31 -8.93 -10.13
CA GLU F 239 8.28 -10.30 -9.63
C GLU F 239 9.42 -11.15 -10.17
N ARG F 240 10.03 -10.76 -11.29
CA ARG F 240 11.18 -11.48 -11.82
C ARG F 240 12.44 -11.21 -11.02
N VAL F 241 12.42 -10.27 -10.08
CA VAL F 241 13.56 -9.96 -9.23
C VAL F 241 13.30 -10.64 -7.90
N ASN F 242 13.98 -11.76 -7.67
CA ASN F 242 13.69 -12.59 -6.52
C ASN F 242 14.19 -11.98 -5.22
N LEU F 243 15.36 -11.36 -5.26
CA LEU F 243 15.85 -10.59 -4.11
C LEU F 243 16.29 -9.22 -4.59
N LEU F 244 15.81 -8.19 -3.92
CA LEU F 244 16.21 -6.82 -4.21
C LEU F 244 17.04 -6.32 -3.02
N SER F 245 18.34 -6.19 -3.22
CA SER F 245 19.20 -5.61 -2.20
C SER F 245 19.23 -4.12 -2.44
N PHE F 246 18.82 -3.35 -1.44
CA PHE F 246 18.78 -1.89 -1.55
C PHE F 246 19.65 -1.26 -0.49
N THR F 247 20.58 -0.41 -0.93
CA THR F 247 21.37 0.43 -0.05
C THR F 247 21.06 1.87 -0.42
N GLY F 248 20.58 2.65 0.54
CA GLY F 248 20.16 4.01 0.22
C GLY F 248 19.50 4.66 1.40
N SER F 249 18.73 5.71 1.11
CA SER F 249 18.14 6.50 2.18
C SER F 249 17.04 5.71 2.85
N THR F 250 16.97 5.84 4.17
CA THR F 250 15.90 5.22 4.95
C THR F 250 14.54 5.50 4.32
N GLN F 251 14.35 6.69 3.73
CA GLN F 251 13.03 7.07 3.21
C GLN F 251 12.68 6.30 1.96
N VAL F 252 13.64 6.14 1.03
CA VAL F 252 13.38 5.38 -0.18
C VAL F 252 13.31 3.88 0.13
N GLY F 253 14.24 3.38 0.94
CA GLY F 253 14.23 1.97 1.28
C GLY F 253 12.95 1.52 1.94
N LYS F 254 12.24 2.43 2.59
CA LYS F 254 10.97 2.06 3.20
C LYS F 254 9.93 1.73 2.14
N GLN F 255 9.83 2.56 1.10
CA GLN F 255 8.93 2.27 0.00
C GLN F 255 9.38 1.03 -0.74
N VAL F 256 10.69 0.90 -0.96
CA VAL F 256 11.23 -0.31 -1.58
C VAL F 256 10.86 -1.55 -0.78
N GLY F 257 10.94 -1.46 0.55
CA GLY F 257 10.53 -2.57 1.40
C GLY F 257 9.06 -2.91 1.25
N LEU F 258 8.21 -1.88 1.20
CA LEU F 258 6.77 -2.10 1.05
C LEU F 258 6.44 -2.63 -0.35
N MET F 259 7.11 -2.10 -1.38
CA MET F 259 6.85 -2.62 -2.72
C MET F 259 7.22 -4.10 -2.83
N VAL F 260 8.32 -4.49 -2.19
CA VAL F 260 8.79 -5.87 -2.32
C VAL F 260 7.96 -6.80 -1.44
N GLN F 261 7.53 -6.32 -0.27
CA GLN F 261 6.62 -7.09 0.56
C GLN F 261 5.24 -7.19 -0.09
N GLU F 262 4.83 -6.18 -0.85
CA GLU F 262 3.55 -6.23 -1.55
C GLU F 262 3.49 -7.43 -2.50
N ARG F 263 4.58 -7.72 -3.21
CA ARG F 263 4.64 -8.84 -4.13
C ARG F 263 5.29 -10.07 -3.53
N PHE F 264 5.37 -10.14 -2.20
CA PHE F 264 5.95 -11.29 -1.51
C PHE F 264 7.33 -11.64 -2.05
N GLY F 265 8.12 -10.61 -2.34
CA GLY F 265 9.50 -10.80 -2.70
C GLY F 265 10.38 -10.75 -1.47
N ARG F 266 11.69 -10.85 -1.70
CA ARG F 266 12.67 -10.70 -0.65
C ARG F 266 13.41 -9.38 -0.82
N SER F 267 13.62 -8.66 0.27
CA SER F 267 14.42 -7.46 0.23
C SER F 267 15.50 -7.54 1.30
N LEU F 268 16.58 -6.86 1.00
CA LEU F 268 17.75 -6.75 1.85
C LEU F 268 18.02 -5.25 1.94
N LEU F 269 17.76 -4.66 3.11
CA LEU F 269 17.71 -3.21 3.24
C LEU F 269 18.84 -2.73 4.13
N GLU F 270 19.71 -1.89 3.56
CA GLU F 270 20.84 -1.26 4.25
C GLU F 270 20.62 0.24 4.15
N LEU F 271 20.00 0.80 5.19
CA LEU F 271 19.54 2.16 5.13
C LEU F 271 20.47 3.03 6.01
N GLY F 272 19.99 4.19 6.42
CA GLY F 272 20.87 5.16 7.06
C GLY F 272 21.28 4.77 8.47
N GLY F 273 22.36 5.41 8.92
CA GLY F 273 22.78 5.37 10.30
C GLY F 273 22.83 6.74 10.95
N ASN F 274 22.72 6.78 12.27
CA ASN F 274 22.97 7.99 13.06
C ASN F 274 23.86 7.57 14.23
N ASN F 275 25.11 7.25 13.90
CA ASN F 275 25.92 6.40 14.76
C ASN F 275 26.64 7.18 15.84
N ALA F 276 26.66 6.62 17.05
CA ALA F 276 27.17 7.31 18.23
C ALA F 276 28.49 6.70 18.69
N ILE F 277 29.41 7.57 19.07
CA ILE F 277 30.59 7.19 19.83
C ILE F 277 30.36 7.66 21.27
N ILE F 278 30.56 6.76 22.23
CA ILE F 278 30.43 7.11 23.63
C ILE F 278 31.78 6.92 24.29
N ALA F 279 32.23 7.94 25.00
CA ALA F 279 33.49 7.92 25.74
C ALA F 279 33.20 8.12 27.23
N PHE F 280 33.57 7.13 28.02
CA PHE F 280 33.38 7.14 29.47
C PHE F 280 34.62 7.73 30.13
N GLU F 281 34.53 7.96 31.45
CA GLU F 281 35.61 8.67 32.11
C GLU F 281 36.90 7.89 32.06
N ASP F 282 36.81 6.55 32.09
CA ASP F 282 38.00 5.71 32.16
C ASP F 282 38.63 5.50 30.79
N ALA F 283 38.15 6.18 29.76
CA ALA F 283 38.58 5.88 28.41
C ALA F 283 39.99 6.39 28.14
N ASP F 284 40.65 5.75 27.19
CA ASP F 284 41.96 6.15 26.69
C ASP F 284 41.75 7.29 25.71
N LEU F 285 41.97 8.52 26.16
CA LEU F 285 41.67 9.68 25.32
C LEU F 285 42.58 9.73 24.10
N SER F 286 43.82 9.21 24.22
CA SER F 286 44.70 9.14 23.06
C SER F 286 44.18 8.19 22.00
N LEU F 287 43.17 7.40 22.34
CA LEU F 287 42.44 6.56 21.41
C LEU F 287 41.11 7.19 20.98
N VAL F 288 40.41 7.81 21.93
CA VAL F 288 39.14 8.48 21.66
C VAL F 288 39.31 9.55 20.58
N VAL F 289 40.31 10.43 20.73
CA VAL F 289 40.37 11.61 19.88
C VAL F 289 40.67 11.21 18.42
N PRO F 290 41.70 10.39 18.13
CA PRO F 290 41.88 9.98 16.73
C PRO F 290 40.76 9.14 16.15
N SER F 291 40.13 8.27 16.95
CA SER F 291 38.99 7.49 16.44
C SER F 291 37.83 8.40 16.08
N ALA F 292 37.54 9.37 16.93
CA ALA F 292 36.42 10.27 16.68
C ALA F 292 36.64 11.05 15.40
N LEU F 293 37.84 11.61 15.21
CA LEU F 293 38.08 12.45 14.05
C LEU F 293 37.96 11.66 12.76
N PHE F 294 38.70 10.55 12.66
CA PHE F 294 38.63 9.72 11.47
C PHE F 294 37.22 9.18 11.24
N ALA F 295 36.51 8.81 12.31
CA ALA F 295 35.14 8.34 12.09
C ALA F 295 34.23 9.44 11.63
N ALA F 296 34.46 10.67 12.08
CA ALA F 296 33.54 11.77 11.80
C ALA F 296 33.81 12.39 10.44
N VAL F 297 35.08 12.56 10.08
CA VAL F 297 35.44 13.33 8.90
C VAL F 297 35.95 12.46 7.75
N GLY F 298 36.32 11.20 8.01
CA GLY F 298 36.59 10.27 6.93
C GLY F 298 35.51 10.32 5.88
N THR F 299 35.89 10.30 4.60
CA THR F 299 34.94 10.43 3.49
C THR F 299 34.12 11.71 3.60
N ALA F 300 34.68 12.75 4.21
CA ALA F 300 34.00 14.03 4.43
C ALA F 300 32.63 13.81 5.07
N GLY F 301 32.55 12.82 5.95
CA GLY F 301 31.34 12.53 6.71
C GLY F 301 30.21 11.98 5.87
N GLN F 302 30.52 11.21 4.84
CA GLN F 302 29.49 10.74 3.91
C GLN F 302 29.31 9.24 3.93
N ARG F 303 29.95 8.54 4.87
CA ARG F 303 29.71 7.11 5.02
C ARG F 303 28.41 6.90 5.78
N CYS F 304 27.78 5.75 5.55
CA CYS F 304 26.64 5.43 6.40
C CYS F 304 27.10 5.05 7.81
N THR F 305 28.37 4.73 7.98
CA THR F 305 28.92 4.41 9.29
C THR F 305 29.59 5.62 9.97
N THR F 306 29.49 6.81 9.39
CA THR F 306 30.12 7.99 9.97
C THR F 306 29.62 8.23 11.40
N ALA F 307 30.55 8.65 12.26
CA ALA F 307 30.19 9.09 13.60
C ALA F 307 29.48 10.45 13.52
N ARG F 308 28.23 10.52 13.97
CA ARG F 308 27.50 11.77 13.99
C ARG F 308 27.13 12.24 15.37
N ARG F 309 27.18 11.38 16.37
CA ARG F 309 26.85 11.76 17.73
C ARG F 309 27.99 11.30 18.62
N LEU F 310 28.57 12.23 19.38
CA LEU F 310 29.68 11.94 20.26
C LEU F 310 29.25 12.26 21.69
N PHE F 311 29.08 11.23 22.51
CA PHE F 311 28.72 11.38 23.92
C PHE F 311 29.98 11.31 24.76
N ILE F 312 30.24 12.34 25.57
CA ILE F 312 31.42 12.38 26.40
C ILE F 312 30.99 12.56 27.85
N HIS F 313 31.50 11.70 28.73
CA HIS F 313 31.20 11.85 30.15
C HIS F 313 31.58 13.26 30.61
N GLU F 314 30.80 13.76 31.58
CA GLU F 314 30.90 15.16 31.98
C GLU F 314 32.31 15.52 32.44
N SER F 315 32.99 14.59 33.11
CA SER F 315 34.31 14.88 33.66
C SER F 315 35.33 15.18 32.59
N ILE F 316 35.12 14.67 31.37
CA ILE F 316 36.12 14.77 30.31
C ILE F 316 35.62 15.51 29.07
N HIS F 317 34.37 15.97 29.07
CA HIS F 317 33.78 16.59 27.89
C HIS F 317 34.63 17.76 27.36
N ASP F 318 34.95 18.71 28.22
CA ASP F 318 35.70 19.89 27.77
C ASP F 318 37.05 19.49 27.18
N GLU F 319 37.79 18.63 27.89
CA GLU F 319 39.11 18.21 27.40
C GLU F 319 39.03 17.51 26.04
N VAL F 320 38.13 16.53 25.90
CA VAL F 320 38.04 15.80 24.64
C VAL F 320 37.62 16.74 23.51
N VAL F 321 36.68 17.64 23.78
CA VAL F 321 36.27 18.62 22.77
C VAL F 321 37.46 19.50 22.39
N ASN F 322 38.20 19.97 23.40
CA ASN F 322 39.35 20.82 23.10
C ASN F 322 40.36 20.07 22.23
N ARG F 323 40.66 18.82 22.58
CA ARG F 323 41.63 18.07 21.80
C ARG F 323 41.11 17.77 20.41
N LEU F 324 39.80 17.60 20.26
CA LEU F 324 39.21 17.37 18.95
C LEU F 324 39.30 18.62 18.08
N LYS F 325 38.96 19.78 18.65
CA LYS F 325 39.09 21.06 17.95
C LYS F 325 40.54 21.29 17.51
N LYS F 326 41.49 21.05 18.41
CA LYS F 326 42.89 21.21 18.06
C LYS F 326 43.31 20.24 16.98
N ALA F 327 42.66 19.07 16.92
CA ALA F 327 42.98 18.08 15.90
C ALA F 327 42.29 18.40 14.59
N TYR F 328 41.04 18.86 14.64
CA TYR F 328 40.34 19.26 13.43
C TYR F 328 41.12 20.32 12.66
N ALA F 329 41.74 21.27 13.38
CA ALA F 329 42.45 22.36 12.74
C ALA F 329 43.66 21.91 11.94
N GLN F 330 44.08 20.66 12.06
CA GLN F 330 45.26 20.16 11.37
C GLN F 330 44.96 19.34 10.12
N ILE F 331 43.67 19.19 9.76
CA ILE F 331 43.24 18.28 8.70
C ILE F 331 43.64 18.85 7.34
N ARG F 332 44.52 18.15 6.63
CA ARG F 332 44.91 18.54 5.28
C ARG F 332 43.79 18.29 4.28
N VAL F 333 43.71 19.18 3.28
CA VAL F 333 42.58 19.24 2.35
C VAL F 333 43.10 19.48 0.93
N GLY F 334 42.50 18.79 -0.04
CA GLY F 334 42.85 19.04 -1.42
C GLY F 334 42.06 18.17 -2.37
N ASN F 335 42.57 18.06 -3.59
CA ASN F 335 41.99 17.17 -4.57
C ASN F 335 42.06 15.74 -4.04
N PRO F 336 40.96 15.01 -4.02
CA PRO F 336 40.95 13.73 -3.32
C PRO F 336 41.94 12.73 -3.90
N TRP F 337 42.08 12.70 -5.22
CA TRP F 337 42.94 11.69 -5.82
C TRP F 337 44.43 11.99 -5.63
N ASP F 338 44.79 13.09 -4.98
CA ASP F 338 46.19 13.37 -4.70
C ASP F 338 46.60 12.70 -3.40
N PRO F 339 47.52 11.70 -3.42
CA PRO F 339 48.12 11.21 -2.17
C PRO F 339 48.48 12.33 -1.19
N ASN F 340 48.31 12.07 0.11
CA ASN F 340 48.54 12.94 1.26
C ASN F 340 47.38 13.89 1.54
N VAL F 341 46.34 13.92 0.70
CA VAL F 341 45.12 14.65 1.04
C VAL F 341 44.28 13.78 1.97
N LEU F 342 43.89 14.35 3.11
CA LEU F 342 43.08 13.65 4.08
C LEU F 342 41.60 13.96 3.94
N TYR F 343 41.24 14.99 3.17
CA TYR F 343 39.89 15.52 3.19
C TYR F 343 39.49 16.00 1.80
N GLY F 344 38.45 15.41 1.24
CA GLY F 344 37.96 15.77 -0.08
C GLY F 344 36.64 16.54 -0.05
N PRO F 345 36.03 16.73 -1.21
CA PRO F 345 34.80 17.51 -1.28
C PRO F 345 33.59 16.65 -0.93
N LEU F 346 32.45 17.32 -0.76
CA LEU F 346 31.16 16.65 -0.76
C LEU F 346 30.78 16.26 -2.18
N HIS F 347 29.82 15.34 -2.29
CA HIS F 347 29.57 14.71 -3.56
C HIS F 347 28.84 15.64 -4.53
N THR F 348 28.07 16.58 -4.01
CA THR F 348 27.24 17.43 -4.86
C THR F 348 27.21 18.84 -4.27
N LYS F 349 26.85 19.79 -5.13
CA LYS F 349 26.61 21.15 -4.66
C LYS F 349 25.44 21.19 -3.69
N GLN F 350 24.42 20.37 -3.92
CA GLN F 350 23.27 20.36 -3.02
C GLN F 350 23.68 19.96 -1.61
N ALA F 351 24.54 18.94 -1.48
CA ALA F 351 25.04 18.54 -0.17
C ALA F 351 25.75 19.68 0.54
N VAL F 352 26.49 20.51 -0.20
CA VAL F 352 27.08 21.70 0.39
C VAL F 352 25.99 22.57 1.00
N SER F 353 24.92 22.82 0.23
CA SER F 353 23.82 23.64 0.71
C SER F 353 23.13 23.00 1.91
N MET F 354 22.97 21.68 1.89
CA MET F 354 22.36 20.99 3.02
C MET F 354 23.25 21.04 4.27
N PHE F 355 24.57 21.02 4.09
CA PHE F 355 25.49 21.21 5.22
C PHE F 355 25.26 22.56 5.89
N LEU F 356 25.21 23.64 5.10
CA LEU F 356 24.92 24.96 5.65
C LEU F 356 23.57 24.99 6.36
N GLY F 357 22.54 24.41 5.74
CA GLY F 357 21.24 24.37 6.38
C GLY F 357 21.30 23.67 7.73
N ALA F 358 22.01 22.55 7.78
CA ALA F 358 22.11 21.82 9.04
C ALA F 358 22.86 22.63 10.08
N VAL F 359 23.96 23.29 9.67
CA VAL F 359 24.69 24.17 10.58
C VAL F 359 23.79 25.27 11.13
N GLU F 360 23.01 25.90 10.25
CA GLU F 360 22.11 26.95 10.74
C GLU F 360 21.04 26.38 11.65
N GLU F 361 20.56 25.17 11.36
CA GLU F 361 19.56 24.54 12.23
C GLU F 361 20.15 24.24 13.60
N ALA F 362 21.37 23.68 13.64
CA ALA F 362 22.02 23.42 14.92
C ALA F 362 22.10 24.69 15.75
N LYS F 363 22.50 25.81 15.13
CA LYS F 363 22.53 27.10 15.81
C LYS F 363 21.15 27.48 16.32
N LYS F 364 20.11 27.35 15.48
CA LYS F 364 18.76 27.67 15.89
C LYS F 364 18.33 26.87 17.11
N GLU F 365 18.73 25.60 17.19
CA GLU F 365 18.30 24.74 18.27
C GLU F 365 19.18 24.84 19.51
N GLY F 366 20.06 25.85 19.55
CA GLY F 366 20.85 26.15 20.74
C GLY F 366 22.30 25.72 20.70
N GLY F 367 22.75 25.01 19.67
CA GLY F 367 24.10 24.51 19.67
C GLY F 367 25.14 25.59 19.37
N THR F 368 26.39 25.27 19.69
CA THR F 368 27.52 26.16 19.40
C THR F 368 28.49 25.44 18.47
N VAL F 369 28.82 26.10 17.36
CA VAL F 369 29.85 25.65 16.43
C VAL F 369 31.19 25.95 17.07
N VAL F 370 31.83 24.94 17.68
CA VAL F 370 33.15 25.16 18.28
C VAL F 370 34.27 24.95 17.29
N TYR F 371 33.97 24.48 16.07
CA TYR F 371 34.94 24.44 15.00
C TYR F 371 34.22 24.22 13.68
N GLY F 372 34.60 24.99 12.66
CA GLY F 372 34.09 24.79 11.33
C GLY F 372 32.78 25.51 11.07
N GLY F 373 31.84 24.84 10.41
CA GLY F 373 30.55 25.43 10.12
C GLY F 373 30.46 26.19 8.81
N LYS F 374 31.54 26.32 8.06
CA LYS F 374 31.58 27.19 6.90
C LYS F 374 32.02 26.42 5.66
N VAL F 375 31.63 26.92 4.50
CA VAL F 375 32.17 26.39 3.25
C VAL F 375 33.59 26.90 3.11
N MET F 376 34.44 26.10 2.46
CA MET F 376 35.80 26.53 2.21
C MET F 376 35.86 27.38 0.94
N ASP F 377 36.74 28.37 0.94
CA ASP F 377 36.94 29.29 -0.18
C ASP F 377 37.87 28.63 -1.20
N ARG F 378 37.29 27.73 -2.00
CA ARG F 378 38.01 27.07 -3.08
C ARG F 378 36.98 26.45 -4.02
N PRO F 379 37.39 26.07 -5.24
CA PRO F 379 36.44 25.41 -6.16
C PRO F 379 36.08 24.03 -5.63
N GLY F 380 35.02 23.46 -6.21
CA GLY F 380 34.57 22.15 -5.78
C GLY F 380 33.65 22.26 -4.57
N ASN F 381 33.29 21.11 -4.03
CA ASN F 381 32.23 21.06 -3.01
C ASN F 381 32.80 20.89 -1.61
N TYR F 382 33.62 21.86 -1.18
CA TYR F 382 34.41 21.71 0.04
C TYR F 382 33.79 22.45 1.21
N VAL F 383 33.54 21.74 2.30
CA VAL F 383 33.11 22.37 3.55
C VAL F 383 34.06 22.00 4.66
N GLU F 384 34.03 22.81 5.72
CA GLU F 384 34.90 22.62 6.88
C GLU F 384 34.32 21.53 7.78
N PRO F 385 35.13 20.57 8.23
CA PRO F 385 34.62 19.60 9.21
C PRO F 385 34.24 20.34 10.48
N THR F 386 33.07 20.00 11.03
CA THR F 386 32.40 20.84 12.00
C THR F 386 32.07 20.06 13.27
N ILE F 387 32.31 20.71 14.41
CA ILE F 387 31.96 20.20 15.73
C ILE F 387 30.91 21.13 16.34
N VAL F 388 29.79 20.56 16.80
CA VAL F 388 28.73 21.33 17.41
C VAL F 388 28.54 20.81 18.83
N THR F 389 28.67 21.69 19.83
CA THR F 389 28.37 21.38 21.21
C THR F 389 27.09 22.12 21.62
N GLY F 390 26.54 21.69 22.75
CA GLY F 390 25.49 22.42 23.43
C GLY F 390 24.10 21.87 23.24
N LEU F 391 23.86 21.09 22.20
CA LEU F 391 22.53 20.56 21.96
C LEU F 391 22.15 19.54 23.02
N GLY F 392 20.84 19.44 23.27
CA GLY F 392 20.34 18.31 24.00
C GLY F 392 20.32 17.06 23.12
N HIS F 393 20.53 15.91 23.75
CA HIS F 393 20.68 14.66 23.00
C HIS F 393 19.51 14.37 22.09
N ASP F 394 18.34 14.96 22.37
CA ASP F 394 17.15 14.78 21.56
C ASP F 394 16.93 15.92 20.58
N ALA F 395 17.89 16.86 20.47
CA ALA F 395 17.84 17.90 19.45
C ALA F 395 17.38 17.33 18.12
N SER F 396 16.47 18.06 17.47
CA SER F 396 15.87 17.56 16.23
C SER F 396 16.92 17.39 15.14
N ILE F 397 17.78 18.40 14.96
CA ILE F 397 18.84 18.30 13.96
C ILE F 397 19.80 17.17 14.31
N ALA F 398 19.87 16.78 15.58
CA ALA F 398 20.69 15.65 15.95
C ALA F 398 20.04 14.33 15.55
N HIS F 399 18.71 14.30 15.40
CA HIS F 399 17.99 13.13 14.88
C HIS F 399 17.63 13.36 13.41
N THR F 400 18.66 13.53 12.59
CA THR F 400 18.49 13.86 11.18
C THR F 400 19.78 13.47 10.48
N GLU F 401 19.72 12.52 9.55
CA GLU F 401 20.91 12.12 8.83
C GLU F 401 21.21 13.19 7.77
N THR F 402 22.32 13.90 7.96
CA THR F 402 22.85 14.83 6.98
C THR F 402 24.18 14.26 6.53
N PHE F 403 24.34 14.07 5.21
CA PHE F 403 25.60 13.55 4.68
C PHE F 403 26.63 14.68 4.61
N ALA F 404 27.06 15.12 5.79
CA ALA F 404 27.97 16.24 5.95
C ALA F 404 28.83 16.00 7.17
N PRO F 405 30.04 16.53 7.20
CA PRO F 405 30.93 16.31 8.36
C PRO F 405 30.56 17.20 9.54
N ILE F 406 29.37 16.94 10.10
CA ILE F 406 28.89 17.64 11.29
C ILE F 406 28.82 16.63 12.42
N LEU F 407 29.58 16.89 13.49
CA LEU F 407 29.64 16.00 14.63
C LEU F 407 28.98 16.70 15.81
N TYR F 408 27.94 16.08 16.37
CA TYR F 408 27.18 16.63 17.49
C TYR F 408 27.66 16.00 18.79
N VAL F 409 28.03 16.85 19.74
CA VAL F 409 28.69 16.43 20.98
C VAL F 409 27.74 16.66 22.14
N PHE F 410 27.59 15.65 23.00
CA PHE F 410 26.70 15.70 24.15
C PHE F 410 27.46 15.30 25.40
N LYS F 411 26.99 15.80 26.55
CA LYS F 411 27.45 15.36 27.87
C LYS F 411 26.57 14.22 28.38
N PHE F 412 27.16 13.35 29.20
CA PHE F 412 26.38 12.39 29.97
C PHE F 412 27.09 12.15 31.29
N LYS F 413 26.39 11.46 32.22
CA LYS F 413 27.00 11.05 33.48
C LYS F 413 26.93 9.55 33.74
N ASN F 414 25.79 8.93 33.46
CA ASN F 414 25.51 7.56 33.87
C ASN F 414 25.55 6.63 32.68
N GLU F 415 26.12 5.44 32.88
CA GLU F 415 26.15 4.43 31.83
C GLU F 415 24.74 4.15 31.31
N GLU F 416 23.76 4.11 32.21
CA GLU F 416 22.41 3.67 31.84
C GLU F 416 21.71 4.68 30.93
N GLU F 417 21.77 5.96 31.27
CA GLU F 417 21.15 6.96 30.39
C GLU F 417 21.83 7.02 29.03
N VAL F 418 23.15 6.87 28.97
CA VAL F 418 23.81 7.08 27.68
C VAL F 418 23.61 5.88 26.77
N PHE F 419 23.47 4.69 27.34
CA PHE F 419 23.11 3.54 26.52
C PHE F 419 21.73 3.78 25.88
N ALA F 420 20.77 4.24 26.69
CA ALA F 420 19.46 4.61 26.18
C ALA F 420 19.56 5.67 25.10
N TRP F 421 20.41 6.68 25.31
CA TRP F 421 20.55 7.75 24.33
C TRP F 421 21.15 7.24 23.03
N ASN F 422 22.11 6.31 23.10
CA ASN F 422 22.55 5.66 21.87
C ASN F 422 21.37 5.06 21.14
N ASN F 423 20.45 4.45 21.89
CA ASN F 423 19.38 3.63 21.33
C ASN F 423 18.13 4.39 20.91
N GLU F 424 18.01 5.67 21.29
CA GLU F 424 16.76 6.38 21.09
C GLU F 424 16.51 6.77 19.64
N VAL F 425 17.56 6.83 18.81
CA VAL F 425 17.35 7.22 17.42
C VAL F 425 16.61 6.11 16.67
N LYS F 426 16.02 6.49 15.53
CA LYS F 426 15.32 5.53 14.69
C LYS F 426 16.26 4.51 14.05
N GLN F 427 17.48 4.94 13.69
CA GLN F 427 18.43 4.09 12.99
C GLN F 427 19.11 3.12 13.95
N GLY F 428 19.81 2.15 13.38
CA GLY F 428 20.45 1.16 14.24
C GLY F 428 21.65 0.50 13.61
N LEU F 429 22.47 1.29 12.93
CA LEU F 429 23.58 0.74 12.14
C LEU F 429 24.80 0.47 13.01
N SER F 430 25.50 1.53 13.44
CA SER F 430 26.78 1.34 14.12
C SER F 430 26.79 2.10 15.44
N SER F 431 27.72 1.72 16.31
CA SER F 431 27.82 2.26 17.66
C SER F 431 29.14 1.82 18.27
N SER F 432 29.62 2.61 19.23
CA SER F 432 30.94 2.36 19.80
C SER F 432 31.06 3.01 21.17
N ILE F 433 31.50 2.26 22.18
CA ILE F 433 31.93 2.82 23.45
C ILE F 433 33.46 2.77 23.53
N PHE F 434 34.06 3.81 24.12
CA PHE F 434 35.46 3.81 24.52
C PHE F 434 35.46 3.77 26.05
N THR F 435 36.03 2.70 26.59
CA THR F 435 36.05 2.46 28.02
C THR F 435 37.02 1.34 28.28
N LYS F 436 37.46 1.23 29.53
CA LYS F 436 38.32 0.14 29.95
C LYS F 436 37.62 -0.83 30.86
N ASP F 437 36.39 -0.50 31.29
CA ASP F 437 35.65 -1.27 32.29
C ASP F 437 35.13 -2.57 31.70
N LEU F 438 35.51 -3.69 32.33
CA LEU F 438 35.21 -5.01 31.78
C LEU F 438 33.71 -5.26 31.71
N GLY F 439 33.01 -5.10 32.84
CA GLY F 439 31.58 -5.36 32.88
C GLY F 439 30.78 -4.45 31.97
N ARG F 440 31.18 -3.17 31.89
CA ARG F 440 30.51 -2.25 30.98
C ARG F 440 30.58 -2.75 29.53
N ILE F 441 31.73 -3.28 29.13
CA ILE F 441 31.88 -3.73 27.74
C ILE F 441 30.89 -4.86 27.46
N PHE F 442 30.85 -5.85 28.36
CA PHE F 442 29.94 -6.96 28.15
C PHE F 442 28.48 -6.55 28.29
N ARG F 443 28.18 -5.58 29.15
CA ARG F 443 26.80 -5.06 29.17
C ARG F 443 26.47 -4.38 27.86
N TRP F 444 27.42 -3.63 27.31
CA TRP F 444 27.24 -3.02 26.00
C TRP F 444 26.95 -4.07 24.93
N LEU F 445 27.64 -5.21 25.00
CA LEU F 445 27.43 -6.30 24.06
C LEU F 445 26.16 -7.11 24.34
N GLY F 446 25.61 -6.99 25.54
CA GLY F 446 24.47 -7.78 25.97
C GLY F 446 23.12 -7.17 25.64
N PRO F 447 22.06 -7.75 26.24
CA PRO F 447 20.69 -7.37 25.82
C PRO F 447 20.22 -6.04 26.37
N LYS F 448 20.86 -5.50 27.40
CA LYS F 448 20.59 -4.14 27.84
C LYS F 448 21.62 -3.16 27.28
N GLY F 449 22.30 -3.55 26.22
CA GLY F 449 23.34 -2.71 25.65
C GLY F 449 22.92 -2.06 24.36
N SER F 450 23.82 -2.02 23.39
CA SER F 450 23.56 -1.30 22.16
C SER F 450 22.59 -2.08 21.29
N ASP F 451 21.65 -1.37 20.67
CA ASP F 451 20.67 -2.00 19.81
C ASP F 451 21.08 -2.06 18.34
N CYS F 452 22.35 -1.80 18.03
CA CYS F 452 22.76 -1.68 16.64
C CYS F 452 23.28 -2.99 16.08
N GLY F 453 23.41 -3.04 14.76
CA GLY F 453 23.98 -4.20 14.09
C GLY F 453 25.48 -4.28 14.19
N ILE F 454 26.15 -3.14 14.35
CA ILE F 454 27.59 -3.06 14.60
C ILE F 454 27.80 -2.44 15.97
N VAL F 455 28.49 -3.15 16.85
CA VAL F 455 28.58 -2.81 18.27
C VAL F 455 30.06 -2.89 18.63
N ASN F 456 30.73 -1.74 18.68
CA ASN F 456 32.18 -1.74 18.72
C ASN F 456 32.72 -1.20 20.05
N VAL F 457 33.93 -1.66 20.40
CA VAL F 457 34.61 -1.26 21.62
C VAL F 457 35.99 -0.74 21.25
N ASN F 458 36.27 0.51 21.61
CA ASN F 458 37.62 1.12 21.49
C ASN F 458 38.09 1.21 20.04
N ILE F 459 37.14 1.34 19.12
CA ILE F 459 37.39 1.66 17.71
C ILE F 459 36.22 2.51 17.25
N PRO F 460 36.36 3.29 16.19
CA PRO F 460 35.24 4.12 15.72
C PRO F 460 34.08 3.30 15.17
N THR F 461 33.02 4.01 14.84
CA THR F 461 31.84 3.36 14.30
C THR F 461 32.03 2.87 12.87
N SER F 462 33.14 3.18 12.20
CA SER F 462 33.28 2.75 10.82
C SER F 462 34.36 1.69 10.69
N GLY F 463 34.67 1.35 9.44
CA GLY F 463 35.80 0.48 9.13
C GLY F 463 35.66 -0.96 9.59
N ALA F 464 34.49 -1.56 9.39
CA ALA F 464 34.31 -2.97 9.70
C ALA F 464 35.11 -3.84 8.75
N GLU F 465 35.26 -5.10 9.11
CA GLU F 465 35.93 -6.04 8.22
C GLU F 465 34.93 -7.03 7.65
N ILE F 466 35.29 -7.59 6.49
CA ILE F 466 34.34 -8.41 5.73
C ILE F 466 34.02 -9.73 6.39
N GLY F 467 34.79 -10.17 7.40
CA GLY F 467 34.58 -11.49 7.96
C GLY F 467 33.25 -11.64 8.66
N GLY F 468 32.70 -10.54 9.18
CA GLY F 468 31.39 -10.55 9.80
C GLY F 468 30.33 -9.99 8.88
N ALA F 469 29.08 -10.10 9.33
CA ALA F 469 27.96 -9.58 8.57
C ALA F 469 27.82 -8.09 8.84
N PHE F 470 27.44 -7.34 7.80
CA PHE F 470 27.35 -5.89 7.83
C PHE F 470 25.90 -5.44 7.64
N GLY F 471 25.41 -4.61 8.56
CA GLY F 471 24.05 -4.11 8.49
C GLY F 471 23.60 -3.66 9.86
N GLY F 472 22.41 -3.08 9.90
CA GLY F 472 21.88 -2.59 11.16
C GLY F 472 20.42 -2.94 11.34
N GLU F 473 19.92 -2.62 12.54
CA GLU F 473 18.56 -2.87 12.96
C GLU F 473 17.69 -1.63 12.79
N LYS F 474 16.43 -1.77 13.16
CA LYS F 474 15.47 -0.66 13.25
C LYS F 474 15.33 -0.03 11.87
N HIS F 475 15.34 1.30 11.76
CA HIS F 475 15.19 1.96 10.47
C HIS F 475 16.37 1.75 9.54
N THR F 476 17.44 1.09 9.99
CA THR F 476 18.54 0.76 9.07
C THR F 476 18.13 -0.37 8.11
N GLY F 477 17.06 -1.10 8.42
CA GLY F 477 16.40 -1.98 7.47
C GLY F 477 16.61 -3.47 7.70
N GLY F 478 17.59 -3.87 8.51
CA GLY F 478 17.73 -5.24 8.92
C GLY F 478 18.59 -6.11 8.03
N GLY F 479 18.94 -5.66 6.82
CA GLY F 479 19.74 -6.48 5.94
C GLY F 479 21.13 -6.74 6.48
N ARG F 480 21.73 -7.83 6.01
CA ARG F 480 23.11 -8.16 6.32
C ARG F 480 23.86 -8.49 5.04
N GLU F 481 25.10 -8.02 4.94
CA GLU F 481 25.94 -8.25 3.77
C GLU F 481 27.29 -8.83 4.20
N SER F 482 28.01 -9.37 3.21
CA SER F 482 29.41 -9.78 3.35
C SER F 482 29.59 -11.11 4.10
N GLY F 483 30.03 -11.06 5.37
CA GLY F 483 30.55 -12.22 6.07
C GLY F 483 29.53 -13.00 6.88
N SER F 484 30.06 -13.81 7.82
CA SER F 484 29.24 -14.76 8.58
C SER F 484 28.33 -15.56 7.64
N ASP F 485 27.11 -15.88 8.05
CA ASP F 485 26.21 -16.59 7.14
C ASP F 485 25.25 -15.62 6.46
N ALA F 486 25.73 -14.44 6.06
CA ALA F 486 24.92 -13.52 5.27
C ALA F 486 24.52 -14.12 3.92
N TRP F 487 25.31 -15.08 3.41
CA TRP F 487 24.99 -15.73 2.16
C TRP F 487 23.60 -16.37 2.17
N LYS F 488 23.05 -16.68 3.35
CA LYS F 488 21.75 -17.34 3.41
C LYS F 488 20.65 -16.47 2.84
N GLN F 489 20.79 -15.14 2.97
CA GLN F 489 19.81 -14.22 2.41
C GLN F 489 19.72 -14.32 0.89
N TYR F 490 20.76 -14.87 0.23
CA TYR F 490 20.82 -14.96 -1.21
C TYR F 490 20.36 -16.34 -1.72
N MET F 491 19.78 -17.16 -0.85
CA MET F 491 19.37 -18.51 -1.20
C MET F 491 18.09 -18.82 -0.46
N ARG F 492 17.42 -19.90 -0.88
CA ARG F 492 16.23 -20.38 -0.20
C ARG F 492 16.53 -21.74 0.44
N ARG F 493 16.06 -21.88 1.68
CA ARG F 493 16.21 -23.10 2.46
C ARG F 493 15.09 -24.05 2.11
N SER F 494 15.41 -25.35 2.02
CA SER F 494 14.39 -26.38 1.94
C SER F 494 14.71 -27.46 2.96
N THR F 495 13.71 -27.84 3.73
CA THR F 495 13.81 -28.94 4.68
C THR F 495 13.23 -30.16 3.98
N CYS F 496 14.03 -31.22 3.88
CA CYS F 496 13.79 -32.31 2.92
C CYS F 496 13.87 -33.65 3.64
N THR F 497 12.72 -34.31 3.78
CA THR F 497 12.70 -35.67 4.30
C THR F 497 12.63 -36.63 3.11
N ILE F 498 13.53 -37.60 3.10
CA ILE F 498 13.59 -38.61 2.04
C ILE F 498 13.34 -39.95 2.70
N ASN F 499 12.22 -40.57 2.36
CA ASN F 499 11.91 -41.92 2.81
C ASN F 499 12.52 -42.93 1.82
N TYR F 500 13.48 -43.72 2.30
CA TYR F 500 14.17 -44.69 1.47
C TYR F 500 13.86 -46.12 1.90
N SER F 501 12.89 -46.31 2.79
CA SER F 501 12.56 -47.63 3.28
C SER F 501 11.48 -48.27 2.42
N LYS F 502 11.49 -49.60 2.36
CA LYS F 502 10.34 -50.31 1.82
C LYS F 502 9.14 -50.24 2.74
N ASP F 503 9.26 -49.57 3.88
CA ASP F 503 8.18 -49.41 4.84
C ASP F 503 7.01 -48.68 4.19
N LEU F 504 5.83 -49.31 4.24
CA LEU F 504 4.52 -48.81 3.84
C LEU F 504 3.82 -48.18 5.03
N PRO F 505 3.08 -47.10 4.79
CA PRO F 505 2.42 -46.40 5.90
C PRO F 505 1.54 -47.33 6.72
N LEU F 506 1.37 -46.99 8.00
CA LEU F 506 0.51 -47.76 8.89
C LEU F 506 -0.94 -47.59 8.44
N ALA F 507 -1.52 -48.63 7.86
CA ALA F 507 -2.93 -48.62 7.51
C ALA F 507 -3.74 -48.42 8.78
N GLN F 508 -4.46 -47.31 8.86
CA GLN F 508 -5.22 -46.98 10.07
C GLN F 508 -6.60 -47.63 10.04
N GLY F 509 -6.64 -48.91 9.68
CA GLY F 509 -7.88 -49.64 9.49
C GLY F 509 -8.33 -49.75 8.06
N ILE F 510 -7.69 -49.04 7.14
CA ILE F 510 -8.00 -49.13 5.71
C ILE F 510 -7.41 -50.42 5.14
N LYS F 511 -8.08 -50.99 4.15
CA LYS F 511 -7.61 -52.21 3.48
C LYS F 511 -7.29 -51.84 2.04
N PHE F 512 -6.01 -51.53 1.80
CA PHE F 512 -5.51 -51.12 0.48
C PHE F 512 -5.30 -52.32 -0.45
N THR G 5 28.45 -55.32 61.26
CA THR G 5 29.30 -54.14 61.28
C THR G 5 29.20 -53.34 59.98
N LEU G 6 28.50 -53.86 58.98
CA LEU G 6 28.27 -53.12 57.74
C LEU G 6 27.35 -51.94 57.99
N LEU G 7 27.70 -50.78 57.42
CA LEU G 7 26.83 -49.61 57.55
C LEU G 7 25.45 -49.88 56.95
N ILE G 8 25.37 -50.72 55.92
CA ILE G 8 24.08 -50.94 55.25
C ILE G 8 23.15 -51.87 56.03
N ASN G 9 23.60 -52.44 57.15
CA ASN G 9 22.69 -53.16 58.03
C ASN G 9 22.20 -52.31 59.20
N GLN G 10 22.85 -51.17 59.47
CA GLN G 10 22.41 -50.25 60.51
C GLN G 10 21.20 -49.46 60.02
N PRO G 11 20.17 -49.30 60.86
CA PRO G 11 18.95 -48.62 60.38
C PRO G 11 19.17 -47.16 60.01
N GLN G 12 20.12 -46.47 60.66
CA GLN G 12 20.39 -45.08 60.32
C GLN G 12 20.85 -44.92 58.87
N TYR G 13 21.28 -46.00 58.21
CA TYR G 13 21.66 -45.94 56.80
C TYR G 13 20.68 -46.69 55.89
N ALA G 14 19.44 -46.90 56.35
CA ALA G 14 18.51 -47.68 55.53
C ALA G 14 18.16 -46.98 54.22
N TRP G 15 18.31 -45.65 54.16
CA TRP G 15 18.11 -44.94 52.90
C TRP G 15 18.98 -45.50 51.77
N LEU G 16 20.03 -46.26 52.09
CA LEU G 16 20.80 -46.88 51.02
C LEU G 16 19.96 -47.86 50.22
N LYS G 17 18.97 -48.48 50.86
CA LYS G 17 18.09 -49.43 50.19
C LYS G 17 17.27 -48.75 49.08
N GLU G 18 16.98 -47.46 49.23
CA GLU G 18 16.24 -46.74 48.19
C GLU G 18 16.97 -46.76 46.85
N LEU G 19 18.29 -46.92 46.87
CA LEU G 19 19.07 -47.10 45.65
C LEU G 19 19.20 -48.57 45.25
N GLY G 20 18.47 -49.45 45.94
CA GLY G 20 18.44 -50.87 45.59
C GLY G 20 19.64 -51.65 46.06
N LEU G 21 20.40 -51.11 47.01
CA LEU G 21 21.63 -51.74 47.49
C LEU G 21 21.34 -52.67 48.65
N ARG G 22 22.09 -53.77 48.71
CA ARG G 22 21.94 -54.77 49.75
C ARG G 22 23.27 -54.97 50.47
N GLU G 23 23.29 -55.96 51.38
CA GLU G 23 24.52 -56.30 52.07
C GLU G 23 25.62 -56.63 51.08
N GLU G 24 25.35 -57.54 50.15
CA GLU G 24 26.28 -57.89 49.09
C GLU G 24 25.62 -57.67 47.73
N ASN G 25 26.29 -56.92 46.85
CA ASN G 25 25.71 -56.47 45.59
C ASN G 25 26.46 -57.07 44.40
N GLU G 26 25.73 -57.38 43.33
CA GLU G 26 26.35 -57.78 42.08
C GLU G 26 26.99 -56.57 41.38
N GLY G 27 28.21 -56.77 40.87
CA GLY G 27 28.98 -55.68 40.29
C GLY G 27 29.12 -55.77 38.78
N VAL G 28 28.46 -56.78 38.20
CA VAL G 28 28.38 -56.98 36.75
C VAL G 28 26.94 -56.78 36.32
N TYR G 29 26.73 -55.95 35.30
CA TYR G 29 25.42 -55.85 34.64
C TYR G 29 25.60 -55.83 33.13
N ASN G 30 24.79 -56.64 32.44
CA ASN G 30 24.81 -56.71 30.98
C ASN G 30 23.43 -57.11 30.44
N GLY G 31 22.36 -56.71 31.14
CA GLY G 31 21.03 -57.25 30.96
C GLY G 31 20.65 -58.20 32.06
N SER G 32 21.65 -58.86 32.64
CA SER G 32 21.51 -59.71 33.81
C SER G 32 22.63 -59.36 34.77
N TRP G 33 22.38 -59.59 36.06
CA TRP G 33 23.31 -59.18 37.10
C TRP G 33 24.11 -60.38 37.58
N GLY G 34 25.41 -60.20 37.72
CA GLY G 34 26.28 -61.28 38.14
C GLY G 34 27.55 -60.77 38.77
N GLY G 35 28.61 -61.56 38.63
CA GLY G 35 29.89 -61.24 39.21
C GLY G 35 30.53 -62.45 39.86
N ARG G 36 31.56 -63.01 39.22
CA ARG G 36 32.26 -64.19 39.70
C ARG G 36 33.70 -63.89 40.09
N GLY G 37 34.05 -62.61 40.22
CA GLY G 37 35.37 -62.19 40.63
C GLY G 37 35.47 -61.90 42.12
N GLU G 38 36.62 -61.38 42.51
CA GLU G 38 36.90 -61.13 43.93
C GLU G 38 35.87 -60.17 44.52
N VAL G 39 35.37 -60.50 45.70
CA VAL G 39 34.34 -59.70 46.36
C VAL G 39 35.01 -58.57 47.13
N ILE G 40 34.65 -57.34 46.81
CA ILE G 40 35.27 -56.17 47.42
C ILE G 40 34.30 -55.59 48.44
N THR G 41 34.86 -55.06 49.52
CA THR G 41 34.11 -54.27 50.48
C THR G 41 34.56 -52.82 50.36
N THR G 42 33.62 -51.89 50.26
CA THR G 42 33.97 -50.47 50.29
C THR G 42 33.67 -49.88 51.66
N TYR G 43 34.30 -48.72 51.91
CA TYR G 43 34.34 -48.14 53.23
C TYR G 43 33.96 -46.65 53.15
N CYS G 44 33.48 -46.15 54.28
CA CYS G 44 33.11 -44.74 54.41
C CYS G 44 34.33 -43.94 54.87
N PRO G 45 34.84 -43.01 54.06
CA PRO G 45 36.03 -42.26 54.48
C PRO G 45 35.81 -41.36 55.68
N ALA G 46 34.56 -41.06 56.03
CA ALA G 46 34.31 -40.22 57.18
C ALA G 46 34.49 -40.97 58.50
N ASN G 47 34.41 -42.30 58.51
CA ASN G 47 34.54 -43.06 59.73
C ASN G 47 35.28 -44.38 59.55
N ASN G 48 35.78 -44.66 58.35
CA ASN G 48 36.53 -45.88 58.07
C ASN G 48 35.75 -47.12 58.42
N GLU G 49 34.38 -47.07 58.27
CA GLU G 49 33.55 -48.25 58.49
C GLU G 49 33.16 -48.87 57.16
N PRO G 50 32.99 -50.19 57.13
CA PRO G 50 32.53 -50.84 55.89
C PRO G 50 31.08 -50.50 55.63
N ILE G 51 30.78 -50.25 54.36
CA ILE G 51 29.43 -49.87 53.95
C ILE G 51 28.66 -51.11 53.50
N ALA G 52 29.14 -51.74 52.43
CA ALA G 52 28.51 -52.93 51.86
C ALA G 52 29.56 -53.64 50.98
N ARG G 53 29.12 -54.66 50.24
CA ARG G 53 30.02 -55.43 49.41
C ARG G 53 29.53 -55.46 47.96
N VAL G 54 30.48 -55.62 47.04
CA VAL G 54 30.21 -55.67 45.61
C VAL G 54 31.01 -56.82 45.04
N ARG G 55 30.34 -57.71 44.30
CA ARG G 55 31.01 -58.81 43.63
C ARG G 55 31.54 -58.33 42.28
N GLN G 56 32.86 -58.31 42.13
CA GLN G 56 33.45 -57.74 40.94
C GLN G 56 33.43 -58.75 39.80
N ALA G 57 33.93 -58.31 38.64
CA ALA G 57 33.91 -59.10 37.42
C ALA G 57 35.12 -60.01 37.37
N SER G 58 34.89 -61.26 36.99
CA SER G 58 35.96 -62.14 36.57
C SER G 58 36.24 -61.91 35.09
N VAL G 59 37.27 -62.58 34.57
CA VAL G 59 37.54 -62.50 33.13
C VAL G 59 36.34 -63.00 32.35
N ALA G 60 35.71 -64.10 32.80
CA ALA G 60 34.55 -64.65 32.11
C ALA G 60 33.43 -63.62 32.04
N ASP G 61 33.16 -62.93 33.16
CA ASP G 61 32.14 -61.88 33.15
C ASP G 61 32.49 -60.79 32.16
N TYR G 62 33.77 -60.48 32.01
CA TYR G 62 34.13 -59.44 31.07
C TYR G 62 33.82 -59.88 29.65
N GLU G 63 34.21 -61.09 29.30
CA GLU G 63 34.02 -61.59 27.93
C GLU G 63 32.56 -61.61 27.53
N GLU G 64 31.69 -62.22 28.36
CA GLU G 64 30.29 -62.29 27.96
C GLU G 64 29.66 -60.91 27.93
N THR G 65 30.03 -60.04 28.88
CA THR G 65 29.55 -58.66 28.87
C THR G 65 29.90 -57.97 27.57
N VAL G 66 31.19 -57.96 27.20
CA VAL G 66 31.57 -57.31 25.95
C VAL G 66 30.78 -57.91 24.79
N LYS G 67 30.63 -59.23 24.75
CA LYS G 67 29.87 -59.84 23.66
C LYS G 67 28.41 -59.41 23.69
N LYS G 68 27.81 -59.38 24.88
CA LYS G 68 26.39 -59.00 24.96
C LYS G 68 26.20 -57.53 24.58
N ALA G 69 27.14 -56.66 24.98
CA ALA G 69 27.06 -55.25 24.59
C ALA G 69 27.15 -55.09 23.08
N ARG G 70 28.04 -55.85 22.43
CA ARG G 70 28.14 -55.74 20.98
C ARG G 70 26.93 -56.34 20.28
N GLU G 71 26.31 -57.36 20.85
CA GLU G 71 25.03 -57.79 20.29
C GLU G 71 23.96 -56.72 20.48
N ALA G 72 23.94 -56.08 21.66
CA ALA G 72 22.93 -55.07 21.92
C ALA G 72 23.08 -53.88 20.98
N TRP G 73 24.33 -53.61 20.57
CA TRP G 73 24.61 -52.47 19.71
C TRP G 73 23.91 -52.58 18.38
N LYS G 74 23.75 -53.81 17.87
CA LYS G 74 23.07 -53.98 16.58
C LYS G 74 21.65 -53.44 16.64
N ILE G 75 20.97 -53.59 17.77
CA ILE G 75 19.61 -53.08 17.92
C ILE G 75 19.64 -51.60 18.25
N TRP G 76 20.55 -51.20 19.12
CA TRP G 76 20.64 -49.80 19.56
C TRP G 76 20.96 -48.87 18.40
N ALA G 77 21.86 -49.28 17.50
CA ALA G 77 22.32 -48.40 16.44
C ALA G 77 21.24 -48.13 15.39
N ASP G 78 20.26 -49.04 15.28
CA ASP G 78 19.16 -48.85 14.35
C ASP G 78 18.13 -47.85 14.86
N ILE G 79 18.16 -47.52 16.13
CA ILE G 79 17.13 -46.65 16.68
C ILE G 79 17.44 -45.21 16.28
N PRO G 80 16.49 -44.49 15.70
CA PRO G 80 16.76 -43.10 15.33
C PRO G 80 17.31 -42.30 16.51
N ALA G 81 18.32 -41.47 16.21
CA ALA G 81 18.94 -40.65 17.25
C ALA G 81 17.92 -39.91 18.12
N PRO G 82 16.89 -39.25 17.57
CA PRO G 82 15.91 -38.60 18.48
C PRO G 82 15.26 -39.58 19.43
N LYS G 83 15.02 -40.83 18.98
CA LYS G 83 14.42 -41.82 19.87
C LYS G 83 15.39 -42.25 20.95
N ARG G 84 16.69 -42.31 20.61
CA ARG G 84 17.67 -42.55 21.64
C ARG G 84 17.72 -41.38 22.59
N GLY G 85 17.47 -40.17 22.09
CA GLY G 85 17.34 -39.02 22.96
C GLY G 85 16.21 -39.18 23.95
N GLU G 86 15.13 -39.84 23.53
CA GLU G 86 14.03 -40.08 24.45
C GLU G 86 14.47 -40.95 25.62
N ILE G 87 15.28 -41.98 25.35
CA ILE G 87 15.79 -42.86 26.40
C ILE G 87 16.67 -42.07 27.38
N VAL G 88 17.51 -41.17 26.86
CA VAL G 88 18.38 -40.37 27.70
C VAL G 88 17.57 -39.36 28.53
N ARG G 89 16.50 -38.80 27.94
CA ARG G 89 15.61 -37.94 28.72
C ARG G 89 15.04 -38.71 29.90
N GLN G 90 14.69 -39.98 29.70
CA GLN G 90 14.11 -40.77 30.79
C GLN G 90 15.16 -41.13 31.83
N ILE G 91 16.42 -41.30 31.41
CA ILE G 91 17.49 -41.48 32.37
C ILE G 91 17.66 -40.21 33.21
N GLY G 92 17.64 -39.04 32.55
CA GLY G 92 17.67 -37.79 33.29
C GLY G 92 16.57 -37.70 34.33
N ASP G 93 15.35 -38.13 33.99
CA ASP G 93 14.23 -38.06 34.93
C ASP G 93 14.37 -39.05 36.06
N ALA G 94 14.90 -40.26 35.79
CA ALA G 94 15.09 -41.20 36.88
C ALA G 94 16.19 -40.73 37.82
N LEU G 95 17.17 -40.00 37.29
CA LEU G 95 18.22 -39.42 38.12
C LEU G 95 17.65 -38.29 38.99
N ARG G 96 16.80 -37.44 38.42
CA ARG G 96 16.12 -36.40 39.20
C ARG G 96 15.42 -36.99 40.42
N GLU G 97 14.72 -38.10 40.23
CA GLU G 97 13.89 -38.69 41.27
C GLU G 97 14.72 -39.24 42.43
N LYS G 98 16.03 -39.41 42.25
CA LYS G 98 16.88 -39.96 43.30
C LYS G 98 18.07 -39.06 43.57
N ILE G 99 18.00 -37.80 43.15
CA ILE G 99 19.15 -36.94 43.26
C ILE G 99 19.55 -36.80 44.72
N GLN G 100 18.59 -36.90 45.65
CA GLN G 100 18.92 -36.74 47.06
C GLN G 100 19.64 -37.96 47.61
N VAL G 101 19.07 -39.17 47.43
CA VAL G 101 19.73 -40.35 47.98
C VAL G 101 21.01 -40.64 47.22
N LEU G 102 21.01 -40.51 45.90
CA LEU G 102 22.23 -40.75 45.14
C LEU G 102 23.31 -39.77 45.57
N GLY G 103 22.95 -38.49 45.69
CA GLY G 103 23.89 -37.52 46.22
C GLY G 103 24.40 -37.88 47.60
N SER G 104 23.51 -38.42 48.44
CA SER G 104 23.94 -38.88 49.77
C SER G 104 24.91 -40.06 49.65
N LEU G 105 24.66 -40.98 48.71
CA LEU G 105 25.59 -42.09 48.50
C LEU G 105 26.98 -41.57 48.15
N VAL G 106 27.05 -40.60 47.23
CA VAL G 106 28.35 -40.03 46.86
C VAL G 106 29.06 -39.47 48.09
N SER G 107 28.31 -38.81 48.98
CA SER G 107 28.91 -38.30 50.20
C SER G 107 29.41 -39.43 51.09
N LEU G 108 28.67 -40.54 51.15
CA LEU G 108 28.96 -41.63 52.08
C LEU G 108 30.14 -42.45 51.63
N GLU G 109 30.15 -42.85 50.37
CA GLU G 109 31.22 -43.72 49.88
C GLU G 109 32.43 -42.94 49.42
N MET G 110 32.21 -41.81 48.76
CA MET G 110 33.34 -41.08 48.21
C MET G 110 33.87 -40.05 49.19
N GLY G 111 32.97 -39.28 49.83
CA GLY G 111 33.35 -38.40 50.92
C GLY G 111 33.20 -36.91 50.67
N LYS G 112 32.78 -36.48 49.47
CA LYS G 112 32.53 -35.06 49.26
C LYS G 112 31.27 -34.63 50.00
N ILE G 113 31.14 -33.31 50.21
CA ILE G 113 30.00 -32.81 50.98
C ILE G 113 28.72 -32.94 50.16
N LEU G 114 27.59 -32.86 50.87
CA LEU G 114 26.30 -33.17 50.25
C LEU G 114 26.02 -32.29 49.04
N VAL G 115 26.21 -30.97 49.18
CA VAL G 115 25.87 -30.10 48.06
C VAL G 115 26.72 -30.43 46.84
N GLU G 116 27.96 -30.88 47.05
CA GLU G 116 28.80 -31.29 45.93
C GLU G 116 28.35 -32.63 45.37
N GLY G 117 27.96 -33.55 46.24
CA GLY G 117 27.44 -34.82 45.74
C GLY G 117 26.15 -34.66 44.97
N VAL G 118 25.20 -33.92 45.54
CA VAL G 118 23.98 -33.58 44.82
C VAL G 118 24.31 -32.83 43.54
N GLY G 119 25.23 -31.86 43.62
CA GLY G 119 25.63 -31.13 42.42
C GLY G 119 26.26 -32.02 41.37
N GLU G 120 26.95 -33.08 41.80
CA GLU G 120 27.53 -34.01 40.85
C GLU G 120 26.45 -34.78 40.10
N VAL G 121 25.40 -35.20 40.82
CA VAL G 121 24.29 -35.85 40.14
C VAL G 121 23.58 -34.85 39.23
N GLN G 122 23.68 -33.55 39.53
CA GLN G 122 23.02 -32.56 38.70
C GLN G 122 23.73 -32.38 37.37
N GLU G 123 25.06 -32.45 37.35
CA GLU G 123 25.77 -32.50 36.09
C GLU G 123 25.22 -33.61 35.20
N TYR G 124 24.96 -34.79 35.79
CA TYR G 124 24.46 -35.90 34.98
C TYR G 124 23.07 -35.57 34.44
N VAL G 125 22.23 -34.99 35.30
CA VAL G 125 20.90 -34.54 34.88
C VAL G 125 21.03 -33.48 33.79
N ASP G 126 21.93 -32.52 33.98
CA ASP G 126 22.12 -31.46 32.98
C ASP G 126 22.51 -32.04 31.63
N ILE G 127 23.52 -32.91 31.61
CA ILE G 127 24.02 -33.40 30.33
C ILE G 127 22.95 -34.23 29.64
N CYS G 128 22.09 -34.92 30.40
CA CYS G 128 21.00 -35.68 29.79
C CYS G 128 20.08 -34.74 29.04
N ASP G 129 19.62 -33.67 29.71
CA ASP G 129 18.73 -32.72 29.07
C ASP G 129 19.40 -32.07 27.87
N TYR G 130 20.72 -31.87 27.95
CA TYR G 130 21.49 -31.36 26.82
C TYR G 130 21.51 -32.39 25.69
N ALA G 131 21.78 -33.65 26.03
CA ALA G 131 21.89 -34.70 25.03
C ALA G 131 20.59 -34.86 24.26
N VAL G 132 19.45 -34.66 24.93
CA VAL G 132 18.15 -34.87 24.29
C VAL G 132 18.00 -33.97 23.07
N GLY G 133 18.29 -32.68 23.23
CA GLY G 133 18.21 -31.78 22.09
C GLY G 133 19.32 -32.02 21.09
N LEU G 134 20.51 -32.34 21.58
CA LEU G 134 21.59 -32.69 20.67
C LEU G 134 21.22 -33.88 19.80
N SER G 135 20.33 -34.77 20.30
CA SER G 135 19.96 -35.97 19.56
C SER G 135 19.25 -35.65 18.26
N ARG G 136 18.68 -34.45 18.15
CA ARG G 136 18.07 -34.00 16.90
C ARG G 136 19.01 -33.14 16.08
N MET G 137 20.29 -33.05 16.46
CA MET G 137 21.21 -32.14 15.78
C MET G 137 22.47 -32.82 15.25
N ILE G 138 22.90 -33.92 15.88
CA ILE G 138 24.18 -34.53 15.51
C ILE G 138 24.16 -34.90 14.04
N GLY G 139 25.21 -34.50 13.34
CA GLY G 139 25.30 -34.75 11.92
C GLY G 139 26.40 -33.89 11.35
N GLY G 140 26.43 -33.82 10.03
CA GLY G 140 27.41 -33.01 9.35
C GLY G 140 26.83 -32.21 8.21
N PRO G 141 27.67 -31.37 7.59
CA PRO G 141 27.20 -30.54 6.48
C PRO G 141 27.06 -31.29 5.16
N ILE G 142 26.06 -30.87 4.38
CA ILE G 142 25.95 -31.19 2.97
C ILE G 142 26.71 -30.13 2.19
N LEU G 143 27.75 -30.55 1.48
CA LEU G 143 28.72 -29.68 0.87
C LEU G 143 28.52 -29.59 -0.64
N PRO G 144 28.78 -28.43 -1.23
CA PRO G 144 28.65 -28.27 -2.69
C PRO G 144 29.82 -28.90 -3.43
N SER G 145 29.54 -29.98 -4.16
CA SER G 145 30.57 -30.65 -4.92
C SER G 145 30.98 -29.82 -6.13
N GLU G 146 32.23 -29.98 -6.55
CA GLU G 146 32.68 -29.31 -7.77
C GLU G 146 32.19 -30.02 -9.02
N ARG G 147 31.53 -31.16 -8.88
CA ARG G 147 31.13 -31.98 -10.01
C ARG G 147 29.62 -31.93 -10.21
N SER G 148 29.21 -31.78 -11.47
CA SER G 148 27.79 -31.81 -11.81
C SER G 148 27.20 -33.17 -11.49
N GLY G 149 25.99 -33.16 -10.95
CA GLY G 149 25.35 -34.43 -10.69
C GLY G 149 25.97 -35.24 -9.58
N HIS G 150 26.69 -34.60 -8.69
CA HIS G 150 27.28 -35.26 -7.53
C HIS G 150 26.81 -34.58 -6.26
N ALA G 151 26.35 -35.39 -5.31
CA ALA G 151 26.10 -34.92 -3.96
C ALA G 151 27.33 -35.16 -3.12
N LEU G 152 27.59 -34.24 -2.20
CA LEU G 152 28.73 -34.37 -1.30
C LEU G 152 28.18 -34.17 0.10
N ILE G 153 28.36 -35.17 0.94
CA ILE G 153 27.66 -35.23 2.22
C ILE G 153 28.64 -35.70 3.28
N GLU G 154 28.61 -35.06 4.45
CA GLU G 154 29.37 -35.55 5.60
C GLU G 154 28.43 -36.28 6.54
N GLN G 155 28.73 -37.55 6.83
CA GLN G 155 27.92 -38.40 7.68
C GLN G 155 28.65 -38.73 8.98
N TRP G 156 27.88 -38.84 10.04
CA TRP G 156 28.41 -39.28 11.33
C TRP G 156 27.62 -40.51 11.79
N ASN G 157 28.35 -41.54 12.20
CA ASN G 157 27.82 -42.82 12.64
C ASN G 157 28.54 -43.22 13.91
N PRO G 158 27.93 -44.08 14.73
CA PRO G 158 28.55 -44.44 16.01
C PRO G 158 29.83 -45.22 15.79
N VAL G 159 30.72 -45.17 16.78
CA VAL G 159 31.90 -46.02 16.75
C VAL G 159 31.59 -47.44 17.26
N GLY G 160 30.55 -47.63 18.08
CA GLY G 160 30.14 -48.96 18.49
C GLY G 160 30.09 -49.14 20.00
N LEU G 161 31.12 -49.77 20.58
CA LEU G 161 31.23 -49.95 22.03
C LEU G 161 32.21 -48.93 22.59
N VAL G 162 31.70 -48.03 23.44
CA VAL G 162 32.49 -47.02 24.13
C VAL G 162 32.78 -47.55 25.54
N GLY G 163 34.04 -47.89 25.81
CA GLY G 163 34.44 -48.25 27.16
C GLY G 163 34.71 -46.99 27.99
N ILE G 164 34.23 -47.00 29.23
CA ILE G 164 34.31 -45.83 30.10
C ILE G 164 34.96 -46.24 31.42
N ILE G 165 36.18 -45.73 31.65
CA ILE G 165 36.91 -45.95 32.89
C ILE G 165 36.92 -44.65 33.71
N THR G 166 36.40 -44.70 34.93
CA THR G 166 36.33 -43.51 35.76
C THR G 166 37.14 -43.69 37.04
N ALA G 167 37.35 -42.57 37.73
CA ALA G 167 38.10 -42.49 38.96
C ALA G 167 37.15 -42.21 40.12
N PHE G 168 37.70 -42.26 41.34
CA PHE G 168 36.87 -42.11 42.54
C PHE G 168 36.32 -40.70 42.67
N ASN G 169 37.06 -39.68 42.23
CA ASN G 169 36.78 -38.32 42.67
C ASN G 169 35.50 -37.76 42.04
N PHE G 170 35.12 -38.24 40.86
CA PHE G 170 33.84 -37.87 40.24
C PHE G 170 33.21 -39.17 39.74
N SER G 171 32.70 -39.96 40.69
CA SER G 171 32.19 -41.29 40.37
C SER G 171 30.85 -41.28 39.63
N VAL G 172 30.17 -40.14 39.52
CA VAL G 172 28.89 -40.05 38.79
C VAL G 172 29.00 -39.17 37.56
N ALA G 173 29.62 -38.00 37.67
CA ALA G 173 29.49 -36.97 36.65
C ALA G 173 30.26 -37.34 35.38
N VAL G 174 31.49 -37.85 35.53
CA VAL G 174 32.29 -38.20 34.37
C VAL G 174 31.61 -39.30 33.57
N TYR G 175 31.14 -40.34 34.26
CA TYR G 175 30.37 -41.37 33.57
C TYR G 175 29.17 -40.75 32.84
N GLY G 176 28.45 -39.86 33.53
CA GLY G 176 27.29 -39.24 32.91
C GLY G 176 27.58 -38.51 31.61
N TRP G 177 28.65 -37.69 31.60
CA TRP G 177 29.00 -36.97 30.37
C TRP G 177 29.21 -37.95 29.22
N ASN G 178 30.01 -38.98 29.47
CA ASN G 178 30.30 -39.96 28.41
C ASN G 178 29.04 -40.74 28.03
N ASN G 179 28.25 -41.15 29.02
CA ASN G 179 27.08 -41.98 28.78
C ASN G 179 26.03 -41.24 27.97
N ALA G 180 25.61 -40.05 28.44
CA ALA G 180 24.56 -39.31 27.74
C ALA G 180 24.93 -39.02 26.28
N ILE G 181 26.20 -38.72 26.02
CA ILE G 181 26.59 -38.34 24.67
C ILE G 181 26.76 -39.58 23.81
N ALA G 182 27.48 -40.58 24.31
CA ALA G 182 27.70 -41.79 23.54
C ALA G 182 26.38 -42.45 23.19
N MET G 183 25.43 -42.41 24.12
CA MET G 183 24.14 -43.05 23.86
C MET G 183 23.33 -42.32 22.80
N ILE G 184 23.29 -40.98 22.83
CA ILE G 184 22.54 -40.32 21.77
C ILE G 184 23.28 -40.44 20.44
N CYS G 185 24.58 -40.69 20.47
CA CYS G 185 25.36 -40.93 19.26
C CYS G 185 25.26 -42.37 18.75
N GLY G 186 24.49 -43.24 19.40
CA GLY G 186 24.27 -44.58 18.89
C GLY G 186 25.23 -45.65 19.37
N ASN G 187 26.02 -45.37 20.40
CA ASN G 187 26.96 -46.33 20.95
C ASN G 187 26.36 -47.07 22.16
N VAL G 188 26.97 -48.21 22.46
CA VAL G 188 26.75 -48.91 23.71
C VAL G 188 27.92 -48.59 24.63
N CYS G 189 27.72 -48.75 25.93
CA CYS G 189 28.71 -48.38 26.93
C CYS G 189 29.11 -49.56 27.79
N LEU G 190 30.37 -49.54 28.23
CA LEU G 190 30.90 -50.51 29.21
C LEU G 190 31.63 -49.73 30.29
N TRP G 191 31.08 -49.74 31.50
CA TRP G 191 31.59 -48.92 32.59
C TRP G 191 32.42 -49.77 33.56
N LYS G 192 33.67 -49.36 33.78
CA LYS G 192 34.50 -49.86 34.89
C LYS G 192 34.94 -48.67 35.74
N GLY G 193 34.33 -48.52 36.92
CA GLY G 193 34.65 -47.43 37.82
C GLY G 193 35.78 -47.77 38.77
N ALA G 194 36.03 -46.85 39.69
CA ALA G 194 37.05 -47.04 40.71
C ALA G 194 36.58 -48.10 41.72
N PRO G 195 37.41 -49.09 42.05
CA PRO G 195 37.01 -50.06 43.07
C PRO G 195 36.44 -49.43 44.34
N THR G 196 36.96 -48.27 44.76
CA THR G 196 36.56 -47.64 46.01
C THR G 196 35.24 -46.90 45.91
N THR G 197 34.65 -46.80 44.73
CA THR G 197 33.31 -46.23 44.58
C THR G 197 32.38 -47.22 43.87
N SER G 198 32.55 -48.50 44.20
CA SER G 198 31.80 -49.57 43.53
C SER G 198 30.30 -49.44 43.75
N LEU G 199 29.89 -49.07 44.98
CA LEU G 199 28.47 -48.93 45.27
C LEU G 199 27.85 -47.84 44.42
N ILE G 200 28.58 -46.74 44.21
CA ILE G 200 28.05 -45.66 43.38
C ILE G 200 27.82 -46.14 41.96
N SER G 201 28.78 -46.92 41.41
CA SER G 201 28.60 -47.47 40.07
C SER G 201 27.40 -48.40 40.01
N VAL G 202 27.26 -49.27 41.00
CA VAL G 202 26.11 -50.18 41.03
C VAL G 202 24.81 -49.39 41.10
N ALA G 203 24.78 -48.36 41.95
CA ALA G 203 23.55 -47.60 42.16
C ALA G 203 23.14 -46.84 40.91
N VAL G 204 24.09 -46.18 40.25
CA VAL G 204 23.77 -45.49 39.00
C VAL G 204 23.31 -46.50 37.94
N THR G 205 24.07 -47.59 37.78
CA THR G 205 23.71 -48.60 36.79
C THR G 205 22.31 -49.17 37.08
N LYS G 206 21.98 -49.38 38.35
CA LYS G 206 20.64 -49.86 38.67
C LYS G 206 19.58 -48.88 38.18
N ILE G 207 19.83 -47.58 38.33
CA ILE G 207 18.87 -46.59 37.84
C ILE G 207 18.76 -46.65 36.32
N ILE G 208 19.89 -46.82 35.64
CA ILE G 208 19.85 -46.81 34.17
C ILE G 208 19.21 -48.08 33.66
N ALA G 209 19.58 -49.22 34.24
CA ALA G 209 19.05 -50.52 33.84
C ALA G 209 17.54 -50.54 33.90
N LYS G 210 16.95 -49.95 34.95
CA LYS G 210 15.49 -49.93 35.03
C LYS G 210 14.88 -49.20 33.84
N VAL G 211 15.48 -48.06 33.44
CA VAL G 211 14.98 -47.31 32.29
C VAL G 211 15.09 -48.15 31.01
N LEU G 212 16.22 -48.82 30.82
CA LEU G 212 16.37 -49.69 29.65
C LEU G 212 15.33 -50.79 29.66
N GLU G 213 15.21 -51.51 30.77
CA GLU G 213 14.25 -52.60 30.86
C GLU G 213 12.83 -52.10 30.59
N ASP G 214 12.42 -51.02 31.27
CA ASP G 214 11.05 -50.52 31.13
C ASP G 214 10.70 -50.20 29.67
N ASN G 215 11.70 -49.91 28.85
CA ASN G 215 11.55 -49.66 27.43
C ASN G 215 11.88 -50.88 26.59
N LYS G 216 12.10 -52.04 27.23
CA LYS G 216 12.37 -53.31 26.54
C LYS G 216 13.52 -53.16 25.54
N LEU G 217 14.57 -52.48 25.96
CA LEU G 217 15.84 -52.42 25.28
C LEU G 217 16.83 -53.35 25.96
N PRO G 218 17.81 -53.91 25.26
CA PRO G 218 18.84 -54.70 25.94
C PRO G 218 19.63 -53.84 26.93
N GLY G 219 19.72 -54.35 28.16
CA GLY G 219 20.45 -53.65 29.21
C GLY G 219 21.95 -53.54 28.97
N ALA G 220 22.50 -54.34 28.07
CA ALA G 220 23.94 -54.28 27.84
C ALA G 220 24.33 -53.01 27.12
N ILE G 221 23.36 -52.29 26.57
CA ILE G 221 23.59 -50.92 26.08
C ILE G 221 24.37 -50.11 27.12
N CYS G 222 24.06 -50.29 28.40
CA CYS G 222 24.79 -49.62 29.49
C CYS G 222 25.34 -50.69 30.44
N SER G 223 26.44 -51.31 30.03
CA SER G 223 27.00 -52.41 30.81
C SER G 223 27.91 -51.90 31.92
N LEU G 224 28.02 -52.69 32.99
CA LEU G 224 28.95 -52.42 34.08
C LEU G 224 29.76 -53.66 34.35
N THR G 225 31.06 -53.48 34.53
CA THR G 225 31.95 -54.55 34.97
C THR G 225 32.85 -53.94 36.03
N CYS G 226 32.43 -54.05 37.30
CA CYS G 226 33.29 -53.58 38.39
C CYS G 226 34.58 -54.39 38.41
N GLY G 227 35.69 -53.70 38.56
CA GLY G 227 36.97 -54.38 38.59
C GLY G 227 38.08 -53.39 38.82
N GLY G 228 39.28 -53.92 38.91
CA GLY G 228 40.49 -53.15 39.09
C GLY G 228 41.28 -53.02 37.79
N ALA G 229 42.61 -52.91 37.95
CA ALA G 229 43.51 -52.67 36.83
C ALA G 229 43.42 -53.75 35.76
N ASP G 230 43.07 -54.99 36.14
CA ASP G 230 42.97 -56.06 35.14
C ASP G 230 41.90 -55.76 34.12
N ILE G 231 40.67 -55.55 34.58
CA ILE G 231 39.57 -55.23 33.68
C ILE G 231 39.87 -53.96 32.88
N GLY G 232 40.49 -52.96 33.52
CA GLY G 232 40.83 -51.73 32.80
C GLY G 232 41.83 -51.97 31.68
N THR G 233 42.90 -52.72 31.99
CA THR G 233 43.86 -53.12 30.97
C THR G 233 43.19 -53.94 29.88
N ALA G 234 42.24 -54.81 30.25
CA ALA G 234 41.60 -55.64 29.25
C ALA G 234 40.81 -54.81 28.26
N MET G 235 40.09 -53.81 28.74
CA MET G 235 39.41 -52.88 27.84
C MET G 235 40.40 -52.16 26.92
N ALA G 236 41.58 -51.81 27.46
CA ALA G 236 42.54 -51.04 26.68
C ALA G 236 43.20 -51.88 25.59
N LYS G 237 43.16 -53.20 25.72
CA LYS G 237 43.70 -54.09 24.71
C LYS G 237 42.61 -54.74 23.87
N ASP G 238 41.35 -54.45 24.16
CA ASP G 238 40.24 -55.14 23.52
C ASP G 238 39.89 -54.45 22.21
N GLU G 239 40.12 -55.14 21.08
CA GLU G 239 39.73 -54.59 19.79
C GLU G 239 38.24 -54.34 19.69
N ARG G 240 37.45 -55.02 20.52
CA ARG G 240 36.01 -54.84 20.53
C ARG G 240 35.59 -53.53 21.15
N VAL G 241 36.50 -52.86 21.86
CA VAL G 241 36.22 -51.58 22.49
C VAL G 241 36.69 -50.51 21.49
N ASN G 242 35.74 -49.87 20.81
CA ASN G 242 36.10 -49.00 19.71
C ASN G 242 36.68 -47.67 20.20
N LEU G 243 36.03 -47.07 21.18
CA LEU G 243 36.55 -45.91 21.89
C LEU G 243 36.69 -46.27 23.36
N LEU G 244 37.82 -45.90 23.94
CA LEU G 244 38.05 -46.03 25.38
C LEU G 244 38.21 -44.62 25.96
N SER G 245 37.28 -44.27 26.84
CA SER G 245 37.35 -43.02 27.57
C SER G 245 37.95 -43.32 28.92
N PHE G 246 39.11 -42.74 29.20
CA PHE G 246 39.80 -43.04 30.46
C PHE G 246 40.02 -41.75 31.23
N THR G 247 39.40 -41.67 32.40
CA THR G 247 39.64 -40.61 33.36
C THR G 247 40.45 -41.20 34.50
N GLY G 248 41.62 -40.62 34.77
CA GLY G 248 42.47 -41.16 35.83
C GLY G 248 43.81 -40.48 35.86
N SER G 249 44.80 -41.21 36.35
CA SER G 249 46.10 -40.63 36.56
C SER G 249 46.88 -40.56 35.24
N THR G 250 47.84 -39.65 35.21
CA THR G 250 48.63 -39.48 34.00
C THR G 250 49.47 -40.71 33.74
N GLN G 251 49.95 -41.35 34.82
CA GLN G 251 50.81 -42.51 34.68
C GLN G 251 50.07 -43.65 34.00
N VAL G 252 48.87 -43.95 34.50
CA VAL G 252 48.04 -45.00 33.91
C VAL G 252 47.45 -44.54 32.58
N GLY G 253 47.14 -43.26 32.46
CA GLY G 253 46.56 -42.76 31.22
C GLY G 253 47.49 -42.96 30.04
N LYS G 254 48.78 -42.75 30.25
CA LYS G 254 49.74 -42.94 29.15
C LYS G 254 49.73 -44.39 28.68
N GLN G 255 49.81 -45.34 29.61
CA GLN G 255 49.80 -46.75 29.23
C GLN G 255 48.50 -47.10 28.50
N VAL G 256 47.37 -46.55 28.95
CA VAL G 256 46.12 -46.76 28.25
C VAL G 256 46.19 -46.21 26.83
N GLY G 257 46.82 -45.05 26.66
CA GLY G 257 46.92 -44.46 25.34
C GLY G 257 47.78 -45.30 24.41
N LEU G 258 48.96 -45.71 24.89
CA LEU G 258 49.83 -46.59 24.11
C LEU G 258 49.14 -47.90 23.78
N MET G 259 48.44 -48.50 24.76
CA MET G 259 47.75 -49.76 24.51
C MET G 259 46.69 -49.60 23.44
N VAL G 260 45.88 -48.55 23.54
CA VAL G 260 44.83 -48.36 22.54
C VAL G 260 45.46 -48.06 21.17
N GLN G 261 46.58 -47.33 21.16
CA GLN G 261 47.26 -47.02 19.90
C GLN G 261 47.85 -48.26 19.27
N GLU G 262 48.34 -49.20 20.09
CA GLU G 262 48.89 -50.44 19.58
C GLU G 262 47.87 -51.18 18.70
N ARG G 263 46.59 -51.06 19.01
CA ARG G 263 45.55 -51.79 18.30
C ARG G 263 44.74 -50.88 17.38
N PHE G 264 45.23 -49.66 17.11
CA PHE G 264 44.51 -48.67 16.32
C PHE G 264 43.09 -48.48 16.81
N GLY G 265 42.94 -48.41 18.14
CA GLY G 265 41.69 -48.00 18.73
C GLY G 265 41.61 -46.49 18.81
N ARG G 266 40.53 -46.01 19.42
CA ARG G 266 40.37 -44.61 19.74
C ARG G 266 40.39 -44.45 21.25
N SER G 267 41.19 -43.52 21.75
CA SER G 267 41.21 -43.22 23.17
C SER G 267 40.84 -41.77 23.39
N LEU G 268 40.20 -41.53 24.53
CA LEU G 268 39.83 -40.20 24.99
C LEU G 268 40.39 -40.10 26.41
N LEU G 269 41.47 -39.33 26.56
CA LEU G 269 42.23 -39.26 27.80
C LEU G 269 41.95 -37.96 28.55
N GLU G 270 41.64 -38.10 29.85
CA GLU G 270 41.30 -37.03 30.77
C GLU G 270 42.16 -37.27 32.01
N LEU G 271 43.38 -36.72 32.00
CA LEU G 271 44.37 -37.09 33.00
C LEU G 271 44.55 -35.94 34.00
N GLY G 272 45.75 -35.81 34.56
CA GLY G 272 45.93 -34.94 35.71
C GLY G 272 45.94 -33.46 35.38
N GLY G 273 45.72 -32.67 36.43
CA GLY G 273 45.88 -31.23 36.34
C GLY G 273 46.82 -30.72 37.42
N ASN G 274 47.39 -29.55 37.16
CA ASN G 274 48.19 -28.87 38.17
C ASN G 274 47.80 -27.40 38.02
N ASN G 275 46.59 -27.08 38.48
CA ASN G 275 45.91 -25.89 37.99
C ASN G 275 46.31 -24.66 38.79
N ALA G 276 46.51 -23.56 38.07
CA ALA G 276 46.99 -22.30 38.62
C ALA G 276 45.88 -21.26 38.61
N ILE G 277 45.77 -20.55 39.72
CA ILE G 277 45.06 -19.28 39.79
C ILE G 277 46.12 -18.18 39.84
N ILE G 278 45.92 -17.12 39.06
CA ILE G 278 46.84 -15.99 39.00
C ILE G 278 46.07 -14.72 39.35
N ALA G 279 46.51 -14.02 40.40
CA ALA G 279 45.85 -12.79 40.84
C ALA G 279 46.77 -11.61 40.55
N PHE G 280 46.34 -10.77 39.61
CA PHE G 280 47.12 -9.58 39.26
C PHE G 280 46.87 -8.46 40.27
N GLU G 281 47.68 -7.39 40.14
CA GLU G 281 47.59 -6.31 41.12
C GLU G 281 46.24 -5.63 41.08
N ASP G 282 45.59 -5.60 39.91
CA ASP G 282 44.30 -4.93 39.80
C ASP G 282 43.12 -5.85 40.12
N ALA G 283 43.37 -7.03 40.68
CA ALA G 283 42.29 -7.99 40.92
C ALA G 283 41.31 -7.51 41.99
N ASP G 284 40.03 -7.79 41.78
CA ASP G 284 38.99 -7.60 42.79
C ASP G 284 39.18 -8.67 43.86
N LEU G 285 39.80 -8.28 44.98
CA LEU G 285 40.22 -9.25 45.99
C LEU G 285 39.06 -9.95 46.67
N SER G 286 37.86 -9.38 46.63
CA SER G 286 36.70 -10.10 47.16
C SER G 286 36.21 -11.17 46.21
N LEU G 287 36.68 -11.17 44.96
CA LEU G 287 36.54 -12.34 44.12
C LEU G 287 37.68 -13.31 44.32
N VAL G 288 38.91 -12.82 44.49
CA VAL G 288 40.06 -13.71 44.57
C VAL G 288 39.91 -14.66 45.75
N VAL G 289 39.59 -14.12 46.93
CA VAL G 289 39.70 -14.91 48.17
C VAL G 289 38.71 -16.07 48.15
N PRO G 290 37.39 -15.86 47.97
CA PRO G 290 36.48 -17.01 47.95
C PRO G 290 36.67 -17.90 46.74
N SER G 291 37.06 -17.35 45.59
CA SER G 291 37.35 -18.22 44.46
C SER G 291 38.52 -19.14 44.77
N ALA G 292 39.56 -18.59 45.38
CA ALA G 292 40.69 -19.44 45.75
C ALA G 292 40.27 -20.44 46.82
N LEU G 293 39.49 -19.98 47.80
CA LEU G 293 39.02 -20.88 48.86
C LEU G 293 38.29 -22.08 48.28
N PHE G 294 37.25 -21.85 47.47
CA PHE G 294 36.47 -22.96 46.91
C PHE G 294 37.31 -23.83 46.01
N ALA G 295 38.14 -23.22 45.15
CA ALA G 295 38.93 -24.00 44.20
C ALA G 295 39.97 -24.85 44.90
N ALA G 296 40.42 -24.43 46.09
CA ALA G 296 41.49 -25.17 46.75
C ALA G 296 40.95 -26.19 47.75
N VAL G 297 39.95 -25.82 48.55
CA VAL G 297 39.44 -26.74 49.56
C VAL G 297 38.18 -27.44 49.13
N GLY G 298 37.55 -27.03 48.02
CA GLY G 298 36.41 -27.78 47.50
C GLY G 298 36.75 -29.25 47.29
N THR G 299 35.83 -30.14 47.66
CA THR G 299 36.06 -31.57 47.54
C THR G 299 37.31 -31.98 48.32
N ALA G 300 37.65 -31.21 49.35
CA ALA G 300 38.89 -31.41 50.12
C ALA G 300 40.11 -31.51 49.20
N GLY G 301 40.08 -30.76 48.10
CA GLY G 301 41.22 -30.71 47.21
C GLY G 301 41.38 -31.89 46.29
N GLN G 302 40.32 -32.69 46.10
CA GLN G 302 40.44 -33.94 45.37
C GLN G 302 39.82 -33.88 43.97
N ARG G 303 39.69 -32.69 43.38
CA ARG G 303 39.33 -32.56 41.98
C ARG G 303 40.57 -32.46 41.10
N CYS G 304 40.43 -32.96 39.86
CA CYS G 304 41.49 -32.76 38.88
C CYS G 304 41.56 -31.30 38.44
N THR G 305 40.49 -30.54 38.65
CA THR G 305 40.45 -29.11 38.42
C THR G 305 40.75 -28.29 39.68
N THR G 306 41.08 -28.94 40.80
CA THR G 306 41.40 -28.22 42.04
C THR G 306 42.57 -27.24 41.81
N ALA G 307 42.49 -26.07 42.42
CA ALA G 307 43.61 -25.13 42.38
C ALA G 307 44.70 -25.62 43.31
N ARG G 308 45.92 -25.82 42.78
CA ARG G 308 47.06 -26.14 43.60
C ARG G 308 48.17 -25.10 43.57
N ARG G 309 48.14 -24.18 42.61
CA ARG G 309 49.11 -23.10 42.52
C ARG G 309 48.36 -21.78 42.51
N LEU G 310 48.67 -20.92 43.49
CA LEU G 310 48.16 -19.55 43.54
C LEU G 310 49.34 -18.60 43.36
N PHE G 311 49.40 -17.92 42.21
CA PHE G 311 50.37 -16.86 41.99
C PHE G 311 49.73 -15.51 42.33
N ILE G 312 50.38 -14.73 43.20
CA ILE G 312 49.83 -13.44 43.61
C ILE G 312 50.86 -12.36 43.31
N HIS G 313 50.41 -11.25 42.73
CA HIS G 313 51.35 -10.19 42.45
C HIS G 313 51.98 -9.73 43.75
N GLU G 314 53.28 -9.43 43.70
CA GLU G 314 54.04 -9.13 44.90
C GLU G 314 53.39 -8.02 45.72
N SER G 315 52.63 -7.12 45.08
CA SER G 315 52.06 -5.99 45.79
C SER G 315 50.89 -6.39 46.70
N ILE G 316 50.21 -7.50 46.38
CA ILE G 316 49.04 -7.90 47.16
C ILE G 316 49.18 -9.28 47.77
N HIS G 317 50.37 -9.90 47.65
CA HIS G 317 50.59 -11.27 48.11
C HIS G 317 50.21 -11.45 49.58
N ASP G 318 50.78 -10.63 50.46
CA ASP G 318 50.58 -10.86 51.89
C ASP G 318 49.13 -10.60 52.29
N GLU G 319 48.45 -9.65 51.66
CA GLU G 319 47.06 -9.41 52.02
C GLU G 319 46.17 -10.59 51.61
N VAL G 320 46.36 -11.10 50.40
CA VAL G 320 45.56 -12.24 49.96
C VAL G 320 45.78 -13.44 50.89
N VAL G 321 47.05 -13.72 51.19
CA VAL G 321 47.38 -14.82 52.09
C VAL G 321 46.72 -14.61 53.45
N ASN G 322 46.72 -13.38 53.94
CA ASN G 322 46.07 -13.11 55.22
C ASN G 322 44.57 -13.31 55.12
N ARG G 323 43.94 -12.76 54.08
CA ARG G 323 42.51 -12.92 53.92
C ARG G 323 42.13 -14.38 53.69
N LEU G 324 43.02 -15.17 53.09
CA LEU G 324 42.73 -16.59 52.89
C LEU G 324 42.88 -17.39 54.20
N LYS G 325 43.95 -17.14 54.96
CA LYS G 325 44.08 -17.78 56.27
C LYS G 325 42.82 -17.58 57.09
N LYS G 326 42.36 -16.33 57.17
CA LYS G 326 41.16 -16.01 57.93
C LYS G 326 39.96 -16.81 57.45
N ALA G 327 39.84 -17.02 56.14
CA ALA G 327 38.72 -17.78 55.62
C ALA G 327 38.87 -19.27 55.92
N TYR G 328 40.10 -19.78 55.89
CA TYR G 328 40.31 -21.20 56.17
C TYR G 328 39.94 -21.53 57.62
N ALA G 329 40.17 -20.60 58.54
CA ALA G 329 39.88 -20.84 59.95
C ALA G 329 38.40 -21.00 60.20
N GLN G 330 37.56 -20.50 59.30
CA GLN G 330 36.12 -20.63 59.45
C GLN G 330 35.56 -21.79 58.64
N ILE G 331 36.41 -22.58 57.97
CA ILE G 331 35.94 -23.77 57.28
C ILE G 331 35.38 -24.76 58.29
N ARG G 332 34.14 -25.18 58.08
CA ARG G 332 33.46 -26.09 59.00
C ARG G 332 33.70 -27.53 58.56
N VAL G 333 34.23 -28.35 59.49
CA VAL G 333 34.60 -29.74 59.23
C VAL G 333 33.57 -30.67 59.85
N GLY G 334 33.33 -31.81 59.21
CA GLY G 334 32.46 -32.82 59.80
C GLY G 334 32.12 -33.93 58.81
N ASN G 335 31.12 -34.72 59.18
CA ASN G 335 30.59 -35.74 58.29
C ASN G 335 30.07 -35.08 57.02
N PRO G 336 30.51 -35.52 55.83
CA PRO G 336 30.18 -34.76 54.60
C PRO G 336 28.69 -34.72 54.29
N TRP G 337 27.91 -35.64 54.82
CA TRP G 337 26.48 -35.61 54.57
C TRP G 337 25.71 -34.84 55.64
N ASP G 338 26.39 -34.41 56.71
CA ASP G 338 25.80 -33.63 57.78
C ASP G 338 25.61 -32.18 57.37
N PRO G 339 24.70 -31.46 58.02
CA PRO G 339 24.40 -30.09 57.58
C PRO G 339 25.50 -29.12 57.92
N ASN G 340 25.54 -28.02 57.18
CA ASN G 340 26.51 -26.96 57.38
C ASN G 340 27.95 -27.40 57.15
N VAL G 341 28.19 -28.67 56.84
CA VAL G 341 29.56 -29.12 56.66
C VAL G 341 30.10 -28.62 55.33
N LEU G 342 31.25 -27.95 55.38
CA LEU G 342 31.93 -27.47 54.18
C LEU G 342 33.07 -28.38 53.74
N TYR G 343 33.54 -29.26 54.62
CA TYR G 343 34.81 -29.93 54.43
C TYR G 343 34.70 -31.34 54.98
N GLY G 344 34.82 -32.32 54.09
CA GLY G 344 34.81 -33.70 54.49
C GLY G 344 36.19 -34.31 54.48
N PRO G 345 36.25 -35.63 54.55
CA PRO G 345 37.53 -36.32 54.64
C PRO G 345 38.12 -36.55 53.26
N LEU G 346 39.41 -36.86 53.25
CA LEU G 346 40.03 -37.40 52.05
C LEU G 346 39.55 -38.84 51.83
N HIS G 347 39.77 -39.33 50.61
CA HIS G 347 39.11 -40.56 50.17
C HIS G 347 39.69 -41.81 50.84
N THR G 348 41.01 -41.88 51.04
CA THR G 348 41.64 -43.06 51.61
C THR G 348 42.59 -42.69 52.73
N LYS G 349 42.96 -43.71 53.52
CA LYS G 349 44.00 -43.51 54.52
C LYS G 349 45.34 -43.16 53.87
N GLN G 350 45.62 -43.74 52.70
CA GLN G 350 46.89 -43.47 52.05
C GLN G 350 47.03 -42.00 51.70
N ALA G 351 45.95 -41.40 51.19
CA ALA G 351 45.98 -39.98 50.85
C ALA G 351 46.26 -39.10 52.06
N VAL G 352 45.84 -39.54 53.24
CA VAL G 352 46.24 -38.88 54.49
C VAL G 352 47.76 -38.90 54.61
N SER G 353 48.35 -40.09 54.41
CA SER G 353 49.80 -40.24 54.52
C SER G 353 50.53 -39.50 53.41
N MET G 354 49.96 -39.46 52.21
CA MET G 354 50.60 -38.70 51.15
C MET G 354 50.44 -37.19 51.37
N PHE G 355 49.35 -36.78 52.01
CA PHE G 355 49.22 -35.38 52.43
C PHE G 355 50.35 -35.01 53.36
N LEU G 356 50.60 -35.84 54.38
CA LEU G 356 51.71 -35.60 55.27
C LEU G 356 53.03 -35.59 54.51
N GLY G 357 53.19 -36.48 53.53
CA GLY G 357 54.45 -36.55 52.81
C GLY G 357 54.71 -35.30 51.98
N ALA G 358 53.67 -34.78 51.33
CA ALA G 358 53.84 -33.57 50.54
C ALA G 358 54.05 -32.35 51.41
N VAL G 359 53.42 -32.31 52.59
CA VAL G 359 53.64 -31.18 53.50
C VAL G 359 55.08 -31.15 53.96
N GLU G 360 55.60 -32.30 54.40
CA GLU G 360 56.99 -32.38 54.83
C GLU G 360 57.92 -32.02 53.68
N GLU G 361 57.67 -32.57 52.50
CA GLU G 361 58.52 -32.27 51.35
C GLU G 361 58.55 -30.76 51.06
N ALA G 362 57.41 -30.08 51.22
CA ALA G 362 57.37 -28.65 50.97
C ALA G 362 58.23 -27.89 51.97
N LYS G 363 58.19 -28.28 53.24
CA LYS G 363 59.09 -27.69 54.23
C LYS G 363 60.54 -27.85 53.80
N LYS G 364 60.94 -29.06 53.42
CA LYS G 364 62.32 -29.32 53.03
C LYS G 364 62.74 -28.42 51.88
N GLU G 365 61.81 -28.09 50.99
CA GLU G 365 62.13 -27.28 49.83
C GLU G 365 62.02 -25.79 50.10
N GLY G 366 61.91 -25.40 51.36
CA GLY G 366 61.92 -24.00 51.73
C GLY G 366 60.56 -23.38 51.95
N GLY G 367 59.50 -24.17 51.96
CA GLY G 367 58.16 -23.64 52.12
C GLY G 367 57.77 -23.46 53.57
N THR G 368 56.90 -22.49 53.82
CA THR G 368 56.36 -22.24 55.15
C THR G 368 54.87 -22.56 55.14
N VAL G 369 54.45 -23.43 56.06
CA VAL G 369 53.04 -23.70 56.30
C VAL G 369 52.48 -22.53 57.11
N VAL G 370 51.82 -21.58 56.44
CA VAL G 370 51.18 -20.50 57.17
C VAL G 370 49.81 -20.92 57.70
N TYR G 371 49.21 -21.98 57.15
CA TYR G 371 47.97 -22.50 57.69
C TYR G 371 47.94 -24.01 57.46
N GLY G 372 47.43 -24.73 58.45
CA GLY G 372 47.12 -26.14 58.30
C GLY G 372 48.34 -27.03 58.45
N GLY G 373 48.45 -28.04 57.58
CA GLY G 373 49.59 -28.93 57.52
C GLY G 373 49.53 -30.17 58.39
N LYS G 374 48.46 -30.37 59.16
CA LYS G 374 48.40 -31.49 60.09
C LYS G 374 47.20 -32.39 59.79
N VAL G 375 47.30 -33.64 60.26
CA VAL G 375 46.15 -34.55 60.25
C VAL G 375 45.23 -34.19 61.40
N MET G 376 43.94 -34.01 61.10
CA MET G 376 42.96 -33.75 62.14
C MET G 376 42.80 -34.98 63.03
N ASP G 377 42.96 -34.79 64.33
CA ASP G 377 42.81 -35.89 65.28
C ASP G 377 41.32 -36.15 65.46
N ARG G 378 40.79 -37.04 64.64
CA ARG G 378 39.39 -37.43 64.65
C ARG G 378 39.23 -38.66 63.77
N PRO G 379 38.12 -39.38 63.90
CA PRO G 379 37.92 -40.56 63.07
C PRO G 379 37.70 -40.18 61.62
N GLY G 380 38.12 -41.09 60.74
CA GLY G 380 38.07 -40.83 59.32
C GLY G 380 39.38 -40.26 58.82
N ASN G 381 39.36 -39.86 57.55
CA ASN G 381 40.58 -39.47 56.84
C ASN G 381 40.67 -37.96 56.70
N TYR G 382 40.56 -37.24 57.82
CA TYR G 382 40.49 -35.78 57.82
C TYR G 382 41.88 -35.18 58.00
N VAL G 383 42.24 -34.26 57.10
CA VAL G 383 43.44 -33.44 57.24
C VAL G 383 43.06 -31.96 57.13
N GLU G 384 43.92 -31.12 57.69
CA GLU G 384 43.69 -29.68 57.63
C GLU G 384 43.97 -29.14 56.23
N PRO G 385 43.11 -28.27 55.69
CA PRO G 385 43.47 -27.60 54.44
C PRO G 385 44.66 -26.69 54.67
N THR G 386 45.59 -26.71 53.73
CA THR G 386 46.93 -26.21 53.95
C THR G 386 47.28 -25.11 52.95
N ILE G 387 48.00 -24.09 53.43
CA ILE G 387 48.59 -23.06 52.58
C ILE G 387 50.08 -23.03 52.83
N VAL G 388 50.86 -23.00 51.75
CA VAL G 388 52.32 -23.06 51.80
C VAL G 388 52.84 -21.89 50.99
N THR G 389 53.60 -21.00 51.64
CA THR G 389 54.19 -19.84 51.02
C THR G 389 55.70 -20.02 50.93
N GLY G 390 56.34 -19.24 50.05
CA GLY G 390 57.78 -19.13 50.04
C GLY G 390 58.52 -20.00 49.05
N LEU G 391 57.87 -20.99 48.44
CA LEU G 391 58.56 -21.82 47.47
C LEU G 391 58.75 -21.04 46.17
N GLY G 392 59.80 -21.38 45.42
CA GLY G 392 59.93 -20.89 44.06
C GLY G 392 59.00 -21.62 43.11
N HIS G 393 58.57 -20.91 42.07
CA HIS G 393 57.54 -21.43 41.17
C HIS G 393 57.90 -22.79 40.59
N ASP G 394 59.19 -23.09 40.49
CA ASP G 394 59.69 -24.33 39.90
C ASP G 394 59.93 -25.44 40.91
N ALA G 395 59.58 -25.23 42.18
CA ALA G 395 59.84 -26.22 43.24
C ALA G 395 59.33 -27.59 42.84
N SER G 396 60.11 -28.62 43.17
CA SER G 396 59.78 -29.97 42.74
C SER G 396 58.40 -30.40 43.23
N ILE G 397 58.07 -30.09 44.48
CA ILE G 397 56.78 -30.49 45.02
C ILE G 397 55.64 -29.75 44.34
N ALA G 398 55.89 -28.57 43.78
CA ALA G 398 54.86 -27.83 43.07
C ALA G 398 54.55 -28.39 41.69
N HIS G 399 55.47 -29.15 41.09
CA HIS G 399 55.23 -29.81 39.81
C HIS G 399 54.85 -31.27 40.05
N THR G 400 53.81 -31.43 40.86
CA THR G 400 53.39 -32.73 41.36
C THR G 400 51.89 -32.64 41.62
N GLU G 401 51.14 -33.65 41.21
CA GLU G 401 49.72 -33.73 41.54
C GLU G 401 49.58 -34.64 42.75
N THR G 402 49.35 -34.03 43.91
CA THR G 402 48.96 -34.74 45.11
C THR G 402 47.50 -34.40 45.38
N PHE G 403 46.65 -35.42 45.43
CA PHE G 403 45.22 -35.23 45.67
C PHE G 403 44.97 -34.94 47.16
N ALA G 404 45.65 -33.90 47.64
CA ALA G 404 45.54 -33.45 49.01
C ALA G 404 45.31 -31.94 49.00
N PRO G 405 44.59 -31.42 49.99
CA PRO G 405 44.30 -29.98 50.01
C PRO G 405 45.53 -29.15 50.37
N ILE G 406 46.50 -29.08 49.48
CA ILE G 406 47.68 -28.25 49.70
C ILE G 406 47.72 -27.20 48.62
N LEU G 407 47.69 -25.92 49.03
CA LEU G 407 47.76 -24.79 48.10
C LEU G 407 49.15 -24.16 48.19
N TYR G 408 49.89 -24.22 47.08
CA TYR G 408 51.20 -23.59 47.01
C TYR G 408 51.06 -22.18 46.46
N VAL G 409 51.60 -21.21 47.20
CA VAL G 409 51.45 -19.78 46.91
C VAL G 409 52.80 -19.22 46.46
N PHE G 410 52.79 -18.50 45.34
CA PHE G 410 53.97 -17.92 44.75
C PHE G 410 53.75 -16.43 44.51
N LYS G 411 54.84 -15.66 44.54
CA LYS G 411 54.81 -14.27 44.12
C LYS G 411 55.22 -14.16 42.65
N PHE G 412 54.74 -13.11 42.00
CA PHE G 412 55.21 -12.77 40.66
C PHE G 412 55.12 -11.26 40.50
N LYS G 413 55.78 -10.77 39.45
CA LYS G 413 55.72 -9.35 39.14
C LYS G 413 55.12 -9.09 37.77
N ASN G 414 55.53 -9.83 36.74
CA ASN G 414 55.26 -9.47 35.36
C ASN G 414 54.25 -10.44 34.74
N GLU G 415 53.49 -9.95 33.77
CA GLU G 415 52.48 -10.77 33.12
C GLU G 415 53.12 -11.92 32.35
N GLU G 416 54.18 -11.63 31.59
CA GLU G 416 54.78 -12.64 30.70
C GLU G 416 55.37 -13.79 31.49
N GLU G 417 56.10 -13.49 32.57
CA GLU G 417 56.72 -14.56 33.36
C GLU G 417 55.67 -15.44 34.02
N VAL G 418 54.59 -14.83 34.55
CA VAL G 418 53.60 -15.62 35.28
C VAL G 418 52.79 -16.46 34.30
N PHE G 419 52.51 -15.92 33.10
CA PHE G 419 51.91 -16.75 32.06
C PHE G 419 52.79 -17.96 31.78
N ALA G 420 54.10 -17.74 31.63
CA ALA G 420 55.02 -18.85 31.41
C ALA G 420 54.99 -19.82 32.58
N TRP G 421 54.91 -19.32 33.80
CA TRP G 421 54.91 -20.22 34.95
C TRP G 421 53.63 -21.04 34.98
N ASN G 422 52.52 -20.45 34.54
CA ASN G 422 51.32 -21.25 34.38
C ASN G 422 51.57 -22.42 33.44
N ASN G 423 52.25 -22.16 32.33
CA ASN G 423 52.45 -23.10 31.25
C ASN G 423 53.64 -24.03 31.47
N GLU G 424 54.48 -23.79 32.48
CA GLU G 424 55.71 -24.57 32.62
C GLU G 424 55.47 -26.02 32.98
N VAL G 425 54.32 -26.35 33.61
CA VAL G 425 54.08 -27.70 34.11
C VAL G 425 53.71 -28.64 32.97
N LYS G 426 53.72 -29.93 33.26
CA LYS G 426 53.35 -30.95 32.28
C LYS G 426 51.84 -31.04 32.06
N GLN G 427 51.05 -30.78 33.08
CA GLN G 427 49.61 -30.88 33.00
C GLN G 427 49.04 -29.65 32.27
N GLY G 428 47.87 -29.83 31.65
CA GLY G 428 47.27 -28.70 30.95
C GLY G 428 45.75 -28.63 31.01
N LEU G 429 45.17 -28.73 32.21
CA LEU G 429 43.71 -28.87 32.33
C LEU G 429 43.03 -27.52 32.50
N SER G 430 43.19 -26.90 33.67
CA SER G 430 42.47 -25.67 33.97
C SER G 430 43.44 -24.57 34.40
N SER G 431 43.01 -23.32 34.19
CA SER G 431 43.80 -22.16 34.56
C SER G 431 42.85 -20.99 34.77
N SER G 432 43.31 -20.02 35.55
CA SER G 432 42.50 -18.87 35.87
C SER G 432 43.37 -17.66 36.24
N ILE G 433 43.00 -16.49 35.71
CA ILE G 433 43.59 -15.22 36.12
C ILE G 433 42.49 -14.33 36.67
N PHE G 434 42.85 -13.50 37.63
CA PHE G 434 41.96 -12.47 38.17
C PHE G 434 42.55 -11.11 37.85
N THR G 435 41.80 -10.30 37.10
CA THR G 435 42.27 -9.01 36.65
C THR G 435 41.09 -8.29 36.03
N LYS G 436 41.19 -6.97 35.97
CA LYS G 436 40.21 -6.19 35.23
C LYS G 436 40.75 -5.75 33.87
N ASP G 437 42.00 -6.09 33.54
CA ASP G 437 42.66 -5.51 32.37
C ASP G 437 42.17 -6.20 31.11
N LEU G 438 41.47 -5.44 30.26
CA LEU G 438 40.90 -5.98 29.03
C LEU G 438 41.96 -6.62 28.15
N GLY G 439 43.05 -5.90 27.87
CA GLY G 439 44.11 -6.48 27.06
C GLY G 439 44.66 -7.77 27.65
N ARG G 440 45.01 -7.74 28.92
CA ARG G 440 45.54 -8.93 29.60
C ARG G 440 44.60 -10.12 29.42
N ILE G 441 43.30 -9.90 29.59
CA ILE G 441 42.32 -10.98 29.44
C ILE G 441 42.40 -11.59 28.03
N PHE G 442 42.39 -10.74 27.00
CA PHE G 442 42.43 -11.27 25.65
C PHE G 442 43.80 -11.83 25.30
N ARG G 443 44.88 -11.33 25.89
CA ARG G 443 46.18 -11.97 25.68
C ARG G 443 46.19 -13.38 26.29
N TRP G 444 45.57 -13.52 27.46
CA TRP G 444 45.44 -14.81 28.16
C TRP G 444 44.67 -15.85 27.32
N LEU G 445 43.63 -15.40 26.60
CA LEU G 445 42.84 -16.28 25.76
C LEU G 445 43.47 -16.56 24.40
N GLY G 446 44.57 -15.90 24.06
CA GLY G 446 45.12 -15.99 22.73
C GLY G 446 46.38 -16.84 22.68
N PRO G 447 47.08 -16.79 21.55
CA PRO G 447 48.09 -17.83 21.24
C PRO G 447 49.31 -17.79 22.15
N LYS G 448 49.60 -16.67 22.81
CA LYS G 448 50.67 -16.56 23.80
C LYS G 448 50.11 -16.56 25.21
N GLY G 449 48.85 -16.96 25.39
CA GLY G 449 48.22 -17.00 26.70
C GLY G 449 48.31 -18.35 27.40
N SER G 450 47.24 -18.74 28.09
CA SER G 450 47.25 -20.03 28.80
C SER G 450 47.23 -21.18 27.81
N ASP G 451 48.01 -22.22 28.09
CA ASP G 451 48.06 -23.38 27.24
C ASP G 451 47.08 -24.49 27.68
N CYS G 452 46.12 -24.18 28.54
CA CYS G 452 45.23 -25.21 29.08
C CYS G 452 43.96 -25.36 28.24
N GLY G 453 43.24 -26.47 28.48
CA GLY G 453 41.97 -26.66 27.83
C GLY G 453 40.85 -25.84 28.41
N ILE G 454 41.03 -25.37 29.64
CA ILE G 454 40.09 -24.54 30.37
C ILE G 454 40.83 -23.29 30.80
N VAL G 455 40.36 -22.12 30.38
CA VAL G 455 41.08 -20.85 30.48
C VAL G 455 40.07 -19.84 31.00
N ASN G 456 40.09 -19.60 32.30
CA ASN G 456 39.06 -18.86 33.00
C ASN G 456 39.54 -17.47 33.42
N VAL G 457 38.59 -16.54 33.54
CA VAL G 457 38.86 -15.17 33.99
C VAL G 457 37.92 -14.84 35.15
N ASN G 458 38.50 -14.50 36.30
CA ASN G 458 37.75 -14.04 37.47
C ASN G 458 36.81 -15.12 38.03
N ILE G 459 37.19 -16.40 37.91
CA ILE G 459 36.48 -17.51 38.55
C ILE G 459 37.48 -18.60 38.91
N PRO G 460 37.15 -19.54 39.79
CA PRO G 460 38.10 -20.61 40.12
C PRO G 460 38.42 -21.47 38.92
N THR G 461 39.45 -22.31 39.11
CA THR G 461 39.83 -23.29 38.10
C THR G 461 38.79 -24.41 37.97
N SER G 462 37.93 -24.56 38.97
CA SER G 462 36.97 -25.66 39.02
C SER G 462 35.58 -25.13 38.70
N GLY G 463 34.64 -26.07 38.63
CA GLY G 463 33.25 -25.71 38.44
C GLY G 463 32.85 -25.34 37.03
N ALA G 464 33.34 -26.08 36.04
CA ALA G 464 32.90 -25.87 34.67
C ALA G 464 31.43 -26.21 34.53
N GLU G 465 30.80 -25.67 33.47
CA GLU G 465 29.44 -26.03 33.10
C GLU G 465 29.44 -26.87 31.83
N ILE G 466 28.29 -27.49 31.55
CA ILE G 466 28.25 -28.57 30.56
C ILE G 466 28.13 -28.11 29.11
N GLY G 467 27.83 -26.84 28.86
CA GLY G 467 27.68 -26.36 27.49
C GLY G 467 28.95 -26.37 26.66
N GLY G 468 30.13 -26.34 27.30
CA GLY G 468 31.39 -26.33 26.60
C GLY G 468 32.16 -27.64 26.77
N ALA G 469 33.10 -27.93 25.86
CA ALA G 469 33.89 -29.15 25.96
C ALA G 469 34.81 -29.10 27.18
N PHE G 470 35.05 -30.28 27.76
CA PHE G 470 35.80 -30.39 29.01
C PHE G 470 36.99 -31.31 28.79
N GLY G 471 38.18 -30.83 29.13
CA GLY G 471 39.40 -31.58 28.89
C GLY G 471 40.60 -30.66 28.93
N GLY G 472 41.79 -31.28 28.79
CA GLY G 472 43.04 -30.55 28.90
C GLY G 472 44.02 -30.94 27.81
N GLU G 473 45.13 -30.21 27.79
CA GLU G 473 46.19 -30.40 26.82
C GLU G 473 47.40 -31.03 27.49
N LYS G 474 48.46 -31.21 26.71
CA LYS G 474 49.76 -31.68 27.20
C LYS G 474 49.53 -33.01 27.92
N HIS G 475 50.07 -33.21 29.12
CA HIS G 475 49.93 -34.48 29.82
C HIS G 475 48.54 -34.71 30.39
N THR G 476 47.58 -33.81 30.16
CA THR G 476 46.20 -34.08 30.57
C THR G 476 45.48 -35.02 29.61
N GLY G 477 45.98 -35.18 28.38
CA GLY G 477 45.58 -36.30 27.52
C GLY G 477 44.94 -35.89 26.20
N GLY G 478 44.22 -34.77 26.18
CA GLY G 478 43.71 -34.22 24.94
C GLY G 478 42.24 -34.47 24.67
N GLY G 479 41.65 -35.48 25.30
CA GLY G 479 40.24 -35.75 25.05
C GLY G 479 39.35 -34.63 25.55
N ARG G 480 38.15 -34.57 24.97
CA ARG G 480 37.12 -33.64 25.43
C ARG G 480 35.83 -34.40 25.69
N GLU G 481 35.18 -34.06 26.81
CA GLU G 481 33.88 -34.61 27.17
C GLU G 481 32.84 -33.49 27.18
N SER G 482 31.57 -33.89 27.17
CA SER G 482 30.41 -33.05 27.49
C SER G 482 29.93 -32.20 26.31
N GLY G 483 30.17 -30.89 26.33
CA GLY G 483 29.50 -29.95 25.45
C GLY G 483 30.24 -29.61 24.17
N SER G 484 29.73 -28.61 23.47
CA SER G 484 30.23 -28.16 22.15
C SER G 484 30.09 -29.36 21.21
N ASP G 485 31.02 -29.56 20.27
CA ASP G 485 30.97 -30.72 19.40
C ASP G 485 31.84 -31.86 19.91
N ALA G 486 31.98 -31.98 21.24
CA ALA G 486 32.68 -33.12 21.84
C ALA G 486 32.13 -34.45 21.34
N TRP G 487 30.86 -34.46 20.97
CA TRP G 487 30.21 -35.70 20.54
C TRP G 487 30.93 -36.36 19.37
N LYS G 488 31.58 -35.57 18.53
CA LYS G 488 32.24 -36.13 17.35
C LYS G 488 33.26 -37.17 17.74
N GLN G 489 33.79 -37.11 18.97
CA GLN G 489 34.73 -38.13 19.41
C GLN G 489 34.07 -39.47 19.66
N TYR G 490 32.75 -39.52 19.78
CA TYR G 490 32.06 -40.78 19.96
C TYR G 490 31.50 -41.30 18.65
N MET G 491 31.91 -40.72 17.53
CA MET G 491 31.33 -41.04 16.24
C MET G 491 32.43 -41.06 15.20
N ARG G 492 32.21 -41.81 14.14
CA ARG G 492 33.13 -41.84 13.02
C ARG G 492 32.56 -40.99 11.91
N ARG G 493 33.43 -40.19 11.30
CA ARG G 493 33.06 -39.33 10.20
C ARG G 493 33.26 -40.07 8.90
N SER G 494 32.38 -39.84 7.95
CA SER G 494 32.61 -40.32 6.61
C SER G 494 32.27 -39.18 5.66
N THR G 495 33.09 -39.07 4.62
CA THR G 495 32.90 -38.11 3.55
C THR G 495 32.37 -38.89 2.35
N CYS G 496 31.15 -38.55 1.92
CA CYS G 496 30.37 -39.39 1.03
C CYS G 496 30.02 -38.61 -0.22
N THR G 497 30.37 -39.17 -1.36
CA THR G 497 30.14 -38.52 -2.66
C THR G 497 29.27 -39.44 -3.48
N ILE G 498 28.09 -38.95 -3.87
CA ILE G 498 27.09 -39.74 -4.58
C ILE G 498 26.98 -39.19 -5.98
N ASN G 499 27.36 -39.99 -6.97
CA ASN G 499 27.08 -39.68 -8.36
C ASN G 499 25.67 -40.16 -8.69
N TYR G 500 24.75 -39.24 -8.93
CA TYR G 500 23.41 -39.58 -9.41
C TYR G 500 23.24 -39.27 -10.89
N SER G 501 24.34 -39.07 -11.62
CA SER G 501 24.35 -38.77 -13.04
C SER G 501 24.76 -40.00 -13.85
N LYS G 502 24.87 -39.81 -15.16
CA LYS G 502 25.38 -40.82 -16.07
C LYS G 502 26.85 -40.62 -16.43
N ASP G 503 27.51 -39.63 -15.85
CA ASP G 503 28.86 -39.21 -16.24
C ASP G 503 29.87 -39.48 -15.13
N LEU G 504 31.15 -39.46 -15.50
CA LEU G 504 32.25 -39.69 -14.57
C LEU G 504 33.25 -38.54 -14.55
N PRO G 505 32.82 -37.33 -14.22
CA PRO G 505 33.77 -36.21 -14.15
C PRO G 505 34.73 -36.41 -12.99
N LEU G 506 36.03 -36.34 -13.27
CA LEU G 506 37.05 -36.56 -12.24
C LEU G 506 37.44 -35.25 -11.55
N ALA G 507 37.73 -35.36 -10.25
CA ALA G 507 38.15 -34.20 -9.47
C ALA G 507 39.45 -33.62 -10.03
N GLN G 508 39.61 -32.31 -9.81
CA GLN G 508 40.70 -31.51 -10.39
C GLN G 508 40.75 -31.63 -11.91
N GLY G 509 39.60 -31.89 -12.53
CA GLY G 509 39.50 -31.89 -13.98
C GLY G 509 40.40 -32.89 -14.69
N ILE G 510 40.85 -33.94 -14.00
CA ILE G 510 41.78 -34.88 -14.61
C ILE G 510 41.09 -35.59 -15.77
N LYS G 511 41.76 -35.61 -16.92
CA LYS G 511 41.29 -36.33 -18.10
C LYS G 511 41.94 -37.71 -18.13
N PHE G 512 41.12 -38.75 -18.03
CA PHE G 512 41.61 -40.13 -17.98
C PHE G 512 40.78 -41.06 -18.88
N THR H 5 75.13 -37.41 -18.15
CA THR H 5 74.73 -38.60 -17.40
C THR H 5 73.54 -38.33 -16.45
N LEU H 6 73.59 -37.24 -15.71
CA LEU H 6 72.41 -36.78 -14.98
C LEU H 6 71.42 -36.17 -15.97
N LEU H 7 70.14 -36.51 -15.82
CA LEU H 7 69.14 -36.01 -16.75
C LEU H 7 69.07 -34.48 -16.74
N ILE H 8 69.31 -33.85 -15.58
CA ILE H 8 69.25 -32.38 -15.50
C ILE H 8 70.38 -31.73 -16.28
N ASN H 9 71.47 -32.45 -16.53
CA ASN H 9 72.55 -31.96 -17.39
C ASN H 9 72.30 -32.23 -18.87
N GLN H 10 71.13 -32.76 -19.24
CA GLN H 10 70.78 -32.98 -20.64
C GLN H 10 69.85 -31.88 -21.14
N PRO H 11 70.08 -31.36 -22.35
CA PRO H 11 69.33 -30.17 -22.79
C PRO H 11 67.82 -30.40 -22.88
N GLN H 12 67.38 -31.63 -23.15
CA GLN H 12 65.94 -31.92 -23.24
C GLN H 12 65.24 -31.78 -21.90
N TYR H 13 65.99 -31.83 -20.79
CA TYR H 13 65.43 -31.64 -19.45
C TYR H 13 65.82 -30.30 -18.86
N ALA H 14 66.05 -29.30 -19.72
CA ALA H 14 66.42 -27.97 -19.24
C ALA H 14 65.29 -27.33 -18.43
N TRP H 15 64.04 -27.64 -18.76
CA TRP H 15 62.89 -27.12 -18.03
C TRP H 15 63.00 -27.34 -16.51
N LEU H 16 63.81 -28.30 -16.07
CA LEU H 16 64.04 -28.46 -14.64
C LEU H 16 64.60 -27.19 -14.01
N LYS H 17 65.32 -26.38 -14.78
CA LYS H 17 65.88 -25.15 -14.26
C LYS H 17 64.81 -24.17 -13.84
N GLU H 18 63.70 -24.11 -14.59
CA GLU H 18 62.55 -23.29 -14.22
C GLU H 18 62.04 -23.57 -12.80
N LEU H 19 62.47 -24.67 -12.18
CA LEU H 19 62.12 -24.93 -10.78
C LEU H 19 63.27 -24.60 -9.83
N GLY H 20 64.36 -24.04 -10.33
CA GLY H 20 65.50 -23.76 -9.49
C GLY H 20 66.34 -24.97 -9.13
N LEU H 21 66.13 -26.10 -9.82
CA LEU H 21 66.90 -27.30 -9.54
C LEU H 21 68.22 -27.27 -10.29
N ARG H 22 69.26 -27.83 -9.69
CA ARG H 22 70.52 -27.94 -10.40
C ARG H 22 71.10 -29.31 -10.08
N GLU H 23 72.37 -29.50 -10.43
CA GLU H 23 72.97 -30.83 -10.36
C GLU H 23 72.91 -31.39 -8.95
N GLU H 24 73.34 -30.62 -7.96
CA GLU H 24 73.30 -31.03 -6.56
C GLU H 24 72.57 -29.95 -5.78
N ASN H 25 71.51 -30.32 -5.07
CA ASN H 25 70.61 -29.36 -4.44
C ASN H 25 70.64 -29.50 -2.91
N GLU H 26 70.48 -28.36 -2.24
CA GLU H 26 70.33 -28.34 -0.80
C GLU H 26 68.95 -28.85 -0.41
N GLY H 27 68.90 -29.79 0.53
CA GLY H 27 67.66 -30.41 0.97
C GLY H 27 67.12 -29.93 2.29
N VAL H 28 67.74 -28.92 2.89
CA VAL H 28 67.31 -28.32 4.14
C VAL H 28 67.03 -26.85 3.86
N TYR H 29 65.86 -26.39 4.29
CA TYR H 29 65.55 -24.97 4.24
C TYR H 29 64.97 -24.56 5.59
N ASN H 30 65.46 -23.46 6.13
CA ASN H 30 64.90 -22.93 7.38
C ASN H 30 64.94 -21.41 7.39
N GLY H 31 64.92 -20.79 6.21
CA GLY H 31 65.28 -19.42 5.99
C GLY H 31 66.59 -19.29 5.24
N SER H 32 67.49 -20.25 5.46
CA SER H 32 68.69 -20.46 4.68
C SER H 32 68.72 -21.90 4.18
N TRP H 33 69.31 -22.09 3.02
CA TRP H 33 69.43 -23.39 2.38
C TRP H 33 70.72 -24.09 2.82
N GLY H 34 70.62 -25.39 3.08
CA GLY H 34 71.78 -26.17 3.42
C GLY H 34 71.50 -27.66 3.31
N GLY H 35 72.31 -28.42 4.04
CA GLY H 35 72.23 -29.88 4.07
C GLY H 35 73.62 -30.47 4.24
N ARG H 36 73.92 -30.96 5.44
CA ARG H 36 75.22 -31.53 5.73
C ARG H 36 75.16 -33.05 5.87
N GLY H 37 73.99 -33.66 5.70
CA GLY H 37 73.85 -35.10 5.74
C GLY H 37 74.27 -35.76 4.44
N GLU H 38 73.82 -37.01 4.28
CA GLU H 38 74.15 -37.81 3.10
C GLU H 38 73.53 -37.21 1.84
N VAL H 39 74.30 -37.22 0.76
CA VAL H 39 73.83 -36.79 -0.54
C VAL H 39 73.13 -37.95 -1.23
N ILE H 40 71.90 -37.74 -1.65
CA ILE H 40 71.08 -38.78 -2.26
C ILE H 40 70.85 -38.43 -3.73
N THR H 41 70.88 -39.43 -4.58
CA THR H 41 70.51 -39.30 -5.98
C THR H 41 69.12 -39.90 -6.13
N THR H 42 68.22 -39.17 -6.78
CA THR H 42 66.91 -39.70 -7.13
C THR H 42 66.88 -40.03 -8.61
N TYR H 43 66.11 -41.05 -8.96
CA TYR H 43 66.11 -41.63 -10.30
C TYR H 43 64.74 -41.52 -10.94
N CYS H 44 64.73 -41.47 -12.28
CA CYS H 44 63.49 -41.47 -13.04
C CYS H 44 62.96 -42.91 -13.15
N PRO H 45 61.78 -43.20 -12.62
CA PRO H 45 61.29 -44.59 -12.67
C PRO H 45 60.89 -45.06 -14.06
N ALA H 46 60.78 -44.16 -15.04
CA ALA H 46 60.48 -44.61 -16.39
C ALA H 46 61.69 -45.15 -17.12
N ASN H 47 62.90 -44.88 -16.63
CA ASN H 47 64.09 -45.41 -17.31
C ASN H 47 65.24 -45.71 -16.36
N ASN H 48 65.05 -45.57 -15.05
CA ASN H 48 66.08 -45.84 -14.06
C ASN H 48 67.29 -44.94 -14.23
N GLU H 49 67.10 -43.76 -14.83
CA GLU H 49 68.26 -42.90 -14.99
C GLU H 49 68.32 -41.86 -13.87
N PRO H 50 69.53 -41.50 -13.41
CA PRO H 50 69.64 -40.51 -12.33
C PRO H 50 69.24 -39.12 -12.81
N ILE H 51 68.43 -38.43 -12.00
CA ILE H 51 67.97 -37.09 -12.37
C ILE H 51 68.89 -36.01 -11.79
N ALA H 52 69.07 -36.00 -10.48
CA ALA H 52 69.84 -34.98 -9.79
C ALA H 52 70.06 -35.45 -8.36
N ARG H 53 70.77 -34.64 -7.58
CA ARG H 53 71.16 -34.98 -6.21
C ARG H 53 70.63 -33.94 -5.24
N VAL H 54 70.48 -34.36 -3.98
CA VAL H 54 69.92 -33.54 -2.91
C VAL H 54 70.69 -33.83 -1.64
N ARG H 55 71.17 -32.78 -0.96
CA ARG H 55 71.93 -32.96 0.27
C ARG H 55 70.96 -33.06 1.42
N GLN H 56 70.98 -34.16 2.15
CA GLN H 56 69.98 -34.34 3.19
C GLN H 56 70.45 -33.69 4.49
N ALA H 57 69.52 -33.66 5.45
CA ALA H 57 69.73 -33.04 6.75
C ALA H 57 70.59 -33.92 7.64
N SER H 58 71.58 -33.31 8.27
CA SER H 58 72.26 -33.98 9.36
C SER H 58 71.41 -33.84 10.63
N VAL H 59 71.88 -34.46 11.71
CA VAL H 59 71.24 -34.22 13.00
C VAL H 59 71.32 -32.75 13.38
N ALA H 60 72.50 -32.14 13.23
CA ALA H 60 72.64 -30.71 13.50
C ALA H 60 71.72 -29.88 12.60
N ASP H 61 71.60 -30.25 11.32
CA ASP H 61 70.65 -29.55 10.46
C ASP H 61 69.24 -29.65 11.00
N TYR H 62 68.85 -30.84 11.47
CA TYR H 62 67.50 -31.00 12.01
C TYR H 62 67.32 -30.18 13.28
N GLU H 63 68.32 -30.16 14.15
CA GLU H 63 68.24 -29.39 15.39
C GLU H 63 68.10 -27.90 15.11
N GLU H 64 68.96 -27.36 14.25
CA GLU H 64 68.91 -25.92 13.95
C GLU H 64 67.58 -25.56 13.30
N THR H 65 67.06 -26.44 12.46
CA THR H 65 65.84 -26.13 11.74
C THR H 65 64.64 -26.07 12.68
N VAL H 66 64.54 -27.05 13.58
CA VAL H 66 63.44 -27.02 14.54
C VAL H 66 63.51 -25.73 15.36
N LYS H 67 64.71 -25.33 15.78
CA LYS H 67 64.84 -24.11 16.59
C LYS H 67 64.42 -22.88 15.79
N LYS H 68 64.83 -22.80 14.52
CA LYS H 68 64.43 -21.67 13.70
C LYS H 68 62.91 -21.65 13.49
N ALA H 69 62.30 -22.81 13.30
CA ALA H 69 60.86 -22.85 13.08
C ALA H 69 60.10 -22.36 14.32
N ARG H 70 60.58 -22.75 15.51
CA ARG H 70 59.88 -22.35 16.72
C ARG H 70 60.08 -20.88 17.06
N GLU H 71 61.19 -20.29 16.61
CA GLU H 71 61.35 -18.85 16.73
C GLU H 71 60.44 -18.13 15.76
N ALA H 72 60.37 -18.63 14.52
CA ALA H 72 59.47 -18.04 13.54
C ALA H 72 58.00 -18.15 13.96
N TRP H 73 57.65 -19.16 14.76
CA TRP H 73 56.27 -19.30 15.18
C TRP H 73 55.83 -18.11 16.02
N LYS H 74 56.72 -17.60 16.88
CA LYS H 74 56.41 -16.43 17.69
C LYS H 74 55.92 -15.26 16.84
N ILE H 75 56.55 -15.05 15.68
CA ILE H 75 56.09 -14.01 14.76
C ILE H 75 54.80 -14.43 14.06
N TRP H 76 54.78 -15.65 13.53
CA TRP H 76 53.71 -16.05 12.61
C TRP H 76 52.38 -16.12 13.34
N ALA H 77 52.39 -16.70 14.55
CA ALA H 77 51.18 -16.78 15.37
C ALA H 77 50.64 -15.41 15.77
N ASP H 78 51.49 -14.37 15.79
CA ASP H 78 51.02 -13.00 16.07
C ASP H 78 50.40 -12.32 14.86
N ILE H 79 50.47 -12.92 13.69
CA ILE H 79 49.91 -12.32 12.48
C ILE H 79 48.45 -12.74 12.39
N PRO H 80 47.51 -11.81 12.25
CA PRO H 80 46.10 -12.19 12.14
C PRO H 80 45.87 -13.24 11.05
N ALA H 81 44.91 -14.14 11.31
CA ALA H 81 44.68 -15.26 10.41
C ALA H 81 44.31 -14.82 9.00
N PRO H 82 43.47 -13.80 8.78
CA PRO H 82 43.24 -13.38 7.39
C PRO H 82 44.51 -12.95 6.67
N LYS H 83 45.47 -12.37 7.38
CA LYS H 83 46.75 -12.03 6.74
C LYS H 83 47.58 -13.28 6.48
N ARG H 84 47.51 -14.25 7.40
CA ARG H 84 48.05 -15.57 7.08
C ARG H 84 47.38 -16.15 5.84
N GLY H 85 46.07 -15.92 5.69
CA GLY H 85 45.40 -16.34 4.48
C GLY H 85 45.93 -15.67 3.23
N GLU H 86 46.29 -14.37 3.34
CA GLU H 86 46.87 -13.68 2.18
C GLU H 86 48.18 -14.32 1.74
N ILE H 87 48.99 -14.78 2.70
CA ILE H 87 50.22 -15.48 2.35
C ILE H 87 49.90 -16.79 1.61
N VAL H 88 48.89 -17.53 2.08
CA VAL H 88 48.53 -18.79 1.44
C VAL H 88 47.94 -18.55 0.05
N ARG H 89 47.21 -17.44 -0.12
CA ARG H 89 46.71 -17.09 -1.44
C ARG H 89 47.86 -16.82 -2.41
N GLN H 90 48.96 -16.23 -1.94
CA GLN H 90 50.05 -15.95 -2.84
C GLN H 90 50.80 -17.23 -3.19
N ILE H 91 50.83 -18.17 -2.25
CA ILE H 91 51.40 -19.49 -2.52
C ILE H 91 50.61 -20.19 -3.63
N GLY H 92 49.27 -20.15 -3.55
CA GLY H 92 48.45 -20.73 -4.61
C GLY H 92 48.74 -20.12 -5.97
N ASP H 93 48.85 -18.79 -6.03
CA ASP H 93 49.20 -18.17 -7.30
C ASP H 93 50.56 -18.65 -7.78
N ALA H 94 51.54 -18.75 -6.89
CA ALA H 94 52.88 -19.19 -7.29
C ALA H 94 52.88 -20.64 -7.78
N LEU H 95 52.08 -21.50 -7.14
CA LEU H 95 51.88 -22.86 -7.65
C LEU H 95 51.18 -22.86 -9.00
N ARG H 96 50.19 -21.99 -9.19
CA ARG H 96 49.49 -21.92 -10.48
C ARG H 96 50.45 -21.53 -11.61
N GLU H 97 51.29 -20.53 -11.37
CA GLU H 97 52.22 -20.08 -12.41
C GLU H 97 53.21 -21.17 -12.80
N LYS H 98 53.37 -22.19 -11.96
CA LYS H 98 54.34 -23.24 -12.18
C LYS H 98 53.71 -24.60 -12.42
N ILE H 99 52.38 -24.67 -12.57
CA ILE H 99 51.65 -25.94 -12.49
C ILE H 99 52.14 -26.95 -13.53
N GLN H 100 52.52 -26.49 -14.72
CA GLN H 100 52.96 -27.40 -15.76
C GLN H 100 54.38 -27.92 -15.49
N VAL H 101 55.29 -27.01 -15.14
CA VAL H 101 56.65 -27.46 -14.95
C VAL H 101 56.80 -28.23 -13.62
N LEU H 102 55.96 -27.96 -12.63
CA LEU H 102 55.99 -28.78 -11.42
C LEU H 102 55.29 -30.12 -11.65
N GLY H 103 54.21 -30.15 -12.44
CA GLY H 103 53.61 -31.43 -12.82
C GLY H 103 54.59 -32.35 -13.53
N SER H 104 55.37 -31.78 -14.45
CA SER H 104 56.38 -32.57 -15.15
C SER H 104 57.41 -33.17 -14.19
N LEU H 105 57.79 -32.43 -13.14
CA LEU H 105 58.73 -32.99 -12.18
C LEU H 105 58.13 -34.20 -11.47
N VAL H 106 56.88 -34.07 -11.04
CA VAL H 106 56.18 -35.20 -10.43
C VAL H 106 56.15 -36.39 -11.37
N SER H 107 55.84 -36.15 -12.66
CA SER H 107 55.90 -37.24 -13.63
C SER H 107 57.30 -37.81 -13.73
N LEU H 108 58.31 -36.95 -13.70
CA LEU H 108 59.66 -37.40 -13.97
C LEU H 108 60.24 -38.15 -12.77
N GLU H 109 60.04 -37.64 -11.56
CA GLU H 109 60.71 -38.22 -10.40
C GLU H 109 59.85 -39.26 -9.69
N MET H 110 58.55 -39.02 -9.62
CA MET H 110 57.65 -39.98 -9.00
C MET H 110 57.16 -41.03 -10.00
N GLY H 111 56.76 -40.61 -11.19
CA GLY H 111 56.52 -41.52 -12.28
C GLY H 111 55.07 -41.69 -12.69
N LYS H 112 54.18 -40.82 -12.21
CA LYS H 112 52.77 -40.81 -12.61
C LYS H 112 52.60 -39.95 -13.86
N ILE H 113 51.50 -40.19 -14.59
CA ILE H 113 51.34 -39.55 -15.90
C ILE H 113 51.10 -38.05 -15.72
N LEU H 114 51.38 -37.30 -16.81
CA LEU H 114 51.42 -35.84 -16.72
C LEU H 114 50.09 -35.26 -16.24
N VAL H 115 48.96 -35.75 -16.75
CA VAL H 115 47.68 -35.18 -16.34
C VAL H 115 47.45 -35.41 -14.86
N GLU H 116 47.91 -36.53 -14.30
CA GLU H 116 47.74 -36.79 -12.88
C GLU H 116 48.69 -35.93 -12.03
N GLY H 117 49.94 -35.78 -12.48
CA GLY H 117 50.86 -34.92 -11.75
C GLY H 117 50.42 -33.48 -11.74
N VAL H 118 49.91 -33.00 -12.87
CA VAL H 118 49.38 -31.64 -12.93
C VAL H 118 48.16 -31.52 -12.03
N GLY H 119 47.27 -32.49 -12.13
CA GLY H 119 46.10 -32.51 -11.26
C GLY H 119 46.46 -32.59 -9.80
N GLU H 120 47.58 -33.27 -9.49
CA GLU H 120 48.03 -33.30 -8.10
C GLU H 120 48.39 -31.91 -7.62
N VAL H 121 49.14 -31.16 -8.43
CA VAL H 121 49.41 -29.76 -8.10
C VAL H 121 48.11 -28.98 -7.98
N GLN H 122 47.11 -29.33 -8.78
CA GLN H 122 45.86 -28.59 -8.76
C GLN H 122 45.18 -28.70 -7.41
N GLU H 123 45.19 -29.92 -6.83
CA GLU H 123 44.73 -30.10 -5.45
C GLU H 123 45.38 -29.08 -4.52
N TYR H 124 46.70 -28.87 -4.64
CA TYR H 124 47.37 -27.90 -3.79
C TYR H 124 46.83 -26.50 -4.07
N VAL H 125 46.64 -26.17 -5.34
CA VAL H 125 46.06 -24.88 -5.69
C VAL H 125 44.64 -24.78 -5.15
N ASP H 126 43.87 -25.85 -5.26
CA ASP H 126 42.50 -25.83 -4.75
C ASP H 126 42.49 -25.59 -3.25
N ILE H 127 43.35 -26.28 -2.50
CA ILE H 127 43.30 -26.16 -1.05
C ILE H 127 43.77 -24.78 -0.60
N CYS H 128 44.69 -24.16 -1.36
CA CYS H 128 45.06 -22.77 -1.06
C CYS H 128 43.87 -21.85 -1.21
N ASP H 129 43.16 -21.94 -2.35
CA ASP H 129 41.96 -21.13 -2.55
C ASP H 129 40.98 -21.33 -1.41
N TYR H 130 40.84 -22.57 -0.95
CA TYR H 130 39.94 -22.87 0.16
C TYR H 130 40.42 -22.20 1.45
N ALA H 131 41.70 -22.39 1.78
CA ALA H 131 42.22 -21.92 3.06
C ALA H 131 42.09 -20.41 3.19
N VAL H 132 42.13 -19.68 2.08
CA VAL H 132 42.00 -18.22 2.15
C VAL H 132 40.65 -17.83 2.74
N GLY H 133 39.57 -18.44 2.27
CA GLY H 133 38.28 -18.20 2.88
C GLY H 133 38.24 -18.65 4.32
N LEU H 134 38.81 -19.82 4.58
CA LEU H 134 38.80 -20.34 5.94
C LEU H 134 39.56 -19.43 6.91
N SER H 135 40.55 -18.69 6.42
CA SER H 135 41.34 -17.81 7.29
C SER H 135 40.51 -16.69 7.91
N ARG H 136 39.33 -16.39 7.36
CA ARG H 136 38.40 -15.46 7.99
C ARG H 136 37.29 -16.17 8.77
N MET H 137 37.37 -17.49 8.93
CA MET H 137 36.29 -18.25 9.55
C MET H 137 36.69 -19.07 10.76
N ILE H 138 37.92 -19.58 10.82
CA ILE H 138 38.29 -20.52 11.89
C ILE H 138 38.03 -19.90 13.26
N GLY H 139 37.48 -20.70 14.16
CA GLY H 139 37.07 -20.21 15.47
C GLY H 139 36.04 -21.12 16.07
N GLY H 140 35.56 -20.73 17.25
CA GLY H 140 34.57 -21.50 17.96
C GLY H 140 33.33 -20.70 18.30
N PRO H 141 32.36 -21.33 18.94
CA PRO H 141 31.14 -20.61 19.32
C PRO H 141 31.31 -19.82 20.60
N ILE H 142 30.61 -18.69 20.64
CA ILE H 142 30.26 -18.05 21.91
C ILE H 142 29.03 -18.75 22.45
N LEU H 143 29.11 -19.27 23.65
CA LEU H 143 28.01 -20.05 24.14
C LEU H 143 27.27 -19.29 25.24
N PRO H 144 26.00 -19.60 25.47
CA PRO H 144 25.27 -18.94 26.57
C PRO H 144 25.63 -19.58 27.89
N SER H 145 26.31 -18.82 28.74
CA SER H 145 26.65 -19.36 30.05
C SER H 145 25.41 -19.47 30.92
N GLU H 146 25.40 -20.51 31.77
CA GLU H 146 24.32 -20.61 32.75
C GLU H 146 24.53 -19.67 33.94
N ARG H 147 25.65 -18.99 34.01
CA ARG H 147 25.94 -18.11 35.14
C ARG H 147 25.74 -16.66 34.72
N SER H 148 24.99 -15.92 35.52
CA SER H 148 24.70 -14.53 35.24
C SER H 148 25.99 -13.72 35.17
N GLY H 149 26.10 -12.87 34.17
CA GLY H 149 27.26 -12.01 34.04
C GLY H 149 28.54 -12.75 33.73
N HIS H 150 28.45 -13.91 33.08
CA HIS H 150 29.62 -14.63 32.60
C HIS H 150 29.49 -14.84 31.10
N ALA H 151 30.60 -14.69 30.39
CA ALA H 151 30.70 -15.09 29.00
C ALA H 151 31.28 -16.50 28.93
N LEU H 152 30.80 -17.28 27.98
CA LEU H 152 31.32 -18.63 27.72
C LEU H 152 31.76 -18.68 26.26
N ILE H 153 33.02 -19.04 26.05
CA ILE H 153 33.67 -18.82 24.76
C ILE H 153 34.58 -20.00 24.46
N GLU H 154 34.51 -20.51 23.23
CA GLU H 154 35.42 -21.56 22.77
C GLU H 154 36.38 -20.93 21.78
N GLN H 155 37.66 -20.86 22.18
CA GLN H 155 38.74 -20.25 21.41
C GLN H 155 39.60 -21.33 20.77
N TRP H 156 40.21 -21.01 19.62
CA TRP H 156 41.14 -21.92 18.97
C TRP H 156 42.46 -21.20 18.71
N ASN H 157 43.57 -21.85 19.05
CA ASN H 157 44.91 -21.31 18.91
C ASN H 157 45.81 -22.37 18.28
N PRO H 158 46.84 -21.95 17.54
CA PRO H 158 47.71 -22.93 16.88
C PRO H 158 48.35 -23.86 17.89
N VAL H 159 48.73 -25.05 17.42
CA VAL H 159 49.47 -25.97 18.27
C VAL H 159 50.95 -25.66 18.30
N GLY H 160 51.46 -24.92 17.31
CA GLY H 160 52.86 -24.59 17.28
C GLY H 160 53.55 -25.06 16.03
N LEU H 161 54.50 -25.97 16.16
CA LEU H 161 55.15 -26.56 15.00
C LEU H 161 54.40 -27.83 14.62
N VAL H 162 54.07 -27.93 13.33
CA VAL H 162 53.44 -29.10 12.72
C VAL H 162 54.48 -29.77 11.83
N GLY H 163 54.96 -30.94 12.25
CA GLY H 163 55.76 -31.76 11.38
C GLY H 163 54.86 -32.47 10.37
N ILE H 164 55.35 -32.58 9.14
CA ILE H 164 54.60 -33.21 8.05
C ILE H 164 55.53 -34.21 7.39
N ILE H 165 55.22 -35.49 7.54
CA ILE H 165 55.95 -36.57 6.88
C ILE H 165 55.04 -37.14 5.79
N THR H 166 55.55 -37.15 4.57
CA THR H 166 54.77 -37.59 3.42
C THR H 166 55.47 -38.75 2.72
N ALA H 167 54.72 -39.39 1.84
CA ALA H 167 55.18 -40.56 1.11
C ALA H 167 55.49 -40.17 -0.34
N PHE H 168 55.94 -41.16 -1.10
CA PHE H 168 56.28 -40.90 -2.49
C PHE H 168 55.05 -40.70 -3.35
N ASN H 169 53.94 -41.38 -3.05
CA ASN H 169 52.87 -41.49 -4.04
C ASN H 169 52.16 -40.15 -4.29
N PHE H 170 52.01 -39.32 -3.25
CA PHE H 170 51.41 -37.99 -3.43
C PHE H 170 52.36 -36.98 -2.80
N SER H 171 53.48 -36.77 -3.48
CA SER H 171 54.61 -36.01 -3.01
C SER H 171 54.37 -34.51 -2.99
N VAL H 172 53.19 -34.03 -3.41
CA VAL H 172 52.83 -32.61 -3.43
C VAL H 172 51.50 -32.37 -2.73
N ALA H 173 50.45 -33.09 -3.14
CA ALA H 173 49.09 -32.83 -2.65
C ALA H 173 49.01 -32.95 -1.14
N VAL H 174 49.55 -34.05 -0.59
CA VAL H 174 49.37 -34.30 0.84
C VAL H 174 50.05 -33.22 1.66
N TYR H 175 51.30 -32.88 1.29
CA TYR H 175 51.95 -31.74 1.93
C TYR H 175 51.08 -30.49 1.80
N GLY H 176 50.53 -30.25 0.60
CA GLY H 176 49.75 -29.04 0.38
C GLY H 176 48.52 -28.93 1.26
N TRP H 177 47.78 -30.04 1.41
CA TRP H 177 46.65 -30.06 2.35
C TRP H 177 47.11 -29.64 3.74
N ASN H 178 48.14 -30.31 4.26
CA ASN H 178 48.62 -30.01 5.60
C ASN H 178 49.14 -28.59 5.68
N ASN H 179 49.84 -28.16 4.62
CA ASN H 179 50.53 -26.88 4.64
C ASN H 179 49.54 -25.72 4.64
N ALA H 180 48.68 -25.65 3.64
CA ALA H 180 47.72 -24.56 3.57
C ALA H 180 46.91 -24.46 4.85
N ILE H 181 46.48 -25.61 5.40
CA ILE H 181 45.61 -25.58 6.57
C ILE H 181 46.40 -25.21 7.81
N ALA H 182 47.58 -25.83 8.00
CA ALA H 182 48.39 -25.49 9.18
C ALA H 182 48.78 -24.02 9.18
N MET H 183 49.08 -23.48 8.00
CA MET H 183 49.50 -22.10 7.86
C MET H 183 48.41 -21.13 8.32
N ILE H 184 47.19 -21.30 7.80
CA ILE H 184 46.17 -20.32 8.15
C ILE H 184 45.83 -20.46 9.61
N CYS H 185 46.02 -21.66 10.17
CA CYS H 185 45.80 -21.95 11.57
C CYS H 185 46.91 -21.42 12.48
N GLY H 186 47.91 -20.75 11.92
CA GLY H 186 48.91 -20.11 12.76
C GLY H 186 50.02 -21.01 13.22
N ASN H 187 50.22 -22.15 12.57
CA ASN H 187 51.35 -23.01 12.85
C ASN H 187 52.46 -22.76 11.84
N VAL H 188 53.66 -23.18 12.21
CA VAL H 188 54.76 -23.31 11.27
C VAL H 188 54.94 -24.79 10.94
N CYS H 189 55.68 -25.05 9.86
CA CYS H 189 55.71 -26.39 9.27
C CYS H 189 57.13 -26.87 9.07
N LEU H 190 57.36 -28.15 9.37
CA LEU H 190 58.62 -28.81 9.08
C LEU H 190 58.30 -30.04 8.23
N TRP H 191 58.85 -30.07 7.01
CA TRP H 191 58.48 -31.08 6.03
C TRP H 191 59.62 -32.07 5.86
N LYS H 192 59.28 -33.37 5.96
CA LYS H 192 60.20 -34.46 5.65
C LYS H 192 59.48 -35.39 4.67
N GLY H 193 59.84 -35.28 3.40
CA GLY H 193 59.24 -36.09 2.37
C GLY H 193 59.93 -37.43 2.18
N ALA H 194 59.42 -38.19 1.23
CA ALA H 194 60.04 -39.47 0.87
C ALA H 194 61.38 -39.21 0.19
N PRO H 195 62.44 -39.90 0.58
CA PRO H 195 63.73 -39.68 -0.09
C PRO H 195 63.68 -39.83 -1.60
N THR H 196 62.89 -40.77 -2.12
CA THR H 196 62.85 -40.95 -3.58
C THR H 196 62.08 -39.84 -4.29
N THR H 197 61.47 -38.88 -3.57
CA THR H 197 60.87 -37.68 -4.17
C THR H 197 61.47 -36.41 -3.57
N SER H 198 62.79 -36.43 -3.34
CA SER H 198 63.51 -35.29 -2.75
C SER H 198 63.46 -34.04 -3.63
N LEU H 199 63.65 -34.20 -4.95
CA LEU H 199 63.65 -33.04 -5.83
C LEU H 199 62.30 -32.33 -5.81
N ILE H 200 61.22 -33.09 -5.84
CA ILE H 200 59.89 -32.51 -5.72
C ILE H 200 59.77 -31.73 -4.42
N SER H 201 60.24 -32.32 -3.32
CA SER H 201 60.19 -31.60 -2.04
C SER H 201 60.96 -30.29 -2.13
N VAL H 202 62.14 -30.33 -2.74
CA VAL H 202 62.96 -29.12 -2.85
C VAL H 202 62.31 -28.09 -3.77
N ALA H 203 61.71 -28.54 -4.87
CA ALA H 203 61.06 -27.61 -5.80
C ALA H 203 59.88 -26.90 -5.14
N VAL H 204 59.04 -27.67 -4.45
CA VAL H 204 57.89 -27.07 -3.79
C VAL H 204 58.36 -26.09 -2.73
N THR H 205 59.39 -26.48 -1.97
CA THR H 205 59.88 -25.62 -0.92
C THR H 205 60.43 -24.32 -1.51
N LYS H 206 61.11 -24.40 -2.65
CA LYS H 206 61.63 -23.20 -3.30
C LYS H 206 60.51 -22.24 -3.67
N ILE H 207 59.38 -22.77 -4.17
CA ILE H 207 58.26 -21.90 -4.53
C ILE H 207 57.71 -21.20 -3.30
N ILE H 208 57.47 -21.96 -2.23
CA ILE H 208 56.98 -21.39 -0.98
C ILE H 208 57.99 -20.40 -0.41
N ALA H 209 59.27 -20.74 -0.47
CA ALA H 209 60.28 -19.92 0.20
C ALA H 209 60.32 -18.52 -0.38
N LYS H 210 60.15 -18.39 -1.70
CA LYS H 210 60.19 -17.07 -2.32
C LYS H 210 58.96 -16.25 -1.95
N VAL H 211 57.77 -16.88 -1.91
CA VAL H 211 56.60 -16.18 -1.40
C VAL H 211 56.85 -15.62 0.00
N LEU H 212 57.34 -16.46 0.91
CA LEU H 212 57.61 -15.98 2.27
C LEU H 212 58.61 -14.83 2.26
N GLU H 213 59.71 -14.98 1.51
CA GLU H 213 60.75 -13.96 1.52
C GLU H 213 60.27 -12.64 0.92
N ASP H 214 59.49 -12.72 -0.17
CA ASP H 214 58.86 -11.55 -0.76
C ASP H 214 57.90 -10.85 0.19
N ASN H 215 57.36 -11.56 1.18
CA ASN H 215 56.51 -10.95 2.18
C ASN H 215 57.28 -10.66 3.45
N LYS H 216 58.62 -10.65 3.36
CA LYS H 216 59.50 -10.31 4.48
C LYS H 216 59.19 -11.15 5.71
N LEU H 217 58.83 -12.39 5.49
CA LEU H 217 58.52 -13.33 6.55
C LEU H 217 59.68 -14.30 6.76
N PRO H 218 59.87 -14.78 8.00
CA PRO H 218 60.91 -15.77 8.25
C PRO H 218 60.64 -17.08 7.50
N GLY H 219 61.65 -17.52 6.74
CA GLY H 219 61.47 -18.70 5.91
C GLY H 219 61.11 -19.97 6.68
N ALA H 220 61.51 -20.06 7.95
CA ALA H 220 61.29 -21.28 8.72
C ALA H 220 59.83 -21.52 9.02
N ILE H 221 58.94 -20.59 8.67
CA ILE H 221 57.51 -20.88 8.72
C ILE H 221 57.18 -22.14 7.89
N CYS H 222 57.93 -22.40 6.80
CA CYS H 222 57.75 -23.61 6.00
C CYS H 222 59.12 -24.23 5.79
N SER H 223 59.62 -24.89 6.83
CA SER H 223 60.94 -25.51 6.81
C SER H 223 60.89 -26.87 6.13
N LEU H 224 62.04 -27.25 5.56
CA LEU H 224 62.25 -28.54 4.93
C LEU H 224 63.50 -29.16 5.52
N THR H 225 63.45 -30.46 5.84
CA THR H 225 64.62 -31.25 6.23
C THR H 225 64.50 -32.58 5.49
N CYS H 226 65.09 -32.67 4.31
CA CYS H 226 65.08 -33.93 3.59
C CYS H 226 65.87 -34.99 4.36
N GLY H 227 65.25 -36.14 4.55
CA GLY H 227 65.97 -37.25 5.15
C GLY H 227 65.12 -38.49 5.12
N GLY H 228 65.66 -39.54 5.72
CA GLY H 228 65.04 -40.84 5.79
C GLY H 228 64.40 -41.12 7.14
N ALA H 229 64.38 -42.40 7.50
CA ALA H 229 63.63 -42.85 8.67
C ALA H 229 64.12 -42.21 9.96
N ASP H 230 65.41 -41.88 10.04
CA ASP H 230 65.93 -41.33 11.29
C ASP H 230 65.42 -39.91 11.53
N ILE H 231 65.26 -39.12 10.47
CA ILE H 231 64.61 -37.82 10.63
C ILE H 231 63.16 -38.00 11.06
N GLY H 232 62.43 -38.90 10.39
CA GLY H 232 61.05 -39.17 10.79
C GLY H 232 60.94 -39.60 12.24
N THR H 233 61.81 -40.52 12.66
CA THR H 233 61.88 -40.95 14.05
C THR H 233 62.18 -39.77 14.98
N ALA H 234 63.16 -38.94 14.62
CA ALA H 234 63.45 -37.76 15.44
C ALA H 234 62.20 -36.91 15.62
N MET H 235 61.46 -36.69 14.53
CA MET H 235 60.25 -35.88 14.61
C MET H 235 59.19 -36.53 15.49
N ALA H 236 59.07 -37.86 15.42
CA ALA H 236 58.06 -38.55 16.22
C ALA H 236 58.38 -38.47 17.70
N LYS H 237 59.66 -38.37 18.05
CA LYS H 237 60.07 -38.33 19.45
C LYS H 237 60.30 -36.91 19.95
N ASP H 238 60.15 -35.91 19.09
CA ASP H 238 60.52 -34.54 19.40
C ASP H 238 59.33 -33.81 20.02
N GLU H 239 59.43 -33.50 21.32
CA GLU H 239 58.37 -32.76 21.99
C GLU H 239 58.19 -31.36 21.45
N ARG H 240 59.17 -30.86 20.67
CA ARG H 240 58.99 -29.57 20.03
C ARG H 240 58.10 -29.64 18.81
N VAL H 241 57.90 -30.82 18.23
CA VAL H 241 56.95 -31.01 17.15
C VAL H 241 55.60 -31.25 17.80
N ASN H 242 54.74 -30.22 17.80
CA ASN H 242 53.52 -30.35 18.60
C ASN H 242 52.48 -31.23 17.93
N LEU H 243 52.42 -31.23 16.59
CA LEU H 243 51.55 -32.14 15.83
C LEU H 243 52.39 -32.81 14.77
N LEU H 244 52.30 -34.13 14.69
CA LEU H 244 52.96 -34.89 13.64
C LEU H 244 51.90 -35.46 12.71
N SER H 245 51.90 -34.98 11.47
CA SER H 245 51.04 -35.49 10.40
C SER H 245 51.88 -36.43 9.57
N PHE H 246 51.52 -37.72 9.59
CA PHE H 246 52.30 -38.75 8.93
C PHE H 246 51.45 -39.47 7.90
N THR H 247 51.88 -39.45 6.64
CA THR H 247 51.29 -40.22 5.57
C THR H 247 52.29 -41.29 5.11
N GLY H 248 51.88 -42.55 5.20
CA GLY H 248 52.75 -43.64 4.79
C GLY H 248 52.16 -44.99 5.16
N SER H 249 53.03 -45.99 5.24
CA SER H 249 52.58 -47.36 5.49
C SER H 249 51.97 -47.51 6.88
N THR H 250 51.03 -48.45 7.01
CA THR H 250 50.42 -48.71 8.30
C THR H 250 51.46 -49.13 9.33
N GLN H 251 52.40 -49.98 8.94
CA GLN H 251 53.39 -50.50 9.87
C GLN H 251 54.20 -49.38 10.50
N VAL H 252 54.65 -48.41 9.70
CA VAL H 252 55.45 -47.32 10.24
C VAL H 252 54.59 -46.34 11.02
N GLY H 253 53.41 -46.01 10.48
CA GLY H 253 52.51 -45.10 11.17
C GLY H 253 52.16 -45.54 12.58
N LYS H 254 51.98 -46.86 12.78
CA LYS H 254 51.69 -47.36 14.12
C LYS H 254 52.82 -47.01 15.07
N GLN H 255 54.07 -47.18 14.64
CA GLN H 255 55.19 -46.81 15.50
C GLN H 255 55.26 -45.31 15.71
N VAL H 256 54.97 -44.52 14.65
CA VAL H 256 54.90 -43.07 14.81
C VAL H 256 53.83 -42.70 15.83
N GLY H 257 52.66 -43.32 15.73
CA GLY H 257 51.60 -43.06 16.70
C GLY H 257 52.00 -43.42 18.11
N LEU H 258 52.69 -44.54 18.28
CA LEU H 258 53.16 -44.93 19.61
C LEU H 258 54.14 -43.91 20.17
N MET H 259 55.07 -43.45 19.32
CA MET H 259 56.11 -42.55 19.78
C MET H 259 55.55 -41.18 20.15
N VAL H 260 54.52 -40.73 19.42
CA VAL H 260 53.85 -39.50 19.76
C VAL H 260 53.05 -39.65 21.05
N GLN H 261 52.32 -40.75 21.19
CA GLN H 261 51.55 -40.96 22.42
C GLN H 261 52.49 -41.03 23.62
N GLU H 262 53.67 -41.63 23.45
CA GLU H 262 54.62 -41.74 24.55
C GLU H 262 54.98 -40.37 25.14
N ARG H 263 55.09 -39.34 24.31
CA ARG H 263 55.44 -37.99 24.74
C ARG H 263 54.23 -37.06 24.84
N PHE H 264 53.00 -37.61 24.80
CA PHE H 264 51.77 -36.82 24.93
C PHE H 264 51.72 -35.71 23.89
N GLY H 265 52.25 -35.99 22.69
CA GLY H 265 52.06 -35.13 21.54
C GLY H 265 50.76 -35.48 20.82
N ARG H 266 50.54 -34.80 19.70
CA ARG H 266 49.41 -35.08 18.82
C ARG H 266 49.90 -35.72 17.54
N SER H 267 49.19 -36.75 17.07
CA SER H 267 49.49 -37.33 15.77
C SER H 267 48.28 -37.24 14.88
N LEU H 268 48.53 -37.18 13.58
CA LEU H 268 47.51 -37.26 12.55
C LEU H 268 48.00 -38.33 11.56
N LEU H 269 47.36 -39.50 11.58
CA LEU H 269 47.84 -40.69 10.89
C LEU H 269 46.99 -40.94 9.64
N GLU H 270 47.64 -40.98 8.49
CA GLU H 270 47.01 -41.25 7.19
C GLU H 270 47.75 -42.44 6.59
N LEU H 271 47.22 -43.64 6.79
CA LEU H 271 47.93 -44.89 6.53
C LEU H 271 47.26 -45.65 5.36
N GLY H 272 47.43 -46.97 5.33
CA GLY H 272 47.05 -47.73 4.15
C GLY H 272 45.55 -47.99 4.02
N GLY H 273 45.19 -48.43 2.82
CA GLY H 273 43.81 -48.78 2.52
C GLY H 273 43.73 -50.04 1.69
N ASN H 274 42.66 -50.81 1.91
CA ASN H 274 42.38 -52.02 1.15
C ASN H 274 41.01 -51.84 0.51
N ASN H 275 40.96 -50.93 -0.45
CA ASN H 275 39.70 -50.31 -0.83
C ASN H 275 38.92 -51.18 -1.78
N ALA H 276 37.62 -51.29 -1.52
CA ALA H 276 36.72 -52.13 -2.29
C ALA H 276 35.75 -51.28 -3.10
N ILE H 277 35.44 -51.78 -4.30
CA ILE H 277 34.29 -51.37 -5.08
C ILE H 277 33.33 -52.55 -5.11
N ILE H 278 32.05 -52.29 -4.90
CA ILE H 278 31.02 -53.33 -4.97
C ILE H 278 30.05 -52.96 -6.08
N ALA H 279 29.87 -53.87 -7.03
CA ALA H 279 28.94 -53.66 -8.14
C ALA H 279 27.73 -54.53 -7.90
N PHE H 280 26.57 -53.90 -7.74
CA PHE H 280 25.33 -54.62 -7.51
C PHE H 280 24.67 -54.96 -8.84
N GLU H 281 23.64 -55.81 -8.77
CA GLU H 281 23.06 -56.32 -10.00
C GLU H 281 22.44 -55.22 -10.84
N ASP H 282 21.89 -54.18 -10.20
CA ASP H 282 21.25 -53.10 -10.92
C ASP H 282 22.23 -52.00 -11.34
N ALA H 283 23.53 -52.21 -11.18
CA ALA H 283 24.49 -51.15 -11.43
C ALA H 283 24.57 -50.80 -12.93
N ASP H 284 24.69 -49.50 -13.21
CA ASP H 284 25.01 -49.01 -14.55
C ASP H 284 26.42 -49.48 -14.90
N LEU H 285 26.51 -50.52 -15.72
CA LEU H 285 27.80 -51.14 -16.02
C LEU H 285 28.72 -50.18 -16.76
N SER H 286 28.16 -49.25 -17.54
CA SER H 286 29.00 -48.28 -18.23
C SER H 286 29.60 -47.25 -17.27
N LEU H 287 29.05 -47.12 -16.06
CA LEU H 287 29.79 -46.43 -15.00
C LEU H 287 30.78 -47.36 -14.31
N VAL H 288 30.43 -48.64 -14.18
CA VAL H 288 31.23 -49.58 -13.40
C VAL H 288 32.60 -49.81 -14.05
N VAL H 289 32.62 -50.11 -15.35
CA VAL H 289 33.86 -50.55 -16.00
C VAL H 289 34.90 -49.43 -16.03
N PRO H 290 34.62 -48.24 -16.58
CA PRO H 290 35.66 -47.18 -16.50
C PRO H 290 36.00 -46.79 -15.08
N SER H 291 35.02 -46.75 -14.16
CA SER H 291 35.33 -46.41 -12.78
C SER H 291 36.31 -47.42 -12.18
N ALA H 292 36.07 -48.72 -12.41
CA ALA H 292 36.94 -49.74 -11.86
C ALA H 292 38.35 -49.64 -12.47
N LEU H 293 38.43 -49.41 -13.78
CA LEU H 293 39.73 -49.29 -14.43
C LEU H 293 40.55 -48.13 -13.86
N PHE H 294 39.97 -46.92 -13.85
CA PHE H 294 40.69 -45.77 -13.29
C PHE H 294 41.03 -46.02 -11.82
N ALA H 295 40.04 -46.47 -11.04
CA ALA H 295 40.32 -46.70 -9.62
C ALA H 295 41.41 -47.72 -9.42
N ALA H 296 41.55 -48.68 -10.34
CA ALA H 296 42.52 -49.74 -10.14
C ALA H 296 43.87 -49.42 -10.76
N VAL H 297 43.88 -48.87 -11.99
CA VAL H 297 45.13 -48.69 -12.71
C VAL H 297 45.66 -47.27 -12.66
N GLY H 298 44.84 -46.31 -12.26
CA GLY H 298 45.32 -44.95 -12.12
C GLY H 298 46.51 -44.89 -11.16
N THR H 299 47.54 -44.13 -11.54
CA THR H 299 48.79 -44.02 -10.79
C THR H 299 49.49 -45.38 -10.67
N ALA H 300 49.34 -46.21 -11.70
CA ALA H 300 49.88 -47.56 -11.72
C ALA H 300 49.54 -48.30 -10.42
N GLY H 301 48.32 -48.09 -9.92
CA GLY H 301 47.88 -48.74 -8.70
C GLY H 301 48.59 -48.30 -7.43
N GLN H 302 49.11 -47.07 -7.40
CA GLN H 302 49.93 -46.65 -6.26
C GLN H 302 49.28 -45.56 -5.42
N ARG H 303 47.97 -45.41 -5.51
CA ARG H 303 47.25 -44.53 -4.60
C ARG H 303 46.85 -45.31 -3.35
N CYS H 304 46.82 -44.62 -2.21
CA CYS H 304 46.30 -45.25 -1.00
C CYS H 304 44.81 -45.55 -1.14
N THR H 305 44.12 -44.81 -2.02
CA THR H 305 42.71 -45.01 -2.32
C THR H 305 42.48 -45.90 -3.54
N THR H 306 43.53 -46.50 -4.09
CA THR H 306 43.39 -47.41 -5.23
C THR H 306 42.40 -48.53 -4.92
N ALA H 307 41.61 -48.90 -5.91
CA ALA H 307 40.80 -50.11 -5.81
C ALA H 307 41.71 -51.35 -5.84
N ARG H 308 41.56 -52.23 -4.85
CA ARG H 308 42.26 -53.50 -4.84
C ARG H 308 41.33 -54.70 -4.65
N ARG H 309 40.08 -54.47 -4.25
CA ARG H 309 39.07 -55.50 -4.16
C ARG H 309 37.85 -55.03 -4.94
N LEU H 310 37.39 -55.86 -5.88
CA LEU H 310 36.20 -55.59 -6.69
C LEU H 310 35.21 -56.71 -6.44
N PHE H 311 34.14 -56.42 -5.72
CA PHE H 311 33.06 -57.38 -5.50
C PHE H 311 31.98 -57.17 -6.55
N ILE H 312 31.62 -58.23 -7.27
CA ILE H 312 30.61 -58.17 -8.32
C ILE H 312 29.51 -59.19 -8.03
N HIS H 313 28.27 -58.77 -8.24
CA HIS H 313 27.15 -59.67 -8.01
C HIS H 313 27.16 -60.78 -9.05
N GLU H 314 26.80 -61.99 -8.62
CA GLU H 314 26.97 -63.18 -9.46
C GLU H 314 26.41 -62.96 -10.86
N SER H 315 25.25 -62.31 -10.97
CA SER H 315 24.57 -62.18 -12.25
C SER H 315 25.40 -61.46 -13.29
N ILE H 316 26.28 -60.55 -12.87
CA ILE H 316 27.04 -59.71 -13.80
C ILE H 316 28.54 -59.96 -13.71
N HIS H 317 28.99 -60.84 -12.82
CA HIS H 317 30.42 -61.05 -12.56
C HIS H 317 31.19 -61.29 -13.85
N ASP H 318 30.80 -62.33 -14.60
CA ASP H 318 31.56 -62.71 -15.78
C ASP H 318 31.55 -61.62 -16.86
N GLU H 319 30.40 -60.94 -17.03
CA GLU H 319 30.35 -59.85 -17.99
C GLU H 319 31.24 -58.67 -17.59
N VAL H 320 31.27 -58.33 -16.29
CA VAL H 320 32.09 -57.20 -15.84
C VAL H 320 33.57 -57.50 -16.03
N VAL H 321 34.00 -58.72 -15.71
CA VAL H 321 35.41 -59.09 -15.92
C VAL H 321 35.77 -59.01 -17.40
N ASN H 322 34.91 -59.56 -18.27
CA ASN H 322 35.19 -59.54 -19.70
C ASN H 322 35.36 -58.13 -20.21
N ARG H 323 34.40 -57.25 -19.87
CA ARG H 323 34.49 -55.86 -20.26
C ARG H 323 35.67 -55.18 -19.58
N LEU H 324 36.06 -55.65 -18.40
CA LEU H 324 37.20 -55.05 -17.72
C LEU H 324 38.53 -55.51 -18.33
N LYS H 325 38.60 -56.77 -18.78
CA LYS H 325 39.81 -57.26 -19.43
C LYS H 325 40.06 -56.57 -20.77
N LYS H 326 38.98 -56.30 -21.52
CA LYS H 326 39.13 -55.61 -22.79
C LYS H 326 39.59 -54.17 -22.59
N ALA H 327 39.07 -53.51 -21.55
CA ALA H 327 39.49 -52.16 -21.24
C ALA H 327 40.92 -52.13 -20.71
N TYR H 328 41.33 -53.18 -20.00
CA TYR H 328 42.72 -53.26 -19.58
C TYR H 328 43.64 -53.45 -20.79
N ALA H 329 43.21 -54.24 -21.77
CA ALA H 329 44.03 -54.44 -22.96
C ALA H 329 44.25 -53.12 -23.71
N GLN H 330 43.32 -52.19 -23.62
CA GLN H 330 43.40 -50.94 -24.35
C GLN H 330 44.09 -49.82 -23.56
N ILE H 331 44.71 -50.13 -22.42
CA ILE H 331 45.39 -49.12 -21.63
C ILE H 331 46.67 -48.70 -22.33
N ARG H 332 46.83 -47.40 -22.55
CA ARG H 332 47.99 -46.85 -23.26
C ARG H 332 49.19 -46.74 -22.33
N VAL H 333 50.26 -47.47 -22.65
CA VAL H 333 51.45 -47.60 -21.80
C VAL H 333 52.61 -46.86 -22.44
N GLY H 334 53.34 -46.09 -21.62
CA GLY H 334 54.55 -45.43 -22.11
C GLY H 334 55.19 -44.55 -21.08
N ASN H 335 56.01 -43.61 -21.56
CA ASN H 335 56.63 -42.64 -20.67
C ASN H 335 55.54 -41.78 -20.05
N PRO H 336 55.59 -41.51 -18.75
CA PRO H 336 54.46 -40.83 -18.09
C PRO H 336 54.25 -39.41 -18.57
N TRP H 337 55.22 -38.80 -19.23
CA TRP H 337 55.08 -37.48 -19.79
C TRP H 337 54.62 -37.50 -21.25
N ASP H 338 54.61 -38.67 -21.89
CA ASP H 338 54.17 -38.78 -23.27
C ASP H 338 52.66 -38.56 -23.37
N PRO H 339 52.20 -37.79 -24.37
CA PRO H 339 50.76 -37.55 -24.50
C PRO H 339 49.97 -38.83 -24.73
N ASN H 340 48.76 -38.85 -24.20
CA ASN H 340 47.77 -39.91 -24.28
C ASN H 340 48.17 -41.10 -23.43
N VAL H 341 49.34 -41.10 -22.80
CA VAL H 341 49.72 -42.24 -21.98
C VAL H 341 48.85 -42.26 -20.74
N LEU H 342 48.26 -43.42 -20.44
CA LEU H 342 47.47 -43.59 -19.23
C LEU H 342 48.20 -44.38 -18.15
N TYR H 343 49.28 -45.07 -18.47
CA TYR H 343 49.91 -45.99 -17.54
C TYR H 343 51.42 -45.82 -17.56
N GLY H 344 51.99 -45.61 -16.38
CA GLY H 344 53.41 -45.38 -16.22
C GLY H 344 54.11 -46.47 -15.42
N PRO H 345 55.31 -46.20 -14.95
CA PRO H 345 56.05 -47.21 -14.18
C PRO H 345 55.67 -47.20 -12.71
N LEU H 346 55.87 -48.34 -12.07
CA LEU H 346 55.89 -48.35 -10.62
C LEU H 346 57.04 -47.49 -10.12
N HIS H 347 56.93 -47.03 -8.87
CA HIS H 347 57.86 -45.99 -8.40
C HIS H 347 59.27 -46.52 -8.11
N THR H 348 59.44 -47.82 -7.86
CA THR H 348 60.74 -48.36 -7.47
C THR H 348 60.93 -49.75 -8.05
N LYS H 349 62.19 -50.20 -8.05
CA LYS H 349 62.48 -51.58 -8.42
C LYS H 349 61.93 -52.55 -7.38
N GLN H 350 61.87 -52.14 -6.12
CA GLN H 350 61.39 -53.03 -5.07
C GLN H 350 59.88 -53.25 -5.17
N ALA H 351 59.11 -52.26 -5.62
CA ALA H 351 57.69 -52.49 -5.85
C ALA H 351 57.46 -53.46 -6.99
N VAL H 352 58.42 -53.58 -7.92
CA VAL H 352 58.30 -54.58 -8.97
C VAL H 352 58.43 -55.99 -8.39
N SER H 353 59.25 -56.14 -7.35
CA SER H 353 59.38 -57.46 -6.71
C SER H 353 58.16 -57.80 -5.87
N MET H 354 57.61 -56.80 -5.16
CA MET H 354 56.38 -57.02 -4.41
C MET H 354 55.24 -57.39 -5.34
N PHE H 355 55.20 -56.78 -6.53
CA PHE H 355 54.20 -57.17 -7.53
C PHE H 355 54.34 -58.64 -7.90
N LEU H 356 55.54 -59.04 -8.32
CA LEU H 356 55.77 -60.45 -8.66
C LEU H 356 55.45 -61.36 -7.48
N GLY H 357 55.92 -60.98 -6.30
CA GLY H 357 55.64 -61.78 -5.12
C GLY H 357 54.14 -61.95 -4.89
N ALA H 358 53.39 -60.86 -5.00
CA ALA H 358 51.94 -60.92 -4.81
C ALA H 358 51.29 -61.84 -5.86
N VAL H 359 51.69 -61.69 -7.13
CA VAL H 359 51.07 -62.47 -8.19
C VAL H 359 51.37 -63.95 -8.02
N GLU H 360 52.61 -64.28 -7.63
CA GLU H 360 52.94 -65.68 -7.38
C GLU H 360 52.19 -66.22 -6.16
N GLU H 361 51.95 -65.38 -5.15
CA GLU H 361 51.22 -65.84 -3.97
C GLU H 361 49.74 -66.02 -4.27
N ALA H 362 49.13 -65.07 -4.99
CA ALA H 362 47.74 -65.23 -5.37
C ALA H 362 47.52 -66.48 -6.21
N LYS H 363 48.51 -66.86 -7.02
CA LYS H 363 48.41 -68.10 -7.79
C LYS H 363 48.36 -69.31 -6.87
N LYS H 364 49.26 -69.36 -5.89
CA LYS H 364 49.29 -70.50 -4.97
C LYS H 364 48.13 -70.46 -3.97
N GLU H 365 47.33 -69.40 -3.97
CA GLU H 365 46.13 -69.35 -3.12
C GLU H 365 44.87 -69.69 -3.89
N GLY H 366 45.00 -70.21 -5.10
CA GLY H 366 43.85 -70.58 -5.92
C GLY H 366 43.35 -69.52 -6.86
N GLY H 367 43.98 -68.34 -6.90
CA GLY H 367 43.55 -67.30 -7.79
C GLY H 367 44.05 -67.53 -9.20
N THR H 368 43.22 -67.16 -10.17
CA THR H 368 43.57 -67.28 -11.57
C THR H 368 43.82 -65.88 -12.13
N VAL H 369 44.96 -65.70 -12.78
CA VAL H 369 45.27 -64.42 -13.40
C VAL H 369 44.56 -64.36 -14.74
N VAL H 370 43.52 -63.51 -14.85
CA VAL H 370 42.80 -63.38 -16.11
C VAL H 370 43.33 -62.26 -17.00
N TYR H 371 44.16 -61.35 -16.48
CA TYR H 371 44.87 -60.39 -17.30
C TYR H 371 46.12 -59.94 -16.56
N GLY H 372 47.21 -59.75 -17.31
CA GLY H 372 48.43 -59.20 -16.76
C GLY H 372 49.26 -60.16 -15.93
N GLY H 373 49.86 -59.64 -14.86
CA GLY H 373 50.67 -60.44 -13.97
C GLY H 373 52.16 -60.47 -14.26
N LYS H 374 52.61 -59.90 -15.37
CA LYS H 374 54.00 -60.01 -15.77
C LYS H 374 54.70 -58.66 -15.71
N VAL H 375 56.01 -58.69 -15.51
CA VAL H 375 56.83 -57.50 -15.69
C VAL H 375 56.88 -57.17 -17.17
N MET H 376 56.79 -55.88 -17.49
CA MET H 376 56.99 -55.45 -18.87
C MET H 376 58.48 -55.34 -19.18
N ASP H 377 58.85 -55.75 -20.39
CA ASP H 377 60.26 -55.93 -20.73
C ASP H 377 60.79 -54.66 -21.39
N ARG H 378 61.03 -53.66 -20.56
CA ARG H 378 61.43 -52.35 -21.06
C ARG H 378 62.17 -51.62 -19.95
N PRO H 379 62.95 -50.59 -20.29
CA PRO H 379 63.54 -49.71 -19.26
C PRO H 379 62.49 -49.16 -18.31
N GLY H 380 62.85 -49.13 -17.03
CA GLY H 380 61.94 -48.63 -16.02
C GLY H 380 61.30 -49.76 -15.22
N ASN H 381 60.37 -49.36 -14.37
CA ASN H 381 59.73 -50.28 -13.44
C ASN H 381 58.30 -50.55 -13.87
N TYR H 382 58.13 -51.05 -15.09
CA TYR H 382 56.81 -51.27 -15.68
C TYR H 382 56.35 -52.70 -15.45
N VAL H 383 55.13 -52.86 -14.94
CA VAL H 383 54.48 -54.17 -14.82
C VAL H 383 53.09 -54.10 -15.42
N GLU H 384 52.53 -55.26 -15.71
CA GLU H 384 51.21 -55.30 -16.31
C GLU H 384 50.15 -55.07 -15.24
N PRO H 385 49.14 -54.25 -15.50
CA PRO H 385 47.99 -54.21 -14.60
C PRO H 385 47.30 -55.57 -14.61
N THR H 386 47.00 -56.06 -13.41
CA THR H 386 46.66 -57.47 -13.21
C THR H 386 45.27 -57.61 -12.62
N ILE H 387 44.51 -58.59 -13.11
CA ILE H 387 43.22 -58.97 -12.54
C ILE H 387 43.28 -60.43 -12.12
N VAL H 388 42.80 -60.71 -10.91
CA VAL H 388 42.83 -62.05 -10.33
C VAL H 388 41.42 -62.40 -9.91
N THR H 389 40.87 -63.49 -10.46
CA THR H 389 39.56 -64.00 -10.08
C THR H 389 39.71 -65.25 -9.22
N GLY H 390 38.60 -65.68 -8.67
CA GLY H 390 38.51 -66.99 -8.06
C GLY H 390 39.05 -67.10 -6.66
N LEU H 391 39.64 -66.03 -6.12
CA LEU H 391 40.04 -66.05 -4.73
C LEU H 391 38.81 -65.93 -3.84
N GLY H 392 38.91 -66.51 -2.65
CA GLY H 392 37.93 -66.22 -1.63
C GLY H 392 38.15 -64.83 -1.07
N HIS H 393 37.03 -64.17 -0.73
CA HIS H 393 37.08 -62.81 -0.18
C HIS H 393 38.00 -62.72 1.04
N ASP H 394 38.15 -63.83 1.75
CA ASP H 394 38.98 -63.95 2.93
C ASP H 394 40.41 -64.33 2.62
N ALA H 395 40.76 -64.48 1.34
CA ALA H 395 42.09 -64.96 0.96
C ALA H 395 43.16 -64.08 1.58
N SER H 396 44.33 -64.68 1.83
CA SER H 396 45.35 -63.98 2.60
C SER H 396 45.94 -62.80 1.83
N ILE H 397 46.28 -63.01 0.55
CA ILE H 397 46.90 -61.93 -0.22
C ILE H 397 45.92 -60.77 -0.42
N ALA H 398 44.62 -61.06 -0.45
CA ALA H 398 43.61 -60.03 -0.66
C ALA H 398 43.52 -59.05 0.50
N HIS H 399 44.05 -59.41 1.66
CA HIS H 399 43.99 -58.55 2.84
C HIS H 399 45.30 -57.84 3.11
N THR H 400 46.34 -58.16 2.34
CA THR H 400 47.54 -57.35 2.29
C THR H 400 47.32 -56.14 1.40
N GLU H 401 47.89 -54.99 1.79
CA GLU H 401 47.97 -53.83 0.90
C GLU H 401 49.30 -53.89 0.17
N THR H 402 49.26 -54.32 -1.09
CA THR H 402 50.42 -54.29 -1.97
C THR H 402 50.27 -53.10 -2.91
N PHE H 403 51.22 -52.19 -2.88
CA PHE H 403 51.14 -51.00 -3.73
C PHE H 403 51.48 -51.34 -5.19
N ALA H 404 50.86 -52.40 -5.69
CA ALA H 404 51.00 -52.90 -7.03
C ALA H 404 49.63 -52.92 -7.70
N PRO H 405 49.57 -52.71 -9.00
CA PRO H 405 48.27 -52.73 -9.71
C PRO H 405 47.75 -54.15 -9.93
N ILE H 406 47.18 -54.72 -8.87
CA ILE H 406 46.54 -56.03 -8.91
C ILE H 406 45.14 -55.87 -8.34
N LEU H 407 44.15 -56.24 -9.12
CA LEU H 407 42.75 -56.11 -8.71
C LEU H 407 42.21 -57.51 -8.42
N TYR H 408 41.80 -57.73 -7.16
CA TYR H 408 41.26 -59.01 -6.72
C TYR H 408 39.74 -58.96 -6.84
N VAL H 409 39.19 -59.85 -7.66
CA VAL H 409 37.77 -59.86 -8.03
C VAL H 409 37.08 -60.99 -7.29
N PHE H 410 35.93 -60.69 -6.68
CA PHE H 410 35.16 -61.62 -5.87
C PHE H 410 33.70 -61.56 -6.29
N LYS H 411 32.98 -62.67 -6.10
CA LYS H 411 31.54 -62.74 -6.31
C LYS H 411 30.80 -62.59 -4.99
N PHE H 412 29.61 -62.01 -5.04
CA PHE H 412 28.75 -61.96 -3.86
C PHE H 412 27.31 -62.14 -4.30
N LYS H 413 26.45 -62.50 -3.34
CA LYS H 413 25.02 -62.62 -3.63
C LYS H 413 24.19 -61.55 -2.92
N ASN H 414 24.39 -61.34 -1.63
CA ASN H 414 23.48 -60.54 -0.82
C ASN H 414 24.17 -59.26 -0.34
N GLU H 415 23.35 -58.24 -0.08
CA GLU H 415 23.87 -56.93 0.30
C GLU H 415 24.60 -57.00 1.64
N GLU H 416 23.98 -57.64 2.65
CA GLU H 416 24.57 -57.66 3.97
C GLU H 416 25.95 -58.32 3.96
N GLU H 417 26.05 -59.50 3.33
CA GLU H 417 27.33 -60.21 3.29
C GLU H 417 28.42 -59.36 2.65
N VAL H 418 28.13 -58.67 1.55
CA VAL H 418 29.19 -57.89 0.91
C VAL H 418 29.46 -56.58 1.66
N PHE H 419 28.47 -56.01 2.34
CA PHE H 419 28.79 -54.91 3.26
C PHE H 419 29.78 -55.39 4.31
N ALA H 420 29.58 -56.62 4.82
CA ALA H 420 30.48 -57.19 5.81
C ALA H 420 31.87 -57.45 5.24
N TRP H 421 31.93 -58.02 4.04
CA TRP H 421 33.24 -58.25 3.41
C TRP H 421 33.98 -56.93 3.19
N ASN H 422 33.26 -55.87 2.81
CA ASN H 422 33.93 -54.58 2.70
C ASN H 422 34.59 -54.20 4.02
N ASN H 423 33.89 -54.42 5.12
CA ASN H 423 34.33 -54.02 6.45
C ASN H 423 35.34 -54.97 7.08
N GLU H 424 35.41 -56.22 6.61
CA GLU H 424 36.14 -57.27 7.33
C GLU H 424 37.65 -57.03 7.40
N VAL H 425 38.23 -56.22 6.52
CA VAL H 425 39.69 -55.99 6.47
C VAL H 425 40.14 -55.02 7.56
N LYS H 426 41.46 -54.90 7.74
CA LYS H 426 42.00 -54.12 8.83
C LYS H 426 42.00 -52.62 8.54
N GLN H 427 42.14 -52.24 7.28
CA GLN H 427 42.20 -50.84 6.85
C GLN H 427 40.79 -50.26 6.73
N GLY H 428 40.72 -48.91 6.67
CA GLY H 428 39.43 -48.25 6.57
C GLY H 428 39.39 -46.95 5.79
N LEU H 429 40.04 -46.90 4.62
CA LEU H 429 40.18 -45.63 3.90
C LEU H 429 38.97 -45.31 3.02
N SER H 430 38.87 -45.93 1.84
CA SER H 430 37.84 -45.61 0.87
C SER H 430 36.99 -46.84 0.50
N SER H 431 35.83 -46.57 -0.12
CA SER H 431 34.85 -47.61 -0.44
C SER H 431 33.86 -47.07 -1.46
N SER H 432 33.26 -47.98 -2.24
CA SER H 432 32.33 -47.57 -3.28
C SER H 432 31.34 -48.70 -3.62
N ILE H 433 30.06 -48.36 -3.78
CA ILE H 433 29.07 -49.28 -4.31
C ILE H 433 28.49 -48.70 -5.58
N PHE H 434 28.22 -49.56 -6.56
CA PHE H 434 27.57 -49.14 -7.78
C PHE H 434 26.18 -49.77 -7.79
N THR H 435 25.17 -48.90 -7.77
CA THR H 435 23.78 -49.34 -7.66
C THR H 435 22.90 -48.13 -7.97
N LYS H 436 21.65 -48.41 -8.33
CA LYS H 436 20.64 -47.38 -8.42
C LYS H 436 19.64 -47.45 -7.28
N ASP H 437 19.73 -48.45 -6.42
CA ASP H 437 18.74 -48.65 -5.37
C ASP H 437 18.84 -47.55 -4.31
N LEU H 438 17.77 -46.75 -4.19
CA LEU H 438 17.76 -45.61 -3.27
C LEU H 438 18.06 -46.05 -1.85
N GLY H 439 17.38 -47.09 -1.38
CA GLY H 439 17.51 -47.47 0.02
C GLY H 439 18.85 -48.09 0.33
N ARG H 440 19.40 -48.85 -0.62
CA ARG H 440 20.70 -49.46 -0.44
C ARG H 440 21.78 -48.40 -0.27
N ILE H 441 21.67 -47.30 -1.02
CA ILE H 441 22.64 -46.21 -0.90
C ILE H 441 22.64 -45.66 0.52
N PHE H 442 21.45 -45.33 1.04
CA PHE H 442 21.40 -44.76 2.39
C PHE H 442 21.78 -45.79 3.45
N ARG H 443 21.50 -47.07 3.22
CA ARG H 443 22.02 -48.08 4.14
C ARG H 443 23.54 -48.12 4.09
N TRP H 444 24.10 -48.01 2.89
CA TRP H 444 25.55 -47.97 2.72
C TRP H 444 26.16 -46.81 3.52
N LEU H 445 25.48 -45.65 3.54
CA LEU H 445 25.93 -44.47 4.26
C LEU H 445 25.63 -44.54 5.76
N GLY H 446 24.92 -45.57 6.22
CA GLY H 446 24.46 -45.65 7.58
C GLY H 446 25.37 -46.44 8.51
N PRO H 447 24.88 -46.70 9.72
CA PRO H 447 25.72 -47.43 10.69
C PRO H 447 26.01 -48.87 10.29
N LYS H 448 25.07 -49.57 9.64
CA LYS H 448 25.32 -50.92 9.18
C LYS H 448 25.93 -50.96 7.78
N GLY H 449 26.35 -49.82 7.27
CA GLY H 449 26.96 -49.71 5.94
C GLY H 449 28.48 -49.71 6.01
N SER H 450 29.10 -48.90 5.17
CA SER H 450 30.56 -48.92 5.08
C SER H 450 31.19 -48.31 6.32
N ASP H 451 32.26 -48.95 6.80
CA ASP H 451 32.94 -48.50 8.00
C ASP H 451 34.11 -47.58 7.69
N CYS H 452 34.19 -47.06 6.46
CA CYS H 452 35.37 -46.34 5.99
C CYS H 452 35.18 -44.85 6.16
N GLY H 453 36.27 -44.10 5.98
CA GLY H 453 36.18 -42.66 6.09
C GLY H 453 35.70 -41.99 4.82
N ILE H 454 35.76 -42.72 3.70
CA ILE H 454 35.32 -42.23 2.41
C ILE H 454 34.32 -43.25 1.87
N VAL H 455 33.10 -42.81 1.59
CA VAL H 455 31.98 -43.71 1.31
C VAL H 455 31.29 -43.17 0.06
N ASN H 456 31.65 -43.70 -1.11
CA ASN H 456 31.21 -43.18 -2.39
C ASN H 456 30.16 -44.09 -3.03
N VAL H 457 29.37 -43.50 -3.93
CA VAL H 457 28.33 -44.20 -4.67
C VAL H 457 28.48 -43.85 -6.13
N ASN H 458 28.60 -44.87 -7.00
CA ASN H 458 28.68 -44.72 -8.45
C ASN H 458 29.89 -43.91 -8.92
N ILE H 459 30.99 -43.92 -8.16
CA ILE H 459 32.26 -43.32 -8.57
C ILE H 459 33.43 -44.16 -8.06
N PRO H 460 34.64 -44.00 -8.61
CA PRO H 460 35.81 -44.71 -8.08
C PRO H 460 36.06 -44.52 -6.58
N THR H 461 36.90 -45.38 -6.00
CA THR H 461 37.37 -45.18 -4.63
C THR H 461 38.38 -44.04 -4.51
N SER H 462 38.95 -43.60 -5.62
CA SER H 462 39.97 -42.56 -5.57
C SER H 462 39.40 -41.24 -6.05
N GLY H 463 40.22 -40.20 -5.94
CA GLY H 463 39.91 -38.94 -6.59
C GLY H 463 38.96 -38.04 -5.82
N ALA H 464 39.18 -37.90 -4.53
CA ALA H 464 38.40 -36.96 -3.73
C ALA H 464 38.63 -35.52 -4.22
N GLU H 465 37.62 -34.66 -3.98
CA GLU H 465 37.80 -33.21 -4.03
C GLU H 465 38.18 -32.72 -2.63
N ILE H 466 38.41 -31.41 -2.49
CA ILE H 466 39.04 -30.89 -1.27
C ILE H 466 38.03 -30.38 -0.23
N GLY H 467 36.76 -30.24 -0.59
CA GLY H 467 35.80 -29.62 0.31
C GLY H 467 35.53 -30.42 1.59
N GLY H 468 35.67 -31.75 1.54
CA GLY H 468 35.40 -32.59 2.67
C GLY H 468 36.69 -33.02 3.37
N ALA H 469 36.54 -33.50 4.59
CA ALA H 469 37.68 -34.11 5.28
C ALA H 469 38.11 -35.37 4.53
N PHE H 470 39.41 -35.62 4.54
CA PHE H 470 39.98 -36.78 3.84
C PHE H 470 40.73 -37.65 4.84
N GLY H 471 40.39 -38.93 4.88
CA GLY H 471 41.07 -39.86 5.77
C GLY H 471 40.29 -41.14 5.96
N GLY H 472 40.86 -42.01 6.79
CA GLY H 472 40.27 -43.32 7.03
C GLY H 472 40.13 -43.64 8.51
N GLU H 473 39.50 -44.79 8.75
CA GLU H 473 39.27 -45.36 10.07
C GLU H 473 40.13 -46.61 10.26
N LYS H 474 39.93 -47.27 11.40
CA LYS H 474 40.58 -48.53 11.77
C LYS H 474 42.10 -48.39 11.54
N HIS H 475 42.74 -49.31 10.80
CA HIS H 475 44.19 -49.25 10.63
C HIS H 475 44.66 -48.12 9.71
N THR H 476 43.76 -47.34 9.10
CA THR H 476 44.21 -46.20 8.31
C THR H 476 44.64 -45.02 9.18
N GLY H 477 44.41 -45.07 10.50
CA GLY H 477 45.03 -44.16 11.43
C GLY H 477 44.08 -43.19 12.12
N GLY H 478 43.02 -42.78 11.44
CA GLY H 478 41.99 -41.97 12.06
C GLY H 478 42.11 -40.48 11.83
N GLY H 479 43.18 -40.01 11.18
CA GLY H 479 43.33 -38.59 10.94
C GLY H 479 42.45 -38.09 9.80
N ARG H 480 42.31 -36.77 9.74
CA ARG H 480 41.62 -36.12 8.64
C ARG H 480 42.39 -34.90 8.18
N GLU H 481 42.39 -34.69 6.87
CA GLU H 481 43.08 -33.59 6.23
C GLU H 481 42.10 -32.82 5.34
N SER H 482 42.54 -31.64 4.89
CA SER H 482 41.89 -30.82 3.87
C SER H 482 40.65 -30.10 4.39
N GLY H 483 39.46 -30.51 3.94
CA GLY H 483 38.23 -29.74 4.09
C GLY H 483 37.39 -30.05 5.31
N SER H 484 36.13 -29.60 5.26
CA SER H 484 35.25 -29.56 6.43
C SER H 484 35.96 -28.85 7.59
N ASP H 485 35.83 -29.38 8.81
CA ASP H 485 36.52 -28.81 9.98
C ASP H 485 37.77 -29.62 10.33
N ALA H 486 38.47 -30.14 9.33
CA ALA H 486 39.73 -30.83 9.60
C ALA H 486 40.79 -29.89 10.21
N TRP H 487 40.64 -28.58 9.99
CA TRP H 487 41.57 -27.60 10.58
C TRP H 487 41.66 -27.73 12.09
N LYS H 488 40.60 -28.17 12.75
CA LYS H 488 40.63 -28.28 14.20
C LYS H 488 41.73 -29.23 14.69
N GLN H 489 42.22 -30.15 13.86
CA GLN H 489 43.31 -30.99 14.35
C GLN H 489 44.62 -30.24 14.38
N TYR H 490 44.66 -29.07 13.73
CA TYR H 490 45.85 -28.24 13.67
C TYR H 490 45.82 -27.14 14.71
N MET H 491 44.85 -27.16 15.62
CA MET H 491 44.69 -26.11 16.63
C MET H 491 44.30 -26.76 17.95
N ARG H 492 44.47 -26.02 19.04
CA ARG H 492 44.06 -26.48 20.36
C ARG H 492 42.85 -25.69 20.82
N ARG H 493 41.83 -26.41 21.30
CA ARG H 493 40.58 -25.82 21.79
C ARG H 493 40.76 -25.37 23.22
N SER H 494 40.17 -24.24 23.56
CA SER H 494 40.05 -23.85 24.95
C SER H 494 38.62 -23.40 25.20
N THR H 495 38.07 -23.84 26.33
CA THR H 495 36.76 -23.43 26.81
C THR H 495 37.00 -22.36 27.86
N CYS H 496 36.58 -21.13 27.56
CA CYS H 496 36.96 -19.97 28.35
C CYS H 496 35.72 -19.33 28.95
N THR H 497 35.66 -19.28 30.27
CA THR H 497 34.58 -18.62 30.98
C THR H 497 35.09 -17.34 31.63
N ILE H 498 34.46 -16.21 31.31
CA ILE H 498 34.88 -14.90 31.79
C ILE H 498 33.78 -14.35 32.67
N ASN H 499 34.09 -14.18 33.96
CA ASN H 499 33.19 -13.51 34.90
C ASN H 499 33.48 -12.02 34.84
N TYR H 500 32.52 -11.25 34.31
CA TYR H 500 32.68 -9.81 34.17
C TYR H 500 31.83 -9.03 35.16
N SER H 501 31.27 -9.71 36.17
CA SER H 501 30.41 -9.14 37.19
C SER H 501 31.16 -9.07 38.51
N LYS H 502 30.42 -8.75 39.57
CA LYS H 502 30.98 -8.63 40.91
C LYS H 502 30.56 -9.77 41.84
N ASP H 503 30.12 -10.90 41.29
CA ASP H 503 29.59 -12.01 42.07
C ASP H 503 30.31 -13.31 41.71
N LEU H 504 29.99 -14.39 42.45
CA LEU H 504 30.61 -15.70 42.25
C LEU H 504 29.56 -16.80 42.29
N PRO H 505 28.65 -16.84 41.31
CA PRO H 505 27.75 -18.00 41.21
C PRO H 505 28.49 -19.22 40.67
N LEU H 506 28.32 -20.34 41.36
CA LEU H 506 28.94 -21.59 40.97
C LEU H 506 28.01 -22.39 40.04
N ALA H 507 28.61 -23.26 39.23
CA ALA H 507 27.84 -24.09 38.30
C ALA H 507 27.06 -25.15 39.07
N GLN H 508 25.93 -25.57 38.47
CA GLN H 508 25.00 -26.56 39.01
C GLN H 508 24.34 -26.10 40.32
N GLY H 509 24.40 -24.81 40.62
CA GLY H 509 23.68 -24.28 41.76
C GLY H 509 24.33 -24.54 43.10
N ILE H 510 25.57 -25.04 43.11
CA ILE H 510 26.24 -25.42 44.35
C ILE H 510 26.40 -24.19 45.24
N LYS H 511 25.84 -24.26 46.45
CA LYS H 511 26.02 -23.22 47.45
C LYS H 511 27.18 -23.61 48.35
N PHE H 512 28.27 -22.82 48.30
CA PHE H 512 29.52 -23.07 49.02
C PHE H 512 29.81 -21.85 49.89
N GLN H 513 29.18 -21.79 51.05
CA GLN H 513 29.26 -20.62 51.92
C GLN H 513 29.54 -21.02 53.36
C1' UN1 I . -28.19 -3.09 -6.28
O1' UN1 I . -28.92 -3.74 -5.48
O2' UN1 I . -26.93 -3.23 -6.24
O UN1 I . -33.10 -1.49 -5.85
C1 UN1 I . -28.81 -2.14 -7.30
C UN1 I . -32.88 -0.65 -6.77
CA UN1 I . -32.45 -1.11 -8.16
C5 UN1 I . -30.93 -1.24 -8.25
C6 UN1 I . -30.33 -2.09 -7.12
N UN1 I . -32.91 -0.14 -9.16
OXT UN1 I . -33.02 0.59 -6.53
C1' UN1 J . -0.02 -25.87 9.61
O1' UN1 J . -0.23 -24.63 9.57
O2' UN1 J . -0.75 -26.64 8.93
O UN1 J . 3.78 -30.82 9.37
C1 UN1 J . 1.11 -26.41 10.48
C UN1 J . 2.61 -30.44 9.65
CA UN1 J . 2.26 -30.06 11.09
C5 UN1 J . 2.18 -28.54 11.25
C6 UN1 J . 1.26 -27.91 10.20
N UN1 J . 3.29 -30.58 11.97
OXT UN1 J . 1.75 -30.38 8.74
C1' UN1 K . 37.66 -33.86 37.56
O1' UN1 K . 38.09 -33.16 38.51
O2' UN1 K . 38.30 -34.88 37.21
O UN1 K . 35.34 -28.98 38.58
C1 UN1 K . 36.37 -33.46 36.83
C UN1 K . 34.76 -29.37 37.53
CA UN1 K . 33.83 -30.60 37.57
C5 UN1 K . 34.45 -31.82 36.86
C6 UN1 K . 35.81 -32.17 37.46
N UN1 K . 32.52 -30.29 36.99
OXT UN1 K . 34.92 -28.71 36.46
C1' UN1 L . 46.73 -41.07 -0.98
O1' UN1 L . 47.60 -41.21 -0.07
O2' UN1 L . 46.32 -42.08 -1.63
O UN1 L . 41.46 -39.26 -3.36
C1 UN1 L . 46.16 -39.68 -1.27
C UN1 L . 42.59 -39.40 -3.92
CA UN1 L . 43.66 -38.31 -3.84
C5 UN1 L . 44.42 -38.42 -2.53
C6 UN1 L . 45.17 -39.75 -2.43
N UN1 L . 43.03 -37.00 -3.89
OXT UN1 L . 42.83 -40.46 -4.56
#